data_8G9T
#
_entry.id   8G9T
#
_cell.length_a   1.00
_cell.length_b   1.00
_cell.length_c   1.00
_cell.angle_alpha   90.00
_cell.angle_beta   90.00
_cell.angle_gamma   90.00
#
_symmetry.space_group_name_H-M   'P 1'
#
loop_
_entity.id
_entity.type
_entity.pdbx_description
1 polymer AcrIC9
2 polymer Cas7
3 polymer Cas11
4 polymer Cas8
5 polymer Cas5
6 polymer 'crRNA (43-MER)'
#
loop_
_entity_poly.entity_id
_entity_poly.type
_entity_poly.pdbx_seq_one_letter_code
_entity_poly.pdbx_strand_id
1 'polypeptide(L)' MTSFYKITAYNSQALYFWGTDADVDRYVDWLNRDREINVYAAEAIPEAEWAQYEGRDDVLSGEECGWDDF A
2 'polypeptide(L)'
;TIEKRYDFVFLFDVQDGNPNGDPDAGNLPRIDPQTGEGLVTDVCLKRKVRNFIQMTQNDEHHDIFIREKGILNNLIDEAH
EQENVKGKEKGEKTEAARQYMCSRYYDIRTFGAVMTTGKNAGQVRGPVQLTFSRSIDPIMTLEHSITRMAVTNEKDASET
GDNRTMGRKFTVPYGLYRCHGFISTHFAKQTGFSENDLELFWQALVNMFDHDHSAARGQMNARGLYVFEHSNNLGDAPAD
SLFKRIQVVKKDGVEVVRSFDDYLVSVDDKNLEETKLLRKLGG
;
B,C,D,E,F,H,M
3 'polypeptide(L)'
;GLDRNRQDIGYVLGRLFAVLEKIQAEANPGLNATIADRYFGSASSTPIAVFGTLMRLLPHHLNKLEFEGRAVQLQWEIRQ
ILEHCQRFPNHLNLEQQGLFAIGYYHETQFLFTKDALKNLFNEA
;
G,I,J,L
4 'polypeptide(L)'
;MILHALTQYYQRKAESDGGIAQEGFENKEIPFIIVIDKQGNFIQLEDTRELKVKKKVGRTFLVPKGLGRSGSKSYEVSNL
LWDHYGYVLAYAGEKGQEQADKQHASFTAKVNELKQALPDDAGVTAVAAFLSSAEEKSKVMQAANWAECAKVKGCNLSFR
LVDEAVDLVCQSKAVREYVSQANQTQSDNAQKGICLVTGKAAPIARLHNAVKGVNAKPAPFASVNLSAFESYGKEQGFAF
PIGEQAMFEYTTALNTLLAGENRFRIGDVTTVCWGAKRTPLEESLASMINGGGKDKPDEHIDAVKTLYKSLYNGQYQKPD
GKEKFYLLGLSPNSARIVVRFWHETTVAALSESIAAWYDDLQMVRGENSPYPEYMPLPRLLGNLVLDGKMENLPSDLIAQ
ITDAALNNRVLPVSLLQAALRRNKAEQKITYGRASLLKAYINRAIRAGRLKNMKELTMGLDRNRQDIGYVLGRLFAVLEK
IQAEANPGLNATIADRYFGSASSTPIAVFGTLMRLLPHHLNKLEFEGRAVQLQWEIRQILEHCQRFPNHLNLEQQGLFAI
GYYHETQFLFTKDALKNLFNEA
;
K
5 'polypeptide(L)'
;RFILEISGDLACFTRSELKVERVSYPVITPSAARNILMAILWKPAIRWKVLKIEILKPIQWTNIRRNEVGTKMSERSGSL
YIEDNRQQRASMLLKDVAYRIHADFDMTSEAGESDNYVKFAEMFKRRAKKGQYFHQPYLGCREFPCDFRLLEKAEDGLPL
EDITQDFGFMLYDMDFSKSDPRDSNNAEPMFYQCKAVNGVITVPP
;
N
6 'polyribonucleotide' GAAACAGGGUCAGCUUGCCGUAGGUGGCAUCGCCCUCGUAAAA O
#
# COMPACT_ATOMS: atom_id res chain seq x y z
N MET A 1 37.92 38.85 57.03
CA MET A 1 37.82 38.53 55.61
C MET A 1 36.38 38.24 55.23
N THR A 2 35.52 38.22 56.23
CA THR A 2 34.10 38.03 55.99
C THR A 2 33.53 39.26 55.29
N SER A 3 32.76 39.03 54.23
CA SER A 3 32.28 40.12 53.41
C SER A 3 30.85 39.88 52.97
N PHE A 4 30.14 40.97 52.68
CA PHE A 4 28.87 40.87 51.98
C PHE A 4 29.14 40.58 50.52
N TYR A 5 28.64 39.45 50.05
CA TYR A 5 28.94 38.96 48.73
C TYR A 5 27.66 38.95 47.90
N LYS A 6 27.72 39.60 46.76
CA LYS A 6 26.62 39.58 45.80
C LYS A 6 26.83 38.38 44.91
N ILE A 7 25.75 37.69 44.60
CA ILE A 7 25.81 36.50 43.77
C ILE A 7 24.90 36.73 42.58
N THR A 8 25.48 36.75 41.40
CA THR A 8 24.75 37.18 40.21
C THR A 8 24.89 36.14 39.13
N ALA A 9 23.84 36.04 38.32
CA ALA A 9 23.94 35.28 37.09
C ALA A 9 23.05 35.94 36.07
N TYR A 10 23.41 35.76 34.80
CA TYR A 10 22.65 36.37 33.73
C TYR A 10 21.17 36.23 33.97
N ASN A 11 20.52 37.36 34.17
CA ASN A 11 19.09 37.41 34.26
C ASN A 11 18.60 36.47 35.34
N SER A 12 19.18 36.63 36.52
CA SER A 12 18.88 35.76 37.65
C SER A 12 18.70 36.61 38.89
N GLN A 13 17.85 36.14 39.78
CA GLN A 13 17.62 36.86 41.02
C GLN A 13 18.91 36.98 41.78
N ALA A 14 19.37 38.20 42.01
CA ALA A 14 20.59 38.40 42.76
C ALA A 14 20.45 37.78 44.14
N LEU A 15 21.51 37.13 44.61
CA LEU A 15 21.53 36.49 45.92
C LEU A 15 22.66 37.06 46.75
N TYR A 16 22.31 37.82 47.77
CA TYR A 16 23.33 38.47 48.58
C TYR A 16 23.77 37.52 49.67
N PHE A 17 25.06 37.51 49.94
CA PHE A 17 25.63 36.55 50.87
C PHE A 17 26.67 37.24 51.74
N TRP A 18 26.82 36.72 52.96
CA TRP A 18 27.77 37.24 53.92
C TRP A 18 28.52 36.07 54.54
N GLY A 19 29.84 36.16 54.57
CA GLY A 19 30.66 35.09 55.07
C GLY A 19 32.06 35.20 54.49
N THR A 20 32.80 34.11 54.58
CA THR A 20 34.17 34.13 54.09
C THR A 20 34.20 33.92 52.59
N ASP A 21 35.34 34.23 52.00
CA ASP A 21 35.50 33.98 50.57
C ASP A 21 35.40 32.49 50.27
N ALA A 22 35.99 31.64 51.10
CA ALA A 22 35.76 30.22 50.94
C ALA A 22 34.29 29.89 51.12
N ASP A 23 33.64 30.56 52.07
CA ASP A 23 32.21 30.36 52.25
C ASP A 23 31.46 30.70 50.98
N VAL A 24 31.69 31.89 50.43
CA VAL A 24 30.91 32.27 49.27
C VAL A 24 31.22 31.35 48.12
N ASP A 25 32.46 30.89 48.01
CA ASP A 25 32.76 29.99 46.91
C ASP A 25 31.97 28.69 47.05
N ARG A 26 31.86 28.19 48.27
CA ARG A 26 31.06 26.99 48.44
C ARG A 26 29.58 27.25 48.18
N TYR A 27 29.09 28.42 48.54
CA TYR A 27 27.69 28.72 48.25
C TYR A 27 27.45 28.87 46.76
N VAL A 28 28.39 29.49 46.06
CA VAL A 28 28.35 29.51 44.61
C VAL A 28 28.28 28.10 44.06
N ASP A 29 29.10 27.21 44.58
CA ASP A 29 29.06 25.84 44.09
C ASP A 29 27.69 25.23 44.33
N TRP A 30 27.09 25.49 45.49
CA TRP A 30 25.78 24.93 45.74
C TRP A 30 24.76 25.49 44.76
N LEU A 31 24.84 26.78 44.46
CA LEU A 31 23.96 27.33 43.44
C LEU A 31 24.24 26.74 42.08
N ASN A 32 25.48 26.32 41.83
CA ASN A 32 25.85 25.79 40.55
C ASN A 32 25.87 24.27 40.52
N ARG A 33 25.20 23.63 41.47
CA ARG A 33 25.05 22.19 41.40
C ARG A 33 24.51 21.77 40.04
N ASP A 34 23.43 22.41 39.59
CA ASP A 34 22.75 22.00 38.38
C ASP A 34 22.88 22.98 37.23
N ARG A 35 23.26 24.22 37.50
CA ARG A 35 23.25 25.23 36.45
C ARG A 35 24.39 24.99 35.49
N GLU A 36 24.14 24.22 34.44
CA GLU A 36 25.15 24.07 33.40
C GLU A 36 25.45 25.39 32.74
N ILE A 37 24.48 26.30 32.75
CA ILE A 37 24.65 27.67 32.27
C ILE A 37 24.11 28.58 33.33
N ASN A 38 24.42 29.86 33.20
CA ASN A 38 23.97 30.84 34.18
C ASN A 38 24.50 30.49 35.56
N VAL A 39 25.81 30.30 35.63
CA VAL A 39 26.42 29.93 36.88
C VAL A 39 26.52 31.17 37.76
N TYR A 40 25.92 31.10 38.93
CA TYR A 40 26.01 32.20 39.86
C TYR A 40 27.48 32.51 40.10
N ALA A 41 27.80 33.79 40.16
CA ALA A 41 29.15 34.25 40.36
C ALA A 41 29.20 35.11 41.60
N ALA A 42 30.32 35.07 42.29
CA ALA A 42 30.52 35.81 43.51
C ALA A 42 31.21 37.13 43.22
N GLU A 43 30.73 38.18 43.88
CA GLU A 43 31.29 39.51 43.74
C GLU A 43 31.39 40.10 45.13
N ALA A 44 32.52 40.73 45.41
CA ALA A 44 32.76 41.36 46.71
C ALA A 44 32.09 42.72 46.71
N ILE A 45 31.19 42.93 47.65
CA ILE A 45 30.56 44.24 47.77
C ILE A 45 31.56 45.22 48.37
N PRO A 46 31.73 46.41 47.80
CA PRO A 46 32.64 47.38 48.40
C PRO A 46 32.21 47.71 49.81
N GLU A 47 33.21 47.89 50.68
CA GLU A 47 32.96 48.01 52.11
C GLU A 47 31.93 49.07 52.40
N ALA A 48 32.07 50.26 51.81
CA ALA A 48 31.20 51.37 52.16
C ALA A 48 29.74 51.01 51.94
N GLU A 49 29.45 50.19 50.94
CA GLU A 49 28.10 49.88 50.57
C GLU A 49 27.46 48.85 51.48
N TRP A 50 28.26 48.24 52.35
CA TRP A 50 27.86 47.09 53.15
C TRP A 50 26.61 47.36 53.97
N ALA A 51 26.57 48.51 54.64
CA ALA A 51 25.43 48.81 55.50
C ALA A 51 24.13 48.72 54.72
N GLN A 52 24.18 49.00 53.42
CA GLN A 52 22.98 48.96 52.61
C GLN A 52 22.41 47.55 52.55
N TYR A 53 23.18 46.60 52.01
CA TYR A 53 22.72 45.22 52.00
C TYR A 53 22.55 44.68 53.40
N GLU A 54 23.26 45.24 54.37
CA GLU A 54 23.07 44.84 55.75
C GLU A 54 21.60 45.04 56.10
N GLY A 55 21.05 44.13 56.88
CA GLY A 55 19.65 44.23 57.20
C GLY A 55 18.81 43.46 56.21
N ARG A 56 19.05 43.63 54.91
CA ARG A 56 18.33 42.89 53.90
C ARG A 56 18.28 41.41 54.25
N ASP A 57 17.07 40.89 54.42
CA ASP A 57 16.94 39.52 54.88
C ASP A 57 17.43 38.54 53.83
N ASP A 58 17.52 38.98 52.58
CA ASP A 58 17.98 38.11 51.51
C ASP A 58 19.49 37.97 51.51
N VAL A 59 20.07 37.63 52.66
CA VAL A 59 21.50 37.39 52.73
C VAL A 59 21.75 36.17 53.58
N LEU A 60 22.67 35.32 53.16
CA LEU A 60 23.11 34.21 53.98
C LEU A 60 24.37 34.59 54.73
N SER A 61 24.49 34.10 55.95
CA SER A 61 25.47 34.58 56.89
C SER A 61 26.52 33.52 57.21
N GLY A 62 27.67 34.00 57.66
CA GLY A 62 28.76 33.13 58.07
C GLY A 62 28.57 32.63 59.48
N GLU A 63 27.34 32.34 59.84
CA GLU A 63 27.00 31.71 61.10
C GLU A 63 26.96 30.20 60.84
N GLU A 64 26.80 29.42 61.91
CA GLU A 64 26.86 27.96 61.79
C GLU A 64 25.85 27.43 60.78
N CYS A 65 24.59 27.84 60.91
CA CYS A 65 23.54 27.28 60.08
C CYS A 65 23.63 27.73 58.64
N GLY A 66 24.47 28.71 58.33
CA GLY A 66 24.57 29.21 56.97
C GLY A 66 25.06 28.19 56.00
N TRP A 67 25.01 26.91 56.38
CA TRP A 67 25.58 25.83 55.59
C TRP A 67 24.79 24.55 55.73
N ASP A 68 23.62 24.61 56.34
CA ASP A 68 22.77 23.46 56.50
C ASP A 68 21.89 23.22 55.28
N ASP A 69 21.92 24.12 54.30
CA ASP A 69 21.00 23.99 53.18
C ASP A 69 21.39 22.85 52.24
N PHE A 70 22.49 22.16 52.53
CA PHE A 70 22.91 21.05 51.69
C PHE A 70 22.15 19.78 52.05
N THR B 1 32.13 44.43 11.72
CA THR B 1 30.94 45.19 12.06
C THR B 1 30.16 45.50 10.80
N ILE B 2 29.29 44.56 10.42
CA ILE B 2 28.47 44.76 9.24
C ILE B 2 27.58 45.98 9.45
N GLU B 3 27.14 46.54 8.35
CA GLU B 3 26.36 47.78 8.41
C GLU B 3 24.90 47.58 8.06
N LYS B 4 24.60 47.04 6.90
CA LYS B 4 23.23 46.77 6.54
C LYS B 4 22.66 45.75 7.51
N ARG B 5 21.34 45.65 7.57
CA ARG B 5 20.75 44.64 8.43
C ARG B 5 20.15 43.56 7.56
N TYR B 6 20.58 42.33 7.74
CA TYR B 6 20.22 41.29 6.81
C TYR B 6 19.07 40.44 7.33
N ASP B 7 18.08 40.21 6.48
CA ASP B 7 17.01 39.26 6.76
C ASP B 7 16.91 38.37 5.54
N PHE B 8 17.36 37.14 5.67
CA PHE B 8 17.39 36.25 4.54
C PHE B 8 16.42 35.12 4.78
N VAL B 9 15.99 34.50 3.71
CA VAL B 9 15.25 33.26 3.77
C VAL B 9 16.12 32.19 3.14
N PHE B 10 16.18 31.05 3.79
CA PHE B 10 17.01 29.94 3.38
C PHE B 10 16.11 28.82 2.91
N LEU B 11 16.46 28.22 1.78
CA LEU B 11 15.69 27.12 1.23
C LEU B 11 16.69 25.99 1.05
N PHE B 12 16.59 24.98 1.88
CA PHE B 12 17.46 23.83 1.73
C PHE B 12 16.58 22.60 1.65
N ASP B 13 17.14 21.51 1.16
CA ASP B 13 16.28 20.35 0.96
C ASP B 13 16.93 19.15 1.58
N VAL B 14 16.08 18.22 1.97
CA VAL B 14 16.52 16.94 2.49
C VAL B 14 16.03 15.89 1.52
N GLN B 15 16.93 15.39 0.68
CA GLN B 15 16.53 14.39 -0.27
C GLN B 15 16.24 13.08 0.43
N ASP B 16 17.22 12.55 1.16
CA ASP B 16 16.99 11.32 1.90
C ASP B 16 17.87 11.38 3.13
N GLY B 17 17.27 11.30 4.29
CA GLY B 17 18.03 11.34 5.52
C GLY B 17 17.32 12.19 6.54
N ASN B 18 17.90 12.23 7.72
CA ASN B 18 17.31 13.02 8.78
C ASN B 18 17.74 14.45 8.63
N PRO B 19 16.82 15.38 8.46
CA PRO B 19 17.21 16.78 8.54
C PRO B 19 17.66 17.16 9.92
N ASN B 20 16.86 16.85 10.93
CA ASN B 20 17.27 17.09 12.31
C ASN B 20 16.49 16.10 13.15
N GLY B 21 17.13 14.99 13.49
CA GLY B 21 16.42 13.92 14.16
C GLY B 21 16.06 14.27 15.59
N ASP B 22 14.80 14.14 15.91
CA ASP B 22 14.36 14.48 17.25
C ASP B 22 14.83 13.44 18.25
N PRO B 23 15.67 13.82 19.22
CA PRO B 23 16.06 12.88 20.26
C PRO B 23 14.91 12.45 21.12
N ASP B 24 13.81 13.19 21.13
CA ASP B 24 12.64 12.67 21.82
C ASP B 24 12.06 11.47 21.11
N ALA B 25 11.98 11.51 19.79
CA ALA B 25 11.41 10.40 19.02
C ALA B 25 12.56 9.67 18.34
N GLY B 26 13.17 8.76 19.10
CA GLY B 26 14.26 7.99 18.56
C GLY B 26 15.22 8.89 17.83
N ASN B 27 15.30 8.72 16.51
CA ASN B 27 16.00 9.67 15.68
C ASN B 27 15.07 10.33 14.70
N LEU B 28 13.78 10.34 15.00
CA LEU B 28 12.79 10.82 14.05
C LEU B 28 13.14 12.23 13.60
N PRO B 29 13.04 12.54 12.32
CA PRO B 29 13.19 13.92 11.89
C PRO B 29 12.15 14.76 12.59
N ARG B 30 12.60 15.85 13.20
CA ARG B 30 11.65 16.62 13.99
C ARG B 30 10.53 17.10 13.10
N ILE B 31 9.32 16.62 13.34
CA ILE B 31 8.17 17.05 12.57
C ILE B 31 7.23 17.82 13.49
N ASP B 32 6.81 18.97 13.05
CA ASP B 32 5.82 19.73 13.80
C ASP B 32 4.60 18.84 13.96
N PRO B 33 4.33 18.41 15.19
CA PRO B 33 3.30 17.40 15.40
C PRO B 33 1.95 17.80 14.86
N GLN B 34 1.64 19.09 14.82
CA GLN B 34 0.39 19.49 14.22
C GLN B 34 0.42 19.28 12.71
N THR B 35 1.33 19.96 12.04
CA THR B 35 1.26 20.03 10.60
C THR B 35 1.85 18.83 9.93
N GLY B 36 2.62 18.03 10.64
CA GLY B 36 3.46 17.09 9.95
C GLY B 36 4.60 17.73 9.19
N GLU B 37 4.72 19.05 9.24
CA GLU B 37 5.86 19.69 8.63
C GLU B 37 7.11 19.39 9.44
N GLY B 38 8.22 19.24 8.75
CA GLY B 38 9.46 18.94 9.43
C GLY B 38 10.06 20.20 10.05
N LEU B 39 10.92 20.00 11.04
CA LEU B 39 11.58 21.10 11.72
C LEU B 39 13.05 20.80 11.81
N VAL B 40 13.86 21.64 11.22
CA VAL B 40 15.29 21.53 11.37
C VAL B 40 15.65 22.70 12.25
N THR B 41 15.83 22.45 13.54
CA THR B 41 15.90 23.53 14.51
C THR B 41 17.02 24.49 14.18
N ASP B 42 16.95 25.67 14.78
CA ASP B 42 18.02 26.64 14.71
C ASP B 42 19.34 25.91 14.80
N VAL B 43 19.48 25.23 15.92
CA VAL B 43 20.77 24.69 16.30
C VAL B 43 21.28 23.74 15.26
N CYS B 44 20.40 23.08 14.51
CA CYS B 44 20.87 22.13 13.51
C CYS B 44 21.67 22.84 12.43
N LEU B 45 21.05 23.80 11.77
CA LEU B 45 21.80 24.57 10.80
C LEU B 45 22.94 25.30 11.46
N LYS B 46 22.71 25.80 12.65
CA LYS B 46 23.76 26.54 13.32
C LYS B 46 24.99 25.67 13.44
N ARG B 47 24.80 24.44 13.90
CA ARG B 47 25.92 23.55 14.09
C ARG B 47 26.52 23.14 12.76
N LYS B 48 25.70 23.02 11.73
CA LYS B 48 26.29 22.66 10.45
C LYS B 48 27.11 23.80 9.91
N VAL B 49 26.69 25.03 10.15
CA VAL B 49 27.50 26.19 9.79
C VAL B 49 28.78 26.17 10.58
N ARG B 50 28.68 25.86 11.86
CA ARG B 50 29.87 25.73 12.69
C ARG B 50 30.80 24.69 12.09
N ASN B 51 30.23 23.56 11.66
CA ASN B 51 31.05 22.55 11.04
C ASN B 51 31.73 23.12 9.82
N PHE B 52 31.00 23.87 9.02
CA PHE B 52 31.58 24.39 7.81
C PHE B 52 32.76 25.29 8.13
N ILE B 53 32.60 26.12 9.15
CA ILE B 53 33.71 26.95 9.57
C ILE B 53 34.87 26.11 10.03
N GLN B 54 34.59 25.09 10.84
CA GLN B 54 35.62 24.17 11.27
C GLN B 54 36.31 23.54 10.09
N MET B 55 35.59 23.41 9.00
CA MET B 55 36.10 22.62 7.88
C MET B 55 36.83 23.50 6.89
N THR B 56 36.59 24.81 6.94
CA THR B 56 37.14 25.71 5.94
C THR B 56 37.70 27.01 6.50
N GLN B 57 37.87 27.13 7.81
CA GLN B 57 38.49 28.33 8.36
C GLN B 57 39.72 28.02 9.21
N ASN B 58 39.62 27.02 10.08
CA ASN B 58 40.74 26.41 10.81
C ASN B 58 41.83 27.42 11.20
N ASP B 59 41.39 28.50 11.82
CA ASP B 59 42.35 29.44 12.37
C ASP B 59 41.65 30.26 13.45
N GLU B 60 42.47 30.88 14.30
CA GLU B 60 41.92 31.84 15.24
C GLU B 60 41.24 32.96 14.47
N HIS B 61 40.42 33.72 15.18
CA HIS B 61 39.47 34.68 14.63
C HIS B 61 38.37 33.99 13.85
N HIS B 62 38.40 32.67 13.72
CA HIS B 62 37.26 31.99 13.14
C HIS B 62 36.95 30.65 13.77
N ASP B 63 37.55 30.31 14.90
CA ASP B 63 37.24 29.02 15.47
C ASP B 63 35.77 28.93 15.85
N ILE B 64 35.33 27.74 16.18
CA ILE B 64 33.99 27.54 16.65
C ILE B 64 34.05 27.36 18.15
N PHE B 65 32.98 27.73 18.82
CA PHE B 65 32.92 27.61 20.25
C PHE B 65 32.30 26.33 20.70
N ILE B 66 31.47 25.70 19.87
CA ILE B 66 30.89 24.41 20.21
C ILE B 66 31.55 23.40 19.28
N ARG B 67 32.66 22.85 19.70
CA ARG B 67 33.33 21.88 18.86
C ARG B 67 32.90 20.47 19.22
N GLU B 68 33.28 19.52 18.38
CA GLU B 68 32.70 18.18 18.46
C GLU B 68 33.09 17.47 19.75
N LYS B 69 34.32 17.69 20.21
CA LYS B 69 34.75 17.20 21.51
C LYS B 69 35.27 18.39 22.27
N GLY B 70 34.36 19.12 22.92
CA GLY B 70 34.76 20.33 23.57
C GLY B 70 34.16 20.44 24.94
N ILE B 71 35.02 20.56 25.94
CA ILE B 71 34.56 20.92 27.27
C ILE B 71 34.43 22.43 27.26
N LEU B 72 33.21 22.93 27.40
CA LEU B 72 32.98 24.35 27.20
C LEU B 72 33.82 25.18 28.15
N ASN B 73 33.80 24.83 29.42
CA ASN B 73 34.56 25.59 30.41
C ASN B 73 36.04 25.64 30.07
N ASN B 74 36.58 24.64 29.39
CA ASN B 74 37.98 24.78 28.99
C ASN B 74 38.14 25.96 28.06
N LEU B 75 37.26 26.09 27.07
CA LEU B 75 37.33 27.26 26.21
C LEU B 75 37.11 28.52 27.02
N ILE B 76 36.09 28.51 27.87
CA ILE B 76 35.74 29.70 28.63
C ILE B 76 36.92 30.19 29.44
N ASP B 77 37.56 29.28 30.16
CA ASP B 77 38.70 29.67 30.96
C ASP B 77 39.89 30.02 30.10
N GLU B 78 40.00 29.40 28.92
CA GLU B 78 41.02 29.86 27.99
C GLU B 78 40.82 31.33 27.68
N ALA B 79 39.56 31.73 27.53
CA ALA B 79 39.27 33.15 27.40
C ALA B 79 39.73 33.90 28.63
N HIS B 80 39.27 33.46 29.80
CA HIS B 80 39.68 34.11 31.04
C HIS B 80 41.19 34.12 31.18
N GLU B 81 41.87 33.16 30.57
CA GLU B 81 43.33 33.15 30.61
C GLU B 81 43.88 33.91 29.41
N GLN B 82 43.38 35.13 29.25
CA GLN B 82 43.88 36.03 28.22
C GLN B 82 44.23 37.35 28.87
N GLU B 83 45.41 37.87 28.54
CA GLU B 83 45.87 39.12 29.15
C GLU B 83 44.85 40.23 28.99
N ASN B 84 44.25 40.32 27.80
CA ASN B 84 43.22 41.33 27.58
C ASN B 84 42.14 41.26 28.61
N VAL B 85 41.85 40.07 29.11
CA VAL B 85 40.85 39.90 30.15
C VAL B 85 41.47 39.51 31.48
N LYS B 86 42.74 39.09 31.50
CA LYS B 86 43.34 38.64 32.74
C LYS B 86 43.35 39.75 33.77
N GLY B 87 43.70 40.96 33.34
CA GLY B 87 43.85 42.07 34.25
C GLY B 87 42.58 42.86 34.49
N LYS B 88 41.46 42.41 33.93
CA LYS B 88 40.21 43.10 34.18
C LYS B 88 39.69 42.68 35.55
N GLU B 89 38.77 43.44 36.12
CA GLU B 89 38.54 43.23 37.54
C GLU B 89 37.43 42.22 37.80
N LYS B 90 36.17 42.62 37.63
CA LYS B 90 35.14 41.60 37.66
C LYS B 90 34.19 41.71 36.49
N GLY B 91 33.40 42.78 36.48
CA GLY B 91 32.39 42.91 35.45
C GLY B 91 33.03 43.10 34.09
N GLU B 92 33.99 44.01 34.01
CA GLU B 92 34.78 44.17 32.81
C GLU B 92 35.31 42.83 32.35
N LYS B 93 35.83 42.03 33.29
CA LYS B 93 36.39 40.73 32.91
C LYS B 93 35.36 39.94 32.11
N THR B 94 34.15 39.80 32.65
CA THR B 94 33.09 39.17 31.89
C THR B 94 33.02 39.78 30.51
N GLU B 95 32.70 41.07 30.45
CA GLU B 95 32.53 41.71 29.17
C GLU B 95 33.80 41.69 28.34
N ALA B 96 34.95 41.58 28.97
CA ALA B 96 36.16 41.50 28.16
C ALA B 96 36.37 40.11 27.64
N ALA B 97 36.12 39.10 28.47
CA ALA B 97 36.29 37.72 28.03
C ALA B 97 35.42 37.46 26.81
N ARG B 98 34.17 37.90 26.89
CA ARG B 98 33.30 37.79 25.74
C ARG B 98 33.97 38.37 24.51
N GLN B 99 34.48 39.59 24.63
CA GLN B 99 35.17 40.23 23.52
C GLN B 99 36.23 39.30 22.96
N TYR B 100 37.04 38.72 23.85
CA TYR B 100 38.07 37.82 23.38
C TYR B 100 37.47 36.72 22.51
N MET B 101 36.45 36.06 23.01
CA MET B 101 35.84 35.03 22.18
C MET B 101 35.15 35.63 20.99
N CYS B 102 34.58 36.77 21.16
CA CYS B 102 34.00 37.27 19.95
C CYS B 102 34.99 37.83 19.07
N SER B 103 36.27 37.74 19.39
CA SER B 103 37.30 38.03 18.44
C SER B 103 37.91 36.77 17.85
N ARG B 104 37.59 35.61 18.41
CA ARG B 104 38.17 34.36 17.97
C ARG B 104 37.15 33.36 17.50
N TYR B 105 36.13 33.10 18.29
CA TYR B 105 35.26 31.95 18.03
C TYR B 105 34.14 32.37 17.10
N TYR B 106 34.42 32.25 15.80
CA TYR B 106 33.49 32.71 14.78
C TYR B 106 32.06 32.38 15.08
N ASP B 107 31.78 31.23 15.67
CA ASP B 107 30.40 30.94 15.95
C ASP B 107 29.83 31.94 16.92
N ILE B 108 30.60 32.24 17.96
CA ILE B 108 30.12 33.19 18.95
C ILE B 108 29.88 34.54 18.32
N ARG B 109 30.76 34.94 17.41
CA ARG B 109 30.52 36.13 16.64
C ARG B 109 29.20 36.02 15.90
N THR B 110 29.10 35.05 15.02
CA THR B 110 27.99 34.88 14.11
C THR B 110 26.68 34.64 14.83
N PHE B 111 26.55 33.48 15.46
CA PHE B 111 25.37 33.19 16.23
C PHE B 111 25.63 33.67 17.64
N GLY B 112 24.76 33.27 18.55
CA GLY B 112 24.97 33.61 19.93
C GLY B 112 25.89 32.64 20.62
N ALA B 113 25.93 32.75 21.93
CA ALA B 113 26.65 31.82 22.77
C ALA B 113 26.28 32.12 24.20
N VAL B 114 25.91 31.12 24.98
CA VAL B 114 25.64 31.38 26.38
C VAL B 114 26.91 31.09 27.16
N MET B 115 27.68 32.13 27.47
CA MET B 115 28.96 31.96 28.13
C MET B 115 28.82 32.15 29.63
N THR B 116 27.91 31.45 30.25
CA THR B 116 27.86 31.47 31.70
C THR B 116 28.03 30.04 32.17
N THR B 117 29.26 29.56 32.14
CA THR B 117 29.48 28.17 32.52
C THR B 117 30.51 28.03 33.61
N GLY B 118 31.67 28.63 33.40
CA GLY B 118 32.73 28.47 34.38
C GLY B 118 33.04 29.81 34.97
N LYS B 119 34.21 30.33 34.66
CA LYS B 119 34.44 31.73 34.90
C LYS B 119 33.59 32.50 33.91
N ASN B 120 32.42 32.96 34.38
CA ASN B 120 31.40 33.52 33.51
C ASN B 120 32.01 34.44 32.46
N ALA B 121 31.50 34.38 31.24
CA ALA B 121 32.12 35.10 30.14
C ALA B 121 31.10 35.78 29.24
N GLY B 122 30.03 36.29 29.81
CA GLY B 122 29.12 37.13 29.05
C GLY B 122 28.17 36.33 28.19
N GLN B 123 27.40 37.05 27.39
CA GLN B 123 26.45 36.42 26.47
C GLN B 123 26.53 37.20 25.18
N VAL B 124 26.22 36.57 24.07
CA VAL B 124 26.07 37.30 22.82
C VAL B 124 24.72 36.97 22.23
N ARG B 125 23.93 38.00 21.95
CA ARG B 125 22.62 37.75 21.34
C ARG B 125 22.76 36.98 20.05
N GLY B 126 23.77 37.30 19.26
CA GLY B 126 24.00 36.61 18.03
C GLY B 126 23.52 37.43 16.86
N PRO B 127 24.45 38.12 16.22
CA PRO B 127 24.06 38.87 15.03
C PRO B 127 23.29 38.02 14.07
N VAL B 128 23.89 36.96 13.58
CA VAL B 128 23.13 36.01 12.82
C VAL B 128 22.16 35.33 13.75
N GLN B 129 21.02 34.91 13.24
CA GLN B 129 20.09 34.20 14.09
C GLN B 129 19.14 33.39 13.24
N LEU B 130 19.39 32.10 13.07
CA LEU B 130 18.56 31.29 12.19
C LEU B 130 17.38 30.75 12.97
N THR B 131 16.19 31.16 12.59
CA THR B 131 14.98 30.63 13.17
C THR B 131 14.82 29.18 12.74
N PHE B 132 13.80 28.52 13.28
CA PHE B 132 13.51 27.19 12.78
C PHE B 132 13.21 27.23 11.31
N SER B 133 13.74 26.24 10.63
CA SER B 133 13.27 25.87 9.33
C SER B 133 12.00 25.07 9.51
N ARG B 134 11.11 25.16 8.55
CA ARG B 134 10.00 24.24 8.48
C ARG B 134 9.96 23.65 7.10
N SER B 135 9.61 22.38 7.03
CA SER B 135 9.35 21.80 5.74
C SER B 135 8.10 22.44 5.19
N ILE B 136 8.17 22.88 3.94
CA ILE B 136 7.04 23.58 3.37
C ILE B 136 5.82 22.68 3.36
N ASP B 137 6.04 21.39 3.25
CA ASP B 137 4.99 20.41 3.11
C ASP B 137 5.24 19.27 4.08
N PRO B 138 4.21 18.66 4.58
CA PRO B 138 4.42 17.57 5.53
C PRO B 138 5.32 16.53 4.90
N ILE B 139 6.34 16.10 5.64
CA ILE B 139 7.29 15.13 5.11
C ILE B 139 6.88 13.75 5.57
N MET B 140 7.35 12.73 4.87
CA MET B 140 6.97 11.34 5.15
C MET B 140 8.20 10.62 5.68
N THR B 141 8.42 10.71 6.98
CA THR B 141 9.49 9.94 7.60
C THR B 141 9.33 8.46 7.28
N LEU B 142 10.40 7.83 6.80
CA LEU B 142 10.28 6.55 6.13
C LEU B 142 10.79 5.36 6.93
N GLU B 143 11.16 5.54 8.19
CA GLU B 143 11.22 4.45 9.15
C GLU B 143 12.19 3.37 8.70
N HIS B 144 13.18 3.75 7.91
CA HIS B 144 13.94 2.73 7.22
C HIS B 144 14.63 1.82 8.21
N SER B 145 14.15 0.58 8.32
CA SER B 145 14.65 -0.36 9.30
C SER B 145 15.85 -1.07 8.72
N ILE B 146 16.99 -0.79 9.28
CA ILE B 146 18.25 -1.34 8.89
C ILE B 146 18.71 -2.35 9.93
N THR B 147 19.66 -3.19 9.56
CA THR B 147 20.19 -4.20 10.45
C THR B 147 21.70 -4.13 10.44
N ARG B 148 22.30 -4.09 11.61
CA ARG B 148 23.73 -4.27 11.69
C ARG B 148 24.00 -5.75 11.88
N MET B 149 24.88 -6.28 11.06
CA MET B 149 25.16 -7.70 11.11
C MET B 149 26.14 -8.06 12.20
N ALA B 150 26.84 -7.08 12.74
CA ALA B 150 27.82 -7.29 13.81
C ALA B 150 27.20 -6.74 15.09
N VAL B 151 26.72 -7.64 15.95
CA VAL B 151 26.08 -7.18 17.18
C VAL B 151 27.10 -6.41 17.99
N THR B 152 26.61 -5.38 18.68
CA THR B 152 27.52 -4.45 19.33
C THR B 152 28.30 -5.10 20.47
N ASN B 153 27.65 -5.95 21.24
CA ASN B 153 28.13 -6.39 22.53
C ASN B 153 28.29 -7.91 22.47
N GLU B 154 28.64 -8.54 23.60
CA GLU B 154 28.74 -10.01 23.60
C GLU B 154 27.34 -10.60 23.59
N LYS B 155 26.77 -10.68 22.40
CA LYS B 155 25.45 -11.29 22.22
C LYS B 155 25.44 -12.18 20.98
N ARG B 164 23.18 -9.51 14.27
CA ARG B 164 21.81 -9.19 13.92
C ARG B 164 21.18 -8.26 14.93
N THR B 165 21.38 -6.96 14.73
CA THR B 165 20.77 -5.93 15.57
C THR B 165 19.87 -5.08 14.71
N MET B 166 18.60 -5.01 15.08
CA MET B 166 17.69 -4.08 14.44
C MET B 166 18.12 -2.66 14.70
N GLY B 167 17.75 -1.76 13.81
CA GLY B 167 18.02 -0.36 14.01
C GLY B 167 17.23 0.41 12.99
N ARG B 168 17.08 1.70 13.22
CA ARG B 168 16.37 2.54 12.30
C ARG B 168 17.23 3.70 11.84
N LYS B 169 17.00 4.10 10.61
CA LYS B 169 17.79 5.11 9.96
C LYS B 169 16.88 6.14 9.33
N PHE B 170 15.92 6.61 10.12
CA PHE B 170 14.85 7.48 9.65
C PHE B 170 15.33 8.43 8.58
N THR B 171 14.62 8.46 7.46
CA THR B 171 14.87 9.44 6.42
C THR B 171 13.55 10.08 6.04
N VAL B 172 13.65 11.16 5.29
CA VAL B 172 12.49 11.82 4.71
C VAL B 172 12.67 11.83 3.20
N PRO B 173 11.66 11.43 2.44
CA PRO B 173 11.87 11.28 1.00
C PRO B 173 12.19 12.58 0.33
N TYR B 174 11.66 13.67 0.84
CA TYR B 174 12.06 14.99 0.40
C TYR B 174 11.43 16.03 1.28
N GLY B 175 12.21 17.01 1.66
CA GLY B 175 11.62 18.13 2.34
C GLY B 175 12.29 19.42 1.95
N LEU B 176 11.52 20.37 1.46
CA LEU B 176 12.01 21.72 1.25
C LEU B 176 11.82 22.44 2.57
N TYR B 177 12.93 22.71 3.23
CA TYR B 177 12.95 23.40 4.49
C TYR B 177 13.23 24.86 4.27
N ARG B 178 12.41 25.69 4.88
CA ARG B 178 12.52 27.13 4.79
C ARG B 178 12.97 27.64 6.14
N CYS B 179 14.15 28.23 6.19
CA CYS B 179 14.65 28.95 7.33
C CYS B 179 14.40 30.44 7.13
N HIS B 180 14.28 31.15 8.22
CA HIS B 180 14.27 32.59 8.20
C HIS B 180 15.39 33.08 9.09
N GLY B 181 16.45 33.58 8.50
CA GLY B 181 17.65 33.91 9.24
C GLY B 181 17.85 35.40 9.32
N PHE B 182 18.35 35.83 10.47
CA PHE B 182 18.33 37.21 10.91
C PHE B 182 19.73 37.62 11.28
N ILE B 183 20.20 38.72 10.73
CA ILE B 183 21.54 39.20 11.01
C ILE B 183 21.40 40.67 11.34
N SER B 184 21.34 40.99 12.61
CA SER B 184 21.02 42.35 13.01
C SER B 184 22.31 43.17 13.14
N THR B 185 22.29 44.37 12.58
CA THR B 185 23.49 45.18 12.59
C THR B 185 23.86 45.60 14.00
N HIS B 186 22.90 46.13 14.75
CA HIS B 186 23.16 46.54 16.13
C HIS B 186 23.85 45.46 16.96
N PHE B 187 23.37 44.22 16.92
CA PHE B 187 24.12 43.19 17.64
C PHE B 187 25.50 43.00 17.04
N ALA B 188 25.59 43.07 15.72
CA ALA B 188 26.89 42.93 15.08
C ALA B 188 27.89 43.94 15.60
N LYS B 189 27.42 45.13 15.97
CA LYS B 189 28.33 46.07 16.60
C LYS B 189 28.90 45.50 17.87
N GLN B 190 28.07 44.91 18.72
CA GLN B 190 28.59 44.49 20.00
C GLN B 190 29.29 43.15 19.95
N THR B 191 29.28 42.46 18.81
CA THR B 191 30.05 41.23 18.71
C THR B 191 31.14 41.27 17.66
N GLY B 192 31.32 42.39 16.98
CA GLY B 192 32.36 42.45 15.98
C GLY B 192 32.15 41.50 14.82
N PHE B 193 30.90 41.22 14.48
CA PHE B 193 30.61 40.35 13.36
C PHE B 193 30.94 41.02 12.05
N SER B 194 32.14 40.80 11.53
CA SER B 194 32.63 41.56 10.40
C SER B 194 31.85 41.25 9.12
N GLU B 195 31.93 42.17 8.17
CA GLU B 195 31.47 41.87 6.82
C GLU B 195 32.09 40.58 6.33
N ASN B 196 33.39 40.41 6.56
CA ASN B 196 34.05 39.19 6.13
C ASN B 196 33.45 37.97 6.83
N ASP B 197 33.19 38.10 8.12
CA ASP B 197 32.57 36.98 8.82
C ASP B 197 31.21 36.68 8.22
N LEU B 198 30.47 37.71 7.83
CA LEU B 198 29.20 37.47 7.16
C LEU B 198 29.37 36.77 5.83
N GLU B 199 30.37 37.16 5.04
CA GLU B 199 30.56 36.48 3.77
C GLU B 199 30.92 35.03 3.99
N LEU B 200 31.69 34.75 5.04
CA LEU B 200 31.91 33.36 5.42
C LEU B 200 30.60 32.68 5.74
N PHE B 201 29.72 33.38 6.44
CA PHE B 201 28.42 32.80 6.73
C PHE B 201 27.65 32.50 5.46
N TRP B 202 27.75 33.39 4.48
CA TRP B 202 27.01 33.15 3.25
C TRP B 202 27.59 31.93 2.54
N GLN B 203 28.92 31.87 2.47
CA GLN B 203 29.53 30.67 1.92
C GLN B 203 29.02 29.46 2.64
N ALA B 204 28.82 29.57 3.94
CA ALA B 204 28.29 28.46 4.70
C ALA B 204 26.93 28.09 4.16
N LEU B 205 25.98 29.00 4.34
CA LEU B 205 24.60 28.67 4.06
C LEU B 205 24.40 28.19 2.63
N VAL B 206 25.17 28.72 1.68
CA VAL B 206 25.10 28.17 0.35
C VAL B 206 25.72 26.78 0.32
N ASN B 207 26.81 26.58 1.05
CA ASN B 207 27.57 25.36 0.93
C ASN B 207 27.56 24.50 2.16
N MET B 208 26.76 24.83 3.17
CA MET B 208 26.87 24.15 4.45
C MET B 208 26.60 22.66 4.32
N PHE B 209 25.46 22.30 3.73
CA PHE B 209 25.11 20.90 3.70
C PHE B 209 25.97 20.12 2.73
N ASP B 210 26.36 20.77 1.64
CA ASP B 210 27.36 20.14 0.78
C ASP B 210 28.56 19.71 1.59
N HIS B 211 28.84 20.38 2.69
CA HIS B 211 29.97 20.02 3.53
C HIS B 211 29.59 19.28 4.79
N ASP B 212 28.32 18.94 4.98
CA ASP B 212 27.92 18.24 6.19
C ASP B 212 27.05 17.04 5.83
N HIS B 213 27.71 15.92 5.54
CA HIS B 213 26.99 14.72 5.19
C HIS B 213 27.23 13.60 6.18
N SER B 214 26.18 12.83 6.39
CA SER B 214 26.15 11.81 7.42
C SER B 214 25.16 10.76 6.99
N ALA B 215 25.35 9.55 7.50
CA ALA B 215 24.42 8.50 7.15
C ALA B 215 23.01 8.89 7.51
N ALA B 216 22.83 9.42 8.71
CA ALA B 216 21.48 9.72 9.15
C ALA B 216 20.84 10.84 8.33
N ARG B 217 21.62 11.71 7.70
CA ARG B 217 21.03 12.80 6.94
C ARG B 217 21.16 12.64 5.45
N GLY B 218 22.17 11.94 4.98
CA GLY B 218 22.27 11.66 3.56
C GLY B 218 22.31 12.93 2.75
N GLN B 219 21.54 12.96 1.67
CA GLN B 219 21.58 14.08 0.74
C GLN B 219 20.75 15.21 1.30
N MET B 220 21.41 16.30 1.61
CA MET B 220 20.76 17.53 2.03
C MET B 220 21.46 18.63 1.26
N ASN B 221 20.71 19.49 0.61
CA ASN B 221 21.34 20.51 -0.22
C ASN B 221 20.74 21.85 0.09
N ALA B 222 21.51 22.90 -0.18
CA ALA B 222 20.97 24.24 -0.09
C ALA B 222 20.32 24.59 -1.41
N ARG B 223 19.08 25.06 -1.36
CA ARG B 223 18.40 25.43 -2.59
C ARG B 223 18.57 26.90 -2.90
N GLY B 224 18.05 27.75 -2.05
CA GLY B 224 18.02 29.17 -2.32
C GLY B 224 18.46 29.94 -1.10
N LEU B 225 19.15 31.03 -1.35
CA LEU B 225 19.49 31.93 -0.28
C LEU B 225 19.03 33.30 -0.71
N TYR B 226 17.78 33.60 -0.41
CA TYR B 226 17.19 34.85 -0.85
C TYR B 226 17.36 35.84 0.28
N VAL B 227 18.31 36.75 0.14
CA VAL B 227 18.71 37.65 1.21
C VAL B 227 18.09 39.01 0.96
N PHE B 228 17.57 39.63 1.99
CA PHE B 228 17.11 41.00 1.91
C PHE B 228 18.06 41.84 2.75
N GLU B 229 18.77 42.74 2.09
CA GLU B 229 19.74 43.58 2.76
C GLU B 229 19.04 44.89 3.10
N HIS B 230 18.42 44.93 4.27
CA HIS B 230 17.89 46.19 4.78
C HIS B 230 18.92 47.28 4.67
N SER B 231 18.58 48.31 3.90
CA SER B 231 19.48 49.44 3.68
C SER B 231 19.80 50.14 4.99
N ASN B 232 18.80 50.75 5.59
CA ASN B 232 18.97 51.22 6.96
C ASN B 232 19.23 50.01 7.83
N ASN B 233 20.15 50.15 8.79
CA ASN B 233 20.22 49.13 9.82
C ASN B 233 18.89 49.03 10.53
N LEU B 234 18.22 50.16 10.72
CA LEU B 234 16.80 50.14 10.99
C LEU B 234 16.09 49.32 9.92
N GLY B 235 15.19 48.45 10.36
CA GLY B 235 14.48 47.62 9.41
C GLY B 235 13.73 48.42 8.39
N ASP B 236 14.07 48.27 7.11
CA ASP B 236 13.43 49.10 6.09
C ASP B 236 11.95 48.82 5.99
N ALA B 237 11.51 47.62 6.34
CA ALA B 237 10.11 47.29 6.55
C ALA B 237 10.06 45.91 7.15
N PRO B 238 8.96 45.55 7.81
CA PRO B 238 8.91 44.27 8.51
C PRO B 238 9.45 43.14 7.67
N ALA B 239 10.38 42.37 8.25
CA ALA B 239 10.94 41.25 7.53
C ALA B 239 9.86 40.26 7.18
N ASP B 240 8.75 40.27 7.91
CA ASP B 240 7.65 39.39 7.57
C ASP B 240 7.24 39.58 6.12
N SER B 241 7.08 40.84 5.71
CA SER B 241 6.79 41.11 4.32
C SER B 241 7.89 40.59 3.43
N LEU B 242 9.13 40.78 3.85
CA LEU B 242 10.26 40.33 3.04
C LEU B 242 10.19 38.84 2.77
N PHE B 243 10.00 38.06 3.82
CA PHE B 243 9.94 36.63 3.62
C PHE B 243 8.71 36.24 2.83
N LYS B 244 7.55 36.83 3.12
CA LYS B 244 6.39 36.50 2.32
C LYS B 244 6.59 36.85 0.87
N ARG B 245 7.54 37.72 0.55
CA ARG B 245 7.86 37.92 -0.86
C ARG B 245 8.54 36.71 -1.45
N ILE B 246 9.17 35.88 -0.63
CA ILE B 246 9.78 34.63 -1.11
C ILE B 246 8.75 33.54 -0.88
N GLN B 247 7.87 33.39 -1.84
CA GLN B 247 6.79 32.43 -1.72
C GLN B 247 7.23 31.16 -2.41
N VAL B 248 7.26 30.05 -1.69
CA VAL B 248 7.71 28.79 -2.23
C VAL B 248 6.65 27.74 -1.96
N VAL B 249 6.21 27.06 -3.01
CA VAL B 249 5.09 26.14 -2.88
C VAL B 249 5.28 24.93 -3.77
N LYS B 250 4.38 23.97 -3.59
CA LYS B 250 4.24 22.89 -4.54
C LYS B 250 3.83 23.41 -5.89
N LYS B 251 4.47 22.93 -6.93
CA LYS B 251 3.85 23.04 -8.23
C LYS B 251 2.49 22.36 -8.12
N ASP B 252 1.49 22.99 -8.74
CA ASP B 252 0.10 22.63 -8.46
C ASP B 252 -0.15 21.14 -8.57
N GLY B 253 0.41 20.48 -9.58
CA GLY B 253 0.09 19.10 -9.82
C GLY B 253 0.58 18.18 -8.71
N VAL B 254 1.79 18.39 -8.22
CA VAL B 254 2.42 17.41 -7.35
C VAL B 254 1.70 17.36 -6.02
N GLU B 255 1.38 16.15 -5.57
CA GLU B 255 0.87 15.92 -4.23
C GLU B 255 1.81 15.06 -3.39
N VAL B 256 2.86 14.51 -3.99
CA VAL B 256 3.89 13.77 -3.26
C VAL B 256 5.24 14.39 -3.63
N VAL B 257 5.67 15.36 -2.83
CA VAL B 257 6.89 16.09 -3.14
C VAL B 257 8.07 15.13 -3.13
N ARG B 258 8.90 15.21 -4.16
CA ARG B 258 10.10 14.39 -4.20
C ARG B 258 11.30 15.11 -4.78
N SER B 259 11.19 16.38 -5.10
CA SER B 259 12.35 17.08 -5.65
C SER B 259 12.16 18.56 -5.45
N PHE B 260 13.26 19.30 -5.55
CA PHE B 260 13.12 20.74 -5.65
C PHE B 260 12.32 21.09 -6.88
N ASP B 261 12.43 20.31 -7.94
CA ASP B 261 11.58 20.50 -9.10
C ASP B 261 10.12 20.37 -8.73
N ASP B 262 9.82 19.68 -7.64
CA ASP B 262 8.45 19.62 -7.14
C ASP B 262 8.07 20.89 -6.40
N TYR B 263 8.85 21.94 -6.52
CA TYR B 263 8.54 23.20 -5.89
C TYR B 263 8.83 24.35 -6.84
N LEU B 264 8.19 25.46 -6.58
CA LEU B 264 8.49 26.71 -7.26
C LEU B 264 8.87 27.73 -6.22
N VAL B 265 9.92 28.48 -6.53
CA VAL B 265 10.46 29.51 -5.65
C VAL B 265 10.24 30.87 -6.27
N SER B 266 9.12 31.49 -5.94
CA SER B 266 8.77 32.80 -6.45
C SER B 266 9.43 33.86 -5.58
N VAL B 267 10.39 34.52 -6.13
CA VAL B 267 10.92 35.73 -5.52
C VAL B 267 10.02 36.88 -5.93
N ASP B 268 9.89 37.88 -5.08
CA ASP B 268 9.09 39.06 -5.38
C ASP B 268 9.98 40.27 -5.19
N ASP B 269 10.74 40.60 -6.23
CA ASP B 269 11.64 41.73 -6.17
C ASP B 269 11.07 42.97 -6.85
N LYS B 270 9.81 42.92 -7.27
CA LYS B 270 9.25 44.05 -8.00
C LYS B 270 9.22 45.30 -7.13
N ASN B 271 8.64 45.20 -5.95
CA ASN B 271 8.30 46.37 -5.18
C ASN B 271 9.40 46.81 -4.23
N LEU B 272 10.56 46.18 -4.26
CA LEU B 272 11.55 46.52 -3.25
C LEU B 272 12.31 47.80 -3.59
N GLU B 273 11.58 48.82 -4.00
CA GLU B 273 12.22 50.09 -4.30
C GLU B 273 12.72 50.75 -3.03
N GLU B 274 12.29 50.26 -1.88
CA GLU B 274 12.84 50.67 -0.60
C GLU B 274 14.26 50.20 -0.42
N THR B 275 14.88 49.67 -1.47
CA THR B 275 16.30 49.38 -1.53
C THR B 275 16.72 48.25 -0.63
N LYS B 276 15.78 47.41 -0.20
CA LYS B 276 16.15 46.14 0.43
C LYS B 276 16.69 45.21 -0.65
N LEU B 277 17.94 45.43 -1.03
CA LEU B 277 18.53 44.65 -2.10
C LEU B 277 18.23 43.18 -1.88
N LEU B 278 17.52 42.56 -2.81
CA LEU B 278 17.25 41.13 -2.73
C LEU B 278 18.40 40.44 -3.41
N ARG B 279 19.40 40.07 -2.64
CA ARG B 279 20.47 39.29 -3.21
C ARG B 279 19.99 37.87 -3.41
N LYS B 280 20.30 37.29 -4.55
CA LYS B 280 20.00 35.90 -4.84
C LYS B 280 21.28 35.11 -4.79
N LEU B 281 21.35 34.17 -3.87
CA LEU B 281 22.55 33.37 -3.70
C LEU B 281 22.31 31.89 -3.99
N GLY B 282 21.33 31.29 -3.36
CA GLY B 282 21.03 29.91 -3.66
C GLY B 282 20.39 29.78 -5.02
N GLY B 283 19.16 30.26 -5.17
CA GLY B 283 18.42 30.12 -6.41
C GLY B 283 18.80 31.14 -7.46
N THR C 1 45.82 11.25 2.50
CA THR C 1 44.42 11.55 2.75
C THR C 1 43.85 12.23 1.53
N ILE C 2 42.52 12.15 1.40
CA ILE C 2 41.85 12.65 0.20
C ILE C 2 42.29 14.07 -0.08
N GLU C 3 42.62 14.33 -1.33
CA GLU C 3 43.00 15.69 -1.65
C GLU C 3 41.78 16.52 -2.05
N LYS C 4 40.85 15.93 -2.79
CA LYS C 4 39.76 16.68 -3.38
C LYS C 4 38.43 16.06 -3.01
N ARG C 5 37.54 16.89 -2.48
CA ARG C 5 36.20 16.45 -2.14
C ARG C 5 35.48 15.89 -3.36
N TYR C 6 34.73 14.82 -3.13
CA TYR C 6 34.14 14.00 -4.18
C TYR C 6 32.65 13.88 -3.96
N ASP C 7 31.87 14.19 -4.99
CA ASP C 7 30.43 13.99 -4.95
C ASP C 7 30.03 13.19 -6.16
N PHE C 8 29.46 12.02 -5.93
CA PHE C 8 29.27 11.10 -7.04
C PHE C 8 27.88 10.51 -7.01
N VAL C 9 27.39 10.22 -8.19
CA VAL C 9 26.13 9.53 -8.37
C VAL C 9 26.46 8.15 -8.88
N PHE C 10 25.76 7.17 -8.35
CA PHE C 10 26.06 5.77 -8.53
C PHE C 10 24.78 5.07 -8.94
N LEU C 11 24.68 4.77 -10.22
CA LEU C 11 23.46 4.24 -10.80
C LEU C 11 23.57 2.73 -10.86
N PHE C 12 22.77 2.05 -10.07
CA PHE C 12 22.83 0.60 -10.02
C PHE C 12 21.44 0.03 -10.15
N ASP C 13 21.31 -0.99 -10.98
CA ASP C 13 20.01 -1.57 -11.28
C ASP C 13 19.96 -2.97 -10.71
N VAL C 14 19.13 -3.16 -9.70
CA VAL C 14 18.60 -4.49 -9.48
C VAL C 14 17.76 -4.85 -10.69
N GLN C 15 17.89 -6.08 -11.17
CA GLN C 15 17.07 -6.51 -12.29
C GLN C 15 16.04 -7.56 -11.93
N ASP C 16 16.39 -8.59 -11.20
CA ASP C 16 15.34 -9.52 -10.84
C ASP C 16 15.50 -9.99 -9.42
N GLY C 17 15.84 -9.08 -8.51
CA GLY C 17 16.22 -9.49 -7.18
C GLY C 17 15.65 -8.58 -6.12
N ASN C 18 15.80 -9.01 -4.88
CA ASN C 18 15.48 -8.16 -3.75
C ASN C 18 16.70 -7.31 -3.47
N PRO C 19 16.59 -6.01 -3.65
CA PRO C 19 17.77 -5.18 -3.54
C PRO C 19 18.13 -4.88 -2.12
N ASN C 20 17.12 -4.69 -1.29
CA ASN C 20 17.33 -4.41 0.12
C ASN C 20 16.03 -4.71 0.84
N GLY C 21 16.01 -5.75 1.64
CA GLY C 21 14.81 -6.07 2.36
C GLY C 21 14.40 -4.94 3.28
N ASP C 22 13.19 -5.04 3.80
CA ASP C 22 12.69 -4.11 4.80
C ASP C 22 12.21 -4.95 5.97
N PRO C 23 13.07 -5.30 6.87
CA PRO C 23 12.66 -6.07 8.04
C PRO C 23 11.41 -5.53 8.69
N ASP C 24 11.12 -4.26 8.45
CA ASP C 24 9.79 -3.77 8.71
C ASP C 24 8.77 -4.57 7.92
N ALA C 25 9.02 -4.76 6.64
CA ALA C 25 8.04 -5.38 5.74
C ALA C 25 8.60 -6.70 5.23
N GLY C 26 8.40 -7.76 6.02
CA GLY C 26 8.77 -9.08 5.59
C GLY C 26 10.21 -9.12 5.15
N ASN C 27 10.41 -9.19 3.85
CA ASN C 27 11.72 -8.99 3.27
C ASN C 27 11.63 -8.20 1.99
N LEU C 28 10.46 -7.75 1.59
CA LEU C 28 10.31 -7.10 0.30
C LEU C 28 11.14 -5.83 0.24
N PRO C 29 11.55 -5.43 -0.95
CA PRO C 29 12.48 -4.31 -1.06
C PRO C 29 11.87 -3.04 -0.50
N ARG C 30 12.74 -2.16 -0.02
CA ARG C 30 12.24 -0.93 0.55
C ARG C 30 11.61 -0.11 -0.55
N ILE C 31 10.29 -0.05 -0.55
CA ILE C 31 9.53 0.76 -1.48
C ILE C 31 9.07 2.01 -0.76
N ASP C 32 9.29 3.13 -1.37
CA ASP C 32 8.84 4.39 -0.79
C ASP C 32 7.33 4.46 -0.87
N PRO C 33 6.63 4.27 0.23
CA PRO C 33 5.18 4.09 0.15
C PRO C 33 4.48 5.24 -0.54
N GLN C 34 4.87 6.47 -0.26
CA GLN C 34 4.14 7.60 -0.81
C GLN C 34 4.47 7.83 -2.27
N THR C 35 5.45 7.13 -2.82
CA THR C 35 5.72 7.27 -4.24
C THR C 35 6.03 5.97 -4.94
N GLY C 36 6.05 4.85 -4.25
CA GLY C 36 6.26 3.59 -4.92
C GLY C 36 7.65 3.47 -5.51
N GLU C 37 8.52 4.42 -5.18
CA GLU C 37 9.90 4.32 -5.61
C GLU C 37 10.63 3.32 -4.75
N GLY C 38 11.69 2.75 -5.32
CA GLY C 38 12.45 1.73 -4.64
C GLY C 38 13.66 2.28 -3.93
N LEU C 39 14.05 1.63 -2.82
CA LEU C 39 15.05 2.19 -1.93
C LEU C 39 16.03 1.11 -1.49
N VAL C 40 17.28 1.25 -1.89
CA VAL C 40 18.37 0.58 -1.20
C VAL C 40 18.92 1.51 -0.16
N THR C 41 18.85 1.11 1.10
CA THR C 41 19.41 1.93 2.14
C THR C 41 20.90 2.04 1.95
N ASP C 42 21.43 3.23 2.19
CA ASP C 42 22.86 3.40 2.07
C ASP C 42 23.59 2.42 2.96
N VAL C 43 22.99 2.00 4.06
CA VAL C 43 23.67 0.97 4.82
C VAL C 43 23.81 -0.27 3.95
N CYS C 44 22.77 -0.61 3.20
CA CYS C 44 22.83 -1.81 2.38
C CYS C 44 23.86 -1.66 1.27
N LEU C 45 23.85 -0.52 0.59
CA LEU C 45 24.86 -0.29 -0.43
C LEU C 45 26.25 -0.30 0.15
N LYS C 46 26.44 0.43 1.24
CA LYS C 46 27.73 0.47 1.90
C LYS C 46 28.13 -0.91 2.32
N ARG C 47 27.19 -1.72 2.77
CA ARG C 47 27.54 -3.04 3.22
C ARG C 47 27.95 -3.92 2.07
N LYS C 48 27.33 -3.75 0.92
CA LYS C 48 27.87 -4.46 -0.24
C LYS C 48 29.31 -4.02 -0.46
N VAL C 49 29.59 -2.72 -0.25
CA VAL C 49 30.97 -2.26 -0.40
C VAL C 49 31.87 -2.88 0.65
N ARG C 50 31.43 -2.89 1.89
CA ARG C 50 32.20 -3.53 2.95
C ARG C 50 32.47 -4.97 2.59
N ASN C 51 31.45 -5.64 2.05
CA ASN C 51 31.62 -7.01 1.61
C ASN C 51 32.68 -7.09 0.55
N PHE C 52 32.65 -6.16 -0.40
CA PHE C 52 33.65 -6.21 -1.45
C PHE C 52 35.04 -6.05 -0.87
N ILE C 53 35.17 -5.20 0.14
CA ILE C 53 36.49 -4.98 0.70
C ILE C 53 36.96 -6.20 1.48
N GLN C 54 36.09 -6.77 2.31
CA GLN C 54 36.34 -8.11 2.84
C GLN C 54 36.83 -9.01 1.75
N MET C 55 36.22 -8.89 0.59
CA MET C 55 36.42 -9.87 -0.44
C MET C 55 37.78 -9.71 -1.10
N THR C 56 38.28 -8.49 -1.20
CA THR C 56 39.51 -8.27 -1.92
C THR C 56 40.69 -7.97 -0.99
N GLN C 57 40.58 -6.93 -0.17
CA GLN C 57 41.79 -6.38 0.44
C GLN C 57 42.30 -7.26 1.56
N ASN C 58 41.40 -7.95 2.27
CA ASN C 58 41.70 -9.07 3.17
C ASN C 58 43.02 -8.95 3.89
N ASP C 59 43.29 -7.79 4.48
CA ASP C 59 44.52 -7.60 5.23
C ASP C 59 44.28 -6.56 6.30
N GLU C 60 45.27 -6.39 7.17
CA GLU C 60 45.25 -5.24 8.05
C GLU C 60 45.36 -3.98 7.21
N HIS C 61 44.95 -2.86 7.80
CA HIS C 61 44.77 -1.57 7.16
C HIS C 61 43.57 -1.59 6.22
N HIS C 62 42.83 -2.68 6.13
CA HIS C 62 41.63 -2.67 5.32
C HIS C 62 40.51 -3.52 5.90
N ASP C 63 40.52 -3.78 7.20
CA ASP C 63 39.53 -4.68 7.76
C ASP C 63 38.16 -3.99 7.71
N ILE C 64 37.13 -4.64 8.22
CA ILE C 64 35.78 -4.19 7.96
C ILE C 64 34.98 -3.87 9.20
N PHE C 65 35.38 -4.32 10.38
CA PHE C 65 34.78 -3.86 11.62
C PHE C 65 33.33 -4.27 11.73
N ILE C 66 32.73 -4.80 10.68
CA ILE C 66 31.36 -5.26 10.74
C ILE C 66 31.30 -6.66 10.18
N ARG C 67 32.39 -7.42 10.31
CA ARG C 67 32.41 -8.74 9.72
C ARG C 67 31.22 -9.56 10.20
N GLU C 68 30.80 -10.49 9.34
CA GLU C 68 29.62 -11.31 9.53
C GLU C 68 29.37 -11.65 10.99
N LYS C 69 30.36 -12.23 11.65
CA LYS C 69 30.22 -12.65 13.03
C LYS C 69 30.92 -11.71 13.99
N GLY C 70 31.48 -10.62 13.49
CA GLY C 70 32.26 -9.73 14.35
C GLY C 70 31.44 -9.26 15.53
N ILE C 71 32.03 -9.30 16.70
CA ILE C 71 31.40 -8.78 17.90
C ILE C 71 31.98 -7.39 18.10
N LEU C 72 31.16 -6.39 17.87
CA LEU C 72 31.64 -5.02 17.69
C LEU C 72 32.50 -4.61 18.87
N ASN C 73 32.01 -4.92 20.08
CA ASN C 73 32.75 -4.58 21.28
C ASN C 73 34.14 -5.16 21.28
N ASN C 74 34.30 -6.40 20.81
CA ASN C 74 35.64 -6.98 20.84
C ASN C 74 36.58 -6.30 19.88
N LEU C 75 36.11 -5.93 18.68
CA LEU C 75 37.00 -5.19 17.81
C LEU C 75 37.38 -3.87 18.45
N ILE C 76 36.40 -3.21 19.07
CA ILE C 76 36.69 -1.96 19.77
C ILE C 76 37.74 -2.16 20.83
N ASP C 77 37.54 -3.16 21.70
CA ASP C 77 38.47 -3.35 22.79
C ASP C 77 39.85 -3.70 22.26
N GLU C 78 39.92 -4.53 21.23
CA GLU C 78 41.18 -4.79 20.58
C GLU C 78 41.85 -3.48 20.18
N ALA C 79 41.07 -2.53 19.70
CA ALA C 79 41.63 -1.21 19.48
C ALA C 79 42.16 -0.62 20.77
N HIS C 80 41.37 -0.71 21.85
CA HIS C 80 41.81 -0.18 23.12
C HIS C 80 43.02 -0.94 23.66
N GLU C 81 43.61 -1.83 22.87
CA GLU C 81 44.77 -2.58 23.30
C GLU C 81 46.04 -2.14 22.61
N GLN C 82 45.97 -1.88 21.31
CA GLN C 82 47.14 -1.92 20.44
C GLN C 82 48.38 -1.25 21.00
N GLU C 83 48.33 0.07 21.12
CA GLU C 83 49.37 0.82 21.82
C GLU C 83 48.81 1.99 22.59
N ASN C 84 47.50 2.16 22.59
CA ASN C 84 46.86 3.26 23.28
C ASN C 84 46.41 2.89 24.67
N VAL C 85 46.78 1.70 25.15
CA VAL C 85 46.52 1.35 26.54
C VAL C 85 47.12 2.41 27.46
N LYS C 86 48.35 2.80 27.18
CA LYS C 86 49.03 3.83 27.95
C LYS C 86 49.60 4.94 27.09
N GLY C 87 49.67 4.76 25.78
CA GLY C 87 50.12 5.82 24.91
C GLY C 87 49.29 7.05 25.12
N LYS C 88 47.98 6.86 25.21
CA LYS C 88 47.04 7.91 25.57
C LYS C 88 46.35 7.54 26.87
N GLU C 89 45.89 8.55 27.60
CA GLU C 89 45.56 8.28 28.99
C GLU C 89 44.09 7.96 29.22
N LYS C 90 43.20 8.94 29.09
CA LYS C 90 41.77 8.71 29.34
C LYS C 90 40.89 9.45 28.36
N GLY C 91 41.40 10.56 27.83
CA GLY C 91 40.59 11.37 26.94
C GLY C 91 41.09 11.23 25.53
N GLU C 92 42.40 11.22 25.37
CA GLU C 92 42.96 10.97 24.06
C GLU C 92 43.06 9.48 23.78
N LYS C 93 42.73 8.64 24.76
CA LYS C 93 42.62 7.22 24.49
C LYS C 93 41.57 6.95 23.42
N THR C 94 40.41 7.56 23.57
CA THR C 94 39.36 7.35 22.58
C THR C 94 39.81 7.84 21.21
N GLU C 95 40.45 9.00 21.16
CA GLU C 95 40.84 9.53 19.87
C GLU C 95 41.90 8.66 19.22
N ALA C 96 42.86 8.16 20.00
CA ALA C 96 43.83 7.27 19.42
C ALA C 96 43.20 5.95 19.03
N ALA C 97 42.14 5.55 19.72
CA ALA C 97 41.40 4.37 19.28
C ALA C 97 40.79 4.59 17.92
N ARG C 98 40.16 5.74 17.73
CA ARG C 98 39.70 6.11 16.40
C ARG C 98 40.83 6.01 15.40
N GLN C 99 41.96 6.63 15.72
CA GLN C 99 43.04 6.69 14.75
C GLN C 99 43.53 5.29 14.41
N TYR C 100 43.65 4.43 15.41
CA TYR C 100 44.00 3.05 15.14
C TYR C 100 42.99 2.41 14.21
N MET C 101 41.74 2.33 14.66
CA MET C 101 40.76 1.54 13.92
C MET C 101 40.69 2.01 12.49
N CYS C 102 40.79 3.31 12.27
CA CYS C 102 40.92 3.79 10.91
C CYS C 102 42.19 3.29 10.26
N SER C 103 43.29 3.20 11.00
CA SER C 103 44.49 2.69 10.36
C SER C 103 44.34 1.23 9.97
N ARG C 104 43.37 0.53 10.55
CA ARG C 104 43.24 -0.89 10.24
C ARG C 104 41.96 -1.23 9.51
N TYR C 105 40.86 -0.61 9.85
CA TYR C 105 39.55 -1.04 9.36
C TYR C 105 39.14 -0.15 8.19
N TYR C 106 39.27 -0.70 6.98
CA TYR C 106 38.88 0.07 5.82
C TYR C 106 37.49 0.64 5.97
N ASP C 107 36.60 -0.14 6.56
CA ASP C 107 35.25 0.37 6.69
C ASP C 107 35.22 1.66 7.48
N ILE C 108 35.98 1.72 8.57
CA ILE C 108 35.87 2.89 9.44
C ILE C 108 36.42 4.12 8.76
N ARG C 109 37.60 4.04 8.20
CA ARG C 109 38.07 5.16 7.41
C ARG C 109 37.09 5.48 6.30
N THR C 110 36.28 4.50 5.88
CA THR C 110 35.39 4.64 4.75
C THR C 110 34.08 5.20 5.28
N PHE C 111 33.38 4.49 6.14
CA PHE C 111 32.08 5.00 6.54
C PHE C 111 32.04 5.30 8.02
N GLY C 112 33.12 4.99 8.73
CA GLY C 112 33.16 5.20 10.16
C GLY C 112 32.07 4.44 10.87
N ALA C 113 32.04 4.58 12.17
CA ALA C 113 30.99 3.93 12.93
C ALA C 113 30.85 4.63 14.27
N VAL C 114 29.86 4.17 15.02
CA VAL C 114 29.75 4.55 16.41
C VAL C 114 30.61 3.55 17.16
N MET C 115 31.67 4.04 17.78
CA MET C 115 32.65 3.20 18.42
C MET C 115 32.64 3.43 19.92
N THR C 116 31.60 4.10 20.38
CA THR C 116 31.39 4.40 21.79
C THR C 116 30.45 3.41 22.44
N THR C 117 30.31 2.23 21.86
CA THR C 117 29.42 1.24 22.45
C THR C 117 30.09 0.53 23.61
N GLY C 118 31.21 -0.14 23.35
CA GLY C 118 31.94 -0.80 24.41
C GLY C 118 32.90 0.17 25.07
N LYS C 119 34.17 -0.18 25.10
CA LYS C 119 35.18 0.78 25.54
C LYS C 119 35.22 1.92 24.55
N ASN C 120 34.71 3.09 24.93
CA ASN C 120 34.45 4.15 23.97
C ASN C 120 35.68 4.41 23.13
N ALA C 121 35.58 4.09 21.84
CA ALA C 121 36.71 4.26 20.94
C ALA C 121 36.49 5.39 19.96
N GLY C 122 35.53 6.26 20.22
CA GLY C 122 35.29 7.44 19.43
C GLY C 122 34.08 7.29 18.52
N GLN C 123 33.91 8.30 17.69
CA GLN C 123 32.91 8.26 16.62
C GLN C 123 33.60 8.74 15.37
N VAL C 124 33.20 8.22 14.23
CA VAL C 124 33.67 8.71 12.94
C VAL C 124 32.46 8.92 12.05
N ARG C 125 32.39 10.09 11.41
CA ARG C 125 31.22 10.38 10.60
C ARG C 125 31.26 9.59 9.30
N GLY C 126 32.41 9.51 8.67
CA GLY C 126 32.57 8.73 7.48
C GLY C 126 32.81 9.59 6.27
N PRO C 127 34.07 9.70 5.87
CA PRO C 127 34.41 10.59 4.77
C PRO C 127 33.64 10.31 3.52
N VAL C 128 33.40 9.06 3.19
CA VAL C 128 32.56 8.71 2.05
C VAL C 128 31.21 8.25 2.56
N GLN C 129 30.35 9.22 2.80
CA GLN C 129 28.98 8.93 3.13
C GLN C 129 28.23 8.66 1.83
N LEU C 130 27.29 7.73 1.86
CA LEU C 130 26.40 7.49 0.73
C LEU C 130 24.98 7.87 1.11
N THR C 131 24.32 8.60 0.23
CA THR C 131 22.93 8.87 0.47
C THR C 131 22.14 7.59 0.54
N PHE C 132 21.13 7.63 1.37
CA PHE C 132 20.07 6.66 1.23
C PHE C 132 19.66 6.70 -0.23
N SER C 133 19.56 5.55 -0.87
CA SER C 133 19.50 5.53 -2.32
C SER C 133 18.13 5.17 -2.83
N ARG C 134 17.74 5.81 -3.93
CA ARG C 134 16.38 5.73 -4.43
C ARG C 134 16.38 5.10 -5.81
N SER C 135 15.18 4.72 -6.22
CA SER C 135 14.87 4.31 -7.58
C SER C 135 14.45 5.49 -8.42
N ILE C 136 15.01 5.58 -9.61
CA ILE C 136 14.51 6.58 -10.55
C ILE C 136 13.03 6.39 -10.77
N ASP C 137 12.59 5.16 -10.90
CA ASP C 137 11.24 4.90 -11.34
C ASP C 137 10.66 3.73 -10.55
N PRO C 138 9.38 3.76 -10.25
CA PRO C 138 8.85 2.86 -9.24
C PRO C 138 9.18 1.42 -9.57
N ILE C 139 9.51 0.68 -8.55
CA ILE C 139 9.70 -0.75 -8.70
C ILE C 139 8.38 -1.40 -8.37
N MET C 140 8.19 -2.58 -8.92
CA MET C 140 6.98 -3.36 -8.67
C MET C 140 7.38 -4.75 -8.20
N THR C 141 7.63 -4.85 -6.90
CA THR C 141 8.09 -6.08 -6.27
C THR C 141 7.21 -7.24 -6.62
N LEU C 142 7.78 -8.26 -7.27
CA LEU C 142 6.95 -9.34 -7.78
C LEU C 142 6.38 -10.20 -6.66
N GLU C 143 7.13 -10.41 -5.59
CA GLU C 143 6.74 -11.27 -4.49
C GLU C 143 6.56 -12.71 -5.00
N HIS C 144 7.64 -13.29 -5.48
CA HIS C 144 7.56 -14.68 -5.85
C HIS C 144 7.43 -15.54 -4.61
N SER C 145 6.50 -16.47 -4.65
CA SER C 145 6.42 -17.47 -3.60
C SER C 145 7.22 -18.69 -3.99
N ILE C 146 7.83 -19.30 -2.99
CA ILE C 146 8.67 -20.47 -3.16
C ILE C 146 8.48 -21.42 -2.00
N THR C 147 8.40 -22.72 -2.31
CA THR C 147 7.95 -23.74 -1.39
C THR C 147 9.15 -24.30 -0.63
N ARG C 148 8.91 -25.35 0.15
CA ARG C 148 9.96 -26.13 0.80
C ARG C 148 9.82 -27.59 0.39
N MET C 149 10.77 -28.06 -0.43
CA MET C 149 10.77 -29.44 -0.83
C MET C 149 11.08 -30.37 0.32
N ALA C 150 11.85 -29.90 1.30
CA ALA C 150 12.00 -30.61 2.57
C ALA C 150 11.83 -29.59 3.69
N VAL C 151 10.98 -29.91 4.65
CA VAL C 151 10.66 -28.97 5.70
C VAL C 151 11.79 -28.93 6.72
N THR C 152 11.95 -27.77 7.37
CA THR C 152 13.04 -27.57 8.31
C THR C 152 13.01 -28.58 9.45
N ASN C 153 11.97 -28.50 10.28
CA ASN C 153 11.91 -29.27 11.51
C ASN C 153 10.85 -30.35 11.41
N GLU C 154 11.03 -31.38 12.23
CA GLU C 154 10.08 -32.48 12.25
C GLU C 154 8.70 -32.02 12.71
N LYS C 155 8.62 -30.94 13.49
CA LYS C 155 7.33 -30.49 13.99
C LYS C 155 6.42 -30.11 12.84
N ASP C 156 6.91 -29.27 11.93
CA ASP C 156 6.10 -28.91 10.78
C ASP C 156 6.01 -30.05 9.78
N ALA C 157 6.87 -31.06 9.91
CA ALA C 157 6.78 -32.21 9.02
C ALA C 157 5.44 -32.91 9.20
N SER C 158 4.81 -33.27 8.09
CA SER C 158 3.48 -33.85 8.12
C SER C 158 3.25 -34.71 6.89
N ASP C 162 2.94 -32.54 -0.20
CA ASP C 162 3.62 -31.24 -0.27
C ASP C 162 4.21 -30.90 1.09
N ASN C 163 4.53 -29.62 1.30
CA ASN C 163 4.98 -29.18 2.61
C ASN C 163 4.34 -27.86 3.04
N ARG C 164 3.78 -27.08 2.13
CA ARG C 164 2.95 -25.92 2.45
C ARG C 164 3.71 -24.82 3.18
N THR C 165 4.98 -25.03 3.48
CA THR C 165 5.76 -24.03 4.20
C THR C 165 6.45 -23.08 3.21
N MET C 166 5.62 -22.42 2.43
CA MET C 166 6.09 -21.66 1.30
C MET C 166 6.78 -20.40 1.76
N GLY C 167 8.03 -20.22 1.37
CA GLY C 167 8.74 -18.99 1.59
C GLY C 167 8.51 -18.02 0.46
N ARG C 168 8.85 -16.76 0.69
CA ARG C 168 8.64 -15.71 -0.29
C ARG C 168 9.99 -15.15 -0.70
N LYS C 169 10.33 -15.27 -1.96
CA LYS C 169 11.57 -14.70 -2.50
C LYS C 169 11.26 -13.43 -3.27
N PHE C 170 11.03 -12.34 -2.54
CA PHE C 170 10.70 -11.08 -3.19
C PHE C 170 11.81 -10.64 -4.12
N THR C 171 11.43 -10.06 -5.25
CA THR C 171 12.40 -9.46 -6.15
C THR C 171 11.85 -8.18 -6.74
N VAL C 172 12.69 -7.52 -7.53
CA VAL C 172 12.31 -6.32 -8.25
C VAL C 172 12.47 -6.60 -9.74
N PRO C 173 11.44 -6.41 -10.53
CA PRO C 173 11.57 -6.64 -11.97
C PRO C 173 12.62 -5.77 -12.58
N TYR C 174 12.81 -4.58 -12.06
CA TYR C 174 13.93 -3.74 -12.45
C TYR C 174 13.89 -2.48 -11.63
N GLY C 175 15.03 -1.84 -11.44
CA GLY C 175 14.97 -0.48 -10.96
C GLY C 175 16.33 0.15 -11.00
N LEU C 176 16.44 1.31 -11.65
CA LEU C 176 17.76 1.91 -11.80
C LEU C 176 17.94 2.81 -10.60
N TYR C 177 18.18 2.17 -9.48
CA TYR C 177 18.48 2.83 -8.22
C TYR C 177 19.61 3.83 -8.37
N ARG C 178 19.31 5.11 -8.21
CA ARG C 178 20.38 6.07 -8.18
C ARG C 178 20.80 6.25 -6.73
N CYS C 179 22.08 6.45 -6.53
CA CYS C 179 22.66 6.72 -5.24
C CYS C 179 23.50 7.97 -5.37
N HIS C 180 23.70 8.68 -4.27
CA HIS C 180 24.51 9.87 -4.31
C HIS C 180 25.62 9.74 -3.28
N GLY C 181 26.85 9.85 -3.74
CA GLY C 181 27.98 9.83 -2.84
C GLY C 181 28.28 11.21 -2.30
N PHE C 182 29.00 11.23 -1.19
CA PHE C 182 29.51 12.45 -0.61
C PHE C 182 30.81 12.09 0.05
N ILE C 183 31.88 12.37 -0.62
CA ILE C 183 33.19 12.12 -0.06
C ILE C 183 33.72 13.40 0.53
N SER C 184 33.94 13.40 1.84
CA SER C 184 34.13 14.63 2.59
C SER C 184 35.60 14.84 2.92
N THR C 185 36.34 15.51 2.02
CA THR C 185 37.76 15.71 2.25
C THR C 185 38.01 16.28 3.63
N HIS C 186 37.27 17.31 4.00
CA HIS C 186 37.48 17.90 5.31
C HIS C 186 37.17 16.93 6.41
N PHE C 187 36.49 15.83 6.10
CA PHE C 187 36.39 14.79 7.09
C PHE C 187 37.31 13.61 6.82
N ALA C 188 37.75 13.44 5.58
CA ALA C 188 38.78 12.45 5.31
C ALA C 188 39.98 12.66 6.21
N LYS C 189 40.41 13.91 6.35
CA LYS C 189 41.54 14.20 7.22
C LYS C 189 41.28 13.68 8.62
N GLN C 190 40.03 13.65 9.05
CA GLN C 190 39.80 13.24 10.42
C GLN C 190 39.99 11.74 10.62
N THR C 191 40.05 10.94 9.54
CA THR C 191 40.34 9.53 9.68
C THR C 191 41.40 9.01 8.74
N GLY C 192 41.90 9.83 7.83
CA GLY C 192 42.93 9.35 6.94
C GLY C 192 42.45 8.45 5.83
N PHE C 193 41.14 8.42 5.58
CA PHE C 193 40.64 7.78 4.36
C PHE C 193 41.42 8.38 3.20
N SER C 194 42.26 7.59 2.55
CA SER C 194 43.22 8.15 1.62
C SER C 194 42.86 7.80 0.19
N GLU C 195 43.51 8.51 -0.73
CA GLU C 195 43.22 8.32 -2.14
C GLU C 195 43.35 6.87 -2.55
N ASN C 196 44.31 6.15 -1.97
CA ASN C 196 44.37 4.72 -2.20
C ASN C 196 43.10 4.05 -1.71
N ASP C 197 42.74 4.31 -0.46
CA ASP C 197 41.49 3.79 0.07
C ASP C 197 40.33 4.25 -0.78
N LEU C 198 40.46 5.42 -1.37
CA LEU C 198 39.42 5.90 -2.26
C LEU C 198 39.30 5.02 -3.50
N GLU C 199 40.39 4.81 -4.21
CA GLU C 199 40.31 4.01 -5.42
C GLU C 199 39.82 2.62 -5.10
N LEU C 200 40.16 2.11 -3.93
CA LEU C 200 39.54 0.86 -3.49
C LEU C 200 38.06 1.04 -3.35
N PHE C 201 37.62 2.20 -2.88
CA PHE C 201 36.18 2.42 -2.84
C PHE C 201 35.59 2.51 -4.24
N TRP C 202 36.34 2.99 -5.22
CA TRP C 202 35.77 3.07 -6.54
C TRP C 202 35.62 1.69 -7.14
N GLN C 203 36.68 0.89 -7.03
CA GLN C 203 36.52 -0.52 -7.39
C GLN C 203 35.40 -1.14 -6.61
N ALA C 204 35.18 -0.69 -5.39
CA ALA C 204 34.05 -1.20 -4.63
C ALA C 204 32.75 -0.87 -5.34
N LEU C 205 32.54 0.37 -5.70
CA LEU C 205 31.25 0.70 -6.31
C LEU C 205 31.09 0.03 -7.66
N VAL C 206 32.16 -0.08 -8.43
CA VAL C 206 32.03 -0.68 -9.75
C VAL C 206 31.79 -2.17 -9.65
N ASN C 207 32.54 -2.88 -8.81
CA ASN C 207 32.51 -4.32 -8.79
C ASN C 207 31.70 -4.88 -7.63
N MET C 208 31.06 -4.01 -6.87
CA MET C 208 30.53 -4.40 -5.58
C MET C 208 29.38 -5.35 -5.72
N PHE C 209 28.49 -5.09 -6.66
CA PHE C 209 27.41 -6.02 -6.84
C PHE C 209 27.91 -7.29 -7.49
N ASP C 210 28.86 -7.17 -8.42
CA ASP C 210 29.43 -8.36 -9.02
C ASP C 210 30.05 -9.27 -7.98
N HIS C 211 30.42 -8.73 -6.82
CA HIS C 211 30.97 -9.58 -5.78
C HIS C 211 30.01 -9.83 -4.62
N ASP C 212 28.78 -9.35 -4.70
CA ASP C 212 27.72 -9.76 -3.78
C ASP C 212 26.55 -10.23 -4.61
N HIS C 213 26.44 -11.52 -4.74
CA HIS C 213 25.40 -12.20 -5.51
C HIS C 213 24.75 -13.24 -4.64
N SER C 214 23.63 -12.87 -4.06
CA SER C 214 22.89 -13.75 -3.19
C SER C 214 21.66 -14.25 -3.90
N ALA C 215 20.92 -15.08 -3.18
CA ALA C 215 19.60 -15.47 -3.63
C ALA C 215 18.77 -14.25 -3.95
N ALA C 216 18.54 -13.40 -2.94
CA ALA C 216 17.56 -12.36 -3.10
C ALA C 216 18.05 -11.21 -3.96
N ARG C 217 19.34 -10.91 -3.98
CA ARG C 217 19.76 -9.75 -4.75
C ARG C 217 19.51 -9.88 -6.23
N GLY C 218 19.19 -11.06 -6.72
CA GLY C 218 19.02 -11.17 -8.15
C GLY C 218 20.32 -10.79 -8.81
N GLN C 219 20.28 -9.76 -9.63
CA GLN C 219 21.41 -9.50 -10.50
C GLN C 219 21.72 -8.00 -10.53
N MET C 220 21.90 -7.39 -9.38
CA MET C 220 22.29 -5.99 -9.35
C MET C 220 23.48 -5.74 -10.26
N ASN C 221 23.62 -4.50 -10.73
CA ASN C 221 24.83 -4.10 -11.42
C ASN C 221 25.09 -2.62 -11.22
N ALA C 222 26.33 -2.22 -11.38
CA ALA C 222 26.71 -0.82 -11.22
C ALA C 222 26.68 -0.16 -12.58
N ARG C 223 25.50 0.37 -12.95
CA ARG C 223 25.34 0.92 -14.28
C ARG C 223 26.23 2.12 -14.51
N GLY C 224 26.36 2.96 -13.52
CA GLY C 224 27.17 4.13 -13.68
C GLY C 224 27.81 4.56 -12.39
N LEU C 225 28.98 5.14 -12.48
CA LEU C 225 29.60 5.82 -11.37
C LEU C 225 30.11 7.13 -11.94
N TYR C 226 29.27 8.13 -11.97
CA TYR C 226 29.70 9.44 -12.41
C TYR C 226 30.18 10.16 -11.15
N VAL C 227 31.34 10.79 -11.22
CA VAL C 227 31.86 11.50 -10.06
C VAL C 227 32.22 12.91 -10.44
N PHE C 228 31.73 13.86 -9.64
CA PHE C 228 32.15 15.24 -9.68
C PHE C 228 33.25 15.42 -8.64
N GLU C 229 34.45 15.67 -9.12
CA GLU C 229 35.61 15.93 -8.28
C GLU C 229 35.63 17.42 -8.00
N HIS C 230 35.28 17.80 -6.79
CA HIS C 230 35.40 19.19 -6.39
C HIS C 230 36.86 19.58 -6.44
N SER C 231 37.22 20.52 -7.30
CA SER C 231 38.63 20.90 -7.39
C SER C 231 39.11 21.43 -6.06
N ASN C 232 38.42 22.43 -5.52
CA ASN C 232 38.67 22.84 -4.16
C ASN C 232 38.07 21.83 -3.22
N ASN C 233 38.70 21.65 -2.07
CA ASN C 233 38.05 20.87 -1.04
C ASN C 233 36.72 21.49 -0.67
N LEU C 234 36.66 22.82 -0.68
CA LEU C 234 35.37 23.48 -0.66
C LEU C 234 34.59 23.07 -1.89
N GLY C 235 33.28 22.97 -1.74
CA GLY C 235 32.45 22.64 -2.88
C GLY C 235 32.43 23.73 -3.94
N ASP C 236 33.05 23.47 -5.09
CA ASP C 236 33.04 24.46 -6.16
C ASP C 236 31.63 24.79 -6.57
N ALA C 237 30.73 23.83 -6.45
CA ALA C 237 29.30 23.99 -6.71
C ALA C 237 28.61 23.21 -5.61
N PRO C 238 27.34 23.50 -5.33
CA PRO C 238 26.64 22.65 -4.39
C PRO C 238 26.44 21.29 -5.01
N ALA C 239 26.46 20.28 -4.16
CA ALA C 239 26.36 18.92 -4.66
C ALA C 239 25.13 18.72 -5.51
N ASP C 240 24.06 19.43 -5.18
CA ASP C 240 22.80 19.21 -5.88
C ASP C 240 22.89 19.59 -7.35
N SER C 241 23.51 20.72 -7.68
CA SER C 241 23.64 21.07 -9.08
C SER C 241 24.39 19.99 -9.82
N LEU C 242 25.54 19.60 -9.28
CA LEU C 242 26.28 18.47 -9.79
C LEU C 242 25.36 17.30 -10.07
N PHE C 243 24.63 16.85 -9.04
CA PHE C 243 23.89 15.63 -9.16
C PHE C 243 22.75 15.76 -10.17
N LYS C 244 21.85 16.70 -9.96
CA LYS C 244 20.80 16.88 -10.94
C LYS C 244 21.35 17.08 -12.34
N ARG C 245 22.65 17.35 -12.47
CA ARG C 245 23.20 17.36 -13.81
C ARG C 245 23.25 15.96 -14.40
N ILE C 246 23.38 14.93 -13.58
CA ILE C 246 23.37 13.55 -14.05
C ILE C 246 21.91 13.10 -14.08
N GLN C 247 21.33 13.09 -15.26
CA GLN C 247 19.90 12.86 -15.36
C GLN C 247 19.64 11.43 -15.77
N VAL C 248 18.68 10.79 -15.10
CA VAL C 248 18.24 9.45 -15.47
C VAL C 248 16.73 9.48 -15.59
N VAL C 249 16.23 9.12 -16.77
CA VAL C 249 14.81 9.17 -17.04
C VAL C 249 14.38 7.88 -17.71
N LYS C 250 13.09 7.59 -17.62
CA LYS C 250 12.51 6.63 -18.54
C LYS C 250 12.75 7.11 -19.95
N LYS C 251 13.14 6.20 -20.83
CA LYS C 251 13.08 6.55 -22.24
C LYS C 251 11.64 6.87 -22.57
N ASP C 252 11.45 7.79 -23.51
CA ASP C 252 10.11 8.31 -23.76
C ASP C 252 9.11 7.18 -24.00
N GLY C 253 9.49 6.21 -24.83
CA GLY C 253 8.52 5.26 -25.35
C GLY C 253 8.04 4.21 -24.39
N VAL C 254 8.64 4.10 -23.20
CA VAL C 254 8.39 2.99 -22.30
C VAL C 254 7.63 3.50 -21.09
N GLU C 255 6.68 2.69 -20.61
CA GLU C 255 5.99 2.96 -19.37
C GLU C 255 6.30 1.92 -18.32
N VAL C 256 6.56 0.70 -18.72
CA VAL C 256 7.14 -0.30 -17.84
C VAL C 256 8.64 -0.17 -17.94
N VAL C 257 9.33 -0.61 -16.90
CA VAL C 257 10.76 -0.41 -16.77
C VAL C 257 11.41 -1.79 -16.70
N ARG C 258 12.43 -2.02 -17.53
CA ARG C 258 13.03 -3.33 -17.59
C ARG C 258 14.54 -3.37 -17.54
N SER C 259 15.23 -2.35 -18.00
CA SER C 259 16.66 -2.50 -18.23
C SER C 259 17.34 -1.17 -18.03
N PHE C 260 18.66 -1.19 -18.08
CA PHE C 260 19.36 0.08 -18.19
C PHE C 260 19.14 0.68 -19.56
N ASP C 261 19.07 -0.14 -20.60
CA ASP C 261 18.65 0.36 -21.89
C ASP C 261 17.26 0.95 -21.80
N ASP C 262 16.50 0.54 -20.79
CA ASP C 262 15.17 1.08 -20.63
C ASP C 262 15.22 2.55 -20.22
N TYR C 263 16.26 2.99 -19.51
CA TYR C 263 16.36 4.38 -19.10
C TYR C 263 17.44 5.08 -19.91
N LEU C 264 17.23 6.35 -20.15
CA LEU C 264 18.31 7.17 -20.67
C LEU C 264 19.04 7.79 -19.50
N VAL C 265 20.36 7.78 -19.57
CA VAL C 265 21.21 8.32 -18.54
C VAL C 265 22.08 9.37 -19.20
N SER C 266 21.64 10.61 -19.13
CA SER C 266 22.37 11.72 -19.72
C SER C 266 23.42 12.18 -18.73
N VAL C 267 24.68 12.04 -19.13
CA VAL C 267 25.82 12.48 -18.34
C VAL C 267 26.20 13.85 -18.87
N ASP C 268 25.56 14.88 -18.36
CA ASP C 268 25.86 16.24 -18.79
C ASP C 268 27.18 16.68 -18.15
N ASP C 269 28.06 17.26 -18.94
CA ASP C 269 29.26 17.90 -18.41
C ASP C 269 29.60 19.15 -19.18
N LYS C 270 28.60 19.86 -19.69
CA LYS C 270 28.88 20.95 -20.61
C LYS C 270 29.65 22.07 -19.92
N ASN C 271 29.05 22.70 -18.92
CA ASN C 271 29.73 23.79 -18.27
C ASN C 271 30.07 23.49 -16.82
N LEU C 272 29.39 22.54 -16.20
CA LEU C 272 29.73 22.14 -14.83
C LEU C 272 31.20 21.78 -14.69
N GLU C 273 31.90 21.56 -15.79
CA GLU C 273 33.32 21.32 -15.64
C GLU C 273 34.08 22.64 -15.56
N GLU C 274 33.65 23.55 -14.69
CA GLU C 274 34.47 24.72 -14.46
C GLU C 274 35.78 24.31 -13.81
N THR C 275 35.70 23.65 -12.67
CA THR C 275 36.88 23.14 -11.97
C THR C 275 36.53 21.77 -11.42
N LYS C 276 35.24 21.52 -11.25
CA LYS C 276 34.79 20.16 -11.03
C LYS C 276 35.34 19.26 -12.11
N LEU C 277 35.46 17.99 -11.79
CA LEU C 277 35.69 17.02 -12.84
C LEU C 277 34.52 16.05 -12.86
N LEU C 278 34.02 15.75 -14.04
CA LEU C 278 33.05 14.67 -14.16
C LEU C 278 33.74 13.52 -14.86
N ARG C 279 34.23 12.59 -14.07
CA ARG C 279 34.84 11.45 -14.71
C ARG C 279 34.03 10.21 -14.37
N LYS C 280 33.91 9.31 -15.33
CA LYS C 280 32.85 8.32 -15.34
C LYS C 280 33.48 6.94 -15.25
N LEU C 281 33.44 6.36 -14.04
CA LEU C 281 33.91 4.99 -13.90
C LEU C 281 32.83 3.97 -14.26
N GLY C 282 31.58 4.25 -13.90
CA GLY C 282 30.53 3.29 -14.23
C GLY C 282 30.36 3.14 -15.73
N GLY C 283 30.23 4.25 -16.43
CA GLY C 283 30.07 4.21 -17.87
C GLY C 283 29.40 5.44 -18.46
N THR D 1 39.65 -24.56 -3.31
CA THR D 1 38.37 -24.39 -3.96
C THR D 1 38.54 -23.76 -5.34
N ILE D 2 37.42 -23.31 -5.92
CA ILE D 2 37.47 -22.72 -7.24
C ILE D 2 38.20 -21.39 -7.17
N GLU D 3 39.04 -21.15 -8.17
CA GLU D 3 39.88 -19.97 -8.19
C GLU D 3 39.57 -19.06 -9.37
N LYS D 4 38.46 -19.31 -10.06
CA LYS D 4 38.02 -18.45 -11.15
C LYS D 4 36.59 -18.05 -10.88
N ARG D 5 36.33 -16.75 -10.84
CA ARG D 5 34.96 -16.26 -10.64
C ARG D 5 34.17 -16.34 -11.92
N TYR D 6 32.99 -16.93 -11.85
CA TYR D 6 32.21 -17.28 -13.03
C TYR D 6 30.90 -16.52 -13.04
N ASP D 7 30.53 -16.04 -14.21
CA ASP D 7 29.21 -15.46 -14.43
C ASP D 7 28.66 -16.14 -15.66
N PHE D 8 27.63 -16.93 -15.51
CA PHE D 8 27.11 -17.61 -16.68
C PHE D 8 25.71 -17.14 -16.98
N VAL D 9 25.36 -17.17 -18.25
CA VAL D 9 23.99 -17.03 -18.69
C VAL D 9 23.51 -18.41 -19.10
N PHE D 10 22.27 -18.68 -18.82
CA PHE D 10 21.69 -20.00 -18.92
C PHE D 10 20.43 -19.88 -19.75
N LEU D 11 20.50 -20.30 -21.00
CA LEU D 11 19.37 -20.19 -21.91
C LEU D 11 18.65 -21.51 -21.88
N PHE D 12 17.67 -21.63 -21.01
CA PHE D 12 16.90 -22.84 -20.90
C PHE D 12 15.46 -22.55 -21.24
N ASP D 13 14.85 -23.48 -21.96
CA ASP D 13 13.53 -23.28 -22.52
C ASP D 13 12.57 -24.30 -21.96
N VAL D 14 11.47 -23.82 -21.42
CA VAL D 14 10.32 -24.67 -21.37
C VAL D 14 9.80 -24.83 -22.78
N GLN D 15 9.03 -25.89 -23.00
CA GLN D 15 8.40 -25.99 -24.29
C GLN D 15 6.93 -26.31 -24.20
N ASP D 16 6.48 -27.03 -23.20
CA ASP D 16 5.04 -27.29 -23.13
C ASP D 16 4.44 -27.35 -21.74
N GLY D 17 5.14 -27.00 -20.67
CA GLY D 17 4.61 -27.22 -19.34
C GLY D 17 4.93 -26.06 -18.42
N ASN D 18 4.52 -26.21 -17.15
CA ASN D 18 4.91 -25.23 -16.15
C ASN D 18 6.41 -25.11 -16.21
N PRO D 19 6.93 -24.05 -16.77
CA PRO D 19 8.37 -23.90 -16.83
C PRO D 19 8.97 -23.86 -15.46
N ASN D 20 8.39 -23.02 -14.65
CA ASN D 20 8.85 -22.66 -13.34
C ASN D 20 7.91 -23.26 -12.33
N GLY D 21 8.27 -23.08 -11.08
CA GLY D 21 7.28 -23.04 -10.07
C GLY D 21 6.10 -22.18 -10.47
N ASP D 22 4.98 -22.58 -10.04
CA ASP D 22 3.82 -21.73 -10.04
C ASP D 22 3.86 -20.82 -8.81
N PRO D 23 3.63 -19.54 -8.98
CA PRO D 23 3.79 -18.60 -7.87
C PRO D 23 3.00 -18.99 -6.64
N ASP D 24 2.16 -20.02 -6.77
CA ASP D 24 1.48 -20.61 -5.64
C ASP D 24 0.43 -19.64 -5.18
N ALA D 25 0.54 -18.42 -5.70
CA ALA D 25 -0.60 -17.54 -5.88
C ALA D 25 -1.17 -17.90 -7.25
N GLY D 26 -2.01 -18.92 -7.22
CA GLY D 26 -2.55 -19.44 -8.45
C GLY D 26 -1.49 -20.35 -9.02
N ASN D 27 -1.82 -21.60 -9.26
CA ASN D 27 -0.85 -22.41 -9.96
C ASN D 27 -0.86 -21.97 -11.41
N LEU D 28 0.27 -21.52 -11.92
CA LEU D 28 0.43 -21.18 -13.33
C LEU D 28 1.87 -20.76 -13.54
N PRO D 29 2.37 -20.70 -14.77
CA PRO D 29 3.76 -20.27 -14.96
C PRO D 29 3.95 -18.91 -14.34
N ARG D 30 5.12 -18.70 -13.77
CA ARG D 30 5.35 -17.51 -12.98
C ARG D 30 5.67 -16.36 -13.92
N ILE D 31 4.70 -15.47 -14.11
CA ILE D 31 4.80 -14.41 -15.11
C ILE D 31 5.18 -13.11 -14.44
N ASP D 32 6.13 -12.41 -15.02
CA ASP D 32 6.43 -11.04 -14.63
C ASP D 32 5.39 -10.16 -15.29
N PRO D 33 4.37 -9.74 -14.56
CA PRO D 33 3.17 -9.23 -15.22
C PRO D 33 3.42 -8.07 -16.15
N GLN D 34 4.27 -7.13 -15.77
CA GLN D 34 4.30 -5.86 -16.49
C GLN D 34 4.69 -6.06 -17.94
N THR D 35 5.58 -7.00 -18.20
CA THR D 35 5.89 -7.31 -19.58
C THR D 35 5.14 -8.53 -20.06
N GLY D 36 4.42 -9.20 -19.17
CA GLY D 36 3.91 -10.51 -19.55
C GLY D 36 5.00 -11.55 -19.71
N GLU D 37 6.22 -11.22 -19.30
CA GLU D 37 7.32 -12.14 -19.36
C GLU D 37 7.17 -13.20 -18.29
N GLY D 38 7.63 -14.41 -18.61
CA GLY D 38 7.59 -15.49 -17.66
C GLY D 38 8.85 -15.47 -16.83
N LEU D 39 8.72 -15.87 -15.56
CA LEU D 39 9.86 -15.92 -14.66
C LEU D 39 10.05 -17.32 -14.12
N VAL D 40 11.28 -17.79 -14.14
CA VAL D 40 11.65 -18.98 -13.39
C VAL D 40 12.40 -18.53 -12.16
N THR D 41 11.79 -18.75 -11.00
CA THR D 41 12.45 -18.56 -9.73
C THR D 41 13.73 -19.35 -9.69
N ASP D 42 14.84 -18.64 -9.53
CA ASP D 42 16.14 -19.27 -9.47
C ASP D 42 16.15 -20.48 -8.57
N VAL D 43 15.28 -20.53 -7.56
CA VAL D 43 15.24 -21.70 -6.71
C VAL D 43 14.78 -22.92 -7.50
N CYS D 44 13.70 -22.77 -8.26
CA CYS D 44 13.15 -23.87 -9.02
C CYS D 44 14.03 -24.22 -10.19
N LEU D 45 15.08 -23.44 -10.43
CA LEU D 45 16.14 -23.92 -11.31
C LEU D 45 17.23 -24.63 -10.52
N LYS D 46 17.54 -24.07 -9.35
CA LYS D 46 18.57 -24.63 -8.51
C LYS D 46 18.20 -26.05 -8.09
N ARG D 47 16.93 -26.43 -8.13
CA ARG D 47 16.66 -27.87 -8.01
C ARG D 47 16.75 -28.67 -9.24
N LYS D 48 16.45 -28.13 -10.40
CA LYS D 48 16.71 -29.03 -11.49
C LYS D 48 18.17 -29.44 -11.36
N VAL D 49 18.98 -28.50 -10.84
CA VAL D 49 20.32 -28.83 -10.33
C VAL D 49 20.28 -29.85 -9.20
N ARG D 50 19.57 -29.55 -8.11
CA ARG D 50 19.71 -30.39 -6.92
C ARG D 50 19.24 -31.80 -7.17
N ASN D 51 18.10 -31.96 -7.82
CA ASN D 51 17.65 -33.29 -8.19
C ASN D 51 18.66 -33.94 -9.10
N PHE D 52 19.23 -33.21 -10.05
CA PHE D 52 20.22 -33.82 -10.91
C PHE D 52 21.38 -34.38 -10.10
N ILE D 53 21.89 -33.58 -9.17
CA ILE D 53 22.98 -34.06 -8.33
C ILE D 53 22.53 -35.25 -7.51
N GLN D 54 21.35 -35.15 -6.91
CA GLN D 54 20.87 -36.21 -6.05
C GLN D 54 20.80 -37.53 -6.79
N MET D 55 20.33 -37.50 -8.01
CA MET D 55 20.26 -38.73 -8.77
C MET D 55 21.62 -39.12 -9.31
N THR D 56 22.53 -38.18 -9.49
CA THR D 56 23.75 -38.53 -10.19
C THR D 56 24.89 -38.91 -9.25
N GLN D 57 25.14 -38.09 -8.22
CA GLN D 57 26.32 -38.30 -7.39
C GLN D 57 26.12 -39.38 -6.36
N ASN D 58 24.99 -39.34 -5.64
CA ASN D 58 24.55 -40.40 -4.73
C ASN D 58 25.67 -40.90 -3.83
N ASP D 59 26.59 -40.00 -3.51
CA ASP D 59 27.72 -40.38 -2.66
C ASP D 59 27.85 -39.35 -1.56
N GLU D 60 28.62 -39.69 -0.53
CA GLU D 60 28.95 -38.67 0.45
C GLU D 60 29.85 -37.62 -0.19
N HIS D 61 29.77 -36.41 0.33
CA HIS D 61 30.41 -35.21 -0.19
C HIS D 61 29.67 -34.66 -1.39
N HIS D 62 28.56 -35.25 -1.81
CA HIS D 62 27.72 -34.65 -2.83
C HIS D 62 26.26 -34.92 -2.55
N ASP D 63 25.89 -35.03 -1.29
CA ASP D 63 24.51 -35.31 -0.93
C ASP D 63 23.73 -34.01 -0.92
N ILE D 64 22.55 -34.03 -1.51
CA ILE D 64 21.73 -32.83 -1.52
C ILE D 64 21.14 -32.58 -0.14
N PHE D 65 21.23 -31.34 0.30
CA PHE D 65 20.82 -30.99 1.66
C PHE D 65 19.31 -31.12 1.77
N ILE D 66 18.59 -30.34 0.96
CA ILE D 66 17.15 -30.45 0.90
C ILE D 66 16.81 -31.64 0.01
N ARG D 67 16.49 -32.75 0.62
CA ARG D 67 16.16 -33.97 -0.11
C ARG D 67 14.67 -34.00 -0.38
N GLU D 68 14.16 -35.15 -0.82
CA GLU D 68 12.76 -35.26 -1.19
C GLU D 68 11.85 -34.79 -0.08
N LYS D 69 12.12 -35.22 1.15
CA LYS D 69 11.35 -34.71 2.28
C LYS D 69 12.21 -34.57 3.52
N GLY D 70 13.53 -34.74 3.43
CA GLY D 70 14.36 -34.88 4.60
C GLY D 70 14.27 -33.73 5.56
N ILE D 71 13.62 -33.98 6.71
CA ILE D 71 13.49 -32.95 7.73
C ILE D 71 14.83 -32.29 7.95
N LEU D 72 14.87 -30.97 7.81
CA LEU D 72 16.16 -30.34 7.66
C LEU D 72 16.87 -30.21 9.00
N ASN D 73 16.13 -29.88 10.05
CA ASN D 73 16.72 -29.88 11.38
C ASN D 73 17.37 -31.22 11.68
N ASN D 74 16.78 -32.30 11.21
CA ASN D 74 17.46 -33.59 11.29
C ASN D 74 18.74 -33.57 10.51
N LEU D 75 18.69 -33.12 9.26
CA LEU D 75 19.87 -33.13 8.41
C LEU D 75 20.88 -32.11 8.82
N ILE D 76 20.66 -31.45 9.95
CA ILE D 76 21.60 -30.50 10.50
C ILE D 76 22.17 -31.00 11.82
N ASP D 77 21.29 -31.33 12.75
CA ASP D 77 21.73 -31.97 13.98
C ASP D 77 22.56 -33.19 13.68
N GLU D 78 22.24 -33.89 12.59
CA GLU D 78 23.06 -35.00 12.15
C GLU D 78 24.49 -34.56 11.97
N ALA D 79 24.71 -33.48 11.23
CA ALA D 79 26.08 -33.01 11.03
C ALA D 79 26.71 -32.59 12.33
N HIS D 80 25.96 -31.90 13.20
CA HIS D 80 26.51 -31.57 14.51
C HIS D 80 27.01 -32.80 15.24
N GLU D 81 26.26 -33.88 15.21
CA GLU D 81 26.65 -35.02 16.01
C GLU D 81 27.96 -35.63 15.56
N GLN D 82 28.43 -35.25 14.38
CA GLN D 82 29.72 -35.74 13.91
C GLN D 82 30.86 -35.23 14.80
N GLU D 83 31.88 -36.08 14.95
CA GLU D 83 32.94 -35.83 15.91
C GLU D 83 33.71 -34.56 15.60
N ASN D 84 34.03 -34.33 14.33
CA ASN D 84 34.87 -33.19 13.97
C ASN D 84 34.25 -31.88 14.43
N VAL D 85 32.95 -31.89 14.67
CA VAL D 85 32.24 -30.72 15.13
C VAL D 85 31.49 -31.01 16.43
N LYS D 86 31.63 -32.22 16.96
CA LYS D 86 30.85 -32.59 18.13
C LYS D 86 31.18 -31.72 19.31
N GLY D 87 32.46 -31.41 19.50
CA GLY D 87 32.86 -30.75 20.73
C GLY D 87 33.86 -29.63 20.59
N LYS D 88 33.78 -28.83 19.52
CA LYS D 88 34.79 -27.78 19.36
C LYS D 88 34.52 -26.61 20.30
N GLU D 89 33.43 -25.89 20.09
CA GLU D 89 32.97 -24.86 21.01
C GLU D 89 31.64 -24.30 20.55
N LYS D 90 30.72 -24.02 21.49
CA LYS D 90 29.35 -23.66 21.12
C LYS D 90 29.32 -22.52 20.10
N GLY D 91 30.13 -21.48 20.32
CA GLY D 91 30.17 -20.40 19.36
C GLY D 91 30.76 -20.82 18.03
N GLU D 92 31.80 -21.66 18.08
CA GLU D 92 32.50 -22.06 16.88
C GLU D 92 32.03 -23.40 16.34
N LYS D 93 31.31 -24.17 17.15
CA LYS D 93 30.69 -25.40 16.63
C LYS D 93 29.80 -25.09 15.45
N THR D 94 29.09 -23.96 15.49
CA THR D 94 28.20 -23.63 14.39
C THR D 94 29.00 -23.52 13.09
N GLU D 95 30.05 -22.71 13.08
CA GLU D 95 30.83 -22.57 11.87
C GLU D 95 31.47 -23.89 11.48
N ALA D 96 31.92 -24.66 12.46
CA ALA D 96 32.53 -25.93 12.12
C ALA D 96 31.53 -26.84 11.44
N ALA D 97 30.31 -26.87 11.93
CA ALA D 97 29.28 -27.70 11.32
C ALA D 97 28.96 -27.19 9.94
N ARG D 98 28.91 -25.88 9.77
CA ARG D 98 28.74 -25.31 8.45
C ARG D 98 29.81 -25.85 7.52
N GLN D 99 31.04 -25.90 8.02
CA GLN D 99 32.12 -26.43 7.22
C GLN D 99 31.86 -27.88 6.88
N TYR D 100 31.33 -28.65 7.81
CA TYR D 100 31.00 -30.03 7.47
C TYR D 100 29.90 -30.13 6.44
N MET D 101 28.85 -29.33 6.57
CA MET D 101 27.80 -29.34 5.57
C MET D 101 28.37 -29.10 4.21
N CYS D 102 29.13 -28.01 4.07
CA CYS D 102 29.76 -27.72 2.81
C CYS D 102 30.63 -28.86 2.35
N SER D 103 31.23 -29.59 3.28
CA SER D 103 32.01 -30.75 2.90
C SER D 103 31.12 -31.83 2.31
N ARG D 104 29.96 -32.07 2.92
CA ARG D 104 29.17 -33.22 2.52
C ARG D 104 28.00 -32.82 1.62
N TYR D 105 27.22 -31.85 2.03
CA TYR D 105 26.06 -31.46 1.25
C TYR D 105 26.50 -30.62 0.07
N TYR D 106 26.68 -31.24 -1.09
CA TYR D 106 27.06 -30.47 -2.27
C TYR D 106 26.03 -29.41 -2.59
N ASP D 107 24.77 -29.73 -2.41
CA ASP D 107 23.75 -28.70 -2.53
C ASP D 107 24.19 -27.46 -1.80
N ILE D 108 24.47 -27.60 -0.51
CA ILE D 108 24.86 -26.46 0.30
C ILE D 108 26.11 -25.81 -0.24
N ARG D 109 27.13 -26.61 -0.50
CA ARG D 109 28.38 -26.04 -0.94
C ARG D 109 28.21 -25.31 -2.25
N THR D 110 27.11 -25.55 -2.95
CA THR D 110 26.86 -24.96 -4.25
C THR D 110 25.88 -23.81 -4.15
N PHE D 111 24.78 -24.05 -3.46
CA PHE D 111 23.77 -23.03 -3.20
C PHE D 111 23.70 -22.92 -1.69
N GLY D 112 23.81 -21.73 -1.16
CA GLY D 112 23.80 -21.62 0.28
C GLY D 112 22.50 -22.09 0.87
N ALA D 113 22.39 -22.12 2.19
CA ALA D 113 21.09 -22.32 2.80
C ALA D 113 21.13 -21.83 4.23
N VAL D 114 19.95 -21.75 4.82
CA VAL D 114 19.83 -21.34 6.21
C VAL D 114 19.93 -22.58 7.08
N MET D 115 21.16 -22.95 7.44
CA MET D 115 21.29 -23.91 8.50
C MET D 115 20.70 -23.40 9.80
N THR D 116 20.66 -22.09 9.98
CA THR D 116 20.42 -21.48 11.28
C THR D 116 18.96 -21.71 11.68
N THR D 117 18.59 -22.97 11.75
CA THR D 117 17.19 -23.32 11.92
C THR D 117 16.90 -24.04 13.22
N GLY D 118 17.53 -25.17 13.45
CA GLY D 118 17.34 -25.85 14.72
C GLY D 118 18.58 -25.65 15.57
N LYS D 119 19.36 -26.70 15.71
CA LYS D 119 20.71 -26.54 16.21
C LYS D 119 21.46 -25.90 15.07
N ASN D 120 21.58 -24.57 15.12
CA ASN D 120 22.06 -23.83 13.95
C ASN D 120 23.43 -24.30 13.52
N ALA D 121 23.61 -24.46 12.22
CA ALA D 121 24.90 -24.79 11.65
C ALA D 121 25.36 -23.73 10.65
N GLY D 122 25.01 -22.48 10.90
CA GLY D 122 25.55 -21.37 10.14
C GLY D 122 24.57 -20.87 9.09
N GLN D 123 25.10 -20.06 8.20
CA GLN D 123 24.38 -19.49 7.06
C GLN D 123 25.33 -19.54 5.87
N VAL D 124 25.26 -20.61 5.10
CA VAL D 124 26.23 -20.80 4.05
C VAL D 124 26.02 -19.75 2.99
N ARG D 125 27.11 -19.09 2.61
CA ARG D 125 26.95 -17.91 1.76
C ARG D 125 26.43 -18.28 0.39
N GLY D 126 26.88 -19.39 -0.16
CA GLY D 126 26.35 -19.88 -1.40
C GLY D 126 27.14 -19.31 -2.55
N PRO D 127 28.07 -20.08 -3.09
CA PRO D 127 29.02 -19.49 -4.03
C PRO D 127 28.42 -19.30 -5.38
N VAL D 128 27.56 -20.20 -5.80
CA VAL D 128 26.82 -20.08 -7.04
C VAL D 128 25.43 -19.67 -6.67
N GLN D 129 25.04 -18.49 -7.12
CA GLN D 129 23.69 -18.00 -6.91
C GLN D 129 23.11 -17.62 -8.24
N LEU D 130 21.91 -18.10 -8.51
CA LEU D 130 21.28 -17.89 -9.80
C LEU D 130 20.24 -16.80 -9.69
N THR D 131 20.00 -16.12 -10.79
CA THR D 131 18.94 -15.13 -10.79
C THR D 131 17.65 -15.77 -11.21
N PHE D 132 16.55 -15.11 -10.90
CA PHE D 132 15.28 -15.51 -11.47
C PHE D 132 15.41 -15.46 -12.98
N SER D 133 14.85 -16.44 -13.65
CA SER D 133 14.95 -16.38 -15.10
C SER D 133 13.90 -15.47 -15.67
N ARG D 134 14.32 -14.58 -16.55
CA ARG D 134 13.41 -13.67 -17.23
C ARG D 134 13.18 -14.18 -18.63
N SER D 135 11.96 -14.62 -18.89
CA SER D 135 11.62 -15.11 -20.22
C SER D 135 11.93 -14.06 -21.25
N ILE D 136 12.74 -14.42 -22.25
CA ILE D 136 13.20 -13.42 -23.21
C ILE D 136 12.03 -12.75 -23.88
N ASP D 137 11.01 -13.51 -24.24
CA ASP D 137 9.82 -12.90 -24.77
C ASP D 137 8.62 -13.30 -23.94
N PRO D 138 7.65 -12.43 -23.80
CA PRO D 138 6.47 -12.77 -23.00
C PRO D 138 5.92 -14.12 -23.36
N ILE D 139 5.96 -15.02 -22.40
CA ILE D 139 5.34 -16.33 -22.51
C ILE D 139 3.85 -16.14 -22.65
N MET D 140 3.15 -17.18 -23.07
CA MET D 140 1.70 -17.12 -23.16
C MET D 140 1.12 -18.34 -22.44
N THR D 141 0.81 -18.15 -21.17
CA THR D 141 0.07 -19.13 -20.40
C THR D 141 -1.07 -19.72 -21.21
N LEU D 142 -1.23 -21.05 -21.16
CA LEU D 142 -2.30 -21.60 -21.96
C LEU D 142 -3.48 -22.15 -21.18
N GLU D 143 -3.32 -22.48 -19.91
CA GLU D 143 -4.48 -22.79 -19.10
C GLU D 143 -5.19 -24.05 -19.60
N HIS D 144 -4.43 -25.02 -20.11
CA HIS D 144 -5.09 -26.27 -20.50
C HIS D 144 -5.84 -26.86 -19.33
N SER D 145 -7.14 -26.95 -19.47
CA SER D 145 -7.93 -27.59 -18.44
C SER D 145 -7.98 -29.08 -18.71
N ILE D 146 -7.70 -29.88 -17.70
CA ILE D 146 -7.61 -31.32 -17.85
C ILE D 146 -8.58 -31.98 -16.90
N THR D 147 -9.25 -33.01 -17.37
CA THR D 147 -10.21 -33.71 -16.53
C THR D 147 -9.53 -34.86 -15.82
N ARG D 148 -10.19 -35.36 -14.79
CA ARG D 148 -9.65 -36.49 -14.04
C ARG D 148 -10.80 -37.46 -13.88
N MET D 149 -10.84 -38.45 -14.76
CA MET D 149 -11.93 -39.43 -14.72
C MET D 149 -11.89 -40.25 -13.45
N ALA D 150 -10.80 -40.18 -12.71
CA ALA D 150 -10.75 -40.81 -11.39
C ALA D 150 -10.88 -39.72 -10.34
N VAL D 151 -12.09 -39.58 -9.78
CA VAL D 151 -12.32 -38.59 -8.74
C VAL D 151 -11.58 -38.99 -7.48
N THR D 152 -11.00 -38.00 -6.81
CA THR D 152 -10.13 -38.27 -5.67
C THR D 152 -10.91 -38.90 -4.53
N ASN D 153 -11.86 -38.17 -3.96
CA ASN D 153 -12.50 -38.60 -2.73
C ASN D 153 -13.81 -39.30 -3.04
N GLU D 154 -14.53 -39.69 -1.98
CA GLU D 154 -15.80 -40.39 -2.14
C GLU D 154 -16.77 -39.58 -2.97
N LYS D 155 -16.61 -38.25 -2.98
CA LYS D 155 -17.41 -37.39 -3.82
C LYS D 155 -17.24 -37.76 -5.29
N ASN D 163 -16.86 -37.73 -13.63
CA ASN D 163 -16.26 -37.09 -12.47
C ASN D 163 -15.63 -35.76 -12.83
N ARG D 164 -16.36 -34.67 -12.56
CA ARG D 164 -15.96 -33.33 -13.01
C ARG D 164 -15.02 -32.74 -11.97
N THR D 165 -13.79 -33.26 -11.94
CA THR D 165 -12.71 -32.74 -11.10
C THR D 165 -11.75 -32.07 -12.06
N MET D 166 -11.93 -30.78 -12.27
CA MET D 166 -11.43 -30.16 -13.48
C MET D 166 -10.06 -29.56 -13.20
N GLY D 167 -9.05 -30.43 -13.18
CA GLY D 167 -7.69 -29.97 -13.00
C GLY D 167 -7.20 -29.19 -14.19
N ARG D 168 -6.08 -28.49 -14.00
CA ARG D 168 -5.57 -27.61 -15.04
C ARG D 168 -4.06 -27.64 -15.06
N LYS D 169 -3.48 -27.97 -16.20
CA LYS D 169 -2.03 -27.93 -16.38
C LYS D 169 -1.67 -26.66 -17.13
N PHE D 170 -1.48 -25.60 -16.36
CA PHE D 170 -1.02 -24.34 -16.88
C PHE D 170 0.30 -24.54 -17.57
N THR D 171 0.44 -24.01 -18.78
CA THR D 171 1.64 -24.29 -19.56
C THR D 171 2.08 -23.06 -20.34
N VAL D 172 3.23 -23.23 -20.99
CA VAL D 172 3.87 -22.20 -21.79
C VAL D 172 4.20 -22.79 -23.14
N PRO D 173 3.79 -22.22 -24.19
CA PRO D 173 4.16 -22.73 -25.49
C PRO D 173 5.66 -22.69 -25.65
N TYR D 174 6.24 -21.55 -25.32
CA TYR D 174 7.69 -21.46 -25.41
C TYR D 174 8.19 -20.16 -24.83
N GLY D 175 9.15 -20.21 -23.93
CA GLY D 175 9.88 -19.00 -23.65
C GLY D 175 11.28 -19.32 -23.20
N LEU D 176 12.29 -18.85 -23.93
CA LEU D 176 13.64 -19.21 -23.54
C LEU D 176 14.00 -18.35 -22.36
N TYR D 177 13.52 -18.77 -21.21
CA TYR D 177 13.92 -18.16 -19.96
C TYR D 177 15.43 -18.11 -19.85
N ARG D 178 15.98 -16.94 -19.51
CA ARG D 178 17.41 -16.80 -19.32
C ARG D 178 17.67 -16.64 -17.84
N CYS D 179 18.58 -17.44 -17.30
CA CYS D 179 19.04 -17.32 -15.92
C CYS D 179 20.44 -16.74 -15.92
N HIS D 180 20.60 -15.66 -15.19
CA HIS D 180 21.94 -15.22 -14.85
C HIS D 180 22.37 -15.96 -13.60
N GLY D 181 23.47 -16.65 -13.68
CA GLY D 181 24.03 -17.35 -12.55
C GLY D 181 25.39 -16.79 -12.23
N PHE D 182 25.77 -16.91 -10.99
CA PHE D 182 26.79 -16.11 -10.35
C PHE D 182 27.61 -17.03 -9.47
N ILE D 183 28.65 -17.61 -10.04
CA ILE D 183 29.59 -18.39 -9.27
C ILE D 183 30.63 -17.42 -8.74
N SER D 184 30.72 -17.31 -7.43
CA SER D 184 31.58 -16.31 -6.81
C SER D 184 32.57 -17.03 -5.90
N THR D 185 33.83 -17.10 -6.33
CA THR D 185 34.82 -17.83 -5.57
C THR D 185 34.82 -17.38 -4.12
N HIS D 186 34.89 -16.07 -3.91
CA HIS D 186 35.08 -15.59 -2.56
C HIS D 186 33.95 -15.96 -1.64
N PHE D 187 32.91 -16.59 -2.15
CA PHE D 187 32.03 -17.34 -1.27
C PHE D 187 32.35 -18.82 -1.26
N ALA D 188 32.93 -19.33 -2.34
CA ALA D 188 33.31 -20.74 -2.34
C ALA D 188 34.35 -21.01 -1.27
N LYS D 189 35.28 -20.09 -1.07
CA LYS D 189 36.27 -20.26 -0.01
C LYS D 189 35.59 -20.53 1.32
N GLN D 190 34.44 -19.92 1.55
CA GLN D 190 33.73 -20.23 2.78
C GLN D 190 33.02 -21.57 2.70
N THR D 191 33.02 -22.24 1.57
CA THR D 191 32.36 -23.54 1.44
C THR D 191 33.21 -24.61 0.81
N GLY D 192 34.23 -24.26 0.05
CA GLY D 192 34.96 -25.28 -0.66
C GLY D 192 34.27 -25.75 -1.91
N PHE D 193 33.29 -25.01 -2.42
CA PHE D 193 32.74 -25.28 -3.73
C PHE D 193 33.93 -25.49 -4.66
N SER D 194 34.14 -26.71 -5.12
CA SER D 194 35.40 -27.04 -5.75
C SER D 194 35.24 -27.10 -7.26
N GLU D 195 36.37 -27.06 -7.95
CA GLU D 195 36.31 -27.17 -9.41
C GLU D 195 35.59 -28.45 -9.81
N ASN D 196 35.79 -29.52 -9.05
CA ASN D 196 34.97 -30.71 -9.27
C ASN D 196 33.51 -30.41 -8.97
N ASP D 197 33.25 -29.69 -7.88
CA ASP D 197 31.90 -29.21 -7.63
C ASP D 197 31.39 -28.45 -8.83
N LEU D 198 32.25 -27.64 -9.44
CA LEU D 198 31.80 -26.82 -10.54
C LEU D 198 31.47 -27.66 -11.76
N GLU D 199 32.31 -28.63 -12.09
CA GLU D 199 32.00 -29.47 -13.23
C GLU D 199 30.70 -30.20 -13.01
N LEU D 200 30.49 -30.69 -11.79
CA LEU D 200 29.21 -31.30 -11.50
C LEU D 200 28.09 -30.30 -11.65
N PHE D 201 28.36 -29.03 -11.33
CA PHE D 201 27.31 -28.03 -11.53
C PHE D 201 27.03 -27.79 -13.00
N TRP D 202 28.06 -27.79 -13.83
CA TRP D 202 27.81 -27.63 -15.26
C TRP D 202 27.01 -28.80 -15.78
N GLN D 203 27.36 -30.01 -15.36
CA GLN D 203 26.55 -31.15 -15.75
C GLN D 203 25.14 -30.96 -15.27
N ALA D 204 24.97 -30.32 -14.10
CA ALA D 204 23.63 -30.00 -13.66
C ALA D 204 22.94 -29.07 -14.64
N LEU D 205 23.57 -27.96 -14.99
CA LEU D 205 22.90 -27.00 -15.84
C LEU D 205 22.53 -27.63 -17.17
N VAL D 206 23.45 -28.40 -17.73
CA VAL D 206 23.17 -28.95 -19.05
C VAL D 206 22.13 -30.06 -18.98
N ASN D 207 22.11 -30.86 -17.93
CA ASN D 207 21.35 -32.10 -17.97
C ASN D 207 20.20 -32.18 -16.97
N MET D 208 19.98 -31.14 -16.19
CA MET D 208 18.93 -31.21 -15.19
C MET D 208 17.58 -31.50 -15.82
N PHE D 209 17.26 -30.84 -16.92
CA PHE D 209 15.93 -30.99 -17.47
C PHE D 209 15.76 -32.36 -18.08
N ASP D 210 16.77 -32.86 -18.78
CA ASP D 210 16.71 -34.23 -19.25
C ASP D 210 16.52 -35.18 -18.09
N HIS D 211 17.05 -34.84 -16.92
CA HIS D 211 16.78 -35.69 -15.75
C HIS D 211 15.59 -35.22 -14.95
N ASP D 212 14.98 -34.10 -15.29
CA ASP D 212 13.79 -33.66 -14.58
C ASP D 212 12.69 -33.40 -15.60
N HIS D 213 11.80 -34.36 -15.74
CA HIS D 213 10.72 -34.31 -16.71
C HIS D 213 9.47 -34.78 -16.00
N SER D 214 8.76 -33.85 -15.40
CA SER D 214 7.54 -34.21 -14.74
C SER D 214 6.36 -33.87 -15.64
N ALA D 215 5.16 -34.22 -15.19
CA ALA D 215 3.98 -33.94 -16.01
C ALA D 215 3.81 -32.45 -16.21
N ALA D 216 3.80 -31.70 -15.11
CA ALA D 216 3.56 -30.27 -15.22
C ALA D 216 4.68 -29.58 -15.98
N ARG D 217 5.91 -30.06 -15.87
CA ARG D 217 7.01 -29.35 -16.49
C ARG D 217 7.20 -29.69 -17.93
N GLY D 218 6.31 -30.48 -18.51
CA GLY D 218 6.33 -30.67 -19.94
C GLY D 218 7.70 -31.01 -20.48
N GLN D 219 8.31 -30.09 -21.20
CA GLN D 219 9.52 -30.40 -21.93
C GLN D 219 10.59 -29.36 -21.70
N MET D 220 10.85 -29.03 -20.43
CA MET D 220 11.92 -28.11 -20.11
C MET D 220 13.21 -28.60 -20.74
N ASN D 221 13.92 -27.73 -21.43
CA ASN D 221 15.28 -28.06 -21.84
C ASN D 221 16.18 -26.85 -21.66
N ALA D 222 17.47 -27.07 -21.77
CA ALA D 222 18.46 -26.02 -21.56
C ALA D 222 19.20 -25.79 -22.86
N ARG D 223 18.89 -24.68 -23.53
CA ARG D 223 19.44 -24.49 -24.86
C ARG D 223 20.93 -24.16 -24.80
N GLY D 224 21.32 -23.26 -23.94
CA GLY D 224 22.70 -22.79 -23.94
C GLY D 224 23.19 -22.58 -22.53
N LEU D 225 24.49 -22.74 -22.35
CA LEU D 225 25.14 -22.47 -21.09
C LEU D 225 26.40 -21.68 -21.42
N TYR D 226 26.28 -20.38 -21.48
CA TYR D 226 27.39 -19.54 -21.87
C TYR D 226 27.98 -19.00 -20.58
N VAL D 227 29.15 -19.52 -20.20
CA VAL D 227 29.78 -19.12 -18.97
C VAL D 227 30.92 -18.20 -19.31
N PHE D 228 31.01 -17.08 -18.62
CA PHE D 228 32.20 -16.26 -18.63
C PHE D 228 33.02 -16.60 -17.41
N GLU D 229 34.28 -16.84 -17.63
CA GLU D 229 35.24 -17.09 -16.59
C GLU D 229 36.01 -15.79 -16.40
N HIS D 230 35.72 -15.08 -15.32
CA HIS D 230 36.60 -14.00 -14.92
C HIS D 230 37.97 -14.57 -14.63
N SER D 231 38.99 -14.06 -15.31
CA SER D 231 40.34 -14.51 -15.01
C SER D 231 40.71 -14.17 -13.58
N ASN D 232 40.55 -12.91 -13.20
CA ASN D 232 40.82 -12.51 -11.84
C ASN D 232 39.76 -13.09 -10.93
N ASN D 233 40.16 -13.45 -9.71
CA ASN D 233 39.16 -13.71 -8.68
C ASN D 233 38.19 -12.56 -8.61
N LEU D 234 38.72 -11.35 -8.67
CA LEU D 234 37.91 -10.16 -8.90
C LEU D 234 37.23 -10.27 -10.26
N GLY D 235 35.97 -9.89 -10.30
CA GLY D 235 35.27 -9.85 -11.57
C GLY D 235 35.98 -8.91 -12.52
N ASP D 236 36.55 -9.43 -13.59
CA ASP D 236 37.36 -8.58 -14.45
C ASP D 236 36.53 -7.60 -15.25
N ALA D 237 35.20 -7.72 -15.25
CA ALA D 237 34.32 -6.70 -15.80
C ALA D 237 33.00 -6.76 -15.06
N PRO D 238 32.20 -5.72 -15.14
CA PRO D 238 30.86 -5.80 -14.58
C PRO D 238 30.12 -6.97 -15.21
N ALA D 239 29.39 -7.70 -14.37
CA ALA D 239 28.70 -8.88 -14.87
C ALA D 239 27.71 -8.52 -15.96
N ASP D 240 27.01 -7.40 -15.78
CA ASP D 240 25.94 -7.09 -16.72
C ASP D 240 26.48 -6.88 -18.12
N SER D 241 27.66 -6.28 -18.23
CA SER D 241 28.24 -6.18 -19.56
C SER D 241 28.45 -7.56 -20.14
N LEU D 242 28.91 -8.49 -19.33
CA LEU D 242 29.05 -9.86 -19.80
C LEU D 242 27.73 -10.38 -20.34
N PHE D 243 26.68 -10.26 -19.55
CA PHE D 243 25.39 -10.81 -19.96
C PHE D 243 24.92 -10.16 -21.24
N LYS D 244 25.02 -8.85 -21.33
CA LYS D 244 24.65 -8.18 -22.55
C LYS D 244 25.48 -8.69 -23.72
N ARG D 245 26.62 -9.30 -23.46
CA ARG D 245 27.33 -9.91 -24.58
C ARG D 245 26.70 -11.21 -25.03
N ILE D 246 25.83 -11.82 -24.21
CA ILE D 246 25.01 -12.93 -24.68
C ILE D 246 23.60 -12.43 -24.85
N GLN D 247 23.28 -12.01 -26.07
CA GLN D 247 21.96 -11.48 -26.34
C GLN D 247 21.06 -12.59 -26.81
N VAL D 248 19.77 -12.46 -26.50
CA VAL D 248 18.77 -13.36 -27.03
C VAL D 248 17.64 -12.50 -27.56
N VAL D 249 17.30 -12.67 -28.82
CA VAL D 249 16.25 -11.89 -29.45
C VAL D 249 15.34 -12.83 -30.19
N LYS D 250 14.14 -12.36 -30.48
CA LYS D 250 13.30 -13.06 -31.41
C LYS D 250 13.83 -12.82 -32.81
N LYS D 251 14.05 -13.89 -33.56
CA LYS D 251 14.39 -13.71 -34.97
C LYS D 251 13.30 -12.86 -35.60
N ASP D 252 13.71 -11.80 -36.29
CA ASP D 252 12.81 -10.68 -36.52
C ASP D 252 11.51 -11.09 -37.19
N GLY D 253 11.54 -12.15 -38.00
CA GLY D 253 10.34 -12.56 -38.70
C GLY D 253 9.23 -12.99 -37.76
N VAL D 254 9.56 -13.82 -36.79
CA VAL D 254 8.52 -14.42 -35.96
C VAL D 254 8.02 -13.37 -34.97
N GLU D 255 6.72 -13.38 -34.74
CA GLU D 255 6.13 -12.54 -33.72
C GLU D 255 5.72 -13.34 -32.50
N VAL D 256 5.52 -14.63 -32.66
CA VAL D 256 5.17 -15.52 -31.58
C VAL D 256 6.10 -16.71 -31.65
N VAL D 257 6.61 -17.10 -30.55
CA VAL D 257 7.75 -18.00 -30.54
C VAL D 257 7.33 -19.38 -30.04
N ARG D 258 7.74 -20.39 -30.79
CA ARG D 258 7.33 -21.73 -30.45
C ARG D 258 8.49 -22.68 -30.25
N SER D 259 9.73 -22.28 -30.51
CA SER D 259 10.86 -23.17 -30.28
C SER D 259 12.13 -22.35 -30.37
N PHE D 260 13.22 -22.93 -29.90
CA PHE D 260 14.48 -22.21 -29.84
C PHE D 260 14.93 -21.72 -31.20
N ASP D 261 14.44 -22.32 -32.28
CA ASP D 261 14.75 -21.77 -33.58
C ASP D 261 14.16 -20.38 -33.73
N ASP D 262 13.21 -20.01 -32.89
CA ASP D 262 12.64 -18.68 -32.95
C ASP D 262 13.63 -17.64 -32.46
N TYR D 263 14.33 -17.96 -31.37
CA TYR D 263 15.24 -17.01 -30.75
C TYR D 263 16.61 -17.11 -31.37
N LEU D 264 17.09 -16.01 -31.91
CA LEU D 264 18.50 -15.90 -32.21
C LEU D 264 19.25 -15.60 -30.93
N VAL D 265 20.21 -16.45 -30.58
CA VAL D 265 21.09 -16.21 -29.45
C VAL D 265 22.44 -15.82 -30.02
N SER D 266 22.87 -14.61 -29.69
CA SER D 266 24.11 -14.08 -30.20
C SER D 266 25.13 -14.12 -29.08
N VAL D 267 26.26 -14.77 -29.36
CA VAL D 267 27.42 -14.72 -28.50
C VAL D 267 28.25 -13.54 -28.96
N ASP D 268 28.68 -12.71 -28.03
CA ASP D 268 29.62 -11.66 -28.33
C ASP D 268 30.90 -11.97 -27.58
N ASP D 269 31.74 -12.80 -28.17
CA ASP D 269 33.10 -12.99 -27.69
C ASP D 269 34.07 -12.18 -28.51
N LYS D 270 33.59 -11.13 -29.18
CA LYS D 270 34.46 -10.33 -30.02
C LYS D 270 35.57 -9.69 -29.19
N ASN D 271 35.21 -8.99 -28.13
CA ASN D 271 36.19 -8.45 -27.21
C ASN D 271 35.96 -8.94 -25.79
N LEU D 272 34.87 -9.69 -25.56
CA LEU D 272 34.72 -10.46 -24.34
C LEU D 272 36.04 -11.03 -23.86
N GLU D 273 36.83 -11.56 -24.78
CA GLU D 273 38.09 -12.12 -24.34
C GLU D 273 39.07 -10.99 -24.05
N GLU D 274 38.62 -10.00 -23.27
CA GLU D 274 39.56 -9.12 -22.63
C GLU D 274 40.50 -9.94 -21.76
N THR D 275 39.97 -10.54 -20.71
CA THR D 275 40.69 -11.64 -20.10
C THR D 275 39.69 -12.73 -19.73
N LYS D 276 38.41 -12.41 -19.77
CA LYS D 276 37.38 -13.38 -19.43
C LYS D 276 37.30 -14.42 -20.52
N LEU D 277 37.33 -15.67 -20.13
CA LEU D 277 37.14 -16.71 -21.13
C LEU D 277 35.67 -17.01 -21.26
N LEU D 278 35.30 -17.67 -22.34
CA LEU D 278 33.90 -17.97 -22.66
C LEU D 278 33.73 -19.46 -22.92
N ARG D 279 33.20 -20.19 -21.94
CA ARG D 279 32.84 -21.57 -22.19
C ARG D 279 31.42 -21.58 -22.74
N LYS D 280 31.29 -21.83 -24.04
CA LYS D 280 29.97 -22.03 -24.63
C LYS D 280 29.54 -23.46 -24.31
N LEU D 281 29.16 -23.66 -23.05
CA LEU D 281 28.89 -25.02 -22.60
C LEU D 281 27.62 -25.58 -23.21
N GLY D 282 26.48 -24.94 -22.94
CA GLY D 282 25.22 -25.50 -23.37
C GLY D 282 25.06 -25.52 -24.88
N GLY D 283 25.47 -24.45 -25.54
CA GLY D 283 25.38 -24.38 -26.98
C GLY D 283 25.87 -23.07 -27.57
N THR E 1 14.03 -52.79 -12.36
CA THR E 1 13.59 -51.52 -12.92
C THR E 1 14.22 -51.34 -14.28
N ILE E 2 13.78 -50.30 -15.00
CA ILE E 2 14.49 -49.96 -16.21
C ILE E 2 15.91 -49.59 -15.85
N GLU E 3 16.82 -49.81 -16.80
CA GLU E 3 18.20 -49.49 -16.60
C GLU E 3 18.73 -48.52 -17.64
N LYS E 4 17.87 -48.03 -18.54
CA LYS E 4 18.31 -47.06 -19.52
C LYS E 4 17.23 -46.00 -19.67
N ARG E 5 17.62 -44.74 -19.61
CA ARG E 5 16.69 -43.66 -19.84
C ARG E 5 16.22 -43.67 -21.29
N TYR E 6 15.00 -43.20 -21.51
CA TYR E 6 14.43 -43.23 -22.85
C TYR E 6 13.80 -41.90 -23.20
N ASP E 7 13.97 -41.46 -24.43
CA ASP E 7 13.38 -40.21 -24.89
C ASP E 7 12.64 -40.48 -26.18
N PHE E 8 11.32 -40.46 -26.13
CA PHE E 8 10.52 -40.90 -27.25
C PHE E 8 9.69 -39.76 -27.80
N VAL E 9 9.78 -39.57 -29.10
CA VAL E 9 8.83 -38.74 -29.85
C VAL E 9 7.64 -39.62 -30.15
N PHE E 10 6.44 -39.05 -30.13
CA PHE E 10 5.25 -39.86 -30.29
C PHE E 10 4.31 -39.30 -31.34
N LEU E 11 4.82 -39.03 -32.52
CA LEU E 11 3.95 -38.57 -33.60
C LEU E 11 2.74 -39.46 -33.73
N PHE E 12 1.59 -38.90 -33.46
CA PHE E 12 0.35 -39.61 -33.69
C PHE E 12 -0.63 -38.65 -34.33
N ASP E 13 -1.33 -39.12 -35.34
CA ASP E 13 -2.22 -38.23 -36.06
C ASP E 13 -3.65 -38.47 -35.63
N VAL E 14 -4.45 -37.43 -35.80
CA VAL E 14 -5.89 -37.57 -35.75
C VAL E 14 -6.40 -37.44 -37.18
N GLN E 15 -7.00 -38.50 -37.70
CA GLN E 15 -7.43 -38.48 -39.09
C GLN E 15 -8.65 -37.61 -39.26
N ASP E 16 -9.62 -37.75 -38.37
CA ASP E 16 -10.76 -36.86 -38.36
C ASP E 16 -11.43 -37.05 -37.00
N GLY E 17 -11.35 -36.06 -36.14
CA GLY E 17 -11.94 -36.22 -34.83
C GLY E 17 -11.30 -35.30 -33.84
N ASN E 18 -11.92 -35.25 -32.68
CA ASN E 18 -11.49 -34.39 -31.60
C ASN E 18 -10.40 -35.11 -30.84
N PRO E 19 -9.16 -34.80 -31.09
CA PRO E 19 -8.10 -35.57 -30.46
C PRO E 19 -8.18 -35.50 -28.95
N ASN E 20 -8.04 -34.31 -28.42
CA ASN E 20 -8.25 -34.11 -26.99
C ASN E 20 -9.00 -32.81 -26.85
N GLY E 21 -10.30 -32.91 -26.59
CA GLY E 21 -11.15 -31.74 -26.59
C GLY E 21 -10.77 -30.83 -25.44
N ASP E 22 -10.35 -29.62 -25.77
CA ASP E 22 -10.22 -28.63 -24.74
C ASP E 22 -11.56 -28.52 -24.02
N PRO E 23 -11.65 -28.96 -22.77
CA PRO E 23 -12.92 -28.86 -22.08
C PRO E 23 -13.25 -27.45 -21.70
N ASP E 24 -12.26 -26.56 -21.69
CA ASP E 24 -12.56 -25.14 -21.59
C ASP E 24 -13.41 -24.70 -22.76
N ALA E 25 -12.98 -25.01 -23.97
CA ALA E 25 -13.65 -24.53 -25.17
C ALA E 25 -14.67 -25.57 -25.62
N GLY E 26 -15.71 -25.71 -24.81
CA GLY E 26 -16.73 -26.70 -25.12
C GLY E 26 -16.07 -28.06 -25.22
N ASN E 27 -15.93 -28.55 -26.44
CA ASN E 27 -15.16 -29.75 -26.70
C ASN E 27 -14.11 -29.49 -27.76
N LEU E 28 -13.73 -28.25 -27.94
CA LEU E 28 -12.87 -27.87 -29.04
C LEU E 28 -11.54 -28.60 -28.93
N PRO E 29 -10.88 -28.92 -30.03
CA PRO E 29 -9.52 -29.41 -29.94
C PRO E 29 -8.63 -28.32 -29.38
N ARG E 30 -7.78 -28.67 -28.43
CA ARG E 30 -6.91 -27.69 -27.82
C ARG E 30 -6.00 -27.11 -28.88
N ILE E 31 -6.10 -25.82 -29.10
CA ILE E 31 -5.27 -25.13 -30.08
C ILE E 31 -4.27 -24.28 -29.32
N ASP E 32 -3.03 -24.28 -29.78
CA ASP E 32 -2.10 -23.29 -29.28
C ASP E 32 -2.55 -21.95 -29.81
N PRO E 33 -3.09 -21.10 -29.00
CA PRO E 33 -3.78 -19.94 -29.54
C PRO E 33 -2.84 -18.85 -29.93
N GLN E 34 -1.76 -19.17 -30.54
CA GLN E 34 -1.04 -18.13 -31.25
C GLN E 34 -0.70 -18.55 -32.65
N THR E 35 -0.28 -19.79 -32.84
CA THR E 35 0.09 -20.27 -34.14
C THR E 35 -0.93 -21.27 -34.67
N GLY E 36 -2.10 -21.34 -34.05
CA GLY E 36 -3.09 -22.29 -34.48
C GLY E 36 -2.68 -23.74 -34.32
N GLU E 37 -1.50 -24.00 -33.78
CA GLU E 37 -1.07 -25.37 -33.59
C GLU E 37 -1.99 -26.07 -32.60
N GLY E 38 -2.15 -27.37 -32.81
CA GLY E 38 -3.03 -28.18 -32.00
C GLY E 38 -2.24 -28.85 -30.88
N LEU E 39 -2.83 -28.82 -29.70
CA LEU E 39 -2.21 -29.44 -28.54
C LEU E 39 -3.10 -30.55 -28.03
N VAL E 40 -2.48 -31.65 -27.65
CA VAL E 40 -3.09 -32.63 -26.78
C VAL E 40 -2.36 -32.62 -25.47
N THR E 41 -3.10 -32.39 -24.41
CA THR E 41 -2.58 -32.66 -23.09
C THR E 41 -1.93 -34.02 -23.10
N ASP E 42 -0.63 -34.03 -22.84
CA ASP E 42 0.08 -35.26 -22.61
C ASP E 42 -0.79 -36.15 -21.74
N VAL E 43 -1.52 -35.53 -20.82
CA VAL E 43 -2.44 -36.30 -20.00
C VAL E 43 -3.41 -37.09 -20.83
N CYS E 44 -3.90 -36.54 -21.93
CA CYS E 44 -4.81 -37.33 -22.73
C CYS E 44 -4.11 -38.57 -23.26
N LEU E 45 -2.88 -38.41 -23.75
CA LEU E 45 -2.13 -39.59 -24.18
C LEU E 45 -1.95 -40.55 -23.04
N LYS E 46 -1.50 -40.06 -21.90
CA LYS E 46 -1.24 -40.94 -20.78
C LYS E 46 -2.50 -41.61 -20.32
N ARG E 47 -3.64 -40.96 -20.46
CA ARG E 47 -4.86 -41.61 -20.02
C ARG E 47 -5.32 -42.62 -21.04
N LYS E 48 -5.15 -42.35 -22.33
CA LYS E 48 -5.46 -43.40 -23.28
C LYS E 48 -4.52 -44.58 -23.10
N VAL E 49 -3.28 -44.34 -22.67
CA VAL E 49 -2.37 -45.44 -22.36
C VAL E 49 -2.85 -46.20 -21.14
N ARG E 50 -3.20 -45.48 -20.08
CA ARG E 50 -3.81 -46.13 -18.94
C ARG E 50 -4.97 -46.99 -19.38
N ASN E 51 -5.74 -46.51 -20.35
CA ASN E 51 -6.90 -47.25 -20.80
C ASN E 51 -6.48 -48.51 -21.52
N PHE E 52 -5.49 -48.37 -22.39
CA PHE E 52 -5.00 -49.53 -23.12
C PHE E 52 -4.54 -50.60 -22.14
N ILE E 53 -3.78 -50.19 -21.14
CA ILE E 53 -3.36 -51.12 -20.12
C ILE E 53 -4.57 -51.68 -19.41
N GLN E 54 -5.57 -50.84 -19.17
CA GLN E 54 -6.77 -51.26 -18.47
C GLN E 54 -7.47 -52.37 -19.22
N MET E 55 -7.31 -52.40 -20.53
CA MET E 55 -8.07 -53.34 -21.32
C MET E 55 -7.25 -54.52 -21.82
N THR E 56 -5.93 -54.46 -21.75
CA THR E 56 -5.17 -55.64 -22.18
C THR E 56 -4.56 -56.38 -20.99
N GLN E 57 -3.78 -55.70 -20.17
CA GLN E 57 -2.98 -56.42 -19.18
C GLN E 57 -3.83 -57.02 -18.08
N ASN E 58 -4.78 -56.24 -17.56
CA ASN E 58 -5.85 -56.72 -16.69
C ASN E 58 -5.39 -57.72 -15.63
N ASP E 59 -4.15 -57.58 -15.17
CA ASP E 59 -3.63 -58.48 -14.14
C ASP E 59 -2.99 -57.65 -13.05
N GLU E 60 -3.12 -58.14 -11.82
CA GLU E 60 -2.44 -57.53 -10.70
C GLU E 60 -0.93 -57.54 -10.93
N HIS E 61 -0.28 -56.46 -10.51
CA HIS E 61 1.03 -55.97 -10.98
C HIS E 61 0.95 -55.32 -12.35
N HIS E 62 -0.22 -55.18 -12.93
CA HIS E 62 -0.36 -54.31 -14.10
C HIS E 62 -1.65 -53.53 -14.06
N ASP E 63 -2.30 -53.45 -12.90
CA ASP E 63 -3.53 -52.70 -12.79
C ASP E 63 -3.25 -51.21 -13.00
N ILE E 64 -4.30 -50.42 -13.02
CA ILE E 64 -4.22 -49.02 -13.41
C ILE E 64 -4.92 -48.17 -12.38
N PHE E 65 -4.23 -47.12 -11.95
CA PHE E 65 -4.77 -46.25 -10.91
C PHE E 65 -6.01 -45.51 -11.37
N ILE E 66 -5.98 -45.00 -12.59
CA ILE E 66 -7.04 -44.12 -13.05
C ILE E 66 -8.14 -44.94 -13.72
N ARG E 67 -9.06 -45.45 -12.92
CA ARG E 67 -10.14 -46.24 -13.48
C ARG E 67 -11.35 -45.35 -13.76
N GLU E 68 -12.26 -45.88 -14.58
CA GLU E 68 -13.34 -45.06 -15.11
C GLU E 68 -14.16 -44.43 -14.01
N LYS E 69 -14.45 -45.20 -12.96
CA LYS E 69 -15.23 -44.69 -11.85
C LYS E 69 -14.56 -44.98 -10.52
N GLY E 70 -13.34 -45.49 -10.54
CA GLY E 70 -12.65 -45.79 -9.30
C GLY E 70 -12.27 -44.55 -8.53
N ILE E 71 -12.98 -44.31 -7.43
CA ILE E 71 -12.54 -43.27 -6.50
C ILE E 71 -11.12 -43.57 -6.09
N LEU E 72 -10.24 -42.58 -6.24
CA LEU E 72 -8.84 -42.85 -5.96
C LEU E 72 -8.58 -43.07 -4.49
N ASN E 73 -9.19 -42.28 -3.60
CA ASN E 73 -8.86 -42.42 -2.19
C ASN E 73 -9.29 -43.78 -1.64
N ASN E 74 -10.40 -44.33 -2.16
CA ASN E 74 -10.72 -45.72 -1.87
C ASN E 74 -9.57 -46.63 -2.25
N LEU E 75 -9.04 -46.40 -3.44
CA LEU E 75 -7.94 -47.22 -3.94
C LEU E 75 -6.69 -47.02 -3.09
N ILE E 76 -6.50 -45.80 -2.62
CA ILE E 76 -5.38 -45.49 -1.76
C ILE E 76 -5.50 -46.29 -0.47
N ASP E 77 -6.68 -46.25 0.12
CA ASP E 77 -6.93 -47.02 1.33
C ASP E 77 -6.60 -48.48 1.12
N GLU E 78 -7.17 -49.08 0.08
CA GLU E 78 -6.93 -50.50 -0.13
C GLU E 78 -5.44 -50.77 -0.32
N ALA E 79 -4.70 -49.76 -0.80
CA ALA E 79 -3.25 -49.88 -0.74
C ALA E 79 -2.77 -49.96 0.71
N HIS E 80 -3.23 -49.06 1.56
CA HIS E 80 -2.71 -49.03 2.92
C HIS E 80 -3.01 -50.29 3.70
N GLU E 81 -3.99 -51.09 3.28
CA GLU E 81 -4.26 -52.35 3.93
C GLU E 81 -3.66 -53.53 3.17
N GLN E 82 -2.58 -53.30 2.43
CA GLN E 82 -1.77 -54.40 1.91
C GLN E 82 -0.82 -54.84 3.01
N GLU E 83 0.18 -55.66 2.66
CA GLU E 83 1.10 -56.21 3.66
C GLU E 83 1.57 -55.16 4.65
N ASN E 84 1.60 -53.91 4.22
CA ASN E 84 1.90 -52.79 5.10
C ASN E 84 0.62 -52.22 5.70
N VAL E 85 -0.21 -53.11 6.26
CA VAL E 85 -1.44 -52.65 6.90
C VAL E 85 -1.12 -51.58 7.92
N LYS E 86 -0.38 -51.94 8.95
CA LYS E 86 0.33 -50.96 9.77
C LYS E 86 1.78 -51.37 9.94
N GLY E 87 2.33 -52.15 9.01
CA GLY E 87 3.65 -52.68 9.19
C GLY E 87 4.72 -51.60 9.21
N LYS E 88 4.51 -50.53 8.46
CA LYS E 88 5.60 -49.65 8.06
C LYS E 88 5.52 -48.22 8.60
N GLU E 89 5.35 -48.02 9.92
CA GLU E 89 5.86 -46.79 10.57
C GLU E 89 5.41 -45.48 9.91
N LYS E 90 4.32 -44.88 10.42
CA LYS E 90 3.66 -43.73 9.80
C LYS E 90 4.59 -42.88 8.95
N GLY E 91 5.82 -42.64 9.42
CA GLY E 91 6.80 -42.00 8.57
C GLY E 91 6.99 -42.72 7.24
N GLU E 92 7.05 -44.05 7.27
CA GLU E 92 7.30 -44.83 6.07
C GLU E 92 6.05 -45.52 5.53
N LYS E 93 4.89 -45.31 6.15
CA LYS E 93 3.68 -45.89 5.57
C LYS E 93 3.51 -45.43 4.14
N THR E 94 3.71 -44.13 3.92
CA THR E 94 3.55 -43.58 2.60
C THR E 94 4.51 -44.22 1.62
N GLU E 95 5.78 -44.35 2.01
CA GLU E 95 6.74 -44.94 1.10
C GLU E 95 6.35 -46.38 0.79
N ALA E 96 5.87 -47.10 1.78
CA ALA E 96 5.53 -48.49 1.55
C ALA E 96 4.31 -48.62 0.65
N ALA E 97 3.29 -47.77 0.87
CA ALA E 97 2.12 -47.81 0.03
C ALA E 97 2.46 -47.42 -1.40
N ARG E 98 3.33 -46.42 -1.56
CA ARG E 98 3.86 -46.12 -2.87
C ARG E 98 4.50 -47.34 -3.48
N GLN E 99 5.30 -48.06 -2.69
CA GLN E 99 5.93 -49.26 -3.23
C GLN E 99 4.88 -50.24 -3.70
N TYR E 100 3.83 -50.42 -2.90
CA TYR E 100 2.81 -51.39 -3.27
C TYR E 100 2.14 -50.99 -4.58
N MET E 101 1.69 -49.75 -4.68
CA MET E 101 1.04 -49.39 -5.94
C MET E 101 2.00 -49.35 -7.10
N CYS E 102 3.22 -48.84 -6.93
CA CYS E 102 4.18 -48.90 -8.03
C CYS E 102 4.29 -50.32 -8.54
N SER E 103 4.35 -51.29 -7.64
CA SER E 103 4.30 -52.67 -8.08
C SER E 103 2.99 -52.94 -8.81
N ARG E 104 1.89 -52.85 -8.08
CA ARG E 104 0.62 -53.38 -8.55
C ARG E 104 0.06 -52.56 -9.70
N TYR E 105 0.14 -51.25 -9.61
CA TYR E 105 -0.56 -50.35 -10.53
C TYR E 105 0.42 -49.92 -11.62
N TYR E 106 0.34 -50.57 -12.77
CA TYR E 106 1.24 -50.23 -13.85
C TYR E 106 1.18 -48.75 -14.15
N ASP E 107 -0.01 -48.16 -14.03
CA ASP E 107 -0.11 -46.73 -14.24
C ASP E 107 0.89 -46.00 -13.37
N ILE E 108 0.88 -46.29 -12.08
CA ILE E 108 1.68 -45.51 -11.16
C ILE E 108 3.16 -45.59 -11.52
N ARG E 109 3.74 -46.78 -11.42
CA ARG E 109 5.16 -46.85 -11.72
C ARG E 109 5.43 -46.59 -13.18
N THR E 110 4.40 -46.37 -13.98
CA THR E 110 4.61 -45.87 -15.33
C THR E 110 4.52 -44.36 -15.34
N PHE E 111 3.33 -43.83 -15.08
CA PHE E 111 3.13 -42.40 -14.96
C PHE E 111 2.93 -42.10 -13.49
N GLY E 112 3.59 -41.07 -13.00
CA GLY E 112 3.46 -40.74 -11.60
C GLY E 112 2.03 -40.46 -11.22
N ALA E 113 1.81 -40.32 -9.92
CA ALA E 113 0.50 -39.89 -9.48
C ALA E 113 0.61 -39.28 -8.11
N VAL E 114 -0.22 -38.28 -7.87
CA VAL E 114 -0.32 -37.66 -6.56
C VAL E 114 -1.17 -38.58 -5.72
N MET E 115 -0.66 -38.93 -4.57
CA MET E 115 -1.23 -40.03 -3.81
C MET E 115 -1.16 -39.71 -2.33
N THR E 116 -0.97 -38.43 -2.02
CA THR E 116 -1.17 -37.84 -0.72
C THR E 116 -2.62 -37.45 -0.49
N THR E 117 -3.49 -37.78 -1.43
CA THR E 117 -4.86 -37.26 -1.41
C THR E 117 -5.58 -37.65 -0.13
N GLY E 118 -5.63 -38.94 0.16
CA GLY E 118 -6.29 -39.38 1.37
C GLY E 118 -5.25 -39.79 2.38
N LYS E 119 -5.29 -41.05 2.81
CA LYS E 119 -4.18 -41.60 3.55
C LYS E 119 -2.95 -41.49 2.67
N ASN E 120 -2.01 -40.63 3.04
CA ASN E 120 -0.83 -40.37 2.22
C ASN E 120 -0.19 -41.68 1.76
N ALA E 121 -0.19 -41.91 0.45
CA ALA E 121 0.43 -43.10 -0.09
C ALA E 121 1.49 -42.79 -1.13
N GLY E 122 1.88 -41.53 -1.28
CA GLY E 122 3.08 -41.19 -2.00
C GLY E 122 2.89 -40.00 -2.91
N GLN E 123 4.01 -39.59 -3.50
CA GLN E 123 4.10 -38.55 -4.51
C GLN E 123 4.88 -39.06 -5.70
N VAL E 124 4.49 -40.24 -6.17
CA VAL E 124 5.22 -40.94 -7.22
C VAL E 124 5.53 -39.97 -8.34
N ARG E 125 6.80 -39.82 -8.67
CA ARG E 125 7.07 -38.82 -9.69
C ARG E 125 6.85 -39.36 -11.07
N GLY E 126 7.02 -40.66 -11.25
CA GLY E 126 6.66 -41.25 -12.51
C GLY E 126 7.82 -41.23 -13.47
N PRO E 127 8.34 -42.40 -13.78
CA PRO E 127 9.48 -42.48 -14.68
C PRO E 127 9.08 -42.14 -16.08
N VAL E 128 7.85 -42.43 -16.45
CA VAL E 128 7.38 -42.26 -17.80
C VAL E 128 6.61 -40.97 -17.82
N GLN E 129 7.05 -40.02 -18.62
CA GLN E 129 6.45 -38.70 -18.54
C GLN E 129 6.36 -38.09 -19.92
N LEU E 130 5.14 -37.87 -20.38
CA LEU E 130 4.91 -37.37 -21.72
C LEU E 130 4.76 -35.86 -21.69
N THR E 131 5.23 -35.21 -22.74
CA THR E 131 5.00 -33.79 -22.84
C THR E 131 3.70 -33.53 -23.57
N PHE E 132 3.21 -32.31 -23.47
CA PHE E 132 2.08 -31.94 -24.30
C PHE E 132 2.45 -32.16 -25.75
N SER E 133 1.53 -32.74 -26.50
CA SER E 133 1.83 -33.09 -27.87
C SER E 133 1.46 -31.91 -28.77
N ARG E 134 2.48 -31.21 -29.24
CA ARG E 134 2.30 -30.18 -30.23
C ARG E 134 1.81 -30.79 -31.53
N SER E 135 0.97 -30.06 -32.25
CA SER E 135 0.70 -30.40 -33.64
C SER E 135 1.85 -29.92 -34.49
N ILE E 136 2.27 -30.74 -35.45
CA ILE E 136 3.31 -30.30 -36.36
C ILE E 136 2.87 -29.05 -37.10
N ASP E 137 1.61 -29.00 -37.51
CA ASP E 137 1.12 -27.84 -38.23
C ASP E 137 -0.32 -27.60 -37.85
N PRO E 138 -0.79 -26.35 -37.91
CA PRO E 138 -1.99 -25.98 -37.18
C PRO E 138 -3.17 -26.86 -37.51
N ILE E 139 -3.78 -27.43 -36.48
CA ILE E 139 -5.01 -28.16 -36.67
C ILE E 139 -6.07 -27.18 -37.12
N MET E 140 -6.78 -27.51 -38.17
CA MET E 140 -7.76 -26.59 -38.68
C MET E 140 -9.15 -27.05 -38.25
N THR E 141 -9.42 -26.92 -36.96
CA THR E 141 -10.68 -27.37 -36.37
C THR E 141 -11.85 -26.98 -37.26
N LEU E 142 -12.77 -27.91 -37.46
CA LEU E 142 -13.81 -27.68 -38.44
C LEU E 142 -15.19 -27.47 -37.85
N GLU E 143 -15.38 -27.69 -36.56
CA GLU E 143 -16.61 -27.29 -35.89
C GLU E 143 -17.85 -27.87 -36.59
N HIS E 144 -17.94 -29.19 -36.59
CA HIS E 144 -19.06 -29.85 -37.24
C HIS E 144 -20.24 -29.93 -36.30
N SER E 145 -21.27 -29.16 -36.60
CA SER E 145 -22.48 -29.13 -35.80
C SER E 145 -23.41 -30.22 -36.29
N ILE E 146 -23.91 -31.04 -35.38
CA ILE E 146 -24.62 -32.25 -35.75
C ILE E 146 -25.97 -32.32 -35.07
N THR E 147 -26.85 -33.16 -35.60
CA THR E 147 -28.25 -33.17 -35.21
C THR E 147 -28.61 -34.50 -34.58
N ARG E 148 -28.88 -34.47 -33.29
CA ARG E 148 -29.37 -35.66 -32.60
C ARG E 148 -30.81 -35.89 -33.00
N MET E 149 -31.05 -36.85 -33.88
CA MET E 149 -32.41 -37.00 -34.36
C MET E 149 -33.39 -37.47 -33.29
N ALA E 150 -32.94 -37.55 -32.05
CA ALA E 150 -33.82 -37.54 -30.91
C ALA E 150 -33.36 -36.43 -29.97
N VAL E 151 -34.29 -35.86 -29.23
CA VAL E 151 -34.00 -34.72 -28.38
C VAL E 151 -33.84 -35.20 -26.95
N THR E 152 -32.97 -34.52 -26.21
CA THR E 152 -32.57 -34.99 -24.89
C THR E 152 -33.74 -35.03 -23.91
N ASN E 153 -34.46 -33.92 -23.79
CA ASN E 153 -35.36 -33.72 -22.66
C ASN E 153 -36.76 -33.39 -23.15
N GLU E 154 -37.73 -33.73 -22.30
CA GLU E 154 -39.11 -33.36 -22.54
C GLU E 154 -39.32 -31.84 -22.55
N LYS E 155 -38.62 -31.12 -21.68
CA LYS E 155 -39.07 -29.77 -21.33
C LYS E 155 -39.03 -28.84 -22.54
N ASP E 156 -37.83 -28.59 -23.08
CA ASP E 156 -37.69 -27.74 -24.24
C ASP E 156 -36.99 -28.40 -25.40
N ALA E 157 -36.19 -29.44 -25.17
CA ALA E 157 -35.63 -30.19 -26.28
C ALA E 157 -36.75 -30.80 -27.12
N SER E 158 -37.78 -31.32 -26.47
CA SER E 158 -38.93 -31.86 -27.17
C SER E 158 -39.67 -30.78 -27.94
N ARG E 164 -34.81 -29.18 -31.29
CA ARG E 164 -33.84 -29.98 -32.03
C ARG E 164 -32.50 -29.26 -32.10
N THR E 165 -32.19 -28.48 -31.07
CA THR E 165 -30.93 -27.72 -31.05
C THR E 165 -29.76 -28.65 -31.24
N MET E 166 -28.81 -28.20 -32.03
CA MET E 166 -27.87 -29.05 -32.75
C MET E 166 -26.54 -29.11 -32.03
N GLY E 167 -26.09 -30.33 -31.74
CA GLY E 167 -24.79 -30.52 -31.15
C GLY E 167 -23.67 -30.38 -32.17
N ARG E 168 -22.46 -30.27 -31.65
CA ARG E 168 -21.27 -30.14 -32.47
C ARG E 168 -20.26 -31.19 -32.06
N LYS E 169 -19.55 -31.71 -33.05
CA LYS E 169 -18.47 -32.68 -32.84
C LYS E 169 -17.27 -32.10 -33.55
N PHE E 170 -16.53 -31.26 -32.85
CA PHE E 170 -15.37 -30.66 -33.47
C PHE E 170 -14.40 -31.76 -33.86
N THR E 171 -13.85 -31.66 -35.05
CA THR E 171 -12.92 -32.65 -35.54
C THR E 171 -11.76 -31.97 -36.21
N VAL E 172 -10.56 -32.26 -35.75
CA VAL E 172 -9.42 -31.86 -36.56
C VAL E 172 -9.48 -32.60 -37.87
N PRO E 173 -9.47 -31.92 -39.00
CA PRO E 173 -9.40 -32.65 -40.26
C PRO E 173 -8.15 -33.46 -40.38
N TYR E 174 -7.05 -32.96 -39.83
CA TYR E 174 -5.84 -33.77 -39.73
C TYR E 174 -4.81 -33.04 -38.89
N GLY E 175 -4.10 -33.78 -38.06
CA GLY E 175 -3.03 -33.20 -37.30
C GLY E 175 -2.09 -34.26 -36.78
N LEU E 176 -0.80 -34.11 -37.05
CA LEU E 176 0.20 -34.99 -36.48
C LEU E 176 0.67 -34.37 -35.18
N TYR E 177 0.05 -34.79 -34.11
CA TYR E 177 0.47 -34.35 -32.80
C TYR E 177 1.82 -34.96 -32.46
N ARG E 178 2.75 -34.10 -32.07
CA ARG E 178 4.10 -34.52 -31.73
C ARG E 178 4.23 -34.52 -30.22
N CYS E 179 4.21 -35.69 -29.62
CA CYS E 179 4.36 -35.85 -28.19
C CYS E 179 5.77 -36.27 -27.86
N HIS E 180 6.47 -35.45 -27.10
CA HIS E 180 7.71 -35.88 -26.52
C HIS E 180 7.43 -36.48 -25.17
N GLY E 181 8.28 -37.42 -24.78
CA GLY E 181 8.15 -38.04 -23.49
C GLY E 181 9.44 -38.70 -23.12
N PHE E 182 9.53 -39.08 -21.87
CA PHE E 182 10.78 -39.46 -21.26
C PHE E 182 10.58 -40.62 -20.33
N ILE E 183 11.67 -41.30 -20.03
CA ILE E 183 11.65 -42.46 -19.19
C ILE E 183 12.89 -42.31 -18.32
N SER E 184 12.70 -41.89 -17.08
CA SER E 184 13.83 -41.64 -16.19
C SER E 184 14.11 -42.91 -15.39
N THR E 185 15.32 -43.42 -15.51
CA THR E 185 15.69 -44.59 -14.74
C THR E 185 15.55 -44.32 -13.26
N HIS E 186 15.88 -43.11 -12.83
CA HIS E 186 15.98 -42.85 -11.40
C HIS E 186 14.62 -42.93 -10.75
N PHE E 187 13.63 -42.27 -11.32
CA PHE E 187 12.32 -42.35 -10.73
C PHE E 187 11.72 -43.72 -10.94
N ALA E 188 12.12 -44.39 -12.01
CA ALA E 188 11.79 -45.80 -12.15
C ALA E 188 12.25 -46.57 -10.93
N LYS E 189 13.50 -46.36 -10.54
CA LYS E 189 14.03 -46.99 -9.35
C LYS E 189 13.19 -46.65 -8.14
N GLN E 190 12.80 -45.39 -8.03
CA GLN E 190 11.87 -45.03 -6.96
C GLN E 190 10.57 -45.80 -7.07
N THR E 191 10.24 -46.31 -8.25
CA THR E 191 8.94 -46.90 -8.49
C THR E 191 8.99 -48.32 -9.02
N GLY E 192 10.17 -48.91 -9.13
CA GLY E 192 10.23 -50.27 -9.64
C GLY E 192 9.68 -50.41 -11.04
N PHE E 193 9.88 -49.40 -11.87
CA PHE E 193 9.34 -49.43 -13.22
C PHE E 193 10.10 -50.44 -14.05
N SER E 194 9.59 -51.67 -14.09
CA SER E 194 10.29 -52.74 -14.76
C SER E 194 10.42 -52.45 -16.25
N GLU E 195 11.56 -52.83 -16.81
CA GLU E 195 11.70 -52.74 -18.26
C GLU E 195 10.61 -53.53 -18.96
N ASN E 196 10.08 -54.55 -18.29
CA ASN E 196 8.88 -55.19 -18.80
C ASN E 196 7.73 -54.20 -18.88
N ASP E 197 7.56 -53.40 -17.82
CA ASP E 197 6.52 -52.39 -17.87
C ASP E 197 6.74 -51.44 -19.02
N LEU E 198 7.99 -51.13 -19.32
CA LEU E 198 8.27 -50.22 -20.42
C LEU E 198 8.05 -50.87 -21.77
N GLU E 199 8.28 -52.16 -21.89
CA GLU E 199 7.89 -52.81 -23.13
C GLU E 199 6.39 -52.78 -23.30
N LEU E 200 5.66 -53.01 -22.20
CA LEU E 200 4.23 -52.78 -22.22
C LEU E 200 3.92 -51.36 -22.64
N PHE E 201 4.70 -50.40 -22.17
CA PHE E 201 4.46 -49.01 -22.53
C PHE E 201 4.63 -48.79 -24.02
N TRP E 202 5.71 -49.30 -24.59
CA TRP E 202 5.90 -49.15 -26.02
C TRP E 202 4.73 -49.76 -26.78
N GLN E 203 4.43 -51.01 -26.47
CA GLN E 203 3.35 -51.70 -27.17
C GLN E 203 2.04 -50.96 -26.96
N ALA E 204 1.89 -50.34 -25.81
CA ALA E 204 0.74 -49.49 -25.58
C ALA E 204 0.73 -48.36 -26.60
N LEU E 205 1.70 -47.46 -26.51
CA LEU E 205 1.65 -46.28 -27.36
C LEU E 205 1.41 -46.64 -28.80
N VAL E 206 2.19 -47.56 -29.33
CA VAL E 206 1.99 -47.82 -30.75
C VAL E 206 0.69 -48.56 -30.98
N ASN E 207 0.08 -49.14 -29.94
CA ASN E 207 -1.20 -49.82 -30.11
C ASN E 207 -2.25 -49.29 -29.15
N MET E 208 -2.02 -48.14 -28.54
CA MET E 208 -2.98 -47.57 -27.60
C MET E 208 -4.21 -47.01 -28.33
N PHE E 209 -4.00 -46.35 -29.46
CA PHE E 209 -5.12 -45.66 -30.08
C PHE E 209 -6.11 -46.66 -30.65
N ASP E 210 -5.61 -47.69 -31.31
CA ASP E 210 -6.49 -48.66 -31.91
C ASP E 210 -7.47 -49.25 -30.91
N HIS E 211 -7.23 -49.03 -29.62
CA HIS E 211 -8.16 -49.49 -28.60
C HIS E 211 -8.83 -48.33 -27.89
N ASP E 212 -8.76 -47.13 -28.45
CA ASP E 212 -9.53 -46.00 -27.95
C ASP E 212 -10.16 -45.31 -29.14
N HIS E 213 -11.42 -45.61 -29.39
CA HIS E 213 -12.16 -44.99 -30.47
C HIS E 213 -13.51 -44.56 -29.95
N SER E 214 -13.97 -43.41 -30.44
CA SER E 214 -15.26 -42.88 -30.04
C SER E 214 -15.76 -42.03 -31.17
N ALA E 215 -16.98 -41.53 -31.00
CA ALA E 215 -17.50 -40.55 -31.94
C ALA E 215 -16.55 -39.36 -32.04
N ALA E 216 -16.23 -38.76 -30.89
CA ALA E 216 -15.51 -37.50 -30.91
C ALA E 216 -14.12 -37.66 -31.49
N ARG E 217 -13.44 -38.75 -31.18
CA ARG E 217 -12.05 -38.85 -31.63
C ARG E 217 -11.96 -39.38 -33.04
N GLY E 218 -12.95 -40.13 -33.49
CA GLY E 218 -12.83 -40.68 -34.81
C GLY E 218 -11.56 -41.50 -34.91
N GLN E 219 -10.79 -41.24 -35.95
CA GLN E 219 -9.63 -42.07 -36.26
C GLN E 219 -8.36 -41.37 -35.84
N MET E 220 -7.87 -41.67 -34.64
CA MET E 220 -6.50 -41.34 -34.29
C MET E 220 -5.64 -42.56 -34.49
N ASN E 221 -4.44 -42.35 -34.99
CA ASN E 221 -3.52 -43.44 -35.24
C ASN E 221 -2.17 -43.05 -34.68
N ALA E 222 -1.65 -43.87 -33.80
CA ALA E 222 -0.30 -43.57 -33.33
C ALA E 222 0.60 -43.68 -34.54
N ARG E 223 1.03 -42.53 -35.06
CA ARG E 223 1.74 -42.54 -36.33
C ARG E 223 3.18 -42.95 -36.14
N GLY E 224 3.94 -42.18 -35.40
CA GLY E 224 5.35 -42.47 -35.18
C GLY E 224 5.69 -42.43 -33.71
N LEU E 225 6.53 -43.35 -33.29
CA LEU E 225 7.04 -43.39 -31.94
C LEU E 225 8.54 -43.52 -31.98
N TYR E 226 9.16 -42.63 -32.74
CA TYR E 226 10.59 -42.62 -32.82
C TYR E 226 11.17 -42.45 -31.43
N VAL E 227 12.07 -43.36 -31.04
CA VAL E 227 12.52 -43.50 -29.65
C VAL E 227 14.04 -43.39 -29.63
N PHE E 228 14.56 -42.76 -28.58
CA PHE E 228 15.98 -42.74 -28.28
C PHE E 228 16.23 -43.52 -27.01
N GLU E 229 17.21 -44.39 -27.03
CA GLU E 229 17.59 -45.16 -25.87
C GLU E 229 18.81 -44.49 -25.28
N HIS E 230 18.60 -43.73 -24.20
CA HIS E 230 19.70 -43.16 -23.48
C HIS E 230 20.59 -44.28 -22.97
N SER E 231 21.86 -44.29 -23.37
CA SER E 231 22.72 -45.39 -22.97
C SER E 231 22.94 -45.40 -21.46
N ASN E 232 23.38 -44.29 -20.90
CA ASN E 232 23.59 -44.26 -19.47
C ASN E 232 22.28 -43.93 -18.77
N ASN E 233 22.23 -44.23 -17.47
CA ASN E 233 21.16 -43.67 -16.67
C ASN E 233 21.22 -42.16 -16.70
N LEU E 234 22.43 -41.62 -16.64
CA LEU E 234 22.62 -40.22 -16.97
C LEU E 234 22.32 -40.02 -18.44
N GLY E 235 21.56 -38.98 -18.75
CA GLY E 235 21.25 -38.66 -20.13
C GLY E 235 22.51 -38.25 -20.85
N ASP E 236 22.94 -39.02 -21.83
CA ASP E 236 24.23 -38.74 -22.44
C ASP E 236 24.18 -37.55 -23.39
N ALA E 237 23.07 -37.41 -24.11
CA ALA E 237 22.94 -36.27 -25.01
C ALA E 237 21.69 -35.49 -24.63
N PRO E 238 21.69 -34.18 -24.84
CA PRO E 238 20.53 -33.40 -24.42
C PRO E 238 19.28 -33.85 -25.15
N ALA E 239 18.16 -33.87 -24.43
CA ALA E 239 16.92 -34.38 -24.99
C ALA E 239 16.55 -33.64 -26.26
N ASP E 240 16.64 -32.31 -26.22
CA ASP E 240 16.20 -31.52 -27.36
C ASP E 240 16.99 -31.85 -28.61
N SER E 241 18.28 -32.14 -28.46
CA SER E 241 19.04 -32.54 -29.64
C SER E 241 18.47 -33.81 -30.24
N LEU E 242 18.15 -34.79 -29.40
CA LEU E 242 17.56 -36.02 -29.91
C LEU E 242 16.24 -35.74 -30.60
N PHE E 243 15.38 -34.95 -29.98
CA PHE E 243 14.12 -34.64 -30.61
C PHE E 243 14.33 -33.96 -31.96
N LYS E 244 15.24 -33.01 -32.02
CA LYS E 244 15.55 -32.39 -33.29
C LYS E 244 16.02 -33.44 -34.29
N ARG E 245 16.54 -34.58 -33.84
CA ARG E 245 16.85 -35.66 -34.77
C ARG E 245 15.57 -36.14 -35.46
N ILE E 246 14.49 -36.29 -34.70
CA ILE E 246 13.21 -36.72 -35.27
C ILE E 246 12.44 -35.45 -35.61
N GLN E 247 12.67 -34.93 -36.80
CA GLN E 247 11.97 -33.74 -37.23
C GLN E 247 10.88 -34.11 -38.21
N VAL E 248 9.79 -33.36 -38.14
CA VAL E 248 8.59 -33.60 -38.94
C VAL E 248 8.19 -32.29 -39.59
N VAL E 249 7.90 -32.34 -40.88
CA VAL E 249 7.61 -31.13 -41.62
C VAL E 249 6.61 -31.45 -42.72
N LYS E 250 5.71 -30.50 -42.96
CA LYS E 250 4.85 -30.57 -44.13
C LYS E 250 5.68 -30.69 -45.38
N LYS E 251 5.31 -31.58 -46.29
CA LYS E 251 5.87 -31.43 -47.63
C LYS E 251 5.45 -30.08 -48.21
N ASP E 252 6.40 -29.43 -48.86
CA ASP E 252 6.14 -28.16 -49.51
C ASP E 252 5.00 -28.26 -50.51
N GLY E 253 4.79 -29.44 -51.08
CA GLY E 253 3.75 -29.59 -52.09
C GLY E 253 2.37 -29.22 -51.56
N VAL E 254 2.10 -29.57 -50.31
CA VAL E 254 0.82 -29.30 -49.70
C VAL E 254 0.95 -28.04 -48.86
N GLU E 255 0.07 -27.07 -49.10
CA GLU E 255 -0.01 -25.91 -48.24
C GLU E 255 -0.63 -26.27 -46.90
N VAL E 256 -1.35 -27.40 -46.88
CA VAL E 256 -2.12 -27.84 -45.73
C VAL E 256 -1.98 -29.33 -45.61
N VAL E 257 -2.73 -29.89 -44.67
CA VAL E 257 -2.52 -31.26 -44.23
C VAL E 257 -3.82 -32.03 -44.33
N ARG E 258 -3.75 -33.24 -44.85
CA ARG E 258 -4.88 -34.14 -44.87
C ARG E 258 -4.53 -35.57 -44.52
N SER E 259 -3.26 -35.93 -44.49
CA SER E 259 -2.85 -37.28 -44.12
C SER E 259 -1.41 -37.23 -43.65
N PHE E 260 -1.00 -38.32 -43.00
CA PHE E 260 0.41 -38.45 -42.70
C PHE E 260 1.24 -38.43 -43.96
N ASP E 261 0.62 -38.74 -45.10
CA ASP E 261 1.29 -38.55 -46.37
C ASP E 261 1.51 -37.08 -46.68
N ASP E 262 0.99 -36.18 -45.84
CA ASP E 262 1.33 -34.78 -46.01
C ASP E 262 2.54 -34.40 -45.16
N TYR E 263 2.93 -35.28 -44.25
CA TYR E 263 4.00 -35.04 -43.31
C TYR E 263 5.19 -35.95 -43.54
N LEU E 264 6.35 -35.34 -43.69
CA LEU E 264 7.60 -36.06 -43.80
C LEU E 264 8.26 -36.08 -42.43
N VAL E 265 8.55 -37.28 -41.95
CA VAL E 265 9.27 -37.45 -40.70
C VAL E 265 10.68 -37.91 -41.05
N SER E 266 11.59 -36.97 -41.16
CA SER E 266 12.96 -37.30 -41.57
C SER E 266 13.73 -37.63 -40.32
N VAL E 267 13.70 -38.90 -39.93
CA VAL E 267 14.59 -39.37 -38.87
C VAL E 267 16.02 -38.97 -39.19
N ASP E 268 16.79 -38.68 -38.14
CA ASP E 268 18.20 -38.36 -38.26
C ASP E 268 18.98 -39.34 -37.38
N ASP E 269 19.47 -40.40 -37.99
CA ASP E 269 20.28 -41.39 -37.29
C ASP E 269 21.77 -41.17 -37.53
N LYS E 270 22.17 -39.94 -37.85
CA LYS E 270 23.54 -39.70 -38.26
C LYS E 270 24.53 -40.00 -37.14
N ASN E 271 24.30 -39.46 -35.96
CA ASN E 271 25.29 -39.56 -34.90
C ASN E 271 24.71 -39.94 -33.55
N LEU E 272 23.39 -40.07 -33.44
CA LEU E 272 22.79 -40.48 -32.18
C LEU E 272 23.32 -41.82 -31.72
N GLU E 273 23.77 -42.66 -32.66
CA GLU E 273 24.37 -43.93 -32.30
C GLU E 273 25.60 -43.76 -31.44
N GLU E 274 26.02 -42.52 -31.19
CA GLU E 274 27.01 -42.25 -30.18
C GLU E 274 26.71 -43.05 -28.91
N THR E 275 25.55 -42.81 -28.32
CA THR E 275 25.11 -43.63 -27.19
C THR E 275 23.65 -44.02 -27.33
N LYS E 276 22.91 -43.27 -28.14
CA LYS E 276 21.47 -43.46 -28.25
C LYS E 276 21.17 -44.61 -29.20
N LEU E 277 20.46 -45.61 -28.70
CA LEU E 277 19.98 -46.68 -29.56
C LEU E 277 18.59 -46.30 -30.02
N LEU E 278 18.50 -45.55 -31.11
CA LEU E 278 17.20 -45.15 -31.62
C LEU E 278 16.40 -46.37 -32.02
N ARG E 279 15.09 -46.29 -31.80
CA ARG E 279 14.17 -47.38 -32.12
C ARG E 279 12.97 -46.80 -32.86
N LYS E 280 12.97 -46.91 -34.18
CA LYS E 280 11.85 -46.37 -34.97
C LYS E 280 10.66 -47.26 -34.67
N LEU E 281 10.14 -47.11 -33.46
CA LEU E 281 9.18 -48.08 -32.96
C LEU E 281 7.86 -48.03 -33.72
N GLY E 282 7.28 -46.86 -33.87
CA GLY E 282 5.93 -46.77 -34.38
C GLY E 282 5.84 -46.46 -35.85
N GLY E 283 6.95 -46.13 -36.47
CA GLY E 283 6.94 -45.76 -37.88
C GLY E 283 8.27 -45.93 -38.58
N THR F 1 -20.14 -61.82 -26.06
CA THR F 1 -19.61 -60.59 -26.63
C THR F 1 -18.68 -60.91 -27.78
N ILE F 2 -18.51 -59.94 -28.69
CA ILE F 2 -17.58 -60.15 -29.78
C ILE F 2 -16.16 -60.28 -29.24
N GLU F 3 -15.31 -60.95 -30.01
CA GLU F 3 -13.95 -61.18 -29.59
C GLU F 3 -12.92 -61.06 -30.71
N LYS F 4 -13.31 -60.65 -31.91
CA LYS F 4 -12.41 -60.29 -32.98
C LYS F 4 -12.46 -58.78 -33.14
N ARG F 5 -11.31 -58.12 -33.19
CA ARG F 5 -11.30 -56.65 -33.23
C ARG F 5 -11.36 -56.15 -34.67
N TYR F 6 -12.56 -56.26 -35.23
CA TYR F 6 -12.83 -55.84 -36.60
C TYR F 6 -12.55 -54.36 -36.79
N ASP F 7 -11.96 -54.02 -37.93
CA ASP F 7 -11.82 -52.62 -38.32
C ASP F 7 -12.31 -52.46 -39.74
N PHE F 8 -13.40 -51.73 -39.92
CA PHE F 8 -14.12 -51.71 -41.18
C PHE F 8 -13.93 -50.37 -41.86
N VAL F 9 -13.35 -50.41 -43.05
CA VAL F 9 -13.38 -49.26 -43.93
C VAL F 9 -14.68 -49.32 -44.70
N PHE F 10 -15.51 -48.32 -44.52
CA PHE F 10 -16.76 -48.18 -45.22
C PHE F 10 -16.57 -47.27 -46.41
N LEU F 11 -17.17 -47.64 -47.53
CA LEU F 11 -17.11 -46.84 -48.74
C LEU F 11 -18.54 -46.69 -49.24
N PHE F 12 -19.03 -45.47 -49.31
CA PHE F 12 -20.34 -45.28 -49.88
C PHE F 12 -20.36 -44.07 -50.77
N ASP F 13 -20.99 -44.23 -51.91
CA ASP F 13 -21.13 -43.16 -52.87
C ASP F 13 -22.27 -42.25 -52.43
N VAL F 14 -22.22 -41.04 -52.93
CA VAL F 14 -23.38 -40.18 -53.02
C VAL F 14 -23.63 -39.98 -54.50
N GLN F 15 -24.66 -40.67 -55.00
CA GLN F 15 -24.92 -40.74 -56.43
C GLN F 15 -25.56 -39.47 -56.95
N ASP F 16 -26.32 -38.79 -56.10
CA ASP F 16 -26.85 -37.47 -56.38
C ASP F 16 -27.50 -36.93 -55.12
N GLY F 17 -27.38 -35.64 -54.89
CA GLY F 17 -28.09 -35.08 -53.77
C GLY F 17 -27.21 -34.81 -52.56
N ASN F 18 -27.79 -34.98 -51.39
CA ASN F 18 -27.20 -34.49 -50.16
C ASN F 18 -26.73 -35.66 -49.33
N PRO F 19 -25.45 -35.93 -49.26
CA PRO F 19 -24.98 -37.04 -48.43
C PRO F 19 -25.28 -36.77 -46.96
N ASN F 20 -24.72 -35.69 -46.44
CA ASN F 20 -25.23 -35.09 -45.23
C ASN F 20 -24.88 -33.61 -45.26
N GLY F 21 -25.88 -32.78 -45.03
CA GLY F 21 -25.71 -31.36 -45.13
C GLY F 21 -24.94 -30.82 -43.94
N ASP F 22 -24.54 -29.57 -44.06
CA ASP F 22 -23.95 -28.88 -42.93
C ASP F 22 -25.03 -28.05 -42.26
N PRO F 23 -25.56 -28.48 -41.12
CA PRO F 23 -26.53 -27.66 -40.42
C PRO F 23 -25.96 -26.31 -40.07
N ASP F 24 -24.64 -26.24 -39.90
CA ASP F 24 -24.02 -24.93 -39.89
C ASP F 24 -24.19 -24.29 -41.25
N ALA F 25 -23.56 -24.85 -42.28
CA ALA F 25 -23.63 -24.23 -43.60
C ALA F 25 -24.98 -24.45 -44.27
N GLY F 26 -26.04 -23.95 -43.65
CA GLY F 26 -27.37 -24.09 -44.18
C GLY F 26 -27.76 -25.54 -44.30
N ASN F 27 -27.87 -26.04 -45.52
CA ASN F 27 -28.00 -27.46 -45.74
C ASN F 27 -26.90 -27.97 -46.65
N LEU F 28 -25.93 -27.12 -46.96
CA LEU F 28 -24.87 -27.52 -47.87
C LEU F 28 -24.22 -28.79 -47.35
N PRO F 29 -23.96 -29.77 -48.20
CA PRO F 29 -23.29 -30.98 -47.72
C PRO F 29 -21.99 -30.64 -47.03
N ARG F 30 -21.76 -31.28 -45.88
CA ARG F 30 -20.56 -30.96 -45.12
C ARG F 30 -19.32 -31.31 -45.92
N ILE F 31 -18.33 -30.43 -45.82
CA ILE F 31 -17.16 -30.48 -46.67
C ILE F 31 -15.92 -30.19 -45.85
N ASP F 32 -14.80 -30.71 -46.31
CA ASP F 32 -13.53 -30.26 -45.79
C ASP F 32 -13.18 -29.01 -46.57
N PRO F 33 -13.44 -27.83 -46.00
CA PRO F 33 -13.28 -26.60 -46.77
C PRO F 33 -11.90 -26.46 -47.32
N GLN F 34 -10.95 -27.04 -46.62
CA GLN F 34 -9.57 -27.04 -47.04
C GLN F 34 -9.36 -27.71 -48.39
N THR F 35 -9.54 -29.02 -48.44
CA THR F 35 -9.29 -29.71 -49.69
C THR F 35 -10.51 -29.76 -50.57
N GLY F 36 -11.64 -29.23 -50.11
CA GLY F 36 -12.86 -29.34 -50.88
C GLY F 36 -13.51 -30.69 -50.81
N GLU F 37 -12.89 -31.66 -50.15
CA GLU F 37 -13.55 -32.94 -49.95
C GLU F 37 -14.76 -32.74 -49.07
N GLY F 38 -15.86 -33.37 -49.44
CA GLY F 38 -17.00 -33.38 -48.57
C GLY F 38 -16.80 -34.31 -47.41
N LEU F 39 -17.53 -34.06 -46.33
CA LEU F 39 -17.33 -34.85 -45.12
C LEU F 39 -18.67 -35.28 -44.55
N VAL F 40 -19.03 -36.53 -44.81
CA VAL F 40 -20.14 -37.15 -44.12
C VAL F 40 -19.71 -37.49 -42.71
N THR F 41 -20.39 -36.92 -41.74
CA THR F 41 -20.10 -37.21 -40.34
C THR F 41 -20.25 -38.68 -40.07
N ASP F 42 -19.49 -39.16 -39.09
CA ASP F 42 -19.76 -40.50 -38.60
C ASP F 42 -21.19 -40.59 -38.07
N VAL F 43 -21.65 -39.55 -37.37
CA VAL F 43 -22.99 -39.62 -36.80
C VAL F 43 -24.03 -39.74 -37.90
N CYS F 44 -23.72 -39.26 -39.09
CA CYS F 44 -24.63 -39.50 -40.20
C CYS F 44 -24.85 -40.98 -40.35
N LEU F 45 -23.80 -41.69 -40.75
CA LEU F 45 -23.91 -43.12 -40.97
C LEU F 45 -24.44 -43.83 -39.74
N LYS F 46 -24.12 -43.31 -38.55
CA LYS F 46 -24.58 -43.96 -37.34
C LYS F 46 -26.09 -43.91 -37.24
N ARG F 47 -26.68 -42.73 -37.41
CA ARG F 47 -28.13 -42.64 -37.33
C ARG F 47 -28.78 -43.34 -38.51
N LYS F 48 -28.11 -43.33 -39.66
CA LYS F 48 -28.62 -44.06 -40.81
C LYS F 48 -28.70 -45.55 -40.51
N VAL F 49 -27.65 -46.09 -39.89
CA VAL F 49 -27.62 -47.50 -39.56
C VAL F 49 -28.60 -47.81 -38.44
N ARG F 50 -28.70 -46.91 -37.47
CA ARG F 50 -29.72 -47.04 -36.44
C ARG F 50 -31.10 -47.12 -37.07
N ASN F 51 -31.35 -46.29 -38.08
CA ASN F 51 -32.61 -46.33 -38.78
C ASN F 51 -32.80 -47.68 -39.47
N PHE F 52 -31.75 -48.18 -40.11
CA PHE F 52 -31.87 -49.48 -40.75
C PHE F 52 -32.25 -50.53 -39.73
N ILE F 53 -31.61 -50.51 -38.58
CA ILE F 53 -31.93 -51.47 -37.53
C ILE F 53 -33.37 -51.30 -37.09
N GLN F 54 -33.79 -50.05 -36.89
CA GLN F 54 -35.17 -49.75 -36.57
C GLN F 54 -36.12 -50.39 -37.55
N MET F 55 -35.72 -50.40 -38.82
CA MET F 55 -36.61 -50.87 -39.86
C MET F 55 -36.59 -52.39 -40.00
N THR F 56 -35.44 -53.01 -39.82
CA THR F 56 -35.32 -54.44 -40.12
C THR F 56 -35.47 -55.30 -38.88
N GLN F 57 -34.64 -55.07 -37.87
CA GLN F 57 -34.61 -55.98 -36.74
C GLN F 57 -35.95 -56.00 -36.02
N ASN F 58 -36.44 -54.83 -35.62
CA ASN F 58 -37.78 -54.72 -35.03
C ASN F 58 -37.96 -55.71 -33.88
N ASP F 59 -36.96 -55.80 -33.02
CA ASP F 59 -36.94 -56.82 -31.99
C ASP F 59 -36.64 -56.21 -30.64
N GLU F 60 -37.34 -56.70 -29.62
CA GLU F 60 -36.91 -56.43 -28.27
C GLU F 60 -35.50 -56.98 -28.08
N HIS F 61 -34.72 -56.32 -27.23
CA HIS F 61 -33.28 -56.48 -27.14
C HIS F 61 -32.58 -55.99 -28.40
N HIS F 62 -33.30 -55.26 -29.26
CA HIS F 62 -32.67 -54.61 -30.40
C HIS F 62 -33.28 -53.26 -30.68
N ASP F 63 -33.77 -52.59 -29.64
CA ASP F 63 -34.24 -51.23 -29.82
C ASP F 63 -33.08 -50.34 -30.25
N ILE F 64 -33.40 -49.10 -30.61
CA ILE F 64 -32.39 -48.11 -30.92
C ILE F 64 -32.60 -46.93 -30.02
N PHE F 65 -31.54 -46.52 -29.34
CA PHE F 65 -31.61 -45.56 -28.26
C PHE F 65 -32.22 -44.25 -28.70
N ILE F 66 -32.14 -43.95 -29.98
CA ILE F 66 -32.29 -42.58 -30.45
C ILE F 66 -33.28 -42.53 -31.60
N ARG F 67 -34.28 -43.41 -31.56
CA ARG F 67 -35.32 -43.42 -32.58
C ARG F 67 -35.89 -42.03 -32.81
N GLU F 68 -36.38 -41.79 -34.03
CA GLU F 68 -36.83 -40.46 -34.42
C GLU F 68 -37.93 -39.96 -33.51
N LYS F 69 -37.88 -38.67 -33.21
CA LYS F 69 -38.81 -38.05 -32.26
C LYS F 69 -38.78 -38.78 -30.92
N GLY F 70 -37.61 -39.30 -30.56
CA GLY F 70 -37.43 -40.02 -29.32
C GLY F 70 -36.97 -39.07 -28.23
N ILE F 71 -37.44 -39.32 -27.01
CA ILE F 71 -36.97 -38.59 -25.85
C ILE F 71 -35.94 -39.47 -25.15
N LEU F 72 -34.70 -39.02 -25.16
CA LEU F 72 -33.63 -39.83 -24.60
C LEU F 72 -33.86 -40.08 -23.12
N ASN F 73 -34.14 -39.01 -22.38
CA ASN F 73 -34.30 -39.11 -20.94
C ASN F 73 -35.43 -40.04 -20.56
N ASN F 74 -36.49 -40.07 -21.38
CA ASN F 74 -37.59 -40.98 -21.11
C ASN F 74 -37.13 -42.42 -21.18
N LEU F 75 -36.34 -42.77 -22.19
CA LEU F 75 -35.80 -44.10 -22.27
C LEU F 75 -34.87 -44.38 -21.10
N ILE F 76 -34.07 -43.38 -20.72
CA ILE F 76 -33.22 -43.51 -19.54
C ILE F 76 -34.05 -43.96 -18.35
N ASP F 77 -35.07 -43.19 -18.02
CA ASP F 77 -35.86 -43.47 -16.83
C ASP F 77 -36.55 -44.83 -16.94
N GLU F 78 -37.15 -45.12 -18.09
CA GLU F 78 -37.84 -46.40 -18.21
C GLU F 78 -36.87 -47.56 -18.07
N ALA F 79 -35.63 -47.39 -18.50
CA ALA F 79 -34.61 -48.38 -18.20
C ALA F 79 -34.40 -48.47 -16.70
N HIS F 80 -34.31 -47.33 -16.03
CA HIS F 80 -34.18 -47.35 -14.59
C HIS F 80 -35.42 -47.92 -13.93
N GLU F 81 -36.56 -47.84 -14.60
CA GLU F 81 -37.77 -48.51 -14.12
C GLU F 81 -37.77 -49.91 -14.70
N GLN F 82 -37.01 -50.80 -14.06
CA GLN F 82 -36.87 -52.17 -14.51
C GLN F 82 -36.73 -53.06 -13.28
N GLU F 83 -36.40 -54.33 -13.50
CA GLU F 83 -36.08 -55.21 -12.38
C GLU F 83 -35.04 -54.58 -11.47
N ASN F 84 -34.08 -53.89 -12.07
CA ASN F 84 -33.09 -53.14 -11.31
C ASN F 84 -33.46 -51.66 -11.25
N VAL F 85 -34.59 -51.37 -10.60
CA VAL F 85 -34.85 -49.99 -10.19
C VAL F 85 -33.72 -49.49 -9.32
N LYS F 86 -33.37 -50.27 -8.30
CA LYS F 86 -32.13 -50.13 -7.56
C LYS F 86 -31.47 -51.50 -7.44
N GLY F 87 -31.68 -52.34 -8.44
CA GLY F 87 -31.33 -53.76 -8.32
C GLY F 87 -29.89 -53.98 -7.97
N LYS F 88 -29.01 -53.05 -8.34
CA LYS F 88 -27.62 -53.12 -7.90
C LYS F 88 -27.31 -52.06 -6.85
N GLU F 89 -27.46 -50.77 -7.20
CA GLU F 89 -27.27 -49.67 -6.25
C GLU F 89 -27.47 -48.34 -6.97
N LYS F 90 -27.45 -47.23 -6.23
CA LYS F 90 -27.30 -45.94 -6.87
C LYS F 90 -25.95 -45.83 -7.56
N GLY F 91 -24.90 -46.36 -6.93
CA GLY F 91 -23.57 -46.21 -7.48
C GLY F 91 -23.41 -46.86 -8.84
N GLU F 92 -23.92 -48.08 -8.99
CA GLU F 92 -23.82 -48.80 -10.25
C GLU F 92 -25.19 -48.99 -10.89
N LYS F 93 -26.15 -48.14 -10.54
CA LYS F 93 -27.36 -48.06 -11.33
C LYS F 93 -27.01 -47.66 -12.76
N THR F 94 -25.93 -46.90 -12.91
CA THR F 94 -25.37 -46.65 -14.23
C THR F 94 -25.11 -47.97 -14.94
N GLU F 95 -24.39 -48.88 -14.29
CA GLU F 95 -24.10 -50.17 -14.90
C GLU F 95 -25.38 -50.95 -15.15
N ALA F 96 -26.33 -50.86 -14.22
CA ALA F 96 -27.61 -51.52 -14.41
C ALA F 96 -28.24 -51.09 -15.71
N ALA F 97 -28.36 -49.78 -15.90
CA ALA F 97 -28.93 -49.25 -17.14
C ALA F 97 -28.10 -49.64 -18.33
N ARG F 98 -26.77 -49.63 -18.18
CA ARG F 98 -25.90 -50.00 -19.27
C ARG F 98 -26.26 -51.38 -19.78
N GLN F 99 -26.27 -52.35 -18.88
CA GLN F 99 -26.60 -53.71 -19.30
C GLN F 99 -28.01 -53.77 -19.83
N TYR F 100 -28.95 -53.13 -19.14
CA TYR F 100 -30.35 -53.26 -19.51
C TYR F 100 -30.61 -52.74 -20.92
N MET F 101 -30.05 -51.59 -21.28
CA MET F 101 -30.30 -51.13 -22.63
C MET F 101 -29.37 -51.77 -23.65
N CYS F 102 -28.08 -51.90 -23.34
CA CYS F 102 -27.16 -52.52 -24.28
C CYS F 102 -27.76 -53.84 -24.72
N SER F 103 -28.41 -54.55 -23.79
CA SER F 103 -29.29 -55.63 -24.18
C SER F 103 -30.47 -55.10 -24.98
N ARG F 104 -31.28 -54.24 -24.34
CA ARG F 104 -32.56 -53.85 -24.92
C ARG F 104 -32.38 -53.10 -26.22
N TYR F 105 -31.43 -52.17 -26.27
CA TYR F 105 -31.22 -51.34 -27.43
C TYR F 105 -30.02 -51.85 -28.19
N TYR F 106 -30.21 -52.14 -29.48
CA TYR F 106 -29.10 -52.53 -30.31
C TYR F 106 -28.10 -51.38 -30.44
N ASP F 107 -28.62 -50.18 -30.61
CA ASP F 107 -27.76 -49.06 -30.95
C ASP F 107 -26.73 -48.82 -29.86
N ILE F 108 -27.16 -48.86 -28.60
CA ILE F 108 -26.25 -48.57 -27.51
C ILE F 108 -25.14 -49.59 -27.44
N ARG F 109 -25.50 -50.88 -27.43
CA ARG F 109 -24.45 -51.87 -27.32
C ARG F 109 -23.54 -51.86 -28.54
N THR F 110 -24.06 -51.46 -29.69
CA THR F 110 -23.21 -51.42 -30.89
C THR F 110 -22.48 -50.09 -30.97
N PHE F 111 -23.21 -49.01 -31.17
CA PHE F 111 -22.61 -47.69 -31.24
C PHE F 111 -22.57 -47.10 -29.86
N GLY F 112 -21.62 -46.21 -29.65
CA GLY F 112 -21.56 -45.53 -28.38
C GLY F 112 -22.88 -44.86 -28.08
N ALA F 113 -23.13 -44.57 -26.80
CA ALA F 113 -24.39 -43.92 -26.44
C ALA F 113 -24.14 -43.11 -25.18
N VAL F 114 -23.96 -41.80 -25.33
CA VAL F 114 -23.96 -40.94 -24.16
C VAL F 114 -25.26 -41.16 -23.42
N MET F 115 -25.14 -41.36 -22.13
CA MET F 115 -26.13 -42.15 -21.42
C MET F 115 -26.52 -41.56 -20.08
N THR F 116 -25.79 -40.57 -19.58
CA THR F 116 -26.17 -39.87 -18.35
C THR F 116 -26.93 -38.60 -18.61
N THR F 117 -27.60 -38.49 -19.76
CA THR F 117 -28.35 -37.27 -20.05
C THR F 117 -29.43 -37.04 -19.00
N GLY F 118 -30.26 -38.05 -18.75
CA GLY F 118 -31.27 -37.95 -17.72
C GLY F 118 -30.70 -38.38 -16.39
N LYS F 119 -31.39 -39.29 -15.71
CA LYS F 119 -30.80 -39.92 -14.54
C LYS F 119 -29.51 -40.59 -14.95
N ASN F 120 -28.45 -40.36 -14.17
CA ASN F 120 -27.13 -40.88 -14.52
C ASN F 120 -27.23 -42.35 -14.88
N ALA F 121 -26.96 -42.67 -16.13
CA ALA F 121 -27.26 -44.00 -16.63
C ALA F 121 -26.15 -44.63 -17.46
N GLY F 122 -25.03 -43.94 -17.67
CA GLY F 122 -23.83 -44.58 -18.18
C GLY F 122 -23.09 -43.70 -19.16
N GLN F 123 -21.97 -44.23 -19.63
CA GLN F 123 -21.25 -43.68 -20.78
C GLN F 123 -20.83 -44.88 -21.60
N VAL F 124 -21.72 -45.36 -22.47
CA VAL F 124 -21.42 -46.57 -23.22
C VAL F 124 -20.53 -46.16 -24.39
N ARG F 125 -19.25 -46.47 -24.30
CA ARG F 125 -18.34 -46.06 -25.36
C ARG F 125 -18.73 -46.69 -26.68
N GLY F 126 -19.14 -47.94 -26.67
CA GLY F 126 -19.66 -48.55 -27.86
C GLY F 126 -18.54 -49.05 -28.72
N PRO F 127 -18.50 -50.35 -28.96
CA PRO F 127 -17.40 -50.91 -29.76
C PRO F 127 -17.46 -50.47 -31.21
N VAL F 128 -18.66 -50.36 -31.76
CA VAL F 128 -18.78 -49.95 -33.15
C VAL F 128 -18.54 -48.45 -33.21
N GLN F 129 -17.37 -48.05 -33.70
CA GLN F 129 -17.06 -46.63 -33.82
C GLN F 129 -16.78 -46.31 -35.27
N LEU F 130 -17.12 -45.11 -35.69
CA LEU F 130 -16.92 -44.70 -37.07
C LEU F 130 -16.16 -43.38 -37.14
N THR F 131 -15.65 -43.08 -38.31
CA THR F 131 -15.02 -41.81 -38.57
C THR F 131 -15.96 -40.91 -39.35
N PHE F 132 -15.77 -39.60 -39.22
CA PHE F 132 -16.32 -38.71 -40.22
C PHE F 132 -15.81 -39.15 -41.58
N SER F 133 -16.74 -39.50 -42.46
CA SER F 133 -16.37 -40.14 -43.71
C SER F 133 -15.91 -39.07 -44.68
N ARG F 134 -14.60 -38.98 -44.90
CA ARG F 134 -14.08 -38.04 -45.87
C ARG F 134 -14.43 -38.52 -47.27
N SER F 135 -14.96 -37.63 -48.09
CA SER F 135 -15.11 -37.96 -49.50
C SER F 135 -13.75 -38.08 -50.14
N ILE F 136 -13.60 -39.09 -51.01
CA ILE F 136 -12.31 -39.31 -51.64
C ILE F 136 -11.93 -38.15 -52.53
N ASP F 137 -12.68 -37.93 -53.54
CA ASP F 137 -12.44 -36.82 -54.42
C ASP F 137 -13.32 -35.65 -53.98
N PRO F 138 -12.74 -34.46 -53.82
CA PRO F 138 -13.53 -33.31 -53.37
C PRO F 138 -14.87 -33.23 -54.08
N ILE F 139 -15.94 -33.35 -53.29
CA ILE F 139 -17.26 -33.26 -53.89
C ILE F 139 -17.43 -31.85 -54.40
N MET F 140 -18.42 -31.65 -55.23
CA MET F 140 -18.72 -30.33 -55.71
C MET F 140 -20.22 -30.18 -55.79
N THR F 141 -20.79 -29.64 -54.72
CA THR F 141 -22.23 -29.51 -54.64
C THR F 141 -22.78 -28.75 -55.85
N LEU F 142 -23.55 -29.46 -56.68
CA LEU F 142 -24.26 -28.79 -57.77
C LEU F 142 -25.44 -27.97 -57.30
N GLU F 143 -25.73 -27.96 -55.99
CA GLU F 143 -26.53 -26.93 -55.33
C GLU F 143 -27.77 -26.55 -56.13
N HIS F 144 -28.34 -27.54 -56.83
CA HIS F 144 -29.49 -27.28 -57.69
C HIS F 144 -30.57 -26.52 -56.93
N SER F 145 -31.01 -25.41 -57.50
CA SER F 145 -32.08 -24.65 -56.91
C SER F 145 -33.21 -24.45 -57.91
N ARG F 168 -34.13 -24.62 -51.76
CA ARG F 168 -32.69 -24.81 -51.62
C ARG F 168 -32.32 -26.27 -51.49
N LYS F 169 -32.32 -27.00 -52.61
CA LYS F 169 -32.05 -28.44 -52.58
C LYS F 169 -30.62 -28.65 -53.05
N PHE F 170 -29.67 -28.54 -52.14
CA PHE F 170 -28.28 -28.77 -52.48
C PHE F 170 -28.10 -30.20 -52.91
N THR F 171 -27.14 -30.43 -53.79
CA THR F 171 -26.94 -31.74 -54.36
C THR F 171 -25.46 -31.99 -54.62
N VAL F 172 -24.96 -33.09 -54.11
CA VAL F 172 -23.66 -33.58 -54.54
C VAL F 172 -23.86 -34.42 -55.80
N PRO F 173 -23.14 -34.13 -56.87
CA PRO F 173 -23.28 -34.95 -58.07
C PRO F 173 -22.91 -36.39 -57.79
N TYR F 174 -21.76 -36.62 -57.20
CA TYR F 174 -21.32 -37.98 -56.89
C TYR F 174 -20.08 -37.90 -56.03
N GLY F 175 -19.87 -38.94 -55.24
CA GLY F 175 -18.58 -39.12 -54.60
C GLY F 175 -18.54 -40.45 -53.89
N LEU F 176 -17.36 -40.80 -53.40
CA LEU F 176 -17.23 -41.84 -52.39
C LEU F 176 -16.76 -41.21 -51.11
N TYR F 177 -17.62 -41.20 -50.11
CA TYR F 177 -17.16 -40.99 -48.77
C TYR F 177 -16.59 -42.29 -48.24
N ARG F 178 -15.50 -42.18 -47.48
CA ARG F 178 -14.72 -43.31 -47.01
C ARG F 178 -14.74 -43.24 -45.50
N CYS F 179 -15.78 -43.78 -44.90
CA CYS F 179 -15.83 -43.88 -43.47
C CYS F 179 -14.78 -44.87 -42.99
N HIS F 180 -14.31 -44.66 -41.78
CA HIS F 180 -13.46 -45.62 -41.12
C HIS F 180 -14.08 -45.94 -39.78
N GLY F 181 -14.01 -47.20 -39.39
CA GLY F 181 -14.61 -47.59 -38.13
C GLY F 181 -13.85 -48.76 -37.53
N PHE F 182 -14.12 -48.98 -36.26
CA PHE F 182 -13.41 -49.97 -35.49
C PHE F 182 -14.42 -50.72 -34.64
N ILE F 183 -14.06 -51.95 -34.29
CA ILE F 183 -14.90 -52.78 -33.43
C ILE F 183 -13.99 -53.21 -32.28
N SER F 184 -13.95 -52.42 -31.23
CA SER F 184 -13.05 -52.67 -30.12
C SER F 184 -13.72 -53.65 -29.16
N THR F 185 -13.27 -54.90 -29.19
CA THR F 185 -13.96 -55.94 -28.45
C THR F 185 -13.99 -55.64 -26.97
N HIS F 186 -12.85 -55.28 -26.39
CA HIS F 186 -12.85 -55.08 -24.95
C HIS F 186 -13.68 -53.89 -24.53
N PHE F 187 -14.08 -53.04 -25.48
CA PHE F 187 -15.16 -52.12 -25.20
C PHE F 187 -16.50 -52.82 -25.29
N ALA F 188 -16.63 -53.75 -26.24
CA ALA F 188 -17.89 -54.45 -26.40
C ALA F 188 -18.26 -55.18 -25.12
N LYS F 189 -17.26 -55.78 -24.47
CA LYS F 189 -17.52 -56.50 -23.23
C LYS F 189 -18.19 -55.60 -22.20
N GLN F 190 -17.93 -54.30 -22.27
CA GLN F 190 -18.63 -53.37 -21.41
C GLN F 190 -20.10 -53.28 -21.77
N THR F 191 -20.49 -53.82 -22.92
CA THR F 191 -21.83 -53.66 -23.46
C THR F 191 -22.54 -54.97 -23.72
N GLY F 192 -21.83 -56.10 -23.68
CA GLY F 192 -22.44 -57.32 -24.16
C GLY F 192 -22.69 -57.32 -25.64
N PHE F 193 -22.01 -56.46 -26.39
CA PHE F 193 -22.16 -56.41 -27.83
C PHE F 193 -21.83 -57.76 -28.45
N SER F 194 -22.84 -58.44 -28.95
CA SER F 194 -22.67 -59.81 -29.42
C SER F 194 -22.25 -59.84 -30.87
N GLU F 195 -21.66 -60.97 -31.26
CA GLU F 195 -21.35 -61.19 -32.67
C GLU F 195 -22.61 -61.13 -33.52
N ASN F 196 -23.75 -61.52 -32.95
CA ASN F 196 -25.00 -61.34 -33.68
C ASN F 196 -25.27 -59.88 -33.97
N ASP F 197 -25.01 -59.02 -32.98
CA ASP F 197 -25.19 -57.59 -33.21
C ASP F 197 -24.27 -57.11 -34.32
N LEU F 198 -23.07 -57.63 -34.38
CA LEU F 198 -22.16 -57.23 -35.43
C LEU F 198 -22.62 -57.74 -36.79
N GLU F 199 -23.20 -58.93 -36.82
CA GLU F 199 -23.78 -59.40 -38.06
C GLU F 199 -24.88 -58.45 -38.52
N LEU F 200 -25.72 -58.01 -37.58
CA LEU F 200 -26.69 -56.99 -37.89
C LEU F 200 -26.01 -55.75 -38.43
N PHE F 201 -24.91 -55.35 -37.82
CA PHE F 201 -24.23 -54.14 -38.25
C PHE F 201 -23.66 -54.28 -39.64
N TRP F 202 -23.19 -55.47 -40.00
CA TRP F 202 -22.72 -55.68 -41.36
C TRP F 202 -23.87 -55.63 -42.33
N GLN F 203 -24.94 -56.35 -42.01
CA GLN F 203 -26.13 -56.28 -42.83
C GLN F 203 -26.57 -54.84 -42.99
N ALA F 204 -26.42 -54.06 -41.92
CA ALA F 204 -26.80 -52.66 -41.96
C ALA F 204 -25.88 -51.88 -42.87
N LEU F 205 -24.58 -52.00 -42.71
CA LEU F 205 -23.70 -51.22 -43.54
C LEU F 205 -23.79 -51.63 -45.00
N VAL F 206 -24.42 -52.76 -45.30
CA VAL F 206 -24.61 -53.10 -46.70
C VAL F 206 -25.97 -52.66 -47.22
N ASN F 207 -27.06 -52.93 -46.50
CA ASN F 207 -28.40 -52.63 -46.98
C ASN F 207 -29.00 -51.38 -46.36
N MET F 208 -28.22 -50.66 -45.56
CA MET F 208 -28.71 -49.49 -44.87
C MET F 208 -29.05 -48.39 -45.85
N PHE F 209 -28.16 -48.14 -46.79
CA PHE F 209 -28.42 -47.09 -47.75
C PHE F 209 -29.61 -47.44 -48.61
N ASP F 210 -29.76 -48.71 -48.99
CA ASP F 210 -30.97 -49.14 -49.67
C ASP F 210 -32.20 -48.79 -48.85
N HIS F 211 -32.13 -48.97 -47.55
CA HIS F 211 -33.30 -48.70 -46.73
C HIS F 211 -33.31 -47.29 -46.18
N ASP F 212 -32.40 -46.44 -46.63
CA ASP F 212 -32.47 -45.01 -46.42
C ASP F 212 -32.61 -44.24 -47.71
N HIS F 213 -32.60 -44.92 -48.85
CA HIS F 213 -32.78 -44.25 -50.13
C HIS F 213 -34.21 -43.77 -50.27
N SER F 214 -34.66 -42.95 -49.36
CA SER F 214 -35.98 -42.39 -49.50
C SER F 214 -36.03 -40.93 -49.09
N ALA F 215 -34.92 -40.38 -48.64
CA ALA F 215 -34.85 -38.95 -48.39
C ALA F 215 -34.61 -38.22 -49.71
N ALA F 216 -35.19 -37.03 -49.84
CA ALA F 216 -34.95 -36.22 -51.04
C ALA F 216 -33.52 -35.73 -51.04
N ARG F 217 -32.73 -36.15 -50.04
CA ARG F 217 -31.30 -35.93 -50.06
C ARG F 217 -30.61 -36.69 -51.18
N GLY F 218 -31.31 -37.64 -51.81
CA GLY F 218 -30.75 -38.30 -52.97
C GLY F 218 -30.40 -39.75 -52.74
N GLN F 219 -29.58 -40.30 -53.63
CA GLN F 219 -29.21 -41.71 -53.58
C GLN F 219 -27.76 -41.84 -53.14
N MET F 220 -27.53 -42.61 -52.09
CA MET F 220 -26.19 -43.01 -51.68
C MET F 220 -26.19 -44.52 -51.50
N ASN F 221 -25.27 -45.21 -52.15
CA ASN F 221 -25.20 -46.66 -52.08
C ASN F 221 -23.92 -47.08 -51.39
N ALA F 222 -24.04 -47.83 -50.30
CA ALA F 222 -22.86 -48.44 -49.71
C ALA F 222 -22.17 -49.28 -50.77
N ARG F 223 -20.89 -49.00 -51.00
CA ARG F 223 -20.18 -49.69 -52.07
C ARG F 223 -19.05 -50.58 -51.61
N GLY F 224 -18.53 -50.36 -50.41
CA GLY F 224 -17.45 -51.19 -49.92
C GLY F 224 -17.53 -51.32 -48.41
N LEU F 225 -17.31 -52.51 -47.89
CA LEU F 225 -17.33 -52.73 -46.46
C LEU F 225 -16.13 -53.54 -46.07
N TYR F 226 -14.96 -53.07 -46.46
CA TYR F 226 -13.77 -53.86 -46.30
C TYR F 226 -13.45 -53.96 -44.82
N VAL F 227 -13.80 -55.10 -44.21
CA VAL F 227 -13.69 -55.26 -42.77
C VAL F 227 -12.48 -56.12 -42.48
N PHE F 228 -11.51 -55.55 -41.77
CA PHE F 228 -10.37 -56.30 -41.33
C PHE F 228 -10.72 -57.14 -40.11
N GLU F 229 -10.25 -58.37 -40.14
CA GLU F 229 -10.49 -59.39 -39.14
C GLU F 229 -9.25 -59.41 -38.27
N HIS F 230 -9.41 -59.08 -37.00
CA HIS F 230 -8.33 -59.22 -36.03
C HIS F 230 -8.49 -60.50 -35.25
N SER F 231 -7.40 -61.25 -35.11
CA SER F 231 -7.43 -62.43 -34.27
C SER F 231 -7.33 -62.05 -32.80
N ASN F 232 -6.20 -61.48 -32.40
CA ASN F 232 -6.07 -61.07 -31.01
C ASN F 232 -6.96 -59.88 -30.75
N ASN F 233 -7.54 -59.85 -29.55
CA ASN F 233 -8.30 -58.67 -29.13
C ASN F 233 -7.44 -57.43 -29.22
N LEU F 234 -6.16 -57.56 -28.94
CA LEU F 234 -5.24 -56.49 -29.24
C LEU F 234 -5.08 -56.36 -30.75
N GLY F 235 -5.01 -55.12 -31.22
CA GLY F 235 -4.85 -54.87 -32.63
C GLY F 235 -3.60 -55.55 -33.16
N ASP F 236 -3.79 -56.52 -34.04
CA ASP F 236 -2.65 -57.28 -34.51
C ASP F 236 -1.75 -56.47 -35.42
N ALA F 237 -2.15 -55.26 -35.78
CA ALA F 237 -1.33 -54.30 -36.50
C ALA F 237 -1.98 -52.93 -36.32
N PRO F 238 -1.28 -51.84 -36.59
CA PRO F 238 -1.92 -50.54 -36.48
C PRO F 238 -3.04 -50.40 -37.49
N ALA F 239 -4.18 -49.90 -37.02
CA ALA F 239 -5.34 -49.81 -37.89
C ALA F 239 -5.09 -48.90 -39.08
N ASP F 240 -4.22 -47.90 -38.93
CA ASP F 240 -3.96 -47.01 -40.06
C ASP F 240 -3.34 -47.76 -41.22
N SER F 241 -2.41 -48.66 -40.93
CA SER F 241 -1.83 -49.45 -42.00
C SER F 241 -2.92 -50.25 -42.71
N LEU F 242 -3.80 -50.87 -41.95
CA LEU F 242 -4.88 -51.63 -42.54
C LEU F 242 -5.74 -50.76 -43.43
N PHE F 243 -6.21 -49.63 -42.89
CA PHE F 243 -7.08 -48.77 -43.67
C PHE F 243 -6.34 -48.19 -44.85
N LYS F 244 -5.02 -48.15 -44.80
CA LYS F 244 -4.26 -47.76 -45.98
C LYS F 244 -4.23 -48.89 -46.99
N ARG F 245 -4.36 -50.13 -46.54
CA ARG F 245 -4.42 -51.24 -47.49
C ARG F 245 -5.59 -51.09 -48.44
N ILE F 246 -6.70 -50.50 -47.98
CA ILE F 246 -7.88 -50.34 -48.83
C ILE F 246 -7.78 -48.96 -49.48
N GLN F 247 -7.00 -48.91 -50.56
CA GLN F 247 -6.82 -47.67 -51.28
C GLN F 247 -8.07 -47.33 -52.05
N VAL F 248 -8.40 -46.05 -52.11
CA VAL F 248 -9.50 -45.57 -52.93
C VAL F 248 -8.95 -44.44 -53.79
N VAL F 249 -8.64 -44.75 -55.04
CA VAL F 249 -7.98 -43.78 -55.91
C VAL F 249 -8.89 -43.48 -57.10
N LYS F 250 -9.04 -42.20 -57.40
CA LYS F 250 -9.67 -41.81 -58.64
C LYS F 250 -8.92 -42.40 -59.82
N LYS F 251 -9.66 -43.06 -60.71
CA LYS F 251 -9.01 -43.63 -61.90
C LYS F 251 -8.45 -42.51 -62.76
N ASP F 252 -7.31 -42.78 -63.38
CA ASP F 252 -6.59 -41.74 -64.10
C ASP F 252 -7.43 -41.16 -65.23
N GLY F 253 -8.29 -41.98 -65.82
CA GLY F 253 -9.07 -41.52 -66.97
C GLY F 253 -9.96 -40.35 -66.65
N VAL F 254 -10.47 -40.28 -65.42
CA VAL F 254 -11.35 -39.19 -65.03
C VAL F 254 -10.58 -38.24 -64.12
N GLU F 255 -10.49 -36.98 -64.53
CA GLU F 255 -9.94 -35.96 -63.64
C GLU F 255 -10.93 -35.61 -62.55
N VAL F 256 -12.22 -35.62 -62.86
CA VAL F 256 -13.28 -35.46 -61.87
C VAL F 256 -14.26 -36.60 -62.04
N VAL F 257 -14.52 -37.30 -60.95
CA VAL F 257 -15.40 -38.45 -60.89
C VAL F 257 -16.84 -38.00 -61.11
N ARG F 258 -17.69 -38.92 -61.57
CA ARG F 258 -19.12 -38.85 -61.27
C ARG F 258 -19.73 -40.22 -61.02
N SER F 259 -18.93 -41.27 -60.92
CA SER F 259 -19.50 -42.59 -60.70
C SER F 259 -18.44 -43.50 -60.10
N PHE F 260 -18.91 -44.58 -59.49
CA PHE F 260 -18.02 -45.47 -58.77
C PHE F 260 -16.93 -46.00 -59.67
N ASP F 261 -17.31 -46.40 -60.89
CA ASP F 261 -16.32 -46.88 -61.85
C ASP F 261 -15.25 -45.84 -62.11
N ASP F 262 -15.57 -44.55 -61.98
CA ASP F 262 -14.56 -43.53 -62.15
C ASP F 262 -13.51 -43.61 -61.05
N TYR F 263 -13.93 -44.00 -59.86
CA TYR F 263 -13.01 -44.42 -58.82
C TYR F 263 -12.48 -45.82 -59.08
N LEU F 264 -11.60 -46.24 -58.18
CA LEU F 264 -11.01 -47.56 -58.19
C LEU F 264 -10.64 -47.88 -56.76
N VAL F 265 -11.29 -48.90 -56.21
CA VAL F 265 -10.99 -49.37 -54.87
C VAL F 265 -10.01 -50.53 -54.99
N SER F 266 -8.84 -50.36 -54.41
CA SER F 266 -7.85 -51.43 -54.37
C SER F 266 -7.83 -52.04 -52.99
N VAL F 267 -7.87 -53.36 -52.95
CA VAL F 267 -7.71 -54.12 -51.71
C VAL F 267 -6.31 -54.69 -51.73
N ASP F 268 -5.70 -54.82 -50.56
CA ASP F 268 -4.39 -55.44 -50.42
C ASP F 268 -4.46 -56.51 -49.35
N ASP F 269 -4.48 -57.77 -49.77
CA ASP F 269 -4.38 -58.89 -48.86
C ASP F 269 -2.99 -59.50 -48.85
N LYS F 270 -2.01 -58.80 -49.44
CA LYS F 270 -0.70 -59.38 -49.67
C LYS F 270 0.02 -59.68 -48.36
N ASN F 271 -0.22 -58.90 -47.32
CA ASN F 271 0.55 -59.03 -46.11
C ASN F 271 -0.27 -59.04 -44.83
N LEU F 272 -1.59 -58.90 -44.92
CA LEU F 272 -2.47 -59.02 -43.78
C LEU F 272 -2.65 -60.44 -43.27
N GLU F 273 -2.15 -61.41 -44.04
CA GLU F 273 -2.59 -62.79 -43.89
C GLU F 273 -2.26 -63.39 -42.53
N GLU F 274 -1.39 -62.77 -41.73
CA GLU F 274 -1.10 -63.31 -40.42
C GLU F 274 -2.38 -63.47 -39.61
N THR F 275 -3.11 -62.39 -39.37
CA THR F 275 -4.39 -62.49 -38.67
C THR F 275 -5.46 -61.57 -39.22
N LYS F 276 -5.14 -60.67 -40.14
CA LYS F 276 -6.08 -59.64 -40.57
C LYS F 276 -6.94 -60.13 -41.72
N LEU F 277 -7.79 -61.10 -41.43
CA LEU F 277 -8.60 -61.67 -42.50
C LEU F 277 -9.52 -60.58 -43.05
N LEU F 278 -9.22 -60.07 -44.24
CA LEU F 278 -9.97 -58.96 -44.79
C LEU F 278 -11.23 -59.47 -45.45
N ARG F 279 -12.32 -59.50 -44.69
CA ARG F 279 -13.59 -59.92 -45.23
C ARG F 279 -14.20 -58.76 -46.02
N LYS F 280 -14.40 -59.00 -47.32
CA LYS F 280 -14.85 -57.97 -48.25
C LYS F 280 -16.37 -58.12 -48.36
N LEU F 281 -17.09 -57.12 -47.85
CA LEU F 281 -18.54 -57.21 -47.83
C LEU F 281 -19.16 -56.35 -48.92
N GLY F 282 -18.86 -55.06 -48.91
CA GLY F 282 -19.34 -54.19 -49.97
C GLY F 282 -18.80 -54.60 -51.33
N GLY F 283 -17.66 -55.27 -51.36
CA GLY F 283 -17.10 -55.78 -52.59
C GLY F 283 -16.57 -54.69 -53.51
N GLY G 1 -14.36 2.65 -33.78
CA GLY G 1 -13.76 1.36 -33.55
C GLY G 1 -13.55 0.60 -34.84
N LEU G 2 -14.54 0.62 -35.70
CA LEU G 2 -14.38 0.04 -37.02
C LEU G 2 -13.30 0.79 -37.78
N ASP G 3 -12.51 0.04 -38.55
CA ASP G 3 -11.45 0.64 -39.34
C ASP G 3 -11.80 0.49 -40.82
N ARG G 4 -12.04 1.63 -41.47
CA ARG G 4 -12.30 1.68 -42.91
C ARG G 4 -11.34 0.78 -43.67
N ASN G 5 -10.05 0.88 -43.37
CA ASN G 5 -8.99 0.28 -44.18
C ASN G 5 -8.17 -0.73 -43.38
N ARG G 6 -8.86 -1.62 -42.67
CA ARG G 6 -8.15 -2.52 -41.77
C ARG G 6 -7.13 -3.38 -42.49
N GLN G 7 -7.54 -3.99 -43.60
CA GLN G 7 -6.67 -4.76 -44.46
C GLN G 7 -6.20 -6.05 -43.78
N ASP G 8 -6.54 -6.27 -42.52
CA ASP G 8 -6.17 -7.49 -41.81
C ASP G 8 -7.24 -8.54 -42.09
N ILE G 9 -6.82 -9.61 -42.76
CA ILE G 9 -7.74 -10.37 -43.59
C ILE G 9 -8.92 -10.89 -42.78
N GLY G 10 -8.65 -11.58 -41.68
CA GLY G 10 -9.74 -12.14 -40.91
C GLY G 10 -10.72 -11.08 -40.46
N TYR G 11 -10.19 -9.94 -40.01
CA TYR G 11 -11.05 -8.82 -39.66
C TYR G 11 -12.01 -8.49 -40.77
N VAL G 12 -11.49 -8.31 -41.99
CA VAL G 12 -12.37 -7.87 -43.07
C VAL G 12 -13.35 -8.97 -43.43
N LEU G 13 -12.96 -10.24 -43.34
CA LEU G 13 -13.97 -11.26 -43.64
C LEU G 13 -15.09 -11.25 -42.62
N GLY G 14 -14.77 -11.12 -41.34
CA GLY G 14 -15.84 -10.98 -40.37
C GLY G 14 -16.65 -9.74 -40.66
N ARG G 15 -15.99 -8.73 -41.18
CA ARG G 15 -16.62 -7.47 -41.50
C ARG G 15 -17.63 -7.67 -42.62
N LEU G 16 -17.22 -8.42 -43.64
CA LEU G 16 -18.12 -8.95 -44.66
C LEU G 16 -19.27 -9.70 -44.03
N PHE G 17 -18.98 -10.64 -43.14
CA PHE G 17 -20.03 -11.54 -42.69
C PHE G 17 -21.09 -10.74 -41.97
N ALA G 18 -20.67 -9.73 -41.22
CA ALA G 18 -21.62 -8.86 -40.56
C ALA G 18 -22.45 -8.09 -41.56
N VAL G 19 -21.82 -7.55 -42.60
CA VAL G 19 -22.64 -6.77 -43.52
C VAL G 19 -23.64 -7.67 -44.24
N LEU G 20 -23.26 -8.91 -44.55
CA LEU G 20 -24.24 -9.85 -45.07
C LEU G 20 -25.35 -10.13 -44.06
N GLU G 21 -25.00 -10.19 -42.78
CA GLU G 21 -26.05 -10.37 -41.79
C GLU G 21 -27.03 -9.21 -41.86
N LYS G 22 -26.52 -7.99 -41.98
CA LYS G 22 -27.37 -6.86 -42.34
C LYS G 22 -28.21 -7.09 -43.58
N ILE G 23 -27.58 -7.49 -44.67
CA ILE G 23 -28.33 -7.57 -45.92
C ILE G 23 -29.50 -8.52 -45.77
N GLN G 24 -29.27 -9.72 -45.25
CA GLN G 24 -30.37 -10.66 -45.17
C GLN G 24 -31.33 -10.31 -44.04
N ALA G 25 -30.84 -9.76 -42.94
CA ALA G 25 -31.74 -9.38 -41.86
C ALA G 25 -32.73 -8.34 -42.31
N GLU G 26 -32.26 -7.32 -43.03
CA GLU G 26 -33.19 -6.37 -43.62
C GLU G 26 -33.96 -6.99 -44.76
N ALA G 27 -33.41 -8.02 -45.40
CA ALA G 27 -34.11 -8.71 -46.47
C ALA G 27 -35.22 -9.59 -45.93
N ASN G 28 -35.09 -10.09 -44.72
CA ASN G 28 -36.07 -10.97 -44.09
C ASN G 28 -36.41 -10.41 -42.72
N PRO G 29 -37.01 -9.22 -42.66
CA PRO G 29 -37.27 -8.61 -41.36
C PRO G 29 -38.14 -9.47 -40.47
N GLY G 30 -39.13 -10.16 -41.04
CA GLY G 30 -39.93 -11.08 -40.24
C GLY G 30 -39.12 -12.26 -39.75
N LEU G 31 -38.30 -12.84 -40.62
CA LEU G 31 -37.52 -14.01 -40.25
C LEU G 31 -36.45 -13.60 -39.25
N ASN G 32 -36.33 -14.35 -38.17
CA ASN G 32 -35.47 -13.92 -37.07
C ASN G 32 -34.10 -14.60 -37.12
N ALA G 33 -34.04 -15.81 -37.69
CA ALA G 33 -32.76 -16.49 -37.83
C ALA G 33 -31.83 -15.67 -38.70
N THR G 34 -30.57 -15.59 -38.29
CA THR G 34 -29.58 -14.80 -38.99
C THR G 34 -28.44 -15.71 -39.42
N ILE G 35 -27.89 -15.42 -40.60
CA ILE G 35 -26.71 -16.14 -41.04
C ILE G 35 -25.59 -16.08 -40.02
N ALA G 36 -25.56 -15.01 -39.22
CA ALA G 36 -24.68 -15.04 -38.05
C ALA G 36 -24.99 -16.27 -37.20
N ASP G 37 -26.25 -16.38 -36.78
CA ASP G 37 -26.68 -17.49 -35.95
C ASP G 37 -26.37 -18.82 -36.61
N ARG G 38 -26.22 -18.83 -37.93
CA ARG G 38 -26.28 -20.07 -38.67
C ARG G 38 -24.92 -20.51 -39.20
N TYR G 39 -23.97 -19.58 -39.29
CA TYR G 39 -22.66 -19.84 -39.87
C TYR G 39 -21.50 -19.39 -39.01
N PHE G 40 -21.70 -18.44 -38.08
CA PHE G 40 -20.59 -17.64 -37.60
C PHE G 40 -19.42 -18.51 -37.17
N GLY G 41 -19.70 -19.65 -36.55
CA GLY G 41 -18.64 -20.55 -36.18
C GLY G 41 -17.78 -20.97 -37.36
N SER G 42 -18.38 -21.65 -38.32
CA SER G 42 -17.62 -22.10 -39.48
C SER G 42 -17.07 -20.92 -40.26
N ALA G 43 -17.87 -19.87 -40.42
CA ALA G 43 -17.44 -18.69 -41.15
C ALA G 43 -16.12 -18.18 -40.59
N SER G 44 -16.07 -17.98 -39.28
CA SER G 44 -14.83 -17.57 -38.63
C SER G 44 -13.74 -18.61 -38.83
N SER G 45 -14.09 -19.88 -38.65
CA SER G 45 -13.09 -20.93 -38.78
C SER G 45 -12.74 -21.18 -40.24
N THR G 46 -13.73 -21.59 -41.02
CA THR G 46 -13.54 -21.89 -42.43
C THR G 46 -14.26 -20.82 -43.22
N PRO G 47 -13.58 -19.83 -43.71
CA PRO G 47 -14.27 -18.70 -44.32
C PRO G 47 -14.93 -19.06 -45.62
N ILE G 48 -14.17 -19.74 -46.50
CA ILE G 48 -14.70 -20.06 -47.81
C ILE G 48 -15.94 -20.90 -47.69
N ALA G 49 -15.94 -21.84 -46.73
CA ALA G 49 -16.97 -22.86 -46.69
C ALA G 49 -18.36 -22.27 -46.63
N VAL G 50 -18.50 -21.06 -46.12
CA VAL G 50 -19.80 -20.41 -46.09
C VAL G 50 -19.82 -19.08 -46.81
N PHE G 51 -18.70 -18.39 -46.98
CA PHE G 51 -18.75 -17.19 -47.81
C PHE G 51 -19.06 -17.55 -49.26
N GLY G 52 -18.67 -18.72 -49.72
CA GLY G 52 -19.13 -19.14 -51.04
C GLY G 52 -20.64 -19.09 -51.13
N THR G 53 -21.32 -19.85 -50.29
CA THR G 53 -22.76 -19.97 -50.39
C THR G 53 -23.45 -18.66 -50.07
N LEU G 54 -23.07 -18.00 -48.97
CA LEU G 54 -23.62 -16.69 -48.67
C LEU G 54 -23.43 -15.72 -49.82
N MET G 55 -22.24 -15.70 -50.38
CA MET G 55 -21.90 -14.60 -51.27
C MET G 55 -22.62 -14.82 -52.58
N ARG G 56 -22.83 -16.08 -52.95
CA ARG G 56 -23.84 -16.41 -53.97
C ARG G 56 -25.18 -15.84 -53.58
N LEU G 57 -25.58 -16.06 -52.34
CA LEU G 57 -26.96 -15.80 -51.96
C LEU G 57 -27.24 -14.31 -51.79
N LEU G 58 -26.22 -13.48 -51.82
CA LEU G 58 -26.42 -12.07 -51.54
C LEU G 58 -27.45 -11.40 -52.44
N PRO G 59 -27.34 -11.47 -53.77
CA PRO G 59 -28.30 -10.72 -54.59
C PRO G 59 -29.71 -11.25 -54.50
N HIS G 60 -29.90 -12.52 -54.16
CA HIS G 60 -31.26 -12.96 -53.88
C HIS G 60 -31.84 -12.19 -52.71
N HIS G 61 -31.06 -12.04 -51.64
CA HIS G 61 -31.54 -11.24 -50.51
C HIS G 61 -31.75 -9.80 -50.92
N LEU G 62 -30.88 -9.29 -51.79
CA LEU G 62 -31.04 -7.94 -52.32
C LEU G 62 -32.37 -7.82 -53.05
N ASN G 63 -32.74 -8.85 -53.80
CA ASN G 63 -34.07 -8.87 -54.41
C ASN G 63 -35.14 -8.79 -53.34
N LYS G 64 -35.03 -9.63 -52.29
CA LYS G 64 -35.98 -9.46 -51.20
C LYS G 64 -35.87 -8.09 -50.57
N LEU G 65 -34.70 -7.48 -50.63
CA LEU G 65 -34.48 -6.22 -49.93
C LEU G 65 -35.21 -5.10 -50.66
N GLU G 66 -36.15 -4.47 -49.96
CA GLU G 66 -37.17 -3.67 -50.63
C GLU G 66 -36.61 -2.33 -51.11
N PHE G 67 -36.20 -1.49 -50.17
CA PHE G 67 -35.76 -0.15 -50.51
C PHE G 67 -34.50 -0.28 -51.37
N GLU G 68 -34.45 0.45 -52.48
CA GLU G 68 -33.38 0.25 -53.45
C GLU G 68 -32.05 0.81 -52.93
N GLY G 69 -32.08 2.04 -52.40
CA GLY G 69 -30.86 2.62 -51.87
C GLY G 69 -30.20 1.71 -50.85
N ARG G 70 -31.02 1.12 -49.99
CA ARG G 70 -30.56 0.06 -49.09
C ARG G 70 -29.62 -0.87 -49.84
N ALA G 71 -30.12 -1.46 -50.91
CA ALA G 71 -29.35 -2.48 -51.63
C ALA G 71 -28.08 -1.90 -52.24
N VAL G 72 -28.17 -0.71 -52.83
CA VAL G 72 -26.97 -0.23 -53.53
C VAL G 72 -25.88 0.15 -52.54
N GLN G 73 -26.22 0.79 -51.44
CA GLN G 73 -25.14 1.03 -50.48
C GLN G 73 -24.66 -0.26 -49.83
N LEU G 74 -25.51 -1.29 -49.71
CA LEU G 74 -24.97 -2.53 -49.17
C LEU G 74 -24.01 -3.18 -50.16
N GLN G 75 -24.34 -3.11 -51.46
CA GLN G 75 -23.34 -3.32 -52.49
C GLN G 75 -22.06 -2.60 -52.11
N TRP G 76 -22.15 -1.29 -51.96
CA TRP G 76 -20.99 -0.46 -51.70
C TRP G 76 -20.15 -1.00 -50.56
N GLU G 77 -20.81 -1.37 -49.48
CA GLU G 77 -20.09 -1.91 -48.34
C GLU G 77 -19.33 -3.16 -48.76
N ILE G 78 -20.03 -4.11 -49.40
CA ILE G 78 -19.37 -5.30 -49.91
C ILE G 78 -18.18 -4.92 -50.77
N ARG G 79 -18.32 -3.86 -51.54
CA ARG G 79 -17.34 -3.37 -52.48
C ARG G 79 -16.03 -3.05 -51.79
N GLN G 80 -16.02 -2.11 -50.85
CA GLN G 80 -14.75 -1.87 -50.16
C GLN G 80 -14.35 -3.03 -49.25
N ILE G 81 -15.31 -3.82 -48.77
CA ILE G 81 -14.88 -4.95 -47.93
C ILE G 81 -14.04 -5.91 -48.76
N LEU G 82 -14.48 -6.20 -49.97
CA LEU G 82 -13.73 -7.07 -50.86
C LEU G 82 -12.57 -6.36 -51.52
N GLU G 83 -12.58 -5.03 -51.51
CA GLU G 83 -11.33 -4.31 -51.71
C GLU G 83 -10.30 -4.76 -50.70
N HIS G 84 -10.68 -4.81 -49.42
CA HIS G 84 -9.72 -5.23 -48.42
C HIS G 84 -9.46 -6.72 -48.49
N CYS G 85 -10.50 -7.53 -48.58
CA CYS G 85 -10.29 -8.96 -48.77
C CYS G 85 -9.88 -9.19 -50.21
N GLN G 86 -8.57 -9.30 -50.44
CA GLN G 86 -8.11 -9.56 -51.80
C GLN G 86 -8.49 -10.97 -52.24
N ARG G 87 -8.68 -11.88 -51.28
CA ARG G 87 -8.75 -13.30 -51.57
C ARG G 87 -9.18 -14.06 -50.33
N PHE G 88 -10.21 -14.90 -50.49
CA PHE G 88 -10.73 -15.67 -49.36
C PHE G 88 -9.72 -16.69 -48.85
N PRO G 89 -9.35 -16.60 -47.58
CA PRO G 89 -8.40 -17.55 -47.02
C PRO G 89 -8.98 -18.95 -47.00
N ASN G 90 -8.08 -19.91 -47.09
CA ASN G 90 -8.50 -21.29 -46.92
C ASN G 90 -9.06 -21.50 -45.52
N HIS G 91 -8.44 -20.88 -44.52
CA HIS G 91 -8.92 -20.90 -43.15
C HIS G 91 -8.43 -19.65 -42.44
N LEU G 92 -8.66 -19.62 -41.13
CA LEU G 92 -8.31 -18.49 -40.30
C LEU G 92 -7.59 -18.98 -39.06
N ASN G 93 -6.40 -18.42 -38.80
CA ASN G 93 -5.76 -18.70 -37.53
C ASN G 93 -6.33 -17.77 -36.47
N LEU G 94 -5.97 -18.02 -35.21
CA LEU G 94 -6.79 -17.55 -34.11
C LEU G 94 -6.85 -16.03 -34.05
N GLU G 95 -5.71 -15.36 -33.89
CA GLU G 95 -5.79 -13.91 -33.72
C GLU G 95 -6.56 -13.30 -34.86
N GLN G 96 -6.34 -13.78 -36.08
CA GLN G 96 -7.13 -13.36 -37.21
C GLN G 96 -8.57 -13.79 -37.06
N GLN G 97 -8.83 -14.76 -36.18
CA GLN G 97 -10.16 -15.36 -36.13
C GLN G 97 -11.04 -14.60 -35.16
N GLY G 98 -10.51 -14.30 -33.98
CA GLY G 98 -11.10 -13.27 -33.17
C GLY G 98 -11.21 -11.97 -33.94
N LEU G 99 -10.28 -11.71 -34.85
CA LEU G 99 -10.42 -10.53 -35.70
C LEU G 99 -11.61 -10.65 -36.62
N PHE G 100 -11.84 -11.84 -37.17
CA PHE G 100 -13.09 -12.08 -37.88
C PHE G 100 -14.27 -11.62 -37.03
N ALA G 101 -14.34 -12.12 -35.82
CA ALA G 101 -15.49 -11.81 -34.98
C ALA G 101 -15.57 -10.32 -34.69
N ILE G 102 -14.42 -9.70 -34.45
CA ILE G 102 -14.45 -8.32 -34.00
C ILE G 102 -14.77 -7.41 -35.18
N GLY G 103 -14.41 -7.81 -36.39
CA GLY G 103 -14.88 -7.10 -37.56
C GLY G 103 -16.36 -7.27 -37.75
N TYR G 104 -16.86 -8.49 -37.52
CA TYR G 104 -18.30 -8.67 -37.45
C TYR G 104 -18.95 -7.59 -36.61
N TYR G 105 -18.44 -7.42 -35.40
CA TYR G 105 -19.15 -6.50 -34.53
C TYR G 105 -18.87 -5.05 -34.84
N HIS G 106 -17.72 -4.70 -35.40
CA HIS G 106 -17.58 -3.34 -35.90
C HIS G 106 -18.59 -3.05 -37.02
N GLU G 107 -18.74 -3.95 -37.98
CA GLU G 107 -19.75 -3.69 -39.00
C GLU G 107 -21.14 -3.63 -38.41
N THR G 108 -21.47 -4.55 -37.53
CA THR G 108 -22.85 -4.57 -37.09
C THR G 108 -23.13 -3.36 -36.21
N GLN G 109 -22.11 -2.83 -35.53
CA GLN G 109 -22.18 -1.45 -35.03
C GLN G 109 -22.45 -0.46 -36.15
N PHE G 110 -21.63 -0.55 -37.20
CA PHE G 110 -21.64 0.41 -38.28
C PHE G 110 -22.96 0.45 -39.03
N LEU G 111 -23.70 -0.65 -38.97
CA LEU G 111 -24.89 -0.79 -39.77
C LEU G 111 -26.15 -0.64 -38.92
N PHE G 112 -26.14 -1.18 -37.70
CA PHE G 112 -27.18 -0.76 -36.78
C PHE G 112 -26.97 0.69 -36.38
N THR G 113 -25.88 1.30 -36.84
CA THR G 113 -25.74 2.73 -36.66
C THR G 113 -26.90 3.43 -37.36
N LYS G 114 -27.46 4.43 -36.70
CA LYS G 114 -28.74 4.96 -37.11
C LYS G 114 -28.72 5.44 -38.55
N ASP G 115 -27.63 6.09 -38.95
CA ASP G 115 -27.62 6.77 -40.22
C ASP G 115 -26.33 6.67 -41.02
N ALA G 116 -25.27 6.07 -40.47
CA ALA G 116 -23.93 6.36 -40.98
C ALA G 116 -23.75 5.83 -42.40
N LEU G 117 -24.26 4.65 -42.69
CA LEU G 117 -23.88 3.99 -43.94
C LEU G 117 -24.27 4.82 -45.16
N LYS G 118 -25.46 5.41 -45.14
CA LYS G 118 -25.86 6.14 -46.34
C LYS G 118 -24.99 7.37 -46.50
N ASN G 119 -24.61 8.01 -45.39
CA ASN G 119 -23.72 9.16 -45.48
C ASN G 119 -22.42 8.75 -46.12
N LEU G 120 -21.80 7.70 -45.57
CA LEU G 120 -20.51 7.25 -46.06
C LEU G 120 -20.60 6.82 -47.52
N PHE G 121 -21.76 6.32 -47.94
CA PHE G 121 -21.97 6.05 -49.34
C PHE G 121 -22.06 7.35 -50.14
N ASN G 122 -22.67 8.39 -49.55
CA ASN G 122 -22.82 9.64 -50.28
C ASN G 122 -21.49 10.28 -50.63
N GLU G 123 -20.57 10.46 -49.68
CA GLU G 123 -19.34 11.10 -50.17
C GLU G 123 -18.49 10.12 -50.96
N ALA G 124 -18.87 8.85 -50.99
CA ALA G 124 -18.22 7.90 -51.88
C ALA G 124 -19.11 7.62 -53.08
N THR H 1 -49.71 -49.05 -47.30
CA THR H 1 -48.62 -49.86 -46.80
C THR H 1 -48.40 -51.08 -47.67
N ILE H 2 -47.46 -50.99 -48.63
CA ILE H 2 -47.14 -52.16 -49.42
C ILE H 2 -46.36 -53.15 -48.56
N GLU H 3 -46.29 -54.39 -49.03
CA GLU H 3 -45.48 -55.40 -48.39
C GLU H 3 -44.08 -55.49 -49.00
N LYS H 4 -43.93 -55.14 -50.27
CA LYS H 4 -42.66 -55.31 -50.95
C LYS H 4 -42.11 -53.97 -51.43
N ARG H 5 -40.85 -53.72 -51.08
CA ARG H 5 -40.14 -52.52 -51.52
C ARG H 5 -39.91 -52.56 -53.03
N TYR H 6 -40.05 -51.40 -53.68
CA TYR H 6 -39.77 -51.35 -55.11
C TYR H 6 -38.65 -50.37 -55.39
N ASP H 7 -38.02 -50.52 -56.56
CA ASP H 7 -36.85 -49.74 -56.91
C ASP H 7 -36.86 -49.49 -58.41
N PHE H 8 -37.18 -48.28 -58.82
CA PHE H 8 -37.47 -47.99 -60.23
C PHE H 8 -36.46 -47.00 -60.78
N VAL H 9 -36.16 -47.14 -62.07
CA VAL H 9 -35.53 -46.08 -62.84
C VAL H 9 -36.58 -45.54 -63.80
N PHE H 10 -36.63 -44.21 -63.91
CA PHE H 10 -37.56 -43.52 -64.78
C PHE H 10 -36.74 -42.73 -65.78
N LEU H 11 -36.70 -43.21 -67.01
CA LEU H 11 -35.96 -42.59 -68.10
C LEU H 11 -36.97 -41.77 -68.88
N PHE H 12 -36.83 -40.46 -68.89
CA PHE H 12 -37.75 -39.62 -69.66
C PHE H 12 -36.98 -38.67 -70.57
N ASP H 13 -37.52 -38.50 -71.77
CA ASP H 13 -36.86 -37.79 -72.86
C ASP H 13 -37.02 -36.29 -72.69
N VAL H 14 -36.27 -35.57 -73.52
CA VAL H 14 -36.38 -34.12 -73.62
C VAL H 14 -36.06 -33.69 -75.05
N GLN H 15 -37.01 -33.02 -75.70
CA GLN H 15 -36.89 -32.68 -77.12
C GLN H 15 -36.84 -31.19 -77.37
N ASP H 16 -37.85 -30.45 -76.91
CA ASP H 16 -37.98 -29.06 -77.31
C ASP H 16 -38.23 -28.11 -76.15
N GLY H 17 -38.18 -28.59 -74.92
CA GLY H 17 -38.31 -27.72 -73.77
C GLY H 17 -37.24 -28.02 -72.76
N ASN H 18 -36.84 -26.97 -72.04
CA ASN H 18 -35.77 -27.08 -71.07
C ASN H 18 -36.08 -28.08 -69.95
N ARG H 30 -31.66 -27.15 -65.06
CA ARG H 30 -30.52 -27.42 -64.22
C ARG H 30 -29.75 -28.60 -64.82
N ILE H 31 -28.43 -28.55 -64.76
CA ILE H 31 -27.59 -29.55 -65.42
C ILE H 31 -26.37 -29.82 -64.56
N ASP H 32 -25.77 -31.00 -64.77
CA ASP H 32 -24.46 -31.29 -64.21
C ASP H 32 -23.49 -31.26 -65.38
N PRO H 33 -22.81 -30.16 -65.56
CA PRO H 33 -21.82 -30.08 -66.63
C PRO H 33 -20.68 -31.08 -66.55
N GLN H 34 -20.32 -31.64 -65.39
CA GLN H 34 -18.99 -32.24 -65.28
C GLN H 34 -18.85 -33.37 -66.29
N THR H 35 -19.88 -34.19 -66.38
CA THR H 35 -20.07 -35.10 -67.51
C THR H 35 -20.90 -34.48 -68.62
N GLY H 36 -21.25 -33.20 -68.50
CA GLY H 36 -22.10 -32.53 -69.45
C GLY H 36 -23.58 -32.71 -69.23
N GLU H 37 -23.97 -33.44 -68.20
CA GLU H 37 -25.31 -33.98 -68.19
C GLU H 37 -26.31 -32.97 -67.66
N GLY H 38 -27.57 -33.15 -68.06
CA GLY H 38 -28.67 -32.30 -67.65
C GLY H 38 -29.48 -33.00 -66.56
N LEU H 39 -29.80 -32.24 -65.52
CA LEU H 39 -30.42 -32.82 -64.34
C LEU H 39 -31.65 -32.06 -63.91
N VAL H 40 -32.79 -32.76 -63.91
CA VAL H 40 -34.05 -32.23 -63.43
C VAL H 40 -34.13 -32.44 -61.94
N THR H 41 -34.51 -31.39 -61.22
CA THR H 41 -34.74 -31.51 -59.79
C THR H 41 -35.79 -32.58 -59.53
N ASP H 42 -35.49 -33.47 -58.59
CA ASP H 42 -36.47 -34.47 -58.18
C ASP H 42 -37.78 -33.80 -57.79
N VAL H 43 -37.69 -32.62 -57.21
CA VAL H 43 -38.89 -31.88 -56.86
C VAL H 43 -39.71 -31.57 -58.09
N CYS H 44 -39.07 -31.42 -59.26
CA CYS H 44 -39.84 -31.10 -60.46
C CYS H 44 -40.56 -32.33 -61.01
N LEU H 45 -39.91 -33.50 -60.94
CA LEU H 45 -40.62 -34.72 -61.28
C LEU H 45 -41.79 -34.93 -60.32
N LYS H 46 -41.57 -34.64 -59.04
CA LYS H 46 -42.66 -34.74 -58.07
C LYS H 46 -43.77 -33.74 -58.38
N ARG H 47 -43.40 -32.50 -58.74
CA ARG H 47 -44.34 -31.58 -59.36
C ARG H 47 -45.23 -32.26 -60.36
N LYS H 48 -44.63 -32.82 -61.41
CA LYS H 48 -45.46 -33.21 -62.53
C LYS H 48 -46.28 -34.44 -62.21
N VAL H 49 -45.74 -35.36 -61.41
CA VAL H 49 -46.53 -36.51 -61.00
C VAL H 49 -47.67 -36.07 -60.10
N ARG H 50 -47.42 -35.09 -59.24
CA ARG H 50 -48.49 -34.48 -58.47
C ARG H 50 -49.56 -33.94 -59.39
N ASN H 51 -49.15 -33.19 -60.40
CA ASN H 51 -50.10 -32.66 -61.38
C ASN H 51 -50.91 -33.79 -61.98
N PHE H 52 -50.25 -34.89 -62.31
CA PHE H 52 -50.94 -36.06 -62.81
C PHE H 52 -52.03 -36.49 -61.85
N ILE H 53 -51.74 -36.51 -60.56
CA ILE H 53 -52.76 -36.90 -59.59
C ILE H 53 -53.89 -35.88 -59.55
N GLN H 54 -53.54 -34.58 -59.55
CA GLN H 54 -54.54 -33.52 -59.68
C GLN H 54 -55.55 -33.86 -60.76
N MET H 55 -55.03 -34.10 -61.95
CA MET H 55 -55.80 -34.01 -63.16
C MET H 55 -56.18 -35.38 -63.70
N THR H 56 -55.89 -36.44 -62.96
CA THR H 56 -56.34 -37.78 -63.28
C THR H 56 -57.16 -38.39 -62.16
N GLN H 57 -56.78 -38.14 -60.91
CA GLN H 57 -57.46 -38.75 -59.77
C GLN H 57 -58.40 -37.81 -59.04
N ASN H 58 -57.96 -36.57 -58.79
CA ASN H 58 -58.74 -35.49 -58.18
C ASN H 58 -59.73 -35.98 -57.12
N ASP H 59 -59.26 -36.85 -56.23
CA ASP H 59 -60.13 -37.55 -55.30
C ASP H 59 -59.63 -37.33 -53.89
N GLU H 60 -60.53 -37.55 -52.93
CA GLU H 60 -60.08 -37.69 -51.56
C GLU H 60 -59.05 -38.81 -51.49
N HIS H 61 -58.13 -38.69 -50.54
CA HIS H 61 -56.91 -39.47 -50.41
C HIS H 61 -55.91 -39.09 -51.48
N HIS H 62 -56.13 -38.01 -52.22
CA HIS H 62 -55.23 -37.75 -53.34
C HIS H 62 -54.93 -36.27 -53.55
N ASP H 63 -54.83 -35.50 -52.47
CA ASP H 63 -54.35 -34.13 -52.60
C ASP H 63 -52.83 -34.10 -52.40
N ILE H 64 -52.18 -33.08 -52.94
CA ILE H 64 -50.76 -33.23 -53.23
C ILE H 64 -49.83 -32.10 -52.82
N PHE H 65 -50.32 -31.12 -52.08
CA PHE H 65 -49.52 -29.93 -51.76
C PHE H 65 -48.97 -29.29 -53.04
N ILE H 66 -49.89 -28.79 -53.85
CA ILE H 66 -49.56 -28.21 -55.15
C ILE H 66 -48.73 -26.94 -54.97
N ARG H 67 -47.89 -26.60 -55.97
CA ARG H 67 -47.20 -25.32 -55.95
C ARG H 67 -48.17 -24.17 -56.18
N GLU H 68 -49.25 -24.42 -56.92
CA GLU H 68 -50.22 -23.37 -57.20
C GLU H 68 -50.73 -22.70 -55.94
N LYS H 69 -50.85 -23.47 -54.86
CA LYS H 69 -51.19 -22.92 -53.55
C LYS H 69 -49.90 -22.82 -52.74
N GLY H 70 -49.36 -21.60 -52.67
CA GLY H 70 -48.18 -21.37 -51.84
C GLY H 70 -48.45 -21.47 -50.36
N ILE H 71 -49.72 -21.48 -49.96
CA ILE H 71 -50.08 -21.61 -48.54
C ILE H 71 -50.14 -23.11 -48.27
N LEU H 72 -48.97 -23.69 -48.09
CA LEU H 72 -48.90 -25.09 -47.69
C LEU H 72 -49.24 -25.25 -46.22
N ASN H 73 -48.84 -24.29 -45.40
CA ASN H 73 -49.23 -24.29 -43.99
C ASN H 73 -50.74 -24.28 -43.84
N ASN H 74 -51.45 -23.61 -44.75
CA ASN H 74 -52.91 -23.63 -44.67
C ASN H 74 -53.46 -25.01 -45.01
N LEU H 75 -52.85 -25.72 -45.95
CA LEU H 75 -53.28 -27.10 -46.19
C LEU H 75 -52.97 -27.97 -44.98
N ILE H 76 -51.79 -27.77 -44.38
CA ILE H 76 -51.44 -28.44 -43.14
C ILE H 76 -52.54 -28.23 -42.12
N ASP H 77 -52.96 -26.98 -41.95
CA ASP H 77 -54.02 -26.67 -41.01
C ASP H 77 -55.32 -27.37 -41.40
N GLU H 78 -55.75 -27.18 -42.64
CA GLU H 78 -57.10 -27.57 -43.03
C GLU H 78 -57.29 -29.06 -42.83
N ALA H 79 -56.29 -29.85 -43.19
CA ALA H 79 -56.40 -31.27 -42.89
C ALA H 79 -55.97 -31.55 -41.46
N HIS H 80 -55.44 -30.54 -40.76
CA HIS H 80 -55.22 -30.65 -39.33
C HIS H 80 -56.49 -30.42 -38.51
N GLU H 81 -57.59 -29.96 -39.11
CA GLU H 81 -58.86 -29.94 -38.38
C GLU H 81 -59.69 -31.20 -38.64
N GLN H 82 -59.05 -32.35 -38.78
CA GLN H 82 -59.78 -33.60 -38.89
C GLN H 82 -60.39 -33.94 -37.53
N GLU H 83 -61.01 -35.12 -37.42
CA GLU H 83 -61.51 -35.55 -36.11
C GLU H 83 -60.37 -35.58 -35.10
N ASN H 84 -59.16 -35.88 -35.58
CA ASN H 84 -57.96 -35.65 -34.77
C ASN H 84 -57.40 -34.27 -35.04
N VAL H 85 -58.29 -33.26 -34.98
CA VAL H 85 -57.83 -31.88 -34.98
C VAL H 85 -56.90 -31.64 -33.80
N LYS H 86 -57.31 -32.09 -32.62
CA LYS H 86 -56.43 -32.19 -31.46
C LYS H 86 -56.57 -33.56 -30.84
N GLY H 87 -56.80 -34.58 -31.68
CA GLY H 87 -57.23 -35.87 -31.19
C GLY H 87 -56.28 -36.48 -30.18
N LYS H 88 -54.99 -36.15 -30.28
CA LYS H 88 -54.03 -36.69 -29.34
C LYS H 88 -53.40 -35.61 -28.47
N GLU H 89 -53.76 -34.35 -28.71
CA GLU H 89 -53.48 -33.17 -27.88
C GLU H 89 -52.01 -32.75 -27.80
N LYS H 90 -51.07 -33.47 -28.39
CA LYS H 90 -49.66 -33.13 -28.16
C LYS H 90 -48.84 -33.54 -29.39
N GLY H 91 -47.50 -33.61 -29.28
CA GLY H 91 -46.73 -34.15 -30.39
C GLY H 91 -47.34 -35.42 -30.95
N GLU H 92 -48.07 -36.16 -30.12
CA GLU H 92 -48.94 -37.21 -30.63
C GLU H 92 -50.03 -36.64 -31.54
N LYS H 93 -50.61 -35.48 -31.20
CA LYS H 93 -51.59 -34.91 -32.11
C LYS H 93 -50.92 -34.48 -33.41
N THR H 94 -49.66 -34.04 -33.33
CA THR H 94 -48.87 -33.82 -34.52
C THR H 94 -48.78 -35.10 -35.34
N GLU H 95 -48.52 -36.21 -34.67
CA GLU H 95 -48.42 -37.48 -35.37
C GLU H 95 -49.74 -37.85 -36.02
N ALA H 96 -50.84 -37.68 -35.30
CA ALA H 96 -52.15 -37.99 -35.87
C ALA H 96 -52.44 -37.11 -37.08
N ALA H 97 -52.04 -35.84 -36.99
CA ALA H 97 -52.14 -34.96 -38.15
C ALA H 97 -51.33 -35.51 -39.30
N ARG H 98 -50.14 -36.05 -39.01
CA ARG H 98 -49.33 -36.65 -40.06
C ARG H 98 -50.06 -37.81 -40.73
N GLN H 99 -50.66 -38.67 -39.91
CA GLN H 99 -51.42 -39.78 -40.47
C GLN H 99 -52.56 -39.30 -41.33
N TYR H 100 -53.31 -38.29 -40.89
CA TYR H 100 -54.38 -37.82 -41.73
C TYR H 100 -53.85 -37.14 -42.99
N MET H 101 -52.69 -36.51 -42.90
CA MET H 101 -52.09 -35.97 -44.11
C MET H 101 -51.89 -37.10 -45.10
N CYS H 102 -51.22 -38.16 -44.64
CA CYS H 102 -51.00 -39.34 -45.46
C CYS H 102 -52.30 -39.83 -46.06
N SER H 103 -53.34 -39.94 -45.24
CA SER H 103 -54.61 -40.46 -45.71
C SER H 103 -55.18 -39.57 -46.80
N ARG H 104 -55.51 -38.32 -46.47
CA ARG H 104 -56.26 -37.47 -47.38
C ARG H 104 -55.40 -36.99 -48.54
N TYR H 105 -54.09 -37.02 -48.39
CA TYR H 105 -53.19 -36.52 -49.42
C TYR H 105 -52.45 -37.67 -50.07
N TYR H 106 -52.47 -37.70 -51.40
CA TYR H 106 -51.69 -38.72 -52.10
C TYR H 106 -50.21 -38.44 -52.01
N ASP H 107 -49.80 -37.21 -52.27
CA ASP H 107 -48.38 -36.89 -52.39
C ASP H 107 -47.64 -37.18 -51.09
N ILE H 108 -48.16 -36.65 -49.98
CA ILE H 108 -47.56 -36.93 -48.68
C ILE H 108 -47.52 -38.42 -48.42
N ARG H 109 -48.57 -39.15 -48.79
CA ARG H 109 -48.51 -40.60 -48.66
C ARG H 109 -47.38 -41.19 -49.48
N THR H 110 -47.13 -40.61 -50.66
CA THR H 110 -46.13 -41.13 -51.59
C THR H 110 -44.81 -40.41 -51.46
N PHE H 111 -44.81 -39.11 -51.75
CA PHE H 111 -43.61 -38.32 -51.61
C PHE H 111 -43.54 -37.79 -50.19
N GLY H 112 -42.52 -37.01 -49.90
CA GLY H 112 -42.33 -36.42 -48.58
C GLY H 112 -42.75 -34.96 -48.61
N ALA H 113 -43.29 -34.49 -47.50
CA ALA H 113 -43.67 -33.10 -47.34
C ALA H 113 -43.12 -32.59 -46.03
N VAL H 114 -42.42 -31.46 -46.07
CA VAL H 114 -42.06 -30.83 -44.81
C VAL H 114 -43.34 -30.21 -44.28
N MET H 115 -43.94 -30.91 -43.33
CA MET H 115 -45.20 -30.55 -42.74
C MET H 115 -45.01 -29.82 -41.42
N THR H 116 -43.76 -29.48 -41.11
CA THR H 116 -43.42 -28.66 -39.95
C THR H 116 -43.29 -27.20 -40.36
N THR H 117 -44.33 -26.70 -41.03
CA THR H 117 -44.29 -25.34 -41.56
C THR H 117 -45.24 -24.42 -40.82
N GLY H 118 -46.53 -24.73 -40.80
CA GLY H 118 -47.45 -24.01 -39.96
C GLY H 118 -47.47 -24.66 -38.59
N LYS H 119 -48.65 -25.02 -38.10
CA LYS H 119 -48.72 -25.93 -36.97
C LYS H 119 -48.04 -27.22 -37.40
N ASN H 120 -46.95 -27.58 -36.74
CA ASN H 120 -46.18 -28.77 -37.09
C ASN H 120 -47.11 -29.96 -37.21
N ALA H 121 -47.14 -30.56 -38.39
CA ALA H 121 -47.92 -31.77 -38.60
C ALA H 121 -47.04 -33.00 -38.72
N GLY H 122 -45.72 -32.83 -38.75
CA GLY H 122 -44.80 -33.94 -38.85
C GLY H 122 -43.90 -33.81 -40.08
N GLN H 123 -43.12 -34.85 -40.30
CA GLN H 123 -42.30 -34.99 -41.50
C GLN H 123 -42.53 -36.38 -42.05
N VAL H 124 -43.32 -36.49 -43.11
CA VAL H 124 -43.31 -37.73 -43.86
C VAL H 124 -42.08 -37.73 -44.74
N ARG H 125 -41.29 -38.78 -44.64
CA ARG H 125 -39.92 -38.73 -45.13
C ARG H 125 -39.83 -39.24 -46.56
N GLY H 126 -40.96 -39.42 -47.23
CA GLY H 126 -40.99 -39.70 -48.65
C GLY H 126 -40.82 -41.16 -49.02
N PRO H 127 -41.77 -41.99 -48.57
CA PRO H 127 -41.63 -43.44 -48.80
C PRO H 127 -41.41 -43.82 -50.24
N VAL H 128 -42.09 -43.14 -51.14
CA VAL H 128 -41.66 -43.10 -52.54
C VAL H 128 -40.82 -41.85 -52.66
N GLN H 129 -39.53 -42.01 -52.90
CA GLN H 129 -38.71 -40.85 -53.19
C GLN H 129 -37.84 -41.18 -54.37
N LEU H 130 -37.83 -40.29 -55.35
CA LEU H 130 -37.04 -40.47 -56.55
C LEU H 130 -36.01 -39.36 -56.62
N THR H 131 -34.82 -39.71 -57.10
CA THR H 131 -33.69 -38.80 -57.02
C THR H 131 -33.82 -37.70 -58.07
N PHE H 132 -32.83 -36.82 -58.08
CA PHE H 132 -32.70 -35.88 -59.19
C PHE H 132 -32.50 -36.65 -60.47
N SER H 133 -33.34 -36.40 -61.45
CA SER H 133 -33.13 -37.02 -62.74
C SER H 133 -31.86 -36.50 -63.35
N ARG H 134 -31.14 -37.36 -64.07
CA ARG H 134 -29.89 -37.00 -64.70
C ARG H 134 -29.92 -37.44 -66.15
N SER H 135 -29.53 -36.54 -67.05
CA SER H 135 -29.42 -36.94 -68.45
C SER H 135 -28.33 -37.98 -68.62
N ILE H 136 -28.49 -38.83 -69.62
CA ILE H 136 -27.43 -39.78 -69.95
C ILE H 136 -26.49 -39.18 -70.97
N ASP H 137 -26.90 -38.09 -71.62
CA ASP H 137 -26.12 -37.54 -72.69
C ASP H 137 -25.94 -36.04 -72.50
N PRO H 138 -24.74 -35.51 -72.72
CA PRO H 138 -24.50 -34.10 -72.46
C PRO H 138 -25.37 -33.22 -73.34
N ILE H 139 -25.63 -32.01 -72.85
CA ILE H 139 -26.45 -31.09 -73.62
C ILE H 139 -25.64 -29.84 -73.96
N PHE H 170 -32.27 -21.75 -74.00
CA PHE H 170 -32.09 -22.73 -72.95
C PHE H 170 -33.05 -23.89 -73.20
N THR H 171 -32.58 -24.87 -73.97
CA THR H 171 -33.40 -26.01 -74.35
C THR H 171 -32.49 -27.11 -74.88
N VAL H 172 -32.84 -28.35 -74.55
CA VAL H 172 -32.08 -29.52 -74.97
C VAL H 172 -32.60 -29.97 -76.33
N PRO H 173 -31.71 -30.28 -77.28
CA PRO H 173 -32.21 -30.90 -78.53
C PRO H 173 -32.90 -32.23 -78.29
N TYR H 174 -32.21 -33.17 -77.63
CA TYR H 174 -32.84 -34.39 -77.17
C TYR H 174 -31.91 -35.00 -76.15
N GLY H 175 -32.47 -35.39 -75.02
CA GLY H 175 -31.69 -36.04 -73.99
C GLY H 175 -32.56 -37.01 -73.23
N LEU H 176 -31.90 -37.92 -72.51
CA LEU H 176 -32.61 -38.89 -71.68
C LEU H 176 -32.31 -38.57 -70.23
N TYR H 177 -33.11 -37.68 -69.66
CA TYR H 177 -33.06 -37.45 -68.23
C TYR H 177 -33.44 -38.73 -67.51
N ARG H 178 -32.45 -39.34 -66.85
CA ARG H 178 -32.63 -40.57 -66.09
C ARG H 178 -32.77 -40.21 -64.63
N CYS H 179 -33.87 -40.64 -64.02
CA CYS H 179 -34.11 -40.46 -62.60
C CYS H 179 -34.07 -41.81 -61.91
N HIS H 180 -33.52 -41.83 -60.71
CA HIS H 180 -33.50 -43.03 -59.90
C HIS H 180 -34.52 -42.83 -58.79
N GLY H 181 -35.22 -43.88 -58.43
CA GLY H 181 -36.29 -43.75 -57.46
C GLY H 181 -36.47 -45.02 -56.68
N PHE H 182 -36.93 -44.87 -55.45
CA PHE H 182 -36.98 -45.95 -54.49
C PHE H 182 -38.31 -45.85 -53.76
N ILE H 183 -38.82 -46.99 -53.33
CA ILE H 183 -40.08 -47.04 -52.60
C ILE H 183 -39.91 -48.01 -51.45
N SER H 184 -39.62 -47.48 -50.27
CA SER H 184 -39.30 -48.29 -49.11
C SER H 184 -40.57 -48.79 -48.45
N THR H 185 -40.64 -50.09 -48.25
CA THR H 185 -41.83 -50.70 -47.64
C THR H 185 -42.13 -50.06 -46.29
N HIS H 186 -41.12 -49.90 -45.46
CA HIS H 186 -41.37 -49.46 -44.08
C HIS H 186 -41.87 -48.02 -44.05
N PHE H 187 -41.31 -47.15 -44.88
CA PHE H 187 -41.79 -45.79 -44.87
C PHE H 187 -43.21 -45.73 -45.38
N ALA H 188 -43.54 -46.58 -46.36
CA ALA H 188 -44.93 -46.81 -46.68
C ALA H 188 -45.70 -47.22 -45.44
N LYS H 189 -45.07 -48.03 -44.56
CA LYS H 189 -45.78 -48.52 -43.39
C LYS H 189 -46.22 -47.37 -42.50
N GLN H 190 -45.30 -46.46 -42.16
CA GLN H 190 -45.75 -45.39 -41.28
C GLN H 190 -46.69 -44.45 -42.01
N THR H 191 -46.48 -44.25 -43.31
CA THR H 191 -47.36 -43.35 -44.05
C THR H 191 -48.60 -44.04 -44.59
N GLY H 192 -48.71 -45.36 -44.49
CA GLY H 192 -49.83 -46.04 -45.09
C GLY H 192 -49.89 -45.90 -46.60
N PHE H 193 -48.74 -45.92 -47.26
CA PHE H 193 -48.68 -45.76 -48.70
C PHE H 193 -49.20 -47.03 -49.36
N SER H 194 -50.43 -46.99 -49.87
CA SER H 194 -51.08 -48.20 -50.32
C SER H 194 -50.46 -48.74 -51.61
N GLU H 195 -50.58 -50.05 -51.78
CA GLU H 195 -50.23 -50.66 -53.06
C GLU H 195 -51.05 -50.07 -54.19
N ASN H 196 -52.32 -49.73 -53.91
CA ASN H 196 -53.14 -49.06 -54.89
C ASN H 196 -52.56 -47.70 -55.24
N ASP H 197 -52.16 -46.94 -54.21
CA ASP H 197 -51.44 -45.70 -54.46
C ASP H 197 -50.23 -45.93 -55.32
N LEU H 198 -49.61 -47.10 -55.17
CA LEU H 198 -48.35 -47.34 -55.86
C LEU H 198 -48.58 -47.70 -57.31
N GLU H 199 -49.62 -48.47 -57.61
CA GLU H 199 -49.98 -48.67 -59.00
C GLU H 199 -50.39 -47.36 -59.64
N LEU H 200 -51.16 -46.54 -58.90
CA LEU H 200 -51.44 -45.19 -59.34
C LEU H 200 -50.16 -44.46 -59.64
N PHE H 201 -49.13 -44.68 -58.83
CA PHE H 201 -47.84 -44.08 -59.10
C PHE H 201 -47.22 -44.62 -60.37
N TRP H 202 -47.43 -45.90 -60.68
CA TRP H 202 -46.87 -46.43 -61.93
C TRP H 202 -47.50 -45.74 -63.12
N GLN H 203 -48.83 -45.71 -63.19
CA GLN H 203 -49.44 -44.96 -64.29
C GLN H 203 -49.14 -43.47 -64.18
N ALA H 204 -48.86 -42.98 -62.98
CA ALA H 204 -48.50 -41.59 -62.81
C ALA H 204 -47.19 -41.29 -63.50
N LEU H 205 -46.18 -42.13 -63.28
CA LEU H 205 -44.95 -41.99 -64.03
C LEU H 205 -45.21 -42.15 -65.51
N VAL H 206 -46.09 -43.07 -65.87
CA VAL H 206 -46.33 -43.38 -67.27
C VAL H 206 -46.88 -42.16 -68.01
N ASN H 207 -47.81 -41.44 -67.40
CA ASN H 207 -48.55 -40.41 -68.12
C ASN H 207 -48.45 -39.02 -67.51
N MET H 208 -47.54 -38.84 -66.55
CA MET H 208 -47.31 -37.55 -65.92
C MET H 208 -46.87 -36.49 -66.89
N PHE H 209 -46.22 -36.89 -67.99
CA PHE H 209 -45.86 -35.90 -69.01
C PHE H 209 -47.03 -35.66 -69.96
N ASP H 210 -47.44 -36.70 -70.69
CA ASP H 210 -48.38 -36.50 -71.79
C ASP H 210 -49.71 -35.97 -71.30
N HIS H 211 -50.20 -36.45 -70.15
CA HIS H 211 -51.55 -36.07 -69.78
C HIS H 211 -51.62 -34.60 -69.38
N ASP H 212 -50.50 -33.99 -69.01
CA ASP H 212 -50.35 -32.55 -68.80
C ASP H 212 -49.18 -32.01 -69.59
N HIS H 213 -49.12 -32.36 -70.87
CA HIS H 213 -48.06 -31.82 -71.72
C HIS H 213 -48.17 -30.31 -71.80
N SER H 214 -47.09 -29.62 -71.44
CA SER H 214 -47.03 -28.17 -71.45
C SER H 214 -46.14 -27.69 -72.58
N ALA H 215 -46.58 -26.66 -73.29
CA ALA H 215 -45.79 -26.11 -74.37
C ALA H 215 -44.47 -25.55 -73.87
N ALA H 216 -44.49 -24.87 -72.72
CA ALA H 216 -43.25 -24.38 -72.13
C ALA H 216 -42.32 -25.53 -71.78
N ARG H 217 -42.87 -26.70 -71.44
CA ARG H 217 -42.06 -27.85 -71.08
C ARG H 217 -41.44 -28.52 -72.30
N GLY H 218 -41.93 -28.21 -73.49
CA GLY H 218 -41.46 -28.96 -74.64
C GLY H 218 -41.98 -30.38 -74.58
N GLN H 219 -41.35 -31.25 -75.35
CA GLN H 219 -41.78 -32.64 -75.42
C GLN H 219 -40.94 -33.49 -74.48
N MET H 220 -41.59 -34.00 -73.44
CA MET H 220 -41.02 -34.99 -72.54
C MET H 220 -42.02 -36.11 -72.39
N ASN H 221 -41.52 -37.33 -72.21
CA ASN H 221 -42.40 -38.48 -72.13
C ASN H 221 -41.76 -39.56 -71.26
N ALA H 222 -42.63 -40.38 -70.67
CA ALA H 222 -42.19 -41.49 -69.83
C ALA H 222 -41.62 -42.58 -70.72
N ARG H 223 -40.39 -42.35 -71.17
CA ARG H 223 -39.79 -43.24 -72.15
C ARG H 223 -39.65 -44.66 -71.61
N GLY H 224 -38.84 -44.83 -70.57
CA GLY H 224 -38.73 -46.13 -69.96
C GLY H 224 -38.85 -46.13 -68.45
N LEU H 225 -39.91 -46.72 -67.92
CA LEU H 225 -40.03 -46.90 -66.49
C LEU H 225 -39.82 -48.37 -66.19
N TYR H 226 -38.70 -48.68 -65.57
CA TYR H 226 -38.33 -50.05 -65.27
C TYR H 226 -38.18 -50.18 -63.77
N VAL H 227 -38.96 -51.05 -63.14
CA VAL H 227 -38.86 -51.18 -61.69
C VAL H 227 -38.55 -52.61 -61.30
N PHE H 228 -37.65 -52.75 -60.34
CA PHE H 228 -37.27 -54.02 -59.77
C PHE H 228 -38.03 -54.16 -58.47
N GLU H 229 -38.74 -55.27 -58.32
CA GLU H 229 -39.48 -55.48 -57.09
C GLU H 229 -38.71 -56.42 -56.18
N HIS H 230 -38.48 -55.96 -54.95
CA HIS H 230 -37.92 -56.76 -53.88
C HIS H 230 -38.96 -57.75 -53.43
N SER H 231 -38.54 -58.99 -53.16
CA SER H 231 -39.49 -59.99 -52.68
C SER H 231 -40.05 -59.60 -51.32
N ASN H 232 -39.20 -59.08 -50.43
CA ASN H 232 -39.62 -58.75 -49.09
C ASN H 232 -39.20 -57.33 -48.76
N ASN H 233 -39.60 -56.87 -47.57
CA ASN H 233 -39.22 -55.54 -47.12
C ASN H 233 -37.72 -55.35 -47.16
N LEU H 234 -36.96 -56.30 -46.64
CA LEU H 234 -35.53 -56.19 -46.62
C LEU H 234 -35.00 -56.00 -48.03
N GLY H 235 -33.98 -55.16 -48.17
CA GLY H 235 -33.38 -54.98 -49.46
C GLY H 235 -32.86 -56.31 -49.93
N ASP H 236 -33.60 -56.92 -50.86
CA ASP H 236 -33.25 -58.28 -51.29
C ASP H 236 -31.92 -58.28 -52.03
N ALA H 237 -31.55 -57.16 -52.64
CA ALA H 237 -30.21 -56.99 -53.19
C ALA H 237 -29.80 -55.55 -52.92
N PRO H 238 -28.52 -55.24 -53.01
CA PRO H 238 -28.13 -53.83 -52.98
C PRO H 238 -28.73 -53.10 -54.16
N ALA H 239 -29.42 -52.00 -53.86
CA ALA H 239 -30.12 -51.26 -54.91
C ALA H 239 -29.18 -50.94 -56.06
N ASP H 240 -27.99 -50.44 -55.74
CA ASP H 240 -27.05 -50.05 -56.79
C ASP H 240 -26.82 -51.17 -57.79
N SER H 241 -26.84 -52.42 -57.33
CA SER H 241 -26.76 -53.54 -58.26
C SER H 241 -27.92 -53.51 -59.25
N LEU H 242 -29.14 -53.40 -58.73
CA LEU H 242 -30.31 -53.39 -59.59
C LEU H 242 -30.28 -52.19 -60.52
N PHE H 243 -29.83 -51.06 -60.02
CA PHE H 243 -29.84 -49.83 -60.79
C PHE H 243 -28.69 -49.74 -61.76
N LYS H 244 -27.67 -50.59 -61.63
CA LYS H 244 -26.80 -50.77 -62.78
C LYS H 244 -27.31 -51.86 -63.69
N ARG H 245 -28.25 -52.69 -63.24
CA ARG H 245 -28.87 -53.64 -64.16
C ARG H 245 -29.57 -52.95 -65.32
N ILE H 246 -29.93 -51.67 -65.19
CA ILE H 246 -30.57 -50.96 -66.28
C ILE H 246 -29.48 -50.12 -66.95
N GLN H 247 -28.96 -50.60 -68.08
CA GLN H 247 -27.85 -49.95 -68.75
C GLN H 247 -28.39 -49.15 -69.92
N VAL H 248 -28.32 -47.83 -69.82
CA VAL H 248 -28.74 -46.94 -70.91
C VAL H 248 -27.55 -46.09 -71.31
N VAL H 249 -27.27 -46.04 -72.60
CA VAL H 249 -26.21 -45.22 -73.15
C VAL H 249 -26.67 -44.69 -74.51
N LYS H 250 -25.93 -43.73 -75.05
CA LYS H 250 -26.19 -43.27 -76.39
C LYS H 250 -25.93 -44.39 -77.38
N LYS H 251 -26.66 -44.37 -78.49
CA LYS H 251 -26.26 -45.21 -79.62
C LYS H 251 -24.87 -44.78 -80.08
N ASP H 252 -24.03 -45.78 -80.37
CA ASP H 252 -22.64 -45.49 -80.70
C ASP H 252 -22.54 -44.59 -81.92
N GLY H 253 -23.32 -44.87 -82.97
CA GLY H 253 -23.31 -43.99 -84.13
C GLY H 253 -23.88 -42.62 -83.83
N VAL H 254 -24.98 -42.57 -83.08
CA VAL H 254 -25.64 -41.29 -82.78
C VAL H 254 -25.05 -40.80 -81.46
N GLU H 255 -23.94 -40.08 -81.56
CA GLU H 255 -23.30 -39.56 -80.36
C GLU H 255 -24.16 -38.47 -79.72
N VAL H 256 -24.61 -37.50 -80.51
CA VAL H 256 -25.47 -36.43 -80.04
C VAL H 256 -26.90 -36.84 -80.42
N VAL H 257 -27.63 -37.36 -79.44
CA VAL H 257 -28.82 -38.17 -79.70
C VAL H 257 -30.05 -37.30 -79.96
N ARG H 258 -30.89 -37.76 -80.89
CA ARG H 258 -32.13 -37.07 -81.26
C ARG H 258 -33.40 -37.84 -80.93
N SER H 259 -33.30 -39.05 -80.37
CA SER H 259 -34.51 -39.84 -80.19
C SER H 259 -34.29 -40.86 -79.09
N PHE H 260 -35.40 -41.30 -78.51
CA PHE H 260 -35.31 -42.37 -77.52
C PHE H 260 -34.92 -43.70 -78.15
N ASP H 261 -35.37 -43.95 -79.37
CA ASP H 261 -34.86 -45.12 -80.10
C ASP H 261 -33.39 -44.98 -80.45
N ASP H 262 -32.83 -43.78 -80.32
CA ASP H 262 -31.42 -43.54 -80.55
C ASP H 262 -30.57 -43.77 -79.31
N TYR H 263 -31.04 -44.57 -78.36
CA TYR H 263 -30.20 -45.06 -77.27
C TYR H 263 -30.01 -46.56 -77.34
N LEU H 264 -28.83 -46.99 -76.90
CA LEU H 264 -28.60 -48.36 -76.47
C LEU H 264 -29.11 -48.46 -75.02
N VAL H 265 -30.42 -48.60 -74.90
CA VAL H 265 -31.07 -48.76 -73.62
C VAL H 265 -31.46 -50.22 -73.47
N SER H 266 -31.14 -50.80 -72.32
CA SER H 266 -31.32 -52.23 -72.16
C SER H 266 -31.38 -52.56 -70.68
N VAL H 267 -31.92 -53.75 -70.40
CA VAL H 267 -31.91 -54.33 -69.07
C VAL H 267 -31.53 -55.80 -69.20
N ASP H 268 -30.72 -56.27 -68.27
CA ASP H 268 -30.31 -57.67 -68.22
C ASP H 268 -30.89 -58.29 -66.96
N ASP H 269 -31.86 -59.18 -67.14
CA ASP H 269 -32.48 -59.90 -66.04
C ASP H 269 -31.77 -61.22 -65.78
N LYS H 270 -30.45 -61.23 -66.02
CA LYS H 270 -29.70 -62.49 -66.07
C LYS H 270 -29.75 -63.22 -64.74
N ASN H 271 -29.64 -62.50 -63.63
CA ASN H 271 -29.75 -63.14 -62.34
C ASN H 271 -30.65 -62.36 -61.40
N LEU H 272 -30.86 -61.06 -61.64
CA LEU H 272 -31.64 -60.22 -60.72
C LEU H 272 -32.98 -60.85 -60.39
N GLU H 273 -33.35 -61.90 -61.11
CA GLU H 273 -34.50 -62.73 -60.84
C GLU H 273 -34.39 -63.50 -59.54
N GLU H 274 -33.32 -63.36 -58.75
CA GLU H 274 -33.21 -64.18 -57.54
C GLU H 274 -34.45 -64.04 -56.66
N THR H 275 -34.82 -62.82 -56.28
CA THR H 275 -36.10 -62.63 -55.60
C THR H 275 -36.83 -61.40 -56.10
N LYS H 276 -36.17 -60.61 -56.94
CA LYS H 276 -36.80 -59.44 -57.52
C LYS H 276 -37.46 -59.80 -58.84
N LEU H 277 -38.44 -58.99 -59.22
CA LEU H 277 -39.05 -59.11 -60.54
C LEU H 277 -38.95 -57.75 -61.22
N LEU H 278 -38.34 -57.72 -62.39
CA LEU H 278 -38.32 -56.50 -63.18
C LEU H 278 -39.63 -56.44 -63.95
N ARG H 279 -40.40 -55.38 -63.74
CA ARG H 279 -41.50 -55.07 -64.65
C ARG H 279 -41.14 -53.81 -65.42
N LYS H 280 -41.27 -53.91 -66.74
CA LYS H 280 -40.81 -52.90 -67.69
C LYS H 280 -42.03 -52.15 -68.22
N LEU H 281 -42.38 -51.06 -67.53
CA LEU H 281 -43.55 -50.30 -67.91
C LEU H 281 -43.25 -49.39 -69.09
N GLY H 282 -42.16 -48.64 -69.03
CA GLY H 282 -41.82 -47.75 -70.13
C GLY H 282 -41.47 -48.48 -71.40
N GLY H 283 -40.80 -49.62 -71.27
CA GLY H 283 -40.42 -50.41 -72.43
C GLY H 283 -40.24 -51.88 -72.12
N GLY I 1 -20.09 3.48 -12.44
CA GLY I 1 -18.70 3.07 -12.43
C GLY I 1 -18.23 2.60 -13.78
N LEU I 2 -19.05 1.78 -14.42
CA LEU I 2 -18.76 1.38 -15.79
C LEU I 2 -18.77 2.59 -16.69
N ASP I 3 -17.85 2.60 -17.65
CA ASP I 3 -17.77 3.69 -18.61
C ASP I 3 -18.15 3.17 -19.98
N ARG I 4 -19.28 3.68 -20.49
CA ARG I 4 -19.74 3.35 -21.85
C ARG I 4 -18.59 3.38 -22.85
N ASN I 5 -17.80 4.44 -22.82
CA ASN I 5 -16.83 4.73 -23.86
C ASN I 5 -15.40 4.76 -23.32
N ARG I 6 -15.03 3.73 -22.54
CA ARG I 6 -13.76 3.77 -21.86
C ARG I 6 -12.59 3.86 -22.83
N GLN I 7 -12.60 3.04 -23.88
CA GLN I 7 -11.62 3.07 -24.95
C GLN I 7 -10.25 2.63 -24.47
N ASP I 8 -10.07 2.38 -23.18
CA ASP I 8 -8.79 1.93 -22.65
C ASP I 8 -8.74 0.41 -22.77
N ILE I 9 -7.79 -0.07 -23.58
CA ILE I 9 -7.97 -1.35 -24.26
C ILE I 9 -8.20 -2.47 -23.26
N GLY I 10 -7.30 -2.61 -22.29
CA GLY I 10 -7.43 -3.71 -21.35
C GLY I 10 -8.77 -3.67 -20.64
N TYR I 11 -9.20 -2.48 -20.24
CA TYR I 11 -10.52 -2.33 -19.64
C TYR I 11 -11.59 -2.95 -20.51
N VAL I 12 -11.62 -2.58 -21.78
CA VAL I 12 -12.70 -3.05 -22.62
C VAL I 12 -12.58 -4.55 -22.85
N LEU I 13 -11.37 -5.10 -22.92
CA LEU I 13 -11.31 -6.54 -23.08
C LEU I 13 -11.85 -7.26 -21.86
N GLY I 14 -11.50 -6.80 -20.67
CA GLY I 14 -12.11 -7.39 -19.49
C GLY I 14 -13.61 -7.20 -19.52
N ARG I 15 -14.03 -6.09 -20.10
CA ARG I 15 -15.43 -5.76 -20.20
C ARG I 15 -16.14 -6.77 -21.10
N LEU I 16 -15.50 -7.07 -22.23
CA LEU I 16 -15.88 -8.20 -23.07
C LEU I 16 -15.94 -9.48 -22.27
N PHE I 17 -14.88 -9.80 -21.53
CA PHE I 17 -14.81 -11.11 -20.94
C PHE I 17 -15.95 -11.29 -19.95
N ALA I 18 -16.29 -10.22 -19.25
CA ALA I 18 -17.42 -10.28 -18.35
C ALA I 18 -18.72 -10.49 -19.10
N VAL I 19 -18.91 -9.79 -20.22
CA VAL I 19 -20.18 -9.98 -20.88
C VAL I 19 -20.29 -11.39 -21.44
N LEU I 20 -19.18 -11.96 -21.91
CA LEU I 20 -19.21 -13.38 -22.28
C LEU I 20 -19.52 -14.26 -21.08
N GLU I 21 -19.02 -13.91 -19.91
CA GLU I 21 -19.37 -14.70 -18.74
C GLU I 21 -20.87 -14.66 -18.52
N LYS I 22 -21.47 -13.49 -18.67
CA LYS I 22 -22.93 -13.40 -18.77
C LYS I 22 -23.53 -14.31 -19.82
N ILE I 23 -23.03 -14.24 -21.05
CA ILE I 23 -23.67 -14.98 -22.12
C ILE I 23 -23.70 -16.46 -21.79
N GLN I 24 -22.55 -17.02 -21.41
CA GLN I 24 -22.55 -18.46 -21.17
C GLN I 24 -23.20 -18.82 -19.85
N ALA I 25 -23.11 -17.95 -18.84
CA ALA I 25 -23.75 -18.25 -17.56
C ALA I 25 -25.26 -18.35 -17.74
N GLU I 26 -25.85 -17.40 -18.46
CA GLU I 26 -27.26 -17.52 -18.79
C GLU I 26 -27.51 -18.63 -19.79
N ALA I 27 -26.50 -18.98 -20.59
CA ALA I 27 -26.64 -20.08 -21.54
C ALA I 27 -26.60 -21.42 -20.85
N ASN I 28 -25.91 -21.51 -19.72
CA ASN I 28 -25.76 -22.75 -18.97
C ASN I 28 -26.14 -22.49 -17.52
N PRO I 29 -27.40 -22.14 -17.27
CA PRO I 29 -27.78 -21.78 -15.90
C PRO I 29 -27.53 -22.89 -14.90
N GLY I 30 -27.76 -24.15 -15.31
CA GLY I 30 -27.45 -25.26 -14.42
C GLY I 30 -25.96 -25.40 -14.18
N LEU I 31 -25.16 -25.27 -15.24
CA LEU I 31 -23.72 -25.43 -15.13
C LEU I 31 -23.15 -24.25 -14.35
N ASN I 32 -22.30 -24.55 -13.36
CA ASN I 32 -21.87 -23.50 -12.44
C ASN I 32 -20.50 -22.94 -12.81
N ALA I 33 -19.67 -23.76 -13.46
CA ALA I 33 -18.37 -23.29 -13.90
C ALA I 33 -18.54 -22.15 -14.89
N THR I 34 -17.72 -21.11 -14.73
CA THR I 34 -17.80 -19.94 -15.58
C THR I 34 -16.48 -19.74 -16.29
N ILE I 35 -16.56 -19.27 -17.54
CA ILE I 35 -15.34 -18.94 -18.26
C ILE I 35 -14.50 -17.94 -17.49
N ALA I 36 -15.11 -17.12 -16.64
CA ALA I 36 -14.31 -16.37 -15.68
C ALA I 36 -13.44 -17.32 -14.88
N ASP I 37 -14.08 -18.27 -14.21
CA ASP I 37 -13.38 -19.25 -13.39
C ASP I 37 -12.31 -19.96 -14.19
N ARG I 38 -12.46 -20.01 -15.50
CA ARG I 38 -11.70 -20.95 -16.30
C ARG I 38 -10.61 -20.30 -17.12
N TYR I 39 -10.71 -18.99 -17.34
CA TYR I 39 -9.78 -18.26 -18.19
C TYR I 39 -9.22 -17.01 -17.56
N PHE I 40 -9.87 -16.43 -16.56
CA PHE I 40 -9.68 -15.02 -16.26
C PHE I 40 -8.20 -14.69 -16.14
N GLY I 41 -7.42 -15.58 -15.56
CA GLY I 41 -5.99 -15.35 -15.47
C GLY I 41 -5.34 -15.12 -16.81
N SER I 42 -5.40 -16.13 -17.68
CA SER I 42 -4.80 -15.98 -19.00
C SER I 42 -5.47 -14.87 -19.79
N ALA I 43 -6.80 -14.79 -19.72
CA ALA I 43 -7.53 -13.77 -20.44
C ALA I 43 -6.97 -12.39 -20.13
N SER I 44 -6.84 -12.08 -18.85
CA SER I 44 -6.24 -10.83 -18.45
C SER I 44 -4.80 -10.73 -18.94
N SER I 45 -4.04 -11.80 -18.78
CA SER I 45 -2.63 -11.78 -19.18
C SER I 45 -2.50 -11.85 -20.68
N THR I 46 -2.97 -12.94 -21.28
CA THR I 46 -2.88 -13.15 -22.71
C THR I 46 -4.30 -13.07 -23.25
N PRO I 47 -4.69 -11.96 -23.81
CA PRO I 47 -6.08 -11.78 -24.19
C PRO I 47 -6.48 -12.65 -25.36
N ILE I 48 -5.65 -12.63 -26.40
CA ILE I 48 -6.00 -13.39 -27.61
C ILE I 48 -6.14 -14.86 -27.28
N ALA I 49 -5.27 -15.36 -26.41
CA ALA I 49 -5.15 -16.81 -26.23
C ALA I 49 -6.47 -17.44 -25.84
N VAL I 50 -7.37 -16.67 -25.23
CA VAL I 50 -8.68 -17.20 -24.89
C VAL I 50 -9.83 -16.41 -25.50
N PHE I 51 -9.66 -15.14 -25.85
CA PHE I 51 -10.73 -14.49 -26.57
C PHE I 51 -10.93 -15.10 -27.95
N GLY I 52 -9.89 -15.65 -28.57
CA GLY I 52 -10.12 -16.41 -29.77
C GLY I 52 -11.15 -17.51 -29.56
N THR I 53 -10.84 -18.42 -28.64
CA THR I 53 -11.70 -19.57 -28.45
C THR I 53 -13.07 -19.18 -27.91
N LEU I 54 -13.11 -18.34 -26.87
CA LEU I 54 -14.38 -17.85 -26.37
C LEU I 54 -15.20 -17.20 -27.47
N MET I 55 -14.56 -16.36 -28.27
CA MET I 55 -15.32 -15.48 -29.13
C MET I 55 -15.87 -16.29 -30.28
N ARG I 56 -15.12 -17.34 -30.68
CA ARG I 56 -15.71 -18.40 -31.49
C ARG I 56 -16.92 -18.98 -30.80
N LEU I 57 -16.79 -19.28 -29.52
CA LEU I 57 -17.80 -20.08 -28.85
C LEU I 57 -19.04 -19.30 -28.52
N LEU I 58 -19.02 -17.99 -28.70
CA LEU I 58 -20.15 -17.17 -28.30
C LEU I 58 -21.48 -17.58 -28.92
N PRO I 59 -21.61 -17.69 -30.25
CA PRO I 59 -22.93 -18.00 -30.80
C PRO I 59 -23.42 -19.38 -30.46
N HIS I 60 -22.54 -20.33 -30.17
CA HIS I 60 -23.01 -21.60 -29.64
C HIS I 60 -23.75 -21.40 -28.33
N HIS I 61 -23.17 -20.59 -27.43
CA HIS I 61 -23.86 -20.29 -26.19
C HIS I 61 -25.14 -19.54 -26.45
N LEU I 62 -25.12 -18.65 -27.43
CA LEU I 62 -26.32 -17.93 -27.84
C LEU I 62 -27.41 -18.92 -28.25
N ASN I 63 -27.03 -19.96 -28.99
CA ASN I 63 -27.97 -21.02 -29.31
C ASN I 63 -28.52 -21.64 -28.05
N LYS I 64 -27.64 -22.01 -27.11
CA LYS I 64 -28.15 -22.48 -25.83
C LYS I 64 -28.99 -21.42 -25.14
N LEU I 65 -28.71 -20.14 -25.40
CA LEU I 65 -29.38 -19.07 -24.68
C LEU I 65 -30.81 -18.95 -25.16
N GLU I 66 -31.75 -19.16 -24.25
CA GLU I 66 -33.13 -19.44 -24.64
C GLU I 66 -33.85 -18.20 -25.13
N PHE I 67 -34.05 -17.24 -24.23
CA PHE I 67 -34.82 -16.06 -24.58
C PHE I 67 -34.07 -15.31 -25.67
N GLU I 68 -34.80 -14.91 -26.72
CA GLU I 68 -34.14 -14.35 -27.90
C GLU I 68 -33.61 -12.95 -27.63
N GLY I 69 -34.45 -12.10 -27.02
CA GLY I 69 -34.01 -10.74 -26.72
C GLY I 69 -32.72 -10.74 -25.93
N ARG I 70 -32.63 -11.64 -24.95
CA ARG I 70 -31.39 -11.92 -24.25
C ARG I 70 -30.22 -11.92 -25.22
N ALA I 71 -30.30 -12.80 -26.22
CA ALA I 71 -29.19 -12.99 -27.14
C ALA I 71 -28.93 -11.73 -27.94
N VAL I 72 -29.97 -11.06 -28.44
CA VAL I 72 -29.70 -9.94 -29.33
C VAL I 72 -29.09 -8.77 -28.57
N GLN I 73 -29.59 -8.48 -27.36
CA GLN I 73 -28.90 -7.42 -26.64
C GLN I 73 -27.51 -7.84 -26.18
N LEU I 74 -27.26 -9.13 -25.97
CA LEU I 74 -25.89 -9.50 -25.64
C LEU I 74 -24.99 -9.33 -26.85
N GLN I 75 -25.49 -9.68 -28.04
CA GLN I 75 -24.87 -9.19 -29.27
C GLN I 75 -24.52 -7.73 -29.11
N TRP I 76 -25.53 -6.90 -28.86
CA TRP I 76 -25.36 -5.46 -28.80
C TRP I 76 -24.20 -5.07 -27.89
N GLU I 77 -24.15 -5.69 -26.71
CA GLU I 77 -23.07 -5.39 -25.79
C GLU I 77 -21.73 -5.71 -26.44
N ILE I 78 -21.59 -6.92 -26.98
CA ILE I 78 -20.37 -7.28 -27.69
C ILE I 78 -20.06 -6.24 -28.75
N ARG I 79 -21.09 -5.74 -29.41
CA ARG I 79 -20.99 -4.78 -30.49
C ARG I 79 -20.26 -3.52 -30.07
N GLN I 80 -20.79 -2.80 -29.09
CA GLN I 80 -20.02 -1.62 -28.66
C GLN I 80 -18.73 -1.99 -27.93
N ILE I 81 -18.66 -3.17 -27.31
CA ILE I 81 -17.40 -3.51 -26.68
C ILE I 81 -16.29 -3.61 -27.71
N LEU I 82 -16.58 -4.26 -28.82
CA LEU I 82 -15.62 -4.40 -29.90
C LEU I 82 -15.53 -3.13 -30.74
N GLU I 83 -16.52 -2.26 -30.64
CA GLU I 83 -16.31 -0.88 -31.04
C GLU I 83 -15.12 -0.30 -30.29
N HIS I 84 -15.09 -0.48 -28.98
CA HIS I 84 -13.98 0.07 -28.22
C HIS I 84 -12.70 -0.74 -28.44
N CYS I 85 -12.78 -2.05 -28.37
CA CYS I 85 -11.61 -2.86 -28.71
C CYS I 85 -11.45 -2.88 -30.20
N GLN I 86 -10.58 -2.01 -30.71
CA GLN I 86 -10.34 -1.99 -32.14
C GLN I 86 -9.61 -3.24 -32.59
N ARG I 87 -8.89 -3.88 -31.67
CA ARG I 87 -7.93 -4.91 -32.04
C ARG I 87 -7.40 -5.59 -30.78
N PHE I 88 -7.47 -6.94 -30.78
CA PHE I 88 -7.01 -7.71 -29.63
C PHE I 88 -5.51 -7.58 -29.41
N PRO I 89 -5.11 -7.10 -28.25
CA PRO I 89 -3.69 -6.97 -27.96
C PRO I 89 -3.01 -8.33 -27.90
N ASN I 90 -1.73 -8.31 -28.25
CA ASN I 90 -0.94 -9.51 -28.08
C ASN I 90 -0.88 -9.91 -26.62
N HIS I 91 -0.77 -8.93 -25.73
CA HIS I 91 -0.81 -9.15 -24.29
C HIS I 91 -1.29 -7.89 -23.61
N LEU I 92 -1.21 -7.89 -22.30
CA LEU I 92 -1.68 -6.79 -21.47
C LEU I 92 -0.62 -6.44 -20.43
N ASN I 93 -0.23 -5.17 -20.39
CA ASN I 93 0.63 -4.73 -19.31
C ASN I 93 -0.24 -4.43 -18.09
N LEU I 94 0.42 -4.19 -16.96
CA LEU I 94 -0.25 -4.35 -15.68
C LEU I 94 -1.41 -3.39 -15.51
N GLU I 95 -1.15 -2.08 -15.55
CA GLU I 95 -2.25 -1.17 -15.25
C GLU I 95 -3.41 -1.45 -16.18
N GLN I 96 -3.14 -1.74 -17.44
CA GLN I 96 -4.17 -2.17 -18.36
C GLN I 96 -4.73 -3.52 -17.94
N GLN I 97 -4.02 -4.25 -17.09
CA GLN I 97 -4.42 -5.62 -16.82
C GLN I 97 -5.38 -5.67 -15.63
N GLY I 98 -5.03 -4.95 -14.58
CA GLY I 98 -6.04 -4.60 -13.59
C GLY I 98 -7.21 -3.91 -14.23
N LEU I 99 -6.98 -3.14 -15.30
CA LEU I 99 -8.10 -2.56 -16.00
C LEU I 99 -8.95 -3.63 -16.68
N PHE I 100 -8.32 -4.65 -17.25
CA PHE I 100 -9.06 -5.81 -17.70
C PHE I 100 -10.01 -6.29 -16.61
N ALA I 101 -9.45 -6.53 -15.43
CA ALA I 101 -10.27 -7.09 -14.37
C ALA I 101 -11.38 -6.12 -13.96
N ILE I 102 -11.05 -4.84 -13.91
CA ILE I 102 -12.01 -3.89 -13.38
C ILE I 102 -13.12 -3.66 -14.40
N GLY I 103 -12.81 -3.78 -15.69
CA GLY I 103 -13.86 -3.79 -16.69
C GLY I 103 -14.72 -5.02 -16.58
N TYR I 104 -14.10 -6.17 -16.33
CA TYR I 104 -14.87 -7.36 -15.98
C TYR I 104 -15.92 -7.02 -14.96
N TYR I 105 -15.51 -6.41 -13.87
CA TYR I 105 -16.48 -6.23 -12.80
C TYR I 105 -17.44 -5.08 -13.07
N HIS I 106 -17.06 -4.06 -13.83
CA HIS I 106 -18.09 -3.12 -14.26
C HIS I 106 -19.16 -3.78 -15.11
N GLU I 107 -18.76 -4.61 -16.08
CA GLU I 107 -19.79 -5.29 -16.85
C GLU I 107 -20.61 -6.22 -16.00
N THR I 108 -19.98 -6.97 -15.13
CA THR I 108 -20.76 -7.96 -14.42
C THR I 108 -21.68 -7.27 -13.42
N GLN I 109 -21.30 -6.08 -12.93
CA GLN I 109 -22.28 -5.17 -12.34
C GLN I 109 -23.39 -4.83 -13.31
N PHE I 110 -23.00 -4.41 -14.51
CA PHE I 110 -23.93 -3.88 -15.49
C PHE I 110 -24.93 -4.92 -15.95
N LEU I 111 -24.58 -6.19 -15.81
CA LEU I 111 -25.39 -7.26 -16.36
C LEU I 111 -26.14 -8.00 -15.26
N PHE I 112 -25.51 -8.20 -14.11
CA PHE I 112 -26.31 -8.60 -12.97
C PHE I 112 -27.19 -7.43 -12.53
N THR I 113 -27.03 -6.28 -13.15
CA THR I 113 -27.97 -5.20 -12.92
C THR I 113 -29.37 -5.67 -13.31
N LYS I 114 -30.34 -5.35 -12.47
CA LYS I 114 -31.65 -6.01 -12.58
C LYS I 114 -32.24 -5.82 -13.97
N ASP I 115 -32.11 -4.63 -14.53
CA ASP I 115 -32.85 -4.31 -15.73
C ASP I 115 -32.10 -3.50 -16.78
N ALA I 116 -30.88 -3.06 -16.50
CA ALA I 116 -30.32 -1.95 -17.26
C ALA I 116 -30.08 -2.30 -18.73
N LEU I 117 -29.58 -3.51 -18.99
CA LEU I 117 -29.07 -3.80 -20.32
C LEU I 117 -30.17 -3.67 -21.37
N LYS I 118 -31.38 -4.16 -21.07
CA LYS I 118 -32.39 -4.10 -22.10
C LYS I 118 -32.79 -2.66 -22.37
N ASN I 119 -32.82 -1.83 -21.32
CA ASN I 119 -33.11 -0.42 -21.50
C ASN I 119 -32.09 0.20 -22.43
N LEU I 120 -30.82 0.03 -22.08
CA LEU I 120 -29.75 0.62 -22.87
C LEU I 120 -29.75 0.11 -24.30
N PHE I 121 -30.19 -1.11 -24.50
CA PHE I 121 -30.40 -1.61 -25.86
C PHE I 121 -31.57 -0.89 -26.52
N ASN I 122 -32.62 -0.59 -25.75
CA ASN I 122 -33.79 0.05 -26.35
C ASN I 122 -33.48 1.40 -26.92
N GLU I 123 -32.84 2.32 -26.17
CA GLU I 123 -32.63 3.59 -26.85
C GLU I 123 -31.49 3.49 -27.86
N ALA I 124 -30.80 2.37 -27.91
CA ALA I 124 -29.84 2.11 -28.96
C ALA I 124 -30.42 1.15 -29.98
N GLY J 1 -19.10 1.43 10.75
CA GLY J 1 -17.85 2.08 10.41
C GLY J 1 -17.57 2.02 8.92
N LEU J 2 -17.78 0.85 8.33
CA LEU J 2 -17.67 0.73 6.90
C LEU J 2 -18.70 1.60 6.23
N ASP J 3 -18.33 2.20 5.11
CA ASP J 3 -19.23 3.05 4.36
C ASP J 3 -19.53 2.38 3.02
N ARG J 4 -20.79 1.97 2.85
CA ARG J 4 -21.27 1.40 1.59
C ARG J 4 -20.75 2.18 0.38
N ASN J 5 -20.87 3.50 0.42
CA ASN J 5 -20.65 4.36 -0.73
C ASN J 5 -19.52 5.34 -0.49
N ARG J 6 -18.38 4.85 0.00
CA ARG J 6 -17.32 5.76 0.40
C ARG J 6 -16.82 6.60 -0.77
N GLN J 7 -16.57 5.97 -1.90
CA GLN J 7 -16.18 6.64 -3.13
C GLN J 7 -14.80 7.26 -3.03
N ASP J 8 -14.16 7.23 -1.87
CA ASP J 8 -12.82 7.76 -1.70
C ASP J 8 -11.83 6.68 -2.08
N ILE J 9 -11.05 6.95 -3.14
CA ILE J 9 -10.52 5.88 -3.97
C ILE J 9 -9.67 4.92 -3.14
N GLY J 10 -8.69 5.44 -2.41
CA GLY J 10 -7.82 4.56 -1.66
C GLY J 10 -8.59 3.69 -0.70
N TYR J 11 -9.57 4.28 -0.03
CA TYR J 11 -10.45 3.51 0.86
C TYR J 11 -11.02 2.31 0.13
N VAL J 12 -11.63 2.55 -1.03
CA VAL J 12 -12.30 1.45 -1.69
C VAL J 12 -11.30 0.42 -2.19
N LEU J 13 -10.10 0.84 -2.60
CA LEU J 13 -9.15 -0.18 -3.00
C LEU J 13 -8.73 -1.05 -1.84
N GLY J 14 -8.47 -0.46 -0.68
CA GLY J 14 -8.21 -1.29 0.48
C GLY J 14 -9.39 -2.16 0.79
N ARG J 15 -10.57 -1.64 0.51
CA ARG J 15 -11.81 -2.35 0.76
C ARG J 15 -11.87 -3.59 -0.13
N LEU J 16 -11.54 -3.40 -1.39
CA LEU J 16 -11.28 -4.49 -2.32
C LEU J 16 -10.26 -5.47 -1.75
N PHE J 17 -9.12 -4.97 -1.31
CA PHE J 17 -8.04 -5.88 -0.97
C PHE J 17 -8.47 -6.76 0.18
N ALA J 18 -9.23 -6.19 1.11
CA ALA J 18 -9.75 -6.99 2.20
C ALA J 18 -10.73 -8.03 1.71
N VAL J 19 -11.62 -7.67 0.79
CA VAL J 19 -12.57 -8.68 0.38
C VAL J 19 -11.86 -9.80 -0.36
N LEU J 20 -10.83 -9.48 -1.15
CA LEU J 20 -10.02 -10.54 -1.73
C LEU J 20 -9.35 -11.38 -0.67
N GLU J 21 -8.90 -10.77 0.42
CA GLU J 21 -8.33 -11.56 1.49
C GLU J 21 -9.35 -12.55 2.02
N LYS J 22 -10.59 -12.10 2.20
CA LYS J 22 -11.69 -13.02 2.42
C LYS J 22 -11.80 -14.11 1.37
N ILE J 23 -11.82 -13.74 0.10
CA ILE J 23 -12.07 -14.75 -0.92
C ILE J 23 -11.03 -15.85 -0.85
N GLN J 24 -9.76 -15.47 -0.81
CA GLN J 24 -8.75 -16.53 -0.82
C GLN J 24 -8.62 -17.21 0.53
N ALA J 25 -8.85 -16.50 1.63
CA ALA J 25 -8.77 -17.13 2.94
C ALA J 25 -9.81 -18.22 3.06
N GLU J 26 -11.04 -17.93 2.65
CA GLU J 26 -12.05 -18.98 2.61
C GLU J 26 -11.76 -19.99 1.51
N ALA J 27 -11.03 -19.57 0.47
CA ALA J 27 -10.67 -20.49 -0.60
C ALA J 27 -9.56 -21.44 -0.16
N ASN J 28 -8.73 -21.02 0.77
CA ASN J 28 -7.60 -21.82 1.25
C ASN J 28 -7.65 -21.86 2.77
N PRO J 29 -8.71 -22.45 3.34
CA PRO J 29 -8.85 -22.42 4.81
C PRO J 29 -7.67 -23.05 5.52
N GLY J 30 -7.12 -24.13 4.97
CA GLY J 30 -5.94 -24.72 5.56
C GLY J 30 -4.73 -23.81 5.46
N LEU J 31 -4.53 -23.19 4.30
CA LEU J 31 -3.38 -22.33 4.09
C LEU J 31 -3.54 -21.06 4.91
N ASN J 32 -2.49 -20.69 5.64
CA ASN J 32 -2.64 -19.61 6.61
C ASN J 32 -2.13 -18.29 6.06
N ALA J 33 -1.18 -18.33 5.13
CA ALA J 33 -0.69 -17.11 4.51
C ALA J 33 -1.82 -16.40 3.78
N THR J 34 -1.88 -15.09 3.94
CA THR J 34 -2.93 -14.29 3.33
C THR J 34 -2.32 -13.27 2.40
N ILE J 35 -3.02 -13.00 1.30
CA ILE J 35 -2.58 -11.93 0.41
C ILE J 35 -2.42 -10.63 1.15
N ALA J 36 -3.17 -10.43 2.23
CA ALA J 36 -2.84 -9.30 3.10
C ALA J 36 -1.39 -9.40 3.54
N ASP J 37 -1.04 -10.52 4.16
CA ASP J 37 0.31 -10.75 4.65
C ASP J 37 1.33 -10.56 3.53
N ARG J 38 0.90 -10.72 2.29
CA ARG J 38 1.85 -10.93 1.20
C ARG J 38 1.96 -9.72 0.29
N TYR J 39 0.98 -8.82 0.32
CA TYR J 39 0.92 -7.68 -0.57
C TYR J 39 0.66 -6.36 0.13
N PHE J 40 0.09 -6.36 1.34
CA PHE J 40 -0.61 -5.18 1.82
C PHE J 40 0.24 -3.93 1.68
N GLY J 41 1.53 -4.05 1.93
CA GLY J 41 2.42 -2.91 1.76
C GLY J 41 2.36 -2.33 0.37
N SER J 42 2.76 -3.13 -0.63
CA SER J 42 2.74 -2.64 -2.00
C SER J 42 1.32 -2.29 -2.44
N ALA J 43 0.35 -3.13 -2.08
CA ALA J 43 -1.03 -2.88 -2.45
C ALA J 43 -1.46 -1.49 -2.04
N SER J 44 -1.23 -1.15 -0.78
CA SER J 44 -1.52 0.19 -0.31
C SER J 44 -0.70 1.22 -1.06
N SER J 45 0.58 0.96 -1.24
CA SER J 45 1.46 1.91 -1.91
C SER J 45 1.20 1.92 -3.41
N THR J 46 1.42 0.80 -4.06
CA THR J 46 1.23 0.67 -5.49
C THR J 46 0.03 -0.23 -5.72
N PRO J 47 -1.12 0.30 -5.99
CA PRO J 47 -2.31 -0.51 -6.03
C PRO J 47 -2.34 -1.45 -7.23
N ILE J 48 -2.05 -0.90 -8.40
CA ILE J 48 -2.11 -1.70 -9.61
C ILE J 48 -1.15 -2.87 -9.52
N ALA J 49 0.03 -2.64 -8.95
CA ALA J 49 1.11 -3.61 -9.03
C ALA J 49 0.68 -4.97 -8.49
N VAL J 50 -0.28 -5.00 -7.59
CA VAL J 50 -0.78 -6.27 -7.09
C VAL J 50 -2.26 -6.48 -7.30
N PHE J 51 -3.07 -5.44 -7.45
CA PHE J 51 -4.44 -5.69 -7.82
C PHE J 51 -4.55 -6.31 -9.20
N GLY J 52 -3.62 -6.02 -10.11
CA GLY J 52 -3.61 -6.76 -11.35
C GLY J 52 -3.56 -8.26 -11.12
N THR J 53 -2.50 -8.71 -10.44
CA THR J 53 -2.29 -10.14 -10.28
C THR J 53 -3.37 -10.76 -9.40
N LEU J 54 -3.67 -10.15 -8.25
CA LEU J 54 -4.77 -10.64 -7.43
C LEU J 54 -6.06 -10.73 -8.21
N MET J 55 -6.38 -9.70 -8.97
CA MET J 55 -7.71 -9.59 -9.49
C MET J 55 -7.88 -10.58 -10.63
N ARG J 56 -6.77 -10.85 -11.34
CA ARG J 56 -6.69 -12.04 -12.18
C ARG J 56 -7.00 -13.27 -11.36
N LEU J 57 -6.36 -13.38 -10.20
CA LEU J 57 -6.37 -14.65 -9.48
C LEU J 57 -7.68 -14.90 -8.77
N LEU J 58 -8.56 -13.93 -8.74
CA LEU J 58 -9.80 -14.08 -7.96
C LEU J 58 -10.62 -15.30 -8.37
N PRO J 59 -10.99 -15.49 -9.63
CA PRO J 59 -11.88 -16.62 -9.95
C PRO J 59 -11.22 -17.97 -9.75
N HIS J 60 -9.90 -18.06 -9.80
CA HIS J 60 -9.26 -19.31 -9.42
C HIS J 60 -9.57 -19.63 -7.96
N HIS J 61 -9.45 -18.63 -7.08
CA HIS J 61 -9.80 -18.86 -5.69
C HIS J 61 -11.27 -19.17 -5.55
N LEU J 62 -12.10 -18.52 -6.35
CA LEU J 62 -13.52 -18.82 -6.38
C LEU J 62 -13.75 -20.29 -6.71
N ASN J 63 -13.00 -20.80 -7.67
CA ASN J 63 -13.04 -22.23 -7.97
C ASN J 63 -12.68 -23.04 -6.74
N LYS J 64 -11.57 -22.69 -6.07
CA LYS J 64 -11.30 -23.36 -4.82
C LYS J 64 -12.40 -23.14 -3.80
N LEU J 65 -13.10 -22.01 -3.90
CA LEU J 65 -14.09 -21.67 -2.89
C LEU J 65 -15.31 -22.56 -3.04
N GLU J 66 -15.60 -23.33 -1.99
CA GLU J 66 -16.48 -24.48 -2.13
C GLU J 66 -17.93 -24.06 -2.24
N PHE J 67 -18.47 -23.47 -1.18
CA PHE J 67 -19.89 -23.13 -1.15
C PHE J 67 -20.14 -22.10 -2.24
N GLU J 68 -21.18 -22.32 -3.03
CA GLU J 68 -21.40 -21.48 -4.21
C GLU J 68 -21.89 -20.09 -3.82
N GLY J 69 -22.87 -20.02 -2.92
CA GLY J 69 -23.37 -18.72 -2.51
C GLY J 69 -22.25 -17.83 -2.00
N ARG J 70 -21.34 -18.41 -1.23
CA ARG J 70 -20.09 -17.76 -0.85
C ARG J 70 -19.53 -16.99 -2.04
N ALA J 71 -19.27 -17.71 -3.13
CA ALA J 71 -18.61 -17.12 -4.28
C ALA J 71 -19.47 -16.03 -4.90
N VAL J 72 -20.77 -16.25 -5.04
CA VAL J 72 -21.54 -15.26 -5.78
C VAL J 72 -21.69 -13.97 -4.97
N GLN J 73 -21.91 -14.07 -3.66
CA GLN J 73 -21.92 -12.81 -2.92
C GLN J 73 -20.56 -12.17 -2.85
N LEU J 74 -19.47 -12.95 -2.91
CA LEU J 74 -18.17 -12.29 -2.93
C LEU J 74 -17.96 -11.57 -4.27
N GLN J 75 -18.42 -12.19 -5.36
CA GLN J 75 -18.63 -11.44 -6.59
C GLN J 75 -19.29 -10.12 -6.28
N TRP J 76 -20.49 -10.19 -5.69
CA TRP J 76 -21.29 -9.01 -5.41
C TRP J 76 -20.48 -7.93 -4.72
N GLU J 77 -19.73 -8.33 -3.70
CA GLU J 77 -18.92 -7.36 -2.99
C GLU J 77 -17.95 -6.70 -3.94
N ILE J 78 -17.19 -7.50 -4.69
CA ILE J 78 -16.29 -6.94 -5.69
C ILE J 78 -17.02 -5.99 -6.61
N ARG J 79 -18.26 -6.33 -6.94
CA ARG J 79 -19.11 -5.58 -7.85
C ARG J 79 -19.31 -4.15 -7.37
N GLN J 80 -19.90 -3.96 -6.21
CA GLN J 80 -20.01 -2.57 -5.75
C GLN J 80 -18.66 -1.95 -5.38
N ILE J 81 -17.67 -2.76 -5.00
CA ILE J 81 -16.39 -2.15 -4.70
C ILE J 81 -15.82 -1.50 -5.94
N LEU J 82 -15.89 -2.18 -7.06
CA LEU J 82 -15.42 -1.65 -8.32
C LEU J 82 -16.40 -0.68 -8.94
N GLU J 83 -17.65 -0.71 -8.49
CA GLU J 83 -18.51 0.45 -8.69
C GLU J 83 -17.85 1.69 -8.13
N HIS J 84 -17.37 1.60 -6.88
CA HIS J 84 -16.74 2.78 -6.30
C HIS J 84 -15.37 3.05 -6.91
N CYS J 85 -14.54 2.01 -7.05
CA CYS J 85 -13.28 2.21 -7.74
C CYS J 85 -13.55 2.29 -9.23
N GLN J 86 -13.64 3.50 -9.75
CA GLN J 86 -13.87 3.65 -11.18
C GLN J 86 -12.65 3.21 -11.97
N ARG J 87 -11.47 3.25 -11.34
CA ARG J 87 -10.21 3.14 -12.08
C ARG J 87 -9.06 3.01 -11.09
N PHE J 88 -8.23 1.98 -11.29
CA PHE J 88 -7.09 1.75 -10.41
C PHE J 88 -6.07 2.86 -10.48
N PRO J 89 -5.78 3.51 -9.36
CA PRO J 89 -4.78 4.58 -9.35
C PRO J 89 -3.40 4.04 -9.68
N ASN J 90 -2.60 4.91 -10.26
CA ASN J 90 -1.21 4.56 -10.48
C ASN J 90 -0.52 4.34 -9.14
N HIS J 91 -0.84 5.15 -8.15
CA HIS J 91 -0.34 4.99 -6.79
C HIS J 91 -1.34 5.60 -5.82
N LEU J 92 -0.93 5.68 -4.56
CA LEU J 92 -1.77 6.20 -3.50
C LEU J 92 -0.98 7.18 -2.66
N ASN J 93 -1.51 8.38 -2.49
CA ASN J 93 -0.91 9.31 -1.55
C ASN J 93 -1.40 8.97 -0.14
N LEU J 94 -0.79 9.61 0.85
CA LEU J 94 -0.82 9.05 2.20
C LEU J 94 -2.22 8.99 2.77
N GLU J 95 -2.91 10.12 2.89
CA GLU J 95 -4.20 10.05 3.56
C GLU J 95 -5.09 9.04 2.87
N GLN J 96 -5.04 8.99 1.54
CA GLN J 96 -5.73 7.96 0.80
C GLN J 96 -5.13 6.59 1.09
N GLN J 97 -3.92 6.55 1.64
CA GLN J 97 -3.23 5.28 1.76
C GLN J 97 -3.55 4.62 3.10
N GLY J 98 -3.50 5.40 4.16
CA GLY J 98 -4.17 4.99 5.36
C GLY J 98 -5.64 4.69 5.11
N LEU J 99 -6.25 5.40 4.17
CA LEU J 99 -7.62 5.04 3.82
C LEU J 99 -7.69 3.67 3.17
N PHE J 100 -6.73 3.34 2.32
CA PHE J 100 -6.60 1.98 1.85
C PHE J 100 -6.67 1.01 3.01
N ALA J 101 -5.81 1.21 3.98
CA ALA J 101 -5.74 0.28 5.09
C ALA J 101 -7.04 0.25 5.88
N ILE J 102 -7.65 1.42 6.06
CA ILE J 102 -8.81 1.47 6.93
C ILE J 102 -10.02 0.88 6.22
N GLY J 103 -10.06 0.97 4.89
CA GLY J 103 -11.05 0.24 4.15
C GLY J 103 -10.82 -1.26 4.23
N TYR J 104 -9.56 -1.68 4.15
CA TYR J 104 -9.23 -3.07 4.44
C TYR J 104 -9.92 -3.51 5.70
N TYR J 105 -9.75 -2.76 6.77
CA TYR J 105 -10.27 -3.26 8.03
C TYR J 105 -11.78 -3.08 8.16
N HIS J 106 -12.38 -2.09 7.52
CA HIS J 106 -13.83 -2.10 7.48
C HIS J 106 -14.38 -3.32 6.77
N GLU J 107 -13.81 -3.68 5.61
CA GLU J 107 -14.30 -4.90 4.97
C GLU J 107 -14.04 -6.12 5.81
N THR J 108 -12.86 -6.22 6.39
CA THR J 108 -12.58 -7.46 7.07
C THR J 108 -13.42 -7.56 8.35
N GLN J 109 -13.81 -6.43 8.93
CA GLN J 109 -14.92 -6.40 9.87
C GLN J 109 -16.19 -6.93 9.21
N PHE J 110 -16.52 -6.39 8.05
CA PHE J 110 -17.78 -6.64 7.37
C PHE J 110 -17.92 -8.09 6.97
N LEU J 111 -16.81 -8.78 6.81
CA LEU J 111 -16.82 -10.14 6.28
C LEU J 111 -16.58 -11.16 7.37
N PHE J 112 -15.69 -10.86 8.31
CA PHE J 112 -15.70 -11.68 9.52
C PHE J 112 -16.95 -11.41 10.32
N THR J 113 -17.77 -10.46 9.87
CA THR J 113 -19.08 -10.31 10.48
C THR J 113 -19.85 -11.60 10.30
N LYS J 114 -20.54 -12.01 11.37
CA LYS J 114 -21.07 -13.37 11.43
C LYS J 114 -21.97 -13.68 10.25
N ASP J 115 -22.81 -12.71 9.87
CA ASP J 115 -23.86 -13.01 8.92
C ASP J 115 -24.14 -11.91 7.89
N ALA J 116 -23.49 -10.76 7.98
CA ALA J 116 -24.03 -9.58 7.32
C ALA J 116 -24.02 -9.71 5.81
N LEU J 117 -22.94 -10.25 5.25
CA LEU J 117 -22.75 -10.16 3.81
C LEU J 117 -23.89 -10.82 3.04
N LYS J 118 -24.34 -11.99 3.50
CA LYS J 118 -25.37 -12.65 2.72
C LYS J 118 -26.66 -11.87 2.80
N ASN J 119 -26.95 -11.26 3.95
CA ASN J 119 -28.13 -10.43 4.07
C ASN J 119 -28.07 -9.29 3.07
N LEU J 120 -26.96 -8.56 3.10
CA LEU J 120 -26.81 -7.40 2.23
C LEU J 120 -26.86 -7.80 0.77
N PHE J 121 -26.41 -9.01 0.46
CA PHE J 121 -26.60 -9.54 -0.88
C PHE J 121 -28.06 -9.82 -1.17
N ASN J 122 -28.80 -10.29 -0.16
CA ASN J 122 -30.20 -10.64 -0.38
C ASN J 122 -31.04 -9.43 -0.77
N GLU J 123 -30.97 -8.32 -0.03
CA GLU J 123 -31.85 -7.24 -0.52
C GLU J 123 -31.25 -6.58 -1.74
N ALA J 124 -30.03 -6.93 -2.12
CA ALA J 124 -29.47 -6.48 -3.38
C ALA J 124 -29.52 -7.61 -4.40
N MET K 1 -6.04 35.61 52.41
CA MET K 1 -6.13 35.38 53.84
C MET K 1 -4.89 34.70 54.32
N ILE K 2 -3.84 34.75 53.49
CA ILE K 2 -2.62 33.98 53.75
C ILE K 2 -2.14 34.19 55.18
N LEU K 3 -1.74 35.41 55.46
CA LEU K 3 -1.13 35.72 56.73
C LEU K 3 -2.11 35.55 57.86
N HIS K 4 -3.36 35.95 57.64
CA HIS K 4 -4.36 35.75 58.67
C HIS K 4 -4.56 34.28 58.96
N ALA K 5 -4.54 33.44 57.93
CA ALA K 5 -4.70 32.02 58.18
C ALA K 5 -3.53 31.46 58.96
N LEU K 6 -2.31 31.84 58.57
CA LEU K 6 -1.15 31.44 59.34
C LEU K 6 -1.34 31.81 60.80
N THR K 7 -1.78 33.04 61.05
CA THR K 7 -1.97 33.48 62.41
C THR K 7 -3.02 32.65 63.12
N GLN K 8 -4.10 32.33 62.43
CA GLN K 8 -5.09 31.45 63.02
C GLN K 8 -4.45 30.16 63.47
N TYR K 9 -3.60 29.59 62.64
CA TYR K 9 -3.02 28.31 63.03
C TYR K 9 -2.01 28.47 64.15
N TYR K 10 -1.29 29.57 64.18
CA TYR K 10 -0.41 29.80 65.30
C TYR K 10 -1.22 29.81 66.58
N GLN K 11 -2.35 30.50 66.56
CA GLN K 11 -3.20 30.53 67.74
C GLN K 11 -3.63 29.13 68.12
N ARG K 12 -3.97 28.31 67.11
CA ARG K 12 -4.36 26.95 67.42
C ARG K 12 -3.23 26.19 68.09
N LYS K 13 -2.03 26.30 67.54
CA LYS K 13 -0.92 25.55 68.12
C LYS K 13 -0.63 26.01 69.54
N ALA K 14 -0.72 27.31 69.78
CA ALA K 14 -0.48 27.81 71.13
C ALA K 14 -1.53 27.29 72.09
N GLU K 15 -2.78 27.29 71.67
CA GLU K 15 -3.85 26.93 72.59
C GLU K 15 -4.06 25.43 72.73
N SER K 16 -3.47 24.63 71.84
CA SER K 16 -3.77 23.20 71.82
C SER K 16 -2.58 22.35 72.19
N ASP K 17 -1.79 22.78 73.18
CA ASP K 17 -0.69 22.00 73.71
C ASP K 17 0.31 21.63 72.63
N GLY K 18 0.28 22.34 71.50
CA GLY K 18 1.27 22.08 70.48
C GLY K 18 2.68 22.48 70.87
N GLY K 19 2.83 23.22 71.96
CA GLY K 19 4.15 23.57 72.43
C GLY K 19 4.96 24.39 71.46
N ILE K 20 4.31 25.22 70.65
CA ILE K 20 5.04 26.13 69.79
C ILE K 20 5.67 27.23 70.62
N ALA K 21 6.58 27.96 69.98
CA ALA K 21 7.26 29.05 70.66
C ALA K 21 6.25 30.11 71.08
N GLN K 22 6.40 30.62 72.30
CA GLN K 22 5.40 31.49 72.91
C GLN K 22 5.77 32.95 72.70
N GLU K 23 5.64 33.39 71.44
CA GLU K 23 5.71 34.81 71.08
C GLU K 23 7.11 35.34 71.25
N GLY K 24 7.98 34.56 71.87
CA GLY K 24 9.23 35.11 72.33
C GLY K 24 10.41 34.21 72.08
N PHE K 25 10.23 33.18 71.27
CA PHE K 25 11.21 32.13 71.19
C PHE K 25 11.30 31.53 69.80
N GLU K 26 12.37 30.82 69.57
CA GLU K 26 12.50 29.96 68.42
C GLU K 26 13.06 28.63 68.89
N ASN K 27 12.57 27.56 68.29
CA ASN K 27 13.03 26.24 68.71
C ASN K 27 14.39 25.97 68.10
N LYS K 28 15.33 26.86 68.38
CA LYS K 28 16.70 26.66 67.93
C LYS K 28 17.27 25.41 68.59
N GLU K 29 18.09 24.71 67.85
CA GLU K 29 18.67 23.44 68.29
C GLU K 29 20.06 23.74 68.83
N ILE K 30 20.29 23.38 70.09
CA ILE K 30 21.54 23.71 70.76
C ILE K 30 22.47 22.51 70.63
N PRO K 31 23.59 22.62 69.90
CA PRO K 31 24.50 21.47 69.77
C PRO K 31 24.95 20.92 71.10
N PHE K 32 25.24 21.80 72.05
CA PHE K 32 25.62 21.35 73.37
C PHE K 32 25.43 22.45 74.39
N ILE K 33 25.18 22.02 75.62
CA ILE K 33 24.82 22.91 76.72
C ILE K 33 25.84 22.76 77.83
N ILE K 34 26.30 23.90 78.33
CA ILE K 34 27.25 23.93 79.44
C ILE K 34 26.44 23.93 80.73
N VAL K 35 26.63 22.90 81.54
CA VAL K 35 25.94 22.77 82.82
C VAL K 35 26.74 23.54 83.86
N ILE K 36 26.07 24.40 84.60
CA ILE K 36 26.73 25.33 85.49
C ILE K 36 26.05 25.33 86.85
N ASP K 37 26.82 25.67 87.88
CA ASP K 37 26.32 25.98 89.21
C ASP K 37 26.22 27.49 89.33
N LYS K 38 26.06 27.97 90.56
CA LYS K 38 25.96 29.41 90.80
C LYS K 38 27.19 30.17 90.31
N GLN K 39 28.32 29.48 90.15
CA GLN K 39 29.53 30.10 89.60
C GLN K 39 29.96 29.49 88.28
N GLY K 40 29.28 28.45 87.82
CA GLY K 40 29.62 27.83 86.55
C GLY K 40 31.02 27.26 86.55
N ASN K 41 31.92 27.90 85.80
CA ASN K 41 33.33 27.50 85.75
C ASN K 41 33.48 26.05 85.29
N PHE K 42 32.67 25.67 84.30
CA PHE K 42 32.60 24.28 83.84
C PHE K 42 32.26 23.33 84.99
N ILE K 43 31.03 23.47 85.47
CA ILE K 43 30.46 22.43 86.30
C ILE K 43 30.36 21.13 85.50
N GLN K 44 29.93 21.22 84.24
CA GLN K 44 29.89 20.08 83.35
C GLN K 44 29.66 20.61 81.93
N LEU K 45 29.93 19.76 80.95
CA LEU K 45 29.56 20.05 79.58
C LEU K 45 28.77 18.87 79.04
N GLU K 46 27.47 19.08 78.81
CA GLU K 46 26.65 18.08 78.16
C GLU K 46 26.64 18.38 76.67
N ASP K 47 26.88 17.36 75.86
CA ASP K 47 26.71 17.49 74.43
C ASP K 47 25.35 16.92 74.05
N THR K 48 24.51 17.77 73.47
CA THR K 48 23.17 17.39 73.07
C THR K 48 23.13 16.86 71.65
N ARG K 49 24.27 16.84 70.97
CA ARG K 49 24.34 16.67 69.53
C ARG K 49 23.83 15.29 69.09
N GLU K 50 23.71 14.35 70.02
CA GLU K 50 23.31 13.00 69.67
C GLU K 50 21.88 12.96 69.15
N LEU K 51 21.73 12.65 67.86
CA LEU K 51 20.44 12.68 67.18
C LEU K 51 20.40 11.73 65.99
N LYS K 52 19.55 12.08 65.01
CA LYS K 52 19.09 11.23 63.93
C LYS K 52 20.19 10.97 62.92
N VAL K 53 19.79 10.61 61.69
CA VAL K 53 20.70 10.02 60.70
C VAL K 53 22.07 10.70 60.71
N LYS K 54 22.12 12.00 60.98
CA LYS K 54 23.40 12.66 61.15
C LYS K 54 23.56 13.15 62.59
N LYS K 55 24.80 13.34 62.99
CA LYS K 55 25.11 13.78 64.35
C LYS K 55 24.70 15.25 64.45
N LYS K 56 23.46 15.50 64.85
CA LYS K 56 22.82 16.79 64.65
C LYS K 56 23.30 17.82 65.68
N VAL K 57 22.54 18.91 65.78
CA VAL K 57 22.89 20.08 66.58
C VAL K 57 22.05 20.15 67.85
N GLY K 58 21.67 19.01 68.39
CA GLY K 58 21.19 18.96 69.75
C GLY K 58 19.69 18.76 69.87
N ARG K 59 19.20 18.99 71.09
CA ARG K 59 17.78 18.86 71.37
C ARG K 59 17.05 20.18 71.11
N THR K 60 15.78 20.05 70.74
CA THR K 60 14.99 21.19 70.31
C THR K 60 14.51 21.98 71.52
N PHE K 61 15.07 23.17 71.71
CA PHE K 61 14.82 23.98 72.89
C PHE K 61 14.30 25.33 72.44
N LEU K 62 13.08 25.68 72.88
CA LEU K 62 12.43 26.90 72.46
C LEU K 62 13.10 28.11 73.11
N VAL K 63 14.37 28.31 72.75
CA VAL K 63 15.21 29.36 73.30
C VAL K 63 14.82 30.71 72.70
N PRO K 64 15.27 31.83 73.26
CA PRO K 64 14.96 33.14 72.67
C PRO K 64 15.32 33.18 71.20
N LYS K 65 14.72 34.12 70.48
CA LYS K 65 14.92 34.14 69.04
C LYS K 65 16.37 34.42 68.70
N GLY K 66 16.80 33.91 67.56
CA GLY K 66 18.04 34.38 66.98
C GLY K 66 17.87 35.81 66.52
N LEU K 67 18.51 36.75 67.19
CA LEU K 67 18.35 38.14 66.81
C LEU K 67 18.94 38.44 65.44
N GLY K 68 19.69 37.50 64.88
CA GLY K 68 20.21 37.68 63.54
C GLY K 68 21.42 38.57 63.52
N ARG K 69 22.41 38.21 62.72
CA ARG K 69 23.67 38.93 62.70
C ARG K 69 23.75 39.91 61.54
N SER K 70 23.40 39.45 60.34
CA SER K 70 23.31 40.31 59.18
C SER K 70 24.65 40.96 58.84
N GLY K 71 25.71 40.32 59.24
CA GLY K 71 27.00 40.62 58.60
C GLY K 71 27.81 41.65 59.39
N SER K 72 27.99 42.83 58.78
CA SER K 72 29.09 43.73 59.11
C SER K 72 29.35 43.87 60.59
N LYS K 73 28.40 44.41 61.33
CA LYS K 73 28.55 44.60 62.77
C LYS K 73 27.93 43.43 63.52
N SER K 74 28.39 42.24 63.15
CA SER K 74 27.83 41.02 63.72
C SER K 74 28.00 40.99 65.23
N TYR K 75 29.20 41.30 65.70
CA TYR K 75 29.50 41.09 67.11
C TYR K 75 28.63 41.96 68.00
N GLU K 76 28.14 43.08 67.47
CA GLU K 76 27.29 43.94 68.28
C GLU K 76 26.04 43.22 68.76
N VAL K 77 25.41 42.47 67.87
CA VAL K 77 24.20 41.74 68.22
C VAL K 77 24.60 40.37 68.75
N SER K 78 23.94 39.93 69.81
CA SER K 78 24.22 38.64 70.42
C SER K 78 22.93 38.04 70.93
N ASN K 79 22.70 36.77 70.61
CA ASN K 79 21.53 36.09 71.10
C ASN K 79 21.57 36.04 72.61
N LEU K 80 20.40 35.89 73.23
CA LEU K 80 20.25 36.22 74.64
C LEU K 80 21.18 35.39 75.52
N LEU K 81 21.01 34.08 75.57
CA LEU K 81 22.01 33.21 76.21
C LEU K 81 22.62 32.22 75.24
N TRP K 82 21.79 31.39 74.61
CA TRP K 82 22.31 30.47 73.62
C TRP K 82 22.93 31.29 72.51
N ASP K 83 24.10 30.90 72.04
CA ASP K 83 24.77 31.75 71.05
C ASP K 83 25.96 31.01 70.47
N HIS K 84 26.66 31.70 69.58
CA HIS K 84 27.83 31.27 68.86
C HIS K 84 29.00 31.10 69.83
N TYR K 85 29.95 30.24 69.44
CA TYR K 85 31.05 29.95 70.35
C TYR K 85 31.87 31.21 70.65
N GLY K 86 32.16 32.01 69.63
CA GLY K 86 32.92 33.22 69.86
C GLY K 86 32.17 34.21 70.71
N TYR K 87 30.85 34.25 70.57
CA TYR K 87 30.05 35.09 71.45
C TYR K 87 30.09 34.58 72.88
N VAL K 88 29.85 33.28 73.07
CA VAL K 88 29.68 32.78 74.42
C VAL K 88 31.02 32.60 75.10
N LEU K 89 31.84 31.68 74.60
CA LEU K 89 33.09 31.34 75.24
C LEU K 89 34.26 32.18 74.76
N ALA K 90 34.06 32.99 73.72
CA ALA K 90 35.18 33.61 73.01
C ALA K 90 36.18 32.57 72.54
N TYR K 91 35.67 31.38 72.22
CA TYR K 91 36.47 30.40 71.49
C TYR K 91 36.95 30.96 70.16
N ALA K 92 38.23 30.73 69.89
CA ALA K 92 38.83 31.26 68.68
C ALA K 92 38.20 30.67 67.43
N GLY K 93 38.36 29.37 67.24
CA GLY K 93 37.98 28.78 65.97
C GLY K 93 38.95 29.10 64.87
N GLU K 94 39.45 30.34 64.85
CA GLU K 94 40.39 30.83 63.85
C GLU K 94 40.82 32.25 64.21
N LYS K 95 41.65 32.86 63.35
CA LYS K 95 41.98 34.28 63.47
C LYS K 95 40.75 35.13 63.76
N GLY K 96 39.57 34.69 63.33
CA GLY K 96 38.36 35.38 63.71
C GLY K 96 38.01 35.11 65.16
N GLN K 97 39.01 35.21 66.03
CA GLN K 97 38.80 35.24 67.47
C GLN K 97 38.70 36.66 68.01
N GLU K 98 39.50 37.57 67.48
CA GLU K 98 39.40 38.97 67.89
C GLU K 98 37.97 39.46 67.76
N GLN K 99 37.38 39.31 66.58
CA GLN K 99 35.97 39.60 66.42
C GLN K 99 35.12 38.76 67.36
N ALA K 100 35.43 37.48 67.46
CA ALA K 100 34.79 36.64 68.47
C ALA K 100 34.89 37.25 69.84
N ASP K 101 36.09 37.74 70.20
CA ASP K 101 36.24 38.44 71.46
C ASP K 101 35.25 39.59 71.55
N LYS K 102 35.20 40.43 70.53
CA LYS K 102 34.18 41.47 70.49
C LYS K 102 32.80 40.87 70.58
N GLN K 103 32.57 39.78 69.84
CA GLN K 103 31.36 38.98 70.04
C GLN K 103 31.17 38.70 71.50
N HIS K 104 32.13 38.02 72.11
CA HIS K 104 32.13 37.78 73.54
C HIS K 104 31.86 39.08 74.28
N ALA K 105 32.57 40.14 73.90
CA ALA K 105 32.40 41.43 74.56
C ALA K 105 30.93 41.83 74.60
N SER K 106 30.26 41.77 73.46
CA SER K 106 28.84 42.11 73.49
C SER K 106 28.03 41.04 74.18
N PHE K 107 28.35 39.76 73.91
CA PHE K 107 27.59 38.69 74.53
C PHE K 107 27.60 38.83 76.04
N THR K 108 28.80 38.97 76.61
CA THR K 108 28.93 39.34 78.01
C THR K 108 28.00 40.48 78.36
N ALA K 109 28.17 41.61 77.67
CA ALA K 109 27.30 42.75 77.92
C ALA K 109 25.84 42.33 77.89
N LYS K 110 25.46 41.59 76.84
CA LYS K 110 24.12 41.04 76.78
C LYS K 110 23.80 40.28 78.06
N VAL K 111 24.57 39.24 78.33
CA VAL K 111 24.38 38.49 79.56
C VAL K 111 24.42 39.44 80.74
N ASN K 112 25.38 40.37 80.75
CA ASN K 112 25.48 41.31 81.85
C ASN K 112 24.20 42.11 81.99
N GLU K 113 23.71 42.70 80.90
CA GLU K 113 22.45 43.42 81.01
C GLU K 113 21.32 42.48 81.37
N LEU K 114 21.41 41.23 80.89
CA LEU K 114 20.47 40.22 81.34
C LEU K 114 20.48 40.09 82.85
N LYS K 115 21.67 40.09 83.44
CA LYS K 115 21.76 40.12 84.90
C LYS K 115 21.19 41.43 85.43
N GLN K 116 21.53 42.55 84.81
CA GLN K 116 21.09 43.82 85.32
C GLN K 116 19.59 43.99 85.16
N ALA K 117 19.07 43.70 83.97
CA ALA K 117 17.63 43.76 83.77
C ALA K 117 16.93 42.67 84.57
N LEU K 118 17.51 41.48 84.63
CA LEU K 118 16.94 40.36 85.38
C LEU K 118 17.99 39.83 86.34
N PRO K 119 18.06 40.38 87.54
CA PRO K 119 18.83 39.74 88.61
C PRO K 119 18.00 38.63 89.25
N ASP K 120 18.56 38.07 90.33
CA ASP K 120 17.91 37.11 91.20
C ASP K 120 17.65 35.77 90.52
N ASP K 121 18.09 35.57 89.29
CA ASP K 121 18.12 34.26 88.68
C ASP K 121 19.55 33.75 88.74
N ALA K 122 19.73 32.57 89.35
CA ALA K 122 21.07 32.02 89.47
C ALA K 122 21.70 31.81 88.10
N GLY K 123 20.88 31.50 87.10
CA GLY K 123 21.42 31.20 85.78
C GLY K 123 22.20 32.35 85.20
N VAL K 124 21.62 33.55 85.23
CA VAL K 124 22.30 34.68 84.64
C VAL K 124 23.52 35.08 85.46
N THR K 125 23.40 35.02 86.78
CA THR K 125 24.58 35.21 87.62
C THR K 125 25.63 34.17 87.29
N ALA K 126 25.19 32.92 87.12
CA ALA K 126 26.10 31.84 86.82
C ALA K 126 26.84 32.11 85.51
N VAL K 127 26.11 32.49 84.47
CA VAL K 127 26.77 32.72 83.19
C VAL K 127 27.63 33.96 83.24
N ALA K 128 27.27 34.95 84.07
CA ALA K 128 28.10 36.12 84.21
C ALA K 128 29.46 35.74 84.80
N ALA K 129 29.44 35.00 85.90
CA ALA K 129 30.69 34.50 86.45
C ALA K 129 31.40 33.59 85.48
N PHE K 130 30.64 32.84 84.70
CA PHE K 130 31.20 31.99 83.66
C PHE K 130 32.00 32.81 82.66
N LEU K 131 31.41 33.90 82.19
CA LEU K 131 32.10 34.78 81.25
C LEU K 131 33.34 35.38 81.89
N SER K 132 33.25 35.71 83.18
CA SER K 132 34.43 36.16 83.90
C SER K 132 35.53 35.10 83.89
N SER K 133 35.17 33.84 84.04
CA SER K 133 36.12 32.73 84.15
C SER K 133 35.92 31.72 83.03
N ALA K 134 35.81 32.20 81.79
CA ALA K 134 35.63 31.29 80.67
C ALA K 134 36.82 30.38 80.48
N GLU K 135 37.96 30.69 81.12
CA GLU K 135 39.13 29.83 81.03
C GLU K 135 38.80 28.42 81.48
N GLU K 136 37.89 28.27 82.45
CA GLU K 136 37.47 26.95 82.86
C GLU K 136 36.92 26.16 81.68
N LYS K 137 36.33 26.85 80.73
CA LYS K 137 35.89 26.24 79.50
C LYS K 137 36.84 26.46 78.34
N SER K 138 37.80 27.37 78.49
CA SER K 138 38.78 27.56 77.44
C SER K 138 39.56 26.28 77.19
N LYS K 139 39.69 25.43 78.22
CA LYS K 139 40.22 24.10 78.00
C LYS K 139 39.12 23.16 77.54
N VAL K 140 37.90 23.31 78.07
CA VAL K 140 36.83 22.37 77.83
C VAL K 140 36.46 22.34 76.36
N MET K 141 36.51 23.50 75.71
CA MET K 141 36.11 23.56 74.32
C MET K 141 37.03 22.71 73.44
N GLN K 142 38.19 22.33 73.97
CA GLN K 142 38.98 21.25 73.39
C GLN K 142 39.19 20.08 74.38
N ALA K 143 38.54 20.11 75.55
CA ALA K 143 38.72 19.04 76.52
C ALA K 143 37.50 18.16 76.50
N ALA K 144 36.29 18.70 76.71
CA ALA K 144 35.13 17.82 76.74
C ALA K 144 34.57 17.59 75.35
N ASN K 145 34.22 18.66 74.64
CA ASN K 145 33.65 18.52 73.31
C ASN K 145 34.17 19.64 72.42
N TRP K 146 33.78 19.58 71.15
CA TRP K 146 34.42 20.34 70.08
C TRP K 146 33.32 20.93 69.20
N ALA K 147 33.69 21.90 68.34
CA ALA K 147 32.73 22.57 67.47
C ALA K 147 32.87 22.19 66.00
N GLU K 148 33.50 21.07 65.70
CA GLU K 148 33.67 20.60 64.32
C GLU K 148 34.43 21.61 63.47
N CYS K 149 35.21 22.45 64.15
CA CYS K 149 36.41 23.13 63.66
C CYS K 149 36.31 24.38 62.80
N ALA K 150 35.14 24.77 62.29
CA ALA K 150 35.15 26.16 61.84
C ALA K 150 34.04 27.00 62.47
N LYS K 151 32.81 26.77 62.02
CA LYS K 151 31.59 27.18 62.69
C LYS K 151 30.50 26.22 62.26
N VAL K 152 30.42 25.04 62.86
CA VAL K 152 29.55 23.98 62.36
C VAL K 152 29.15 23.07 63.50
N LYS K 153 27.84 22.90 63.67
CA LYS K 153 27.22 21.79 64.39
C LYS K 153 27.70 21.68 65.83
N GLY K 154 28.57 22.57 66.25
CA GLY K 154 28.94 22.69 67.64
C GLY K 154 28.66 24.12 68.02
N CYS K 155 28.55 24.94 66.99
CA CYS K 155 28.27 26.35 67.20
C CYS K 155 26.79 26.51 67.51
N ASN K 156 26.45 27.64 68.15
CA ASN K 156 25.14 27.89 68.72
C ASN K 156 24.94 27.07 69.99
N LEU K 157 26.02 26.89 70.75
CA LEU K 157 25.94 26.25 72.05
C LEU K 157 25.08 27.07 73.00
N SER K 158 24.79 26.51 74.18
CA SER K 158 24.03 27.27 75.17
C SER K 158 24.35 26.89 76.61
N PHE K 159 23.50 27.33 77.53
CA PHE K 159 23.74 27.20 78.96
C PHE K 159 22.57 26.53 79.66
N ARG K 160 22.86 25.48 80.40
CA ARG K 160 21.92 24.90 81.34
C ARG K 160 22.58 24.88 82.71
N LEU K 161 21.81 25.21 83.74
CA LEU K 161 22.34 25.29 85.09
C LEU K 161 21.90 24.05 85.84
N VAL K 162 22.84 23.44 86.57
CA VAL K 162 22.58 22.22 87.33
C VAL K 162 21.48 22.54 88.34
N ASP K 163 20.86 21.51 88.91
CA ASP K 163 19.69 21.56 89.80
C ASP K 163 18.38 21.64 89.03
N GLU K 164 18.40 21.72 87.71
CA GLU K 164 17.18 21.37 87.00
C GLU K 164 17.42 20.37 85.89
N ALA K 165 18.54 20.50 85.16
CA ALA K 165 19.05 19.47 84.27
C ALA K 165 18.15 19.19 83.07
N VAL K 166 16.97 19.81 83.02
CA VAL K 166 16.04 19.56 81.92
C VAL K 166 15.59 20.88 81.32
N ASP K 167 15.68 21.94 82.10
CA ASP K 167 15.23 23.27 81.69
C ASP K 167 16.44 24.14 81.44
N LEU K 168 16.51 24.70 80.24
CA LEU K 168 17.65 25.52 79.87
C LEU K 168 17.54 26.90 80.50
N VAL K 169 18.69 27.46 80.87
CA VAL K 169 18.69 28.82 81.40
C VAL K 169 18.05 29.76 80.39
N CYS K 170 18.23 29.48 79.11
CA CYS K 170 17.54 30.25 78.08
C CYS K 170 16.03 30.16 78.26
N GLN K 171 15.52 28.94 78.42
CA GLN K 171 14.09 28.72 78.56
C GLN K 171 13.65 28.70 80.01
N SER K 172 14.54 29.04 80.93
CA SER K 172 14.16 29.19 82.33
C SER K 172 13.07 30.24 82.47
N LYS K 173 12.14 30.00 83.42
CA LYS K 173 10.97 30.86 83.55
C LYS K 173 11.39 32.33 83.64
N ALA K 174 12.29 32.64 84.59
CA ALA K 174 12.67 34.03 84.85
C ALA K 174 13.19 34.71 83.60
N VAL K 175 14.12 34.06 82.91
CA VAL K 175 14.64 34.62 81.66
C VAL K 175 13.50 34.74 80.66
N ARG K 176 12.58 33.79 80.66
CA ARG K 176 11.45 33.84 79.73
C ARG K 176 10.60 35.07 79.90
N GLU K 177 10.17 35.37 81.13
CA GLU K 177 9.35 36.56 81.29
C GLU K 177 10.15 37.79 80.92
N TYR K 178 11.46 37.77 81.16
CA TYR K 178 12.29 38.89 80.76
C TYR K 178 12.25 39.08 79.25
N VAL K 179 12.45 38.01 78.48
CA VAL K 179 12.52 38.19 77.04
C VAL K 179 11.16 38.53 76.48
N SER K 180 10.08 38.00 77.07
CA SER K 180 8.76 38.36 76.60
C SER K 180 8.47 39.83 76.85
N GLN K 181 8.74 40.32 78.07
CA GLN K 181 8.54 41.73 78.33
C GLN K 181 9.49 42.59 77.53
N ALA K 182 10.67 42.06 77.19
CA ALA K 182 11.61 42.85 76.38
C ALA K 182 11.11 42.97 74.95
N ASN K 183 10.62 41.88 74.38
CA ASN K 183 9.96 41.91 73.10
C ASN K 183 8.76 42.83 73.12
N GLN K 184 8.09 42.93 74.26
CA GLN K 184 7.02 43.89 74.42
C GLN K 184 7.51 45.33 74.46
N THR K 185 8.57 45.62 75.21
CA THR K 185 9.05 46.99 75.35
C THR K 185 9.64 47.50 74.04
N GLN K 186 10.53 46.73 73.44
CA GLN K 186 11.12 47.14 72.18
C GLN K 186 10.04 47.31 71.12
N SER K 187 9.00 46.49 71.19
CA SER K 187 7.85 46.68 70.30
C SER K 187 7.17 48.00 70.59
N ASP K 188 6.91 48.30 71.86
CA ASP K 188 6.29 49.56 72.22
C ASP K 188 7.09 50.74 71.71
N ASN K 189 8.42 50.58 71.65
CA ASN K 189 9.25 51.67 71.16
C ASN K 189 8.93 52.00 69.71
N ALA K 190 8.75 50.99 68.86
CA ALA K 190 8.59 51.22 67.44
C ALA K 190 7.18 51.73 67.14
N GLN K 191 6.95 52.04 65.86
CA GLN K 191 5.64 52.51 65.40
C GLN K 191 4.60 51.44 65.66
N LYS K 192 3.33 51.76 65.51
CA LYS K 192 2.32 50.92 66.13
C LYS K 192 1.12 50.70 65.20
N GLY K 193 1.33 50.63 63.89
CA GLY K 193 0.22 50.29 63.03
C GLY K 193 0.52 50.23 61.54
N ILE K 194 -0.21 49.40 60.80
CA ILE K 194 -1.28 48.59 61.36
C ILE K 194 -1.05 47.15 60.95
N CYS K 195 -1.56 46.19 61.72
CA CYS K 195 -1.45 44.80 61.30
C CYS K 195 -2.15 44.60 59.97
N LEU K 196 -1.48 43.87 59.10
CA LEU K 196 -2.11 43.33 57.92
C LEU K 196 -2.91 42.09 58.26
N VAL K 197 -2.87 41.65 59.50
CA VAL K 197 -3.42 40.35 59.83
C VAL K 197 -4.45 40.48 60.93
N THR K 198 -4.03 40.90 62.11
CA THR K 198 -5.00 41.14 63.15
C THR K 198 -5.74 42.44 62.91
N GLY K 199 -5.23 43.26 61.98
CA GLY K 199 -5.84 44.53 61.70
C GLY K 199 -5.79 45.52 62.83
N LYS K 200 -5.38 45.11 64.02
CA LYS K 200 -5.24 46.10 65.07
C LYS K 200 -3.94 46.87 64.86
N ALA K 201 -3.87 48.01 65.54
CA ALA K 201 -2.65 48.79 65.57
C ALA K 201 -1.64 48.01 66.41
N ALA K 202 -0.49 47.71 65.82
CA ALA K 202 0.48 46.87 66.51
C ALA K 202 1.84 47.09 65.89
N PRO K 203 2.91 46.71 66.57
CA PRO K 203 4.26 47.01 66.08
C PRO K 203 4.52 46.33 64.76
N ILE K 204 4.84 47.13 63.75
CA ILE K 204 5.16 46.56 62.46
C ILE K 204 6.54 45.95 62.51
N ALA K 205 6.67 44.76 61.95
CA ALA K 205 7.92 44.02 62.00
C ALA K 205 8.66 44.21 60.69
N ARG K 206 9.73 44.99 60.73
CA ARG K 206 10.72 44.86 59.70
C ARG K 206 11.32 43.47 59.80
N LEU K 207 11.80 42.97 58.66
CA LEU K 207 12.52 41.69 58.64
C LEU K 207 11.65 40.55 59.18
N HIS K 208 10.65 40.19 58.40
CA HIS K 208 9.90 38.98 58.67
C HIS K 208 10.83 37.81 58.98
N ASN K 209 10.36 36.92 59.85
CA ASN K 209 11.23 35.95 60.52
C ASN K 209 11.50 34.73 59.65
N ALA K 210 11.96 34.99 58.43
CA ALA K 210 12.80 34.07 57.67
C ALA K 210 12.40 32.60 57.84
N VAL K 211 11.16 32.29 57.45
CA VAL K 211 10.67 30.93 57.64
C VAL K 211 11.57 29.94 56.90
N LYS K 212 11.71 28.76 57.49
CA LYS K 212 12.74 27.81 57.09
C LYS K 212 12.11 26.58 56.47
N GLY K 213 12.49 26.29 55.23
CA GLY K 213 12.21 25.00 54.67
C GLY K 213 11.80 24.98 53.21
N VAL K 214 11.13 26.02 52.74
CA VAL K 214 10.72 26.03 51.34
C VAL K 214 11.90 26.21 50.42
N ASN K 215 12.55 27.35 50.50
CA ASN K 215 13.87 27.41 49.92
C ASN K 215 14.77 26.46 50.69
N ALA K 216 15.87 26.06 50.06
CA ALA K 216 16.88 25.33 50.80
C ALA K 216 17.39 26.19 51.96
N LYS K 217 17.81 27.39 51.65
CA LYS K 217 18.10 28.35 52.70
C LYS K 217 16.79 28.73 53.38
N PRO K 218 16.78 28.85 54.71
CA PRO K 218 15.63 29.46 55.36
C PRO K 218 15.44 30.84 54.79
N ALA K 219 14.21 31.22 54.54
CA ALA K 219 13.96 32.38 53.71
C ALA K 219 12.80 33.18 54.27
N PRO K 220 12.76 34.48 54.00
CA PRO K 220 11.64 35.28 54.46
C PRO K 220 10.37 34.81 53.78
N PHE K 221 9.27 34.85 54.50
CA PHE K 221 8.02 34.62 53.81
C PHE K 221 7.69 35.77 52.90
N ALA K 222 7.94 36.98 53.36
CA ALA K 222 7.61 38.16 52.57
C ALA K 222 8.52 39.27 53.04
N SER K 223 9.59 39.51 52.31
CA SER K 223 10.55 40.53 52.69
C SER K 223 10.78 41.42 51.48
N VAL K 224 10.29 42.65 51.55
CA VAL K 224 10.50 43.56 50.45
C VAL K 224 11.93 44.05 50.59
N ASN K 225 12.86 43.29 50.02
CA ASN K 225 14.26 43.62 50.27
C ASN K 225 14.75 44.60 49.23
N LEU K 226 14.71 44.22 47.96
CA LEU K 226 15.30 45.05 46.94
C LEU K 226 14.52 46.35 46.78
N SER K 227 15.22 47.37 46.30
CA SER K 227 14.70 48.72 46.40
C SER K 227 13.43 48.92 45.61
N ALA K 228 13.31 48.32 44.43
CA ALA K 228 12.13 48.60 43.64
C ALA K 228 10.87 48.16 44.34
N PHE K 229 10.90 47.00 44.98
CA PHE K 229 9.67 46.47 45.51
C PHE K 229 9.22 47.34 46.64
N GLU K 230 10.15 48.10 47.21
CA GLU K 230 9.83 49.11 48.19
C GLU K 230 8.81 50.03 47.58
N SER K 231 7.59 49.96 48.05
CA SER K 231 6.55 50.53 47.22
C SER K 231 6.29 51.98 47.54
N TYR K 232 5.79 52.24 48.74
CA TYR K 232 5.19 53.53 49.04
C TYR K 232 5.93 54.20 50.18
N GLY K 233 7.25 54.20 50.04
CA GLY K 233 8.09 54.85 51.01
C GLY K 233 8.09 54.17 52.36
N LYS K 234 7.41 53.04 52.48
CA LYS K 234 7.49 52.26 53.71
C LYS K 234 8.82 51.50 53.78
N GLU K 235 9.40 51.24 52.63
CA GLU K 235 10.83 51.34 52.35
C GLU K 235 11.69 50.17 52.82
N GLN K 236 11.26 49.32 53.76
CA GLN K 236 11.88 48.01 53.66
C GLN K 236 10.96 46.84 53.93
N GLY K 237 10.45 46.81 55.14
CA GLY K 237 9.62 45.74 55.59
C GLY K 237 8.36 46.25 56.15
N PHE K 238 8.24 47.56 56.19
CA PHE K 238 6.97 48.19 56.42
C PHE K 238 6.12 48.25 55.17
N ALA K 239 6.73 48.02 53.99
CA ALA K 239 5.94 47.96 52.76
C ALA K 239 4.71 47.11 52.99
N PHE K 240 4.92 45.98 53.43
CA PHE K 240 3.95 45.19 54.16
C PHE K 240 3.97 45.54 55.63
N PRO K 241 2.92 46.03 56.17
CA PRO K 241 2.82 46.14 57.63
C PRO K 241 2.15 44.94 58.27
N ILE K 242 2.87 44.18 59.10
CA ILE K 242 2.28 43.11 59.88
C ILE K 242 2.72 43.26 61.32
N GLY K 243 1.79 43.08 62.24
CA GLY K 243 2.10 43.15 63.65
C GLY K 243 3.25 42.25 64.02
N GLU K 244 4.30 42.82 64.62
CA GLU K 244 5.48 42.02 64.94
C GLU K 244 5.10 40.84 65.80
N GLN K 245 4.19 41.05 66.76
CA GLN K 245 3.66 39.92 67.50
C GLN K 245 3.03 38.92 66.55
N ALA K 246 2.15 39.40 65.67
CA ALA K 246 1.55 38.52 64.67
C ALA K 246 2.58 38.05 63.66
N MET K 247 3.62 38.84 63.42
CA MET K 247 4.71 38.36 62.59
C MET K 247 5.28 37.09 63.16
N PHE K 248 5.63 37.12 64.44
CA PHE K 248 6.07 35.91 65.12
C PHE K 248 5.04 34.83 64.95
N GLU K 249 3.79 35.16 65.26
CA GLU K 249 2.73 34.17 65.21
C GLU K 249 2.78 33.41 63.89
N TYR K 250 2.67 34.13 62.79
CA TYR K 250 2.52 33.41 61.54
C TYR K 250 3.83 32.81 61.10
N THR K 251 4.95 33.47 61.34
CA THR K 251 6.19 32.89 60.86
C THR K 251 6.45 31.58 61.56
N THR K 252 6.12 31.49 62.84
CA THR K 252 6.31 30.23 63.54
C THR K 252 5.30 29.21 63.08
N ALA K 253 4.05 29.63 62.83
CA ALA K 253 3.09 28.68 62.31
C ALA K 253 3.58 28.11 60.99
N LEU K 254 4.06 28.98 60.12
CA LEU K 254 4.58 28.52 58.85
C LEU K 254 5.78 27.61 59.05
N ASN K 255 6.66 27.95 59.98
CA ASN K 255 7.83 27.13 60.21
C ASN K 255 7.43 25.74 60.65
N THR K 256 6.52 25.67 61.63
CA THR K 256 6.10 24.36 62.13
C THR K 256 5.44 23.56 61.03
N LEU K 257 4.52 24.16 60.29
CA LEU K 257 3.88 23.44 59.20
C LEU K 257 4.91 22.97 58.20
N LEU K 258 5.81 23.86 57.81
CA LEU K 258 6.84 23.51 56.87
C LEU K 258 7.70 22.36 57.38
N ALA K 259 7.91 22.29 58.69
CA ALA K 259 8.65 21.19 59.26
C ALA K 259 7.75 20.05 59.70
N GLY K 260 6.46 20.27 59.78
CA GLY K 260 5.56 19.22 60.18
C GLY K 260 5.48 18.14 59.13
N GLU K 261 4.64 17.15 59.40
CA GLU K 261 4.39 16.11 58.43
C GLU K 261 3.53 16.59 57.27
N ASN K 262 3.01 17.79 57.36
CA ASN K 262 2.09 18.30 56.36
C ASN K 262 2.80 18.85 55.13
N ARG K 263 4.07 18.55 54.96
CA ARG K 263 4.87 19.17 53.91
C ARG K 263 4.92 18.23 52.71
N PHE K 264 3.84 18.12 51.96
CA PHE K 264 3.95 17.26 50.78
C PHE K 264 4.62 18.06 49.69
N ARG K 265 5.94 17.94 49.66
CA ARG K 265 6.80 18.84 48.89
C ARG K 265 6.94 18.34 47.46
N ILE K 266 5.93 18.63 46.65
CA ILE K 266 6.01 18.21 45.26
C ILE K 266 7.09 19.02 44.57
N GLY K 267 8.22 18.38 44.30
CA GLY K 267 9.26 19.07 43.57
C GLY K 267 9.61 20.37 44.23
N ASP K 268 9.50 21.47 43.47
CA ASP K 268 9.74 22.78 44.06
C ASP K 268 8.67 23.18 45.04
N VAL K 269 7.41 23.05 44.68
CA VAL K 269 6.37 23.71 45.45
C VAL K 269 6.05 22.95 46.72
N THR K 270 6.73 23.31 47.79
CA THR K 270 6.34 22.82 49.09
C THR K 270 4.95 23.31 49.44
N THR K 271 4.20 22.50 50.14
CA THR K 271 2.79 22.80 50.31
C THR K 271 2.34 22.46 51.73
N VAL K 272 2.38 23.44 52.61
CA VAL K 272 1.86 23.24 53.95
C VAL K 272 0.36 23.04 53.85
N CYS K 273 -0.29 22.73 54.96
CA CYS K 273 -1.68 22.32 54.90
C CYS K 273 -2.32 22.43 56.27
N TRP K 274 -3.11 23.46 56.49
CA TRP K 274 -3.67 23.72 57.81
C TRP K 274 -4.91 22.93 58.09
N GLY K 275 -5.54 23.32 59.18
CA GLY K 275 -6.95 23.14 59.40
C GLY K 275 -7.35 24.25 60.35
N ALA K 276 -8.35 25.04 59.97
CA ALA K 276 -8.75 26.15 60.82
C ALA K 276 -9.12 25.65 62.20
N LYS K 277 -9.98 24.66 62.24
CA LYS K 277 -10.07 23.81 63.42
C LYS K 277 -8.95 22.80 63.28
N ARG K 278 -7.83 23.06 63.94
CA ARG K 278 -6.65 22.23 63.79
C ARG K 278 -6.97 20.78 64.12
N THR K 279 -6.08 19.90 63.69
CA THR K 279 -6.28 18.47 63.76
C THR K 279 -7.65 18.10 63.24
N PRO K 280 -7.97 18.40 61.98
CA PRO K 280 -9.19 17.86 61.37
C PRO K 280 -9.06 16.42 60.93
N LEU K 281 -7.98 15.76 61.32
CA LEU K 281 -7.71 14.36 61.02
C LEU K 281 -7.37 14.21 59.56
N GLU K 282 -7.47 15.29 58.79
CA GLU K 282 -7.02 15.26 57.42
C GLU K 282 -5.70 15.97 57.28
N GLU K 283 -5.46 16.96 58.14
CA GLU K 283 -4.24 17.75 58.06
C GLU K 283 -3.01 16.87 58.00
N SER K 284 -2.93 15.88 58.89
CA SER K 284 -1.81 14.96 58.84
C SER K 284 -1.85 14.12 57.58
N LEU K 285 -3.05 13.79 57.11
CA LEU K 285 -3.16 12.91 55.95
C LEU K 285 -2.86 13.63 54.65
N ALA K 286 -3.19 14.93 54.58
CA ALA K 286 -3.24 15.61 53.28
C ALA K 286 -1.95 15.44 52.51
N SER K 287 -0.83 15.36 53.21
CA SER K 287 0.41 15.05 52.51
C SER K 287 0.46 13.59 52.10
N MET K 288 0.02 12.69 52.99
CA MET K 288 0.13 11.28 52.68
C MET K 288 -0.72 10.91 51.48
N ILE K 289 -1.77 11.69 51.22
CA ILE K 289 -2.66 11.32 50.13
C ILE K 289 -2.25 11.99 48.83
N ASN K 290 -1.59 13.14 48.92
CA ASN K 290 -1.06 13.81 47.74
C ASN K 290 0.45 13.68 47.69
N GLY K 291 0.95 12.53 48.10
CA GLY K 291 2.35 12.38 48.38
C GLY K 291 2.51 11.34 49.43
N GLY K 292 3.33 11.65 50.41
CA GLY K 292 3.37 10.84 51.60
C GLY K 292 3.75 9.40 51.38
N GLY K 293 4.00 8.98 50.15
CA GLY K 293 4.54 7.66 49.95
C GLY K 293 5.90 7.52 50.58
N LYS K 294 6.80 8.44 50.28
CA LYS K 294 8.19 8.52 50.75
C LYS K 294 9.01 7.31 50.33
N ASP K 295 8.40 6.30 49.72
CA ASP K 295 9.06 5.08 49.29
C ASP K 295 9.59 4.23 50.43
N LYS K 296 9.60 4.76 51.66
CA LYS K 296 9.98 3.89 52.78
C LYS K 296 8.79 3.12 53.36
N PRO K 297 7.60 3.72 53.57
CA PRO K 297 6.47 2.90 54.00
C PRO K 297 5.81 2.19 52.83
N ASP K 298 5.81 2.84 51.67
CA ASP K 298 5.25 2.33 50.43
C ASP K 298 3.76 2.07 50.53
N GLU K 299 3.11 2.49 51.61
CA GLU K 299 1.72 2.15 51.81
C GLU K 299 0.88 3.36 52.20
N HIS K 300 1.49 4.39 52.78
CA HIS K 300 0.70 5.52 53.26
C HIS K 300 -0.14 6.15 52.17
N ILE K 301 0.36 6.18 50.93
CA ILE K 301 -0.49 6.68 49.86
C ILE K 301 -1.74 5.82 49.78
N ASP K 302 -1.62 4.52 49.99
CA ASP K 302 -2.81 3.67 50.01
C ASP K 302 -3.63 3.87 51.27
N ALA K 303 -3.23 4.78 52.16
CA ALA K 303 -4.16 5.27 53.16
C ALA K 303 -5.10 6.31 52.60
N VAL K 304 -4.99 6.63 51.31
CA VAL K 304 -6.07 7.36 50.66
C VAL K 304 -7.35 6.56 50.74
N LYS K 305 -7.23 5.23 50.78
CA LYS K 305 -8.40 4.40 51.02
C LYS K 305 -9.14 4.88 52.25
N THR K 306 -8.42 5.12 53.33
CA THR K 306 -9.03 5.66 54.54
C THR K 306 -9.85 6.90 54.22
N LEU K 307 -9.24 7.85 53.53
CA LEU K 307 -10.03 8.94 52.99
C LEU K 307 -11.12 8.41 52.09
N TYR K 308 -10.76 7.58 51.12
CA TYR K 308 -11.73 7.14 50.14
C TYR K 308 -12.79 6.27 50.78
N LYS K 309 -12.49 5.69 51.94
CA LYS K 309 -13.54 5.05 52.72
C LYS K 309 -14.42 6.07 53.42
N SER K 310 -13.81 7.12 53.96
CA SER K 310 -14.57 8.13 54.68
C SER K 310 -15.56 8.84 53.77
N LEU K 311 -15.33 8.79 52.46
CA LEU K 311 -16.16 9.52 51.53
C LEU K 311 -17.47 8.81 51.25
N TYR K 312 -18.40 8.86 52.19
CA TYR K 312 -19.52 7.90 52.31
C TYR K 312 -20.07 7.59 50.92
N ASN K 313 -20.55 8.58 50.16
CA ASN K 313 -21.05 8.27 48.84
C ASN K 313 -20.27 8.99 47.76
N GLY K 314 -19.22 9.70 48.13
CA GLY K 314 -18.49 10.50 47.18
C GLY K 314 -18.24 11.88 47.74
N GLN K 315 -19.16 12.36 48.57
CA GLN K 315 -18.96 13.64 49.25
C GLN K 315 -18.70 13.38 50.73
N TYR K 316 -17.73 14.09 51.28
CA TYR K 316 -17.35 13.91 52.67
C TYR K 316 -18.55 14.10 53.57
N GLN K 317 -18.79 13.14 54.44
CA GLN K 317 -19.95 13.20 55.32
C GLN K 317 -19.59 13.33 56.79
N LYS K 318 -18.32 13.25 57.14
CA LYS K 318 -17.95 13.37 58.53
C LYS K 318 -18.20 14.79 59.02
N PRO K 319 -18.58 14.94 60.29
CA PRO K 319 -18.94 16.28 60.78
C PRO K 319 -17.84 17.31 60.62
N ASP K 320 -16.59 16.89 60.76
CA ASP K 320 -15.49 17.82 60.55
C ASP K 320 -15.29 18.05 59.06
N GLY K 321 -16.33 18.49 58.37
CA GLY K 321 -16.23 18.70 56.95
C GLY K 321 -16.18 20.17 56.58
N LYS K 322 -17.02 20.97 57.24
CA LYS K 322 -17.08 22.40 56.92
C LYS K 322 -15.86 23.13 57.43
N GLU K 323 -15.09 22.53 58.33
CA GLU K 323 -13.85 23.17 58.78
C GLU K 323 -12.93 23.35 57.59
N LYS K 324 -12.14 24.41 57.63
CA LYS K 324 -11.46 24.88 56.45
C LYS K 324 -9.99 24.49 56.47
N PHE K 325 -9.46 24.27 55.29
CA PHE K 325 -8.03 24.21 55.10
C PHE K 325 -7.56 25.51 54.51
N TYR K 326 -6.28 25.57 54.18
CA TYR K 326 -5.84 26.70 53.37
C TYR K 326 -4.86 26.33 52.28
N LEU K 327 -4.14 25.23 52.36
CA LEU K 327 -3.47 24.67 51.21
C LEU K 327 -2.47 25.63 50.59
N LEU K 328 -1.68 26.27 51.43
CA LEU K 328 -0.63 27.14 50.93
C LEU K 328 0.40 26.39 50.11
N GLY K 329 0.89 27.07 49.09
CA GLY K 329 1.70 26.49 48.05
C GLY K 329 3.07 27.09 47.90
N LEU K 330 3.81 27.26 48.99
CA LEU K 330 5.06 27.98 48.92
C LEU K 330 5.93 27.36 47.83
N SER K 331 6.90 28.11 47.35
CA SER K 331 7.83 27.54 46.39
C SER K 331 9.07 28.39 46.33
N PRO K 332 10.17 27.83 45.92
CA PRO K 332 11.42 28.54 46.03
C PRO K 332 11.66 29.53 44.92
N ASN K 333 11.86 30.77 45.30
CA ASN K 333 12.45 31.77 44.44
C ASN K 333 13.62 32.36 45.22
N SER K 334 14.83 32.16 44.71
CA SER K 334 16.01 31.86 45.52
C SER K 334 15.91 32.59 46.87
N ALA K 335 15.73 33.89 46.91
CA ALA K 335 15.73 34.55 48.21
C ALA K 335 14.34 34.61 48.81
N ARG K 336 13.31 34.70 47.98
CA ARG K 336 11.96 34.87 48.47
C ARG K 336 11.19 33.56 48.38
N ILE K 337 9.97 33.60 48.84
CA ILE K 337 9.13 32.41 48.83
C ILE K 337 7.88 32.74 48.05
N VAL K 338 7.84 32.31 46.79
CA VAL K 338 6.65 32.50 46.00
C VAL K 338 5.52 31.76 46.67
N VAL K 339 4.31 32.28 46.59
CA VAL K 339 3.15 31.48 46.90
C VAL K 339 2.56 31.02 45.58
N ARG K 340 2.70 29.73 45.29
CA ARG K 340 2.17 29.24 44.04
C ARG K 340 0.68 29.06 44.11
N PHE K 341 0.17 28.59 45.24
CA PHE K 341 -1.27 28.44 45.30
C PHE K 341 -1.77 28.56 46.71
N TRP K 342 -2.78 29.40 46.87
CA TRP K 342 -3.57 29.50 48.08
C TRP K 342 -5.00 29.11 47.77
N HIS K 343 -5.55 28.20 48.55
CA HIS K 343 -6.90 27.77 48.32
C HIS K 343 -7.55 27.40 49.64
N GLU K 344 -8.09 28.39 50.32
CA GLU K 344 -8.91 28.12 51.47
C GLU K 344 -10.02 27.18 51.08
N THR K 345 -10.07 26.03 51.73
CA THR K 345 -10.97 24.98 51.31
C THR K 345 -11.52 24.26 52.51
N THR K 346 -12.82 24.08 52.55
CA THR K 346 -13.37 23.18 53.54
C THR K 346 -12.92 21.78 53.21
N VAL K 347 -12.56 21.03 54.24
CA VAL K 347 -12.02 19.69 54.00
C VAL K 347 -13.04 18.87 53.24
N ALA K 348 -14.32 19.04 53.54
CA ALA K 348 -15.35 18.39 52.75
C ALA K 348 -15.14 18.66 51.28
N ALA K 349 -14.94 19.92 50.92
CA ALA K 349 -14.57 20.22 49.55
C ALA K 349 -13.21 19.63 49.22
N LEU K 350 -12.26 19.68 50.15
CA LEU K 350 -10.93 19.16 49.82
C LEU K 350 -10.93 17.65 49.74
N SER K 351 -11.52 16.98 50.71
CA SER K 351 -11.55 15.53 50.65
C SER K 351 -12.31 15.08 49.41
N GLU K 352 -13.43 15.73 49.13
CA GLU K 352 -14.15 15.43 47.91
C GLU K 352 -13.27 15.68 46.70
N SER K 353 -12.44 16.71 46.74
CA SER K 353 -11.55 16.98 45.64
C SER K 353 -10.55 15.87 45.46
N ILE K 354 -10.00 15.36 46.55
CA ILE K 354 -9.04 14.27 46.44
C ILE K 354 -9.72 13.03 45.90
N ALA K 355 -10.97 12.82 46.30
CA ALA K 355 -11.73 11.72 45.73
C ALA K 355 -11.85 11.89 44.23
N ALA K 356 -12.30 13.06 43.80
CA ALA K 356 -12.44 13.30 42.37
C ALA K 356 -11.10 13.14 41.68
N TRP K 357 -10.03 13.57 42.33
CA TRP K 357 -8.71 13.40 41.77
C TRP K 357 -8.40 11.93 41.56
N TYR K 358 -8.26 11.19 42.65
CA TYR K 358 -7.90 9.78 42.53
C TYR K 358 -8.99 8.97 41.88
N ASP K 359 -10.05 9.61 41.42
CA ASP K 359 -10.91 8.99 40.43
C ASP K 359 -10.46 9.35 39.04
N ASP K 360 -10.00 10.58 38.84
CA ASP K 360 -9.77 11.05 37.49
C ASP K 360 -8.47 10.54 36.92
N LEU K 361 -7.46 10.32 37.74
CA LEU K 361 -6.30 9.59 37.23
C LEU K 361 -6.44 8.09 37.41
N GLN K 362 -7.55 7.63 37.99
CA GLN K 362 -7.72 6.20 38.16
C GLN K 362 -7.77 5.54 36.80
N MET K 363 -6.74 4.77 36.49
CA MET K 363 -6.63 4.13 35.20
C MET K 363 -6.22 2.69 35.38
N VAL K 364 -6.74 1.83 34.49
CA VAL K 364 -6.53 0.40 34.64
C VAL K 364 -5.06 0.07 34.68
N ARG K 365 -4.70 -0.81 35.59
CA ARG K 365 -3.39 -1.43 35.64
C ARG K 365 -3.56 -2.91 35.41
N GLY K 366 -2.65 -3.50 34.65
CA GLY K 366 -2.64 -4.94 34.54
C GLY K 366 -2.45 -5.58 35.90
N GLU K 367 -3.00 -6.79 36.05
CA GLU K 367 -2.80 -7.51 37.29
C GLU K 367 -1.32 -7.63 37.58
N ASN K 368 -0.96 -7.46 38.85
CA ASN K 368 0.44 -7.41 39.25
C ASN K 368 1.17 -6.29 38.52
N SER K 369 0.55 -5.12 38.41
CA SER K 369 1.26 -3.98 37.86
C SER K 369 2.19 -3.40 38.90
N PRO K 370 3.40 -3.02 38.53
CA PRO K 370 4.27 -2.31 39.48
C PRO K 370 3.68 -1.00 39.92
N TYR K 371 2.85 -0.39 39.10
CA TYR K 371 2.31 0.92 39.44
C TYR K 371 1.29 0.82 40.57
N PRO K 372 1.32 1.72 41.53
CA PRO K 372 0.37 1.66 42.63
C PRO K 372 -1.03 1.90 42.14
N GLU K 373 -1.98 1.45 42.95
CA GLU K 373 -3.38 1.53 42.54
C GLU K 373 -3.95 2.94 42.72
N TYR K 374 -3.40 3.73 43.64
CA TYR K 374 -3.66 5.16 43.69
C TYR K 374 -2.32 5.86 43.70
N MET K 375 -1.84 6.21 42.54
CA MET K 375 -0.48 6.70 42.44
C MET K 375 -0.34 8.06 43.14
N PRO K 376 0.71 8.27 43.92
CA PRO K 376 0.83 9.53 44.65
C PRO K 376 1.14 10.68 43.71
N LEU K 377 0.48 11.80 43.98
CA LEU K 377 0.63 12.98 43.13
C LEU K 377 2.06 13.36 42.82
N PRO K 378 3.00 13.35 43.76
CA PRO K 378 4.39 13.63 43.38
C PRO K 378 4.88 12.72 42.29
N ARG K 379 4.48 11.46 42.29
CA ARG K 379 4.95 10.55 41.26
C ARG K 379 4.38 10.92 39.90
N LEU K 380 3.07 11.12 39.84
CA LEU K 380 2.46 11.68 38.64
C LEU K 380 3.25 12.86 38.13
N LEU K 381 3.33 13.92 38.93
CA LEU K 381 3.98 15.14 38.49
C LEU K 381 5.42 14.86 38.09
N GLY K 382 6.02 13.82 38.65
CA GLY K 382 7.28 13.36 38.13
C GLY K 382 7.16 12.92 36.68
N ASN K 383 6.09 12.19 36.36
CA ASN K 383 5.96 11.69 35.00
C ASN K 383 5.92 12.83 34.00
N LEU K 384 5.43 13.97 34.41
CA LEU K 384 5.40 15.10 33.49
C LEU K 384 6.71 15.67 33.22
N VAL K 385 7.83 15.13 33.70
CA VAL K 385 9.14 15.68 33.39
C VAL K 385 10.13 14.53 33.39
N LEU K 386 11.15 14.66 32.52
CA LEU K 386 12.08 13.56 32.24
C LEU K 386 12.33 12.70 33.47
N ASP K 387 12.68 13.34 34.58
CA ASP K 387 12.87 12.70 35.87
C ASP K 387 13.19 13.81 36.85
N GLY K 388 13.02 13.50 38.13
CA GLY K 388 13.09 14.54 39.14
C GLY K 388 12.03 15.58 38.88
N LYS K 389 12.00 16.58 39.73
CA LYS K 389 10.95 17.58 39.63
C LYS K 389 11.45 18.99 39.83
N MET K 390 12.73 19.18 40.11
CA MET K 390 13.30 20.52 39.98
C MET K 390 13.19 21.00 38.54
N GLU K 391 13.35 20.09 37.59
CA GLU K 391 13.06 20.45 36.21
C GLU K 391 11.58 20.63 36.00
N ASN K 392 10.75 20.05 36.87
CA ASN K 392 9.32 20.09 36.63
C ASN K 392 8.83 21.52 36.71
N LEU K 393 7.92 21.84 35.84
CA LEU K 393 7.63 23.22 35.57
C LEU K 393 6.72 23.70 36.69
N PRO K 394 7.26 24.32 37.71
CA PRO K 394 6.63 24.24 39.03
C PRO K 394 5.26 24.89 39.10
N SER K 395 5.19 26.17 38.80
CA SER K 395 3.90 26.83 38.93
C SER K 395 2.95 26.34 37.87
N ASP K 396 3.34 26.57 36.61
CA ASP K 396 2.48 26.25 35.49
C ASP K 396 1.92 24.86 35.62
N LEU K 397 2.76 23.91 35.97
CA LEU K 397 2.28 22.54 36.10
C LEU K 397 1.91 22.28 37.55
N ILE K 398 2.91 22.25 38.42
CA ILE K 398 2.71 21.60 39.70
C ILE K 398 1.77 22.42 40.57
N ALA K 399 1.97 23.73 40.61
CA ALA K 399 1.07 24.56 41.40
C ALA K 399 -0.36 24.36 40.98
N GLN K 400 -0.64 24.50 39.70
CA GLN K 400 -2.00 24.46 39.26
C GLN K 400 -2.56 23.05 39.23
N ILE K 401 -1.72 22.07 38.93
CA ILE K 401 -2.17 20.68 38.97
C ILE K 401 -2.58 20.32 40.38
N THR K 402 -1.70 20.58 41.34
CA THR K 402 -2.04 20.36 42.74
C THR K 402 -3.30 21.11 43.10
N ASP K 403 -3.42 22.36 42.62
CA ASP K 403 -4.62 23.11 42.91
C ASP K 403 -5.86 22.41 42.40
N ALA K 404 -5.83 21.97 41.16
CA ALA K 404 -6.99 21.32 40.58
C ALA K 404 -7.32 20.05 41.33
N ALA K 405 -6.30 19.30 41.70
CA ALA K 405 -6.52 18.10 42.49
C ALA K 405 -7.15 18.43 43.83
N LEU K 406 -6.62 19.45 44.48
CA LEU K 406 -7.01 19.76 45.84
C LEU K 406 -8.27 20.59 45.91
N ASN K 407 -8.79 21.02 44.77
CA ASN K 407 -9.95 21.89 44.74
C ASN K 407 -10.91 21.47 43.65
N ASN K 408 -10.74 20.27 43.10
CA ASN K 408 -11.59 19.73 42.04
C ASN K 408 -11.61 20.61 40.81
N ARG K 409 -10.69 21.56 40.71
CA ARG K 409 -10.68 22.44 39.56
C ARG K 409 -10.32 21.65 38.31
N VAL K 410 -10.65 22.23 37.15
CA VAL K 410 -10.17 21.68 35.90
C VAL K 410 -8.66 21.75 35.88
N LEU K 411 -8.04 20.67 35.45
CA LEU K 411 -6.60 20.68 35.24
C LEU K 411 -6.23 21.66 34.15
N PRO K 412 -5.04 22.23 34.24
CA PRO K 412 -4.63 23.20 33.23
C PRO K 412 -4.41 22.55 31.90
N VAL K 413 -4.74 23.29 30.84
CA VAL K 413 -4.23 22.92 29.53
C VAL K 413 -2.72 22.86 29.56
N SER K 414 -2.11 23.60 30.48
CA SER K 414 -0.67 23.44 30.65
C SER K 414 -0.33 22.02 31.01
N LEU K 415 -1.17 21.39 31.84
CA LEU K 415 -0.93 19.98 32.12
C LEU K 415 -0.93 19.16 30.86
N LEU K 416 -1.95 19.30 30.02
CA LEU K 416 -1.97 18.49 28.81
C LEU K 416 -0.76 18.78 27.96
N GLN K 417 -0.41 20.04 27.79
CA GLN K 417 0.66 20.33 26.85
C GLN K 417 1.98 19.82 27.39
N ALA K 418 2.17 19.88 28.70
CA ALA K 418 3.36 19.26 29.27
C ALA K 418 3.31 17.75 29.15
N ALA K 419 2.16 17.17 29.40
CA ALA K 419 2.07 15.73 29.34
C ALA K 419 2.31 15.24 27.94
N LEU K 420 1.76 15.92 26.96
CA LEU K 420 1.97 15.53 25.57
C LEU K 420 3.39 15.79 25.15
N ARG K 421 3.98 16.89 25.64
CA ARG K 421 5.42 17.02 25.56
C ARG K 421 6.09 15.72 25.93
N ARG K 422 5.87 15.28 27.16
CA ARG K 422 6.62 14.13 27.65
C ARG K 422 6.22 12.86 26.92
N ASN K 423 5.00 12.83 26.39
CA ASN K 423 4.61 11.73 25.52
C ASN K 423 5.53 11.69 24.33
N LYS K 424 5.49 12.73 23.53
CA LYS K 424 6.32 12.77 22.33
C LYS K 424 7.79 12.67 22.70
N ALA K 425 8.13 12.92 23.96
CA ALA K 425 9.52 12.93 24.37
C ALA K 425 10.04 11.56 24.77
N GLU K 426 9.29 10.85 25.61
CA GLU K 426 9.62 9.48 25.93
C GLU K 426 9.05 8.51 24.92
N GLN K 427 8.12 8.95 24.07
CA GLN K 427 7.45 8.06 23.15
C GLN K 427 6.86 6.88 23.89
N LYS K 428 6.39 7.14 25.10
CA LYS K 428 5.92 6.07 25.96
C LYS K 428 4.98 6.67 26.97
N ILE K 429 3.93 5.94 27.30
CA ILE K 429 2.87 6.46 28.13
C ILE K 429 2.92 5.74 29.47
N THR K 430 3.62 6.32 30.43
CA THR K 430 3.61 5.73 31.74
C THR K 430 2.20 5.75 32.29
N TYR K 431 1.88 4.76 33.11
CA TYR K 431 0.65 4.84 33.89
C TYR K 431 0.54 6.20 34.53
N GLY K 432 1.67 6.77 34.94
CA GLY K 432 1.65 8.11 35.48
C GLY K 432 1.09 9.11 34.49
N ARG K 433 1.84 9.35 33.42
CA ARG K 433 1.42 10.36 32.47
C ARG K 433 0.00 10.09 31.98
N ALA K 434 -0.26 8.85 31.55
CA ALA K 434 -1.58 8.52 31.09
C ALA K 434 -2.63 8.86 32.13
N SER K 435 -2.34 8.60 33.39
CA SER K 435 -3.32 8.92 34.43
C SER K 435 -3.60 10.41 34.46
N LEU K 436 -2.56 11.23 34.33
CA LEU K 436 -2.80 12.66 34.25
C LEU K 436 -3.61 13.04 33.04
N LEU K 437 -3.31 12.48 31.88
CA LEU K 437 -4.10 12.87 30.73
C LEU K 437 -5.54 12.49 30.95
N LYS K 438 -5.78 11.32 31.52
CA LYS K 438 -7.16 10.95 31.80
C LYS K 438 -7.78 11.94 32.76
N ALA K 439 -7.04 12.34 33.79
CA ALA K 439 -7.60 13.27 34.74
C ALA K 439 -7.96 14.57 34.05
N TYR K 440 -7.07 15.06 33.20
CA TYR K 440 -7.31 16.32 32.54
C TYR K 440 -8.51 16.20 31.63
N ILE K 441 -8.55 15.15 30.80
CA ILE K 441 -9.64 15.02 29.85
C ILE K 441 -10.95 14.87 30.59
N ASN K 442 -10.98 14.01 31.60
CA ASN K 442 -12.22 13.81 32.33
C ASN K 442 -12.70 15.11 32.95
N ARG K 443 -11.79 15.87 33.56
CA ARG K 443 -12.22 17.08 34.21
C ARG K 443 -12.59 18.16 33.21
N ALA K 444 -11.87 18.23 32.10
CA ALA K 444 -12.23 19.18 31.07
C ALA K 444 -13.60 18.90 30.52
N ILE K 445 -13.91 17.62 30.31
CA ILE K 445 -15.27 17.24 29.93
C ILE K 445 -16.25 17.72 30.97
N ARG K 446 -15.98 17.41 32.24
CA ARG K 446 -16.90 17.80 33.28
C ARG K 446 -16.96 19.31 33.46
N ALA K 447 -16.05 20.05 32.84
CA ALA K 447 -16.02 21.49 32.91
C ALA K 447 -16.32 22.13 31.57
N GLY K 448 -16.56 21.34 30.53
CA GLY K 448 -16.96 21.89 29.26
C GLY K 448 -15.85 22.52 28.45
N ARG K 449 -14.67 22.71 29.03
CA ARG K 449 -13.58 23.26 28.26
C ARG K 449 -13.25 22.37 27.08
N LEU K 450 -13.33 21.06 27.28
CA LEU K 450 -13.23 20.12 26.19
C LEU K 450 -14.65 19.64 25.91
N LYS K 451 -15.05 19.67 24.65
CA LYS K 451 -16.45 19.46 24.35
C LYS K 451 -16.64 18.19 23.53
N ASN K 452 -17.79 17.56 23.73
CA ASN K 452 -18.37 16.50 22.91
C ASN K 452 -17.78 15.13 23.19
N MET K 453 -16.86 14.98 24.13
CA MET K 453 -16.26 13.69 24.41
C MET K 453 -16.89 13.17 25.69
N LYS K 454 -17.24 11.89 25.71
CA LYS K 454 -17.71 11.34 26.97
C LYS K 454 -16.56 11.28 27.97
N GLU K 455 -16.91 11.25 29.25
CA GLU K 455 -15.90 11.09 30.27
C GLU K 455 -15.12 9.81 30.02
N LEU K 456 -13.81 9.88 30.18
CA LEU K 456 -13.02 8.67 30.04
C LEU K 456 -13.16 7.80 31.27
N THR K 457 -13.21 6.50 31.04
CA THR K 457 -13.35 5.53 32.11
C THR K 457 -12.06 4.75 32.22
N MET K 458 -11.70 4.37 33.45
CA MET K 458 -10.48 3.57 33.63
C MET K 458 -10.52 2.35 32.74
N GLY K 459 -11.60 1.58 32.84
CA GLY K 459 -11.77 0.45 31.95
C GLY K 459 -11.87 0.91 30.51
N LEU K 460 -11.23 0.17 29.62
CA LEU K 460 -11.11 0.63 28.25
C LEU K 460 -12.49 0.80 27.63
N ASP K 461 -12.74 1.98 27.08
CA ASP K 461 -14.03 2.24 26.47
C ASP K 461 -14.02 1.62 25.09
N ARG K 462 -14.40 0.34 25.00
CA ARG K 462 -14.42 -0.31 23.70
C ARG K 462 -15.36 0.41 22.76
N ASN K 463 -16.55 0.76 23.23
CA ASN K 463 -17.46 1.56 22.42
C ASN K 463 -17.15 3.03 22.53
N ARG K 464 -15.89 3.40 22.36
CA ARG K 464 -15.51 4.79 22.25
C ARG K 464 -15.50 5.16 20.78
N GLN K 465 -15.80 6.41 20.49
CA GLN K 465 -15.74 6.88 19.12
C GLN K 465 -14.66 7.92 18.90
N ASP K 466 -13.98 8.36 19.95
CA ASP K 466 -13.12 9.52 19.86
C ASP K 466 -11.94 9.21 18.96
N ILE K 467 -11.79 10.00 17.89
CA ILE K 467 -10.71 9.69 16.97
C ILE K 467 -9.39 9.65 17.71
N GLY K 468 -9.23 10.47 18.74
CA GLY K 468 -8.05 10.32 19.57
C GLY K 468 -8.00 8.96 20.22
N TYR K 469 -9.05 8.61 20.95
CA TYR K 469 -9.05 7.35 21.67
C TYR K 469 -8.98 6.17 20.72
N VAL K 470 -9.73 6.23 19.62
CA VAL K 470 -9.81 5.06 18.75
C VAL K 470 -8.69 5.15 17.74
N LEU K 471 -7.75 6.06 17.95
CA LEU K 471 -6.45 5.92 17.33
C LEU K 471 -5.41 5.45 18.30
N GLY K 472 -5.52 5.85 19.56
CA GLY K 472 -4.66 5.26 20.57
C GLY K 472 -4.89 3.77 20.63
N ARG K 473 -6.14 3.36 20.51
CA ARG K 473 -6.46 1.95 20.47
C ARG K 473 -5.70 1.30 19.34
N LEU K 474 -5.76 1.92 18.17
CA LEU K 474 -5.01 1.41 17.04
C LEU K 474 -3.56 1.30 17.42
N PHE K 475 -2.93 2.42 17.73
CA PHE K 475 -1.49 2.44 17.92
C PHE K 475 -1.05 1.41 18.94
N ALA K 476 -1.87 1.18 19.96
CA ALA K 476 -1.49 0.20 20.95
C ALA K 476 -1.64 -1.22 20.41
N VAL K 477 -2.69 -1.48 19.65
CA VAL K 477 -2.81 -2.80 19.05
C VAL K 477 -1.65 -3.03 18.12
N LEU K 478 -1.28 -2.02 17.36
CA LEU K 478 -0.09 -2.12 16.53
C LEU K 478 1.13 -2.34 17.38
N GLU K 479 1.20 -1.69 18.53
CA GLU K 479 2.35 -1.87 19.40
C GLU K 479 2.46 -3.33 19.84
N LYS K 480 1.34 -3.89 20.27
CA LYS K 480 1.35 -5.29 20.68
C LYS K 480 1.71 -6.20 19.53
N ILE K 481 1.16 -5.94 18.36
CA ILE K 481 1.45 -6.79 17.21
C ILE K 481 2.91 -6.70 16.86
N GLN K 482 3.45 -5.50 16.86
CA GLN K 482 4.86 -5.32 16.53
C GLN K 482 5.74 -6.00 17.56
N ALA K 483 5.36 -5.92 18.83
CA ALA K 483 6.14 -6.59 19.86
C ALA K 483 6.11 -8.09 19.67
N GLU K 484 4.90 -8.66 19.56
CA GLU K 484 4.80 -10.10 19.39
C GLU K 484 5.46 -10.55 18.10
N ALA K 485 5.53 -9.66 17.11
CA ALA K 485 6.21 -10.00 15.87
C ALA K 485 7.69 -10.19 16.08
N ASN K 486 8.29 -9.34 16.90
CA ASN K 486 9.72 -9.41 17.17
C ASN K 486 9.90 -9.43 18.67
N PRO K 487 9.66 -10.56 19.33
CA PRO K 487 9.61 -10.56 20.80
C PRO K 487 10.84 -9.97 21.44
N GLY K 488 11.99 -10.13 20.81
CA GLY K 488 13.17 -9.39 21.17
C GLY K 488 13.29 -8.17 20.28
N LEU K 489 13.24 -7.00 20.90
CA LEU K 489 13.23 -5.75 20.15
C LEU K 489 14.07 -4.69 20.85
N ASN K 490 14.84 -3.96 20.06
CA ASN K 490 15.56 -2.80 20.58
C ASN K 490 14.60 -1.78 21.18
N ALA K 491 13.59 -1.38 20.42
CA ALA K 491 12.57 -0.45 20.89
C ALA K 491 11.42 -0.51 19.91
N THR K 492 10.21 -0.69 20.41
CA THR K 492 9.09 -1.00 19.54
C THR K 492 8.68 0.22 18.75
N ILE K 493 7.59 0.09 18.00
CA ILE K 493 7.08 1.22 17.25
C ILE K 493 6.70 2.34 18.19
N ALA K 494 6.02 2.03 19.29
CA ALA K 494 5.58 3.08 20.20
C ALA K 494 6.73 4.00 20.54
N ASP K 495 7.86 3.41 20.95
CA ASP K 495 9.03 4.17 21.35
C ASP K 495 9.60 5.02 20.23
N ARG K 496 9.09 4.87 19.01
CA ARG K 496 9.62 5.62 17.88
C ARG K 496 8.56 6.24 17.01
N TYR K 497 7.30 6.27 17.44
CA TYR K 497 6.30 7.04 16.75
C TYR K 497 5.38 7.80 17.67
N PHE K 498 5.29 7.44 18.95
CA PHE K 498 4.13 7.87 19.71
C PHE K 498 3.89 9.36 19.57
N GLY K 499 4.94 10.14 19.37
CA GLY K 499 4.71 11.54 19.10
C GLY K 499 3.84 11.75 17.89
N SER K 500 4.36 11.41 16.71
CA SER K 500 3.60 11.67 15.50
C SER K 500 2.28 10.91 15.51
N ALA K 501 2.32 9.65 15.91
CA ALA K 501 1.10 8.87 16.01
C ALA K 501 0.12 9.48 16.99
N SER K 502 0.59 10.32 17.90
CA SER K 502 -0.31 11.02 18.78
C SER K 502 -0.75 12.34 18.22
N SER K 503 -0.06 12.83 17.20
CA SER K 503 -0.40 14.16 16.74
C SER K 503 -0.65 14.23 15.25
N THR K 504 0.01 13.38 14.48
CA THR K 504 -0.09 13.42 13.03
C THR K 504 -0.50 12.03 12.56
N PRO K 505 -1.74 11.63 12.85
CA PRO K 505 -2.11 10.23 12.63
C PRO K 505 -1.85 9.75 11.22
N ILE K 506 -2.06 10.57 10.21
CA ILE K 506 -1.84 10.06 8.85
C ILE K 506 -0.39 9.69 8.66
N ALA K 507 0.52 10.63 8.89
CA ALA K 507 1.87 10.51 8.37
C ALA K 507 2.59 9.32 8.93
N VAL K 508 2.10 8.74 10.02
CA VAL K 508 2.69 7.54 10.58
C VAL K 508 1.73 6.36 10.57
N PHE K 509 0.45 6.58 10.86
CA PHE K 509 -0.49 5.47 10.82
C PHE K 509 -0.56 4.83 9.46
N GLY K 510 -0.49 5.61 8.38
CA GLY K 510 -0.44 4.98 7.08
C GLY K 510 0.72 4.01 7.00
N THR K 511 1.90 4.47 7.37
CA THR K 511 3.06 3.60 7.31
C THR K 511 2.90 2.42 8.24
N LEU K 512 2.36 2.67 9.43
CA LEU K 512 2.22 1.62 10.42
C LEU K 512 1.28 0.53 9.94
N MET K 513 0.11 0.91 9.43
CA MET K 513 -0.78 -0.08 8.86
C MET K 513 -0.09 -0.83 7.75
N ARG K 514 0.66 -0.13 6.91
CA ARG K 514 1.41 -0.83 5.88
C ARG K 514 2.30 -1.91 6.49
N LEU K 515 3.06 -1.57 7.51
CA LEU K 515 3.84 -2.59 8.18
C LEU K 515 2.99 -3.67 8.81
N LEU K 516 1.76 -3.35 9.19
CA LEU K 516 1.04 -4.24 10.10
C LEU K 516 1.05 -5.69 9.66
N PRO K 517 0.57 -6.06 8.47
CA PRO K 517 0.43 -7.48 8.17
C PRO K 517 1.74 -8.21 8.19
N HIS K 518 2.84 -7.55 7.84
CA HIS K 518 4.10 -8.25 7.83
C HIS K 518 4.50 -8.66 9.22
N HIS K 519 4.18 -7.81 10.19
CA HIS K 519 4.32 -8.21 11.58
C HIS K 519 3.25 -9.22 11.96
N LEU K 520 2.08 -9.14 11.32
CA LEU K 520 0.96 -9.93 11.78
C LEU K 520 1.13 -11.39 11.42
N ASN K 521 1.68 -11.67 10.25
CA ASN K 521 2.02 -13.05 9.94
C ASN K 521 3.08 -13.57 10.89
N LYS K 522 4.05 -12.72 11.24
CA LYS K 522 5.14 -13.15 12.11
C LYS K 522 4.69 -13.50 13.51
N LEU K 523 3.40 -13.36 13.83
CA LEU K 523 2.89 -13.93 15.07
C LEU K 523 3.18 -15.42 15.12
N GLU K 524 3.60 -15.88 16.30
CA GLU K 524 3.93 -17.29 16.47
C GLU K 524 2.69 -18.17 16.36
N PHE K 525 1.60 -17.75 16.98
CA PHE K 525 0.38 -18.55 17.02
C PHE K 525 -0.69 -17.78 16.27
N GLU K 526 -1.07 -18.30 15.09
CA GLU K 526 -1.99 -17.56 14.24
C GLU K 526 -3.35 -17.36 14.91
N GLY K 527 -3.68 -18.13 15.94
CA GLY K 527 -4.83 -17.79 16.73
C GLY K 527 -4.66 -16.45 17.41
N ARG K 528 -3.49 -16.22 18.01
CA ARG K 528 -3.17 -14.91 18.56
C ARG K 528 -3.17 -13.85 17.47
N ALA K 529 -2.64 -14.20 16.30
CA ALA K 529 -2.61 -13.25 15.20
C ALA K 529 -4.00 -12.79 14.83
N VAL K 530 -4.92 -13.74 14.65
CA VAL K 530 -6.28 -13.36 14.29
C VAL K 530 -6.97 -12.68 15.44
N GLN K 531 -6.62 -13.01 16.68
CA GLN K 531 -7.17 -12.27 17.80
C GLN K 531 -6.78 -10.80 17.72
N LEU K 532 -5.48 -10.54 17.56
CA LEU K 532 -5.03 -9.16 17.41
C LEU K 532 -5.69 -8.49 16.23
N GLN K 533 -5.75 -9.17 15.10
CA GLN K 533 -6.37 -8.54 13.96
C GLN K 533 -7.84 -8.29 14.21
N TRP K 534 -8.49 -9.13 14.99
CA TRP K 534 -9.88 -8.85 15.28
C TRP K 534 -10.03 -7.63 16.16
N GLU K 535 -9.15 -7.49 17.14
CA GLU K 535 -9.22 -6.27 17.94
C GLU K 535 -8.94 -5.05 17.10
N ILE K 536 -7.94 -5.13 16.23
CA ILE K 536 -7.63 -3.98 15.39
C ILE K 536 -8.78 -3.70 14.46
N ARG K 537 -9.52 -4.73 14.08
CA ARG K 537 -10.70 -4.52 13.25
C ARG K 537 -11.75 -3.78 14.04
N GLN K 538 -11.96 -4.21 15.29
CA GLN K 538 -12.91 -3.49 16.13
C GLN K 538 -12.52 -2.03 16.22
N ILE K 539 -11.23 -1.78 16.36
CA ILE K 539 -10.73 -0.41 16.47
C ILE K 539 -11.06 0.37 15.22
N LEU K 540 -10.49 -0.04 14.09
CA LEU K 540 -10.66 0.73 12.88
C LEU K 540 -12.11 0.79 12.46
N GLU K 541 -12.96 -0.06 13.01
CA GLU K 541 -14.38 0.07 12.74
C GLU K 541 -14.90 1.41 13.23
N HIS K 542 -14.41 1.88 14.37
CA HIS K 542 -14.88 3.17 14.87
C HIS K 542 -14.32 4.31 14.05
N CYS K 543 -13.03 4.29 13.76
CA CYS K 543 -12.46 5.36 12.97
C CYS K 543 -12.98 5.31 11.55
N GLN K 544 -13.03 6.47 10.90
CA GLN K 544 -13.40 6.54 9.49
C GLN K 544 -12.26 7.03 8.62
N ARG K 545 -11.25 7.65 9.21
CA ARG K 545 -10.16 8.25 8.46
C ARG K 545 -9.08 8.67 9.43
N PHE K 546 -7.85 8.51 9.03
CA PHE K 546 -6.75 9.01 9.84
C PHE K 546 -6.73 10.52 9.70
N PRO K 547 -6.81 11.27 10.78
CA PRO K 547 -6.78 12.73 10.64
C PRO K 547 -5.41 13.20 10.24
N ASN K 548 -5.38 14.36 9.58
CA ASN K 548 -4.11 14.94 9.18
C ASN K 548 -3.32 15.46 10.36
N HIS K 549 -3.95 15.58 11.51
CA HIS K 549 -3.34 16.12 12.70
C HIS K 549 -4.22 15.72 13.87
N LEU K 550 -3.88 16.21 15.04
CA LEU K 550 -4.73 15.99 16.20
C LEU K 550 -4.71 17.20 17.09
N ASN K 551 -5.89 17.55 17.60
CA ASN K 551 -5.96 18.58 18.61
C ASN K 551 -5.31 18.09 19.89
N LEU K 552 -4.84 19.05 20.68
CA LEU K 552 -4.19 18.70 21.93
C LEU K 552 -5.08 17.78 22.74
N GLU K 553 -6.35 18.11 22.84
CA GLU K 553 -7.29 17.23 23.51
C GLU K 553 -7.30 15.86 22.85
N GLN K 554 -7.34 15.84 21.52
CA GLN K 554 -7.34 14.56 20.84
C GLN K 554 -6.03 13.84 21.03
N GLN K 555 -4.93 14.58 21.09
CA GLN K 555 -3.65 13.95 21.35
C GLN K 555 -3.68 13.26 22.69
N GLY K 556 -4.30 13.91 23.66
CA GLY K 556 -4.53 13.27 24.93
C GLY K 556 -5.32 12.00 24.74
N LEU K 557 -6.54 12.14 24.27
CA LEU K 557 -7.40 10.99 24.05
C LEU K 557 -6.64 9.86 23.39
N PHE K 558 -5.74 10.19 22.48
CA PHE K 558 -4.89 9.19 21.88
C PHE K 558 -4.02 8.52 22.90
N ALA K 559 -3.38 9.31 23.76
CA ALA K 559 -2.51 8.70 24.74
C ALA K 559 -3.30 7.81 25.68
N ILE K 560 -4.46 8.27 26.13
CA ILE K 560 -5.23 7.43 27.03
C ILE K 560 -5.66 6.17 26.33
N GLY K 561 -6.09 6.27 25.09
CA GLY K 561 -6.53 5.10 24.39
C GLY K 561 -5.39 4.13 24.27
N TYR K 562 -4.22 4.65 23.92
CA TYR K 562 -3.08 3.78 23.74
C TYR K 562 -2.78 3.05 25.02
N TYR K 563 -2.80 3.76 26.14
CA TYR K 563 -2.45 3.08 27.37
C TYR K 563 -3.54 2.10 27.76
N HIS K 564 -4.81 2.46 27.55
CA HIS K 564 -5.85 1.51 27.84
C HIS K 564 -5.69 0.24 27.04
N GLU K 565 -5.45 0.35 25.75
CA GLU K 565 -5.25 -0.85 24.95
C GLU K 565 -4.00 -1.60 25.34
N THR K 566 -2.94 -0.90 25.71
CA THR K 566 -1.77 -1.65 26.12
C THR K 566 -2.08 -2.44 27.39
N GLN K 567 -2.83 -1.86 28.32
CA GLN K 567 -3.26 -2.64 29.47
C GLN K 567 -4.19 -3.76 29.04
N PHE K 568 -5.07 -3.48 28.08
CA PHE K 568 -6.04 -4.46 27.64
C PHE K 568 -5.35 -5.67 27.05
N LEU K 569 -4.44 -5.44 26.12
CA LEU K 569 -3.78 -6.54 25.44
C LEU K 569 -2.78 -7.21 26.36
N PHE K 570 -2.14 -6.44 27.24
CA PHE K 570 -1.29 -7.07 28.23
C PHE K 570 -2.09 -7.89 29.22
N THR K 571 -3.40 -7.64 29.32
CA THR K 571 -4.21 -8.50 30.16
C THR K 571 -4.19 -9.92 29.63
N LYS K 572 -4.21 -10.90 30.54
CA LYS K 572 -3.88 -12.27 30.18
C LYS K 572 -4.80 -12.81 29.09
N ASP K 573 -6.11 -12.73 29.31
CA ASP K 573 -7.05 -13.36 28.41
C ASP K 573 -8.05 -12.40 27.79
N ALA K 574 -7.97 -11.12 28.15
CA ALA K 574 -9.03 -10.18 27.74
C ALA K 574 -9.18 -10.19 26.23
N LEU K 575 -8.07 -10.07 25.50
CA LEU K 575 -8.17 -10.12 24.06
C LEU K 575 -8.76 -11.44 23.60
N LYS K 576 -8.30 -12.54 24.16
CA LYS K 576 -8.81 -13.83 23.77
C LYS K 576 -10.29 -13.94 24.06
N ASN K 577 -10.71 -13.47 25.23
CA ASN K 577 -12.12 -13.59 25.59
C ASN K 577 -13.00 -12.76 24.68
N LEU K 578 -12.60 -11.52 24.40
CA LEU K 578 -13.37 -10.72 23.45
C LEU K 578 -13.41 -11.38 22.09
N PHE K 579 -12.28 -11.90 21.63
CA PHE K 579 -12.25 -12.55 20.33
C PHE K 579 -13.20 -13.73 20.29
N ASN K 580 -13.18 -14.54 21.35
CA ASN K 580 -14.03 -15.71 21.38
C ASN K 580 -15.50 -15.35 21.53
N GLU K 581 -15.78 -14.20 22.14
CA GLU K 581 -17.15 -13.72 22.13
C GLU K 581 -17.60 -13.43 20.72
N ALA K 582 -16.69 -12.98 19.88
CA ALA K 582 -16.99 -12.82 18.47
C ALA K 582 -16.55 -14.06 17.71
N THR L 1 3.51 67.87 22.68
CA THR L 1 3.17 66.50 23.05
C THR L 1 2.01 66.02 22.22
N ILE L 2 1.73 64.73 22.29
CA ILE L 2 0.49 64.22 21.71
C ILE L 2 -0.66 64.82 22.49
N GLU L 3 -1.74 65.10 21.80
CA GLU L 3 -2.90 65.71 22.45
C GLU L 3 -4.04 64.74 22.63
N LYS L 4 -4.04 63.65 21.89
CA LYS L 4 -5.18 62.76 21.79
C LYS L 4 -4.73 61.37 22.17
N ARG L 5 -5.46 60.73 23.08
CA ARG L 5 -5.00 59.45 23.60
C ARG L 5 -5.17 58.37 22.56
N TYR L 6 -4.11 57.63 22.31
CA TYR L 6 -4.12 56.56 21.34
C TYR L 6 -4.39 55.26 22.05
N ASP L 7 -5.56 54.69 21.88
CA ASP L 7 -5.60 53.28 22.20
C ASP L 7 -5.03 52.52 21.02
N PHE L 8 -4.75 51.24 21.19
CA PHE L 8 -4.31 50.50 20.02
C PHE L 8 -4.29 49.02 20.31
N VAL L 9 -4.29 48.25 19.23
CA VAL L 9 -4.16 46.81 19.28
C VAL L 9 -2.91 46.45 18.51
N PHE L 10 -2.23 45.42 18.98
CA PHE L 10 -1.00 44.95 18.37
C PHE L 10 -1.18 43.50 17.99
N LEU L 11 -1.11 43.20 16.71
CA LEU L 11 -1.22 41.84 16.24
C LEU L 11 0.18 41.39 15.87
N PHE L 12 0.77 40.57 16.72
CA PHE L 12 2.13 40.12 16.49
C PHE L 12 2.22 38.63 16.73
N ASP L 13 3.02 37.96 15.94
CA ASP L 13 3.01 36.51 15.91
C ASP L 13 4.41 35.98 16.13
N VAL L 14 4.47 34.72 16.52
CA VAL L 14 5.71 34.01 16.73
C VAL L 14 5.79 32.94 15.67
N GLN L 15 6.75 33.09 14.76
CA GLN L 15 6.78 32.14 13.65
C GLN L 15 7.11 30.75 14.14
N ASP L 16 8.29 30.55 14.69
CA ASP L 16 8.59 29.26 15.28
C ASP L 16 9.43 29.37 16.54
N GLY L 17 9.47 30.55 17.15
CA GLY L 17 10.35 30.77 18.27
C GLY L 17 9.59 30.93 19.56
N ASN L 18 10.35 31.05 20.62
CA ASN L 18 9.77 31.25 21.93
C ASN L 18 9.26 32.66 22.05
N PRO L 19 8.00 32.88 22.27
CA PRO L 19 7.54 34.24 22.49
C PRO L 19 8.19 34.82 23.73
N ASN L 20 7.92 34.19 24.87
CA ASN L 20 8.62 34.50 26.11
C ASN L 20 8.30 33.40 27.11
N GLY L 21 9.30 32.62 27.51
CA GLY L 21 9.04 31.45 28.32
C GLY L 21 8.80 31.77 29.77
N ASP L 22 7.94 30.99 30.39
CA ASP L 22 7.67 31.15 31.81
C ASP L 22 8.95 30.93 32.60
N PRO L 23 9.47 31.94 33.29
CA PRO L 23 10.49 31.68 34.29
C PRO L 23 9.99 30.80 35.40
N ASP L 24 8.68 30.68 35.57
CA ASP L 24 8.17 29.49 36.24
C ASP L 24 8.57 28.25 35.48
N ALA L 25 8.02 28.07 34.29
CA ALA L 25 8.04 26.77 33.64
C ALA L 25 9.22 26.72 32.70
N GLY L 26 10.39 26.59 33.29
CA GLY L 26 11.56 26.32 32.49
C GLY L 26 11.71 27.43 31.49
N ASN L 27 11.31 27.14 30.27
CA ASN L 27 11.26 28.22 29.29
C ASN L 27 10.07 28.09 28.36
N LEU L 28 9.07 27.28 28.71
CA LEU L 28 7.98 27.09 27.77
C LEU L 28 7.26 28.41 27.55
N PRO L 29 6.88 28.71 26.33
CA PRO L 29 6.16 29.95 26.04
C PRO L 29 5.03 30.14 27.02
N ARG L 30 4.89 31.37 27.51
CA ARG L 30 3.89 31.63 28.52
C ARG L 30 2.56 31.09 28.06
N ILE L 31 1.86 30.41 28.95
CA ILE L 31 0.63 29.74 28.58
C ILE L 31 -0.44 30.06 29.60
N ASP L 32 -1.56 30.54 29.14
CA ASP L 32 -2.69 30.65 30.04
C ASP L 32 -3.10 29.24 30.44
N PRO L 33 -3.06 28.93 31.72
CA PRO L 33 -3.23 27.54 32.12
C PRO L 33 -4.56 26.96 31.72
N GLN L 34 -5.65 27.63 32.02
CA GLN L 34 -6.95 27.04 31.78
C GLN L 34 -7.50 27.32 30.40
N THR L 35 -6.74 27.97 29.52
CA THR L 35 -7.25 28.18 28.18
C THR L 35 -6.27 27.63 27.16
N GLY L 36 -5.00 27.56 27.53
CA GLY L 36 -4.00 27.23 26.55
C GLY L 36 -3.64 28.37 25.66
N GLU L 37 -4.27 29.53 25.83
CA GLU L 37 -3.88 30.70 25.07
C GLU L 37 -2.47 31.10 25.46
N GLY L 38 -1.64 31.34 24.46
CA GLY L 38 -0.32 31.82 24.76
C GLY L 38 -0.40 33.22 25.33
N LEU L 39 0.16 33.45 26.52
CA LEU L 39 0.43 34.81 26.93
C LEU L 39 1.76 35.26 26.39
N VAL L 40 1.87 36.56 26.24
CA VAL L 40 3.16 37.21 26.11
C VAL L 40 3.06 38.48 26.92
N THR L 41 3.78 38.54 28.02
CA THR L 41 3.63 39.64 28.95
C THR L 41 3.87 40.95 28.24
N ASP L 42 2.97 41.89 28.48
CA ASP L 42 3.22 43.24 27.98
C ASP L 42 4.66 43.62 28.23
N VAL L 43 5.11 43.36 29.45
CA VAL L 43 6.50 43.56 29.81
C VAL L 43 7.42 43.08 28.71
N CYS L 44 7.13 41.92 28.12
CA CYS L 44 7.99 41.44 27.05
C CYS L 44 7.98 42.39 25.87
N LEU L 45 6.79 42.83 25.44
CA LEU L 45 6.75 43.80 24.36
C LEU L 45 7.49 45.06 24.76
N LYS L 46 7.29 45.51 25.99
CA LYS L 46 7.91 46.73 26.44
C LYS L 46 9.40 46.60 26.37
N ARG L 47 9.91 45.43 26.70
CA ARG L 47 11.33 45.20 26.59
C ARG L 47 11.77 45.26 25.15
N LYS L 48 11.00 44.65 24.28
CA LYS L 48 11.44 44.65 22.90
C LYS L 48 11.42 46.06 22.35
N VAL L 49 10.48 46.88 22.83
CA VAL L 49 10.49 48.28 22.45
C VAL L 49 11.73 48.97 22.97
N ARG L 50 12.04 48.77 24.25
CA ARG L 50 13.22 49.39 24.83
C ARG L 50 14.45 49.01 24.03
N ASN L 51 14.58 47.73 23.73
CA ASN L 51 15.68 47.29 22.90
C ASN L 51 15.68 48.02 21.59
N PHE L 52 14.54 48.10 20.93
CA PHE L 52 14.49 48.72 19.63
C PHE L 52 14.96 50.16 19.72
N ILE L 53 14.45 50.90 20.68
CA ILE L 53 14.84 52.29 20.81
C ILE L 53 16.33 52.37 21.05
N GLN L 54 16.89 51.42 21.79
CA GLN L 54 18.33 51.44 21.98
C GLN L 54 19.08 51.07 20.72
N MET L 55 18.45 50.36 19.82
CA MET L 55 19.15 49.82 18.68
C MET L 55 18.92 50.66 17.45
N THR L 56 18.10 51.69 17.57
CA THR L 56 17.78 52.56 16.44
C THR L 56 18.20 53.99 16.72
N GLN L 57 17.80 54.53 17.86
CA GLN L 57 17.98 55.96 18.05
C GLN L 57 19.40 56.29 18.44
N ASN L 58 19.91 55.62 19.47
CA ASN L 58 21.34 55.66 19.78
C ASN L 58 21.83 57.10 19.90
N ASP L 59 20.99 57.96 20.46
CA ASP L 59 21.32 59.36 20.59
C ASP L 59 20.60 59.94 21.79
N GLU L 60 21.09 61.08 22.24
CA GLU L 60 20.51 61.75 23.38
C GLU L 60 19.02 61.98 23.16
N HIS L 61 18.30 62.14 24.26
CA HIS L 61 16.84 62.24 24.28
C HIS L 61 16.20 60.95 23.79
N HIS L 62 16.97 59.88 23.62
CA HIS L 62 16.37 58.62 23.22
C HIS L 62 17.05 57.41 23.85
N ASP L 63 17.61 57.54 25.04
CA ASP L 63 18.12 56.36 25.70
C ASP L 63 16.99 55.66 26.43
N ILE L 64 17.32 54.63 27.19
CA ILE L 64 16.34 53.70 27.71
C ILE L 64 16.33 53.66 29.21
N PHE L 65 17.50 53.55 29.82
CA PHE L 65 17.77 53.47 31.24
C PHE L 65 17.36 52.12 31.81
N ILE L 66 16.60 51.30 31.08
CA ILE L 66 16.23 49.98 31.55
C ILE L 66 16.83 49.02 30.54
N ARG L 67 17.98 49.39 30.02
CA ARG L 67 18.58 48.73 28.88
C ARG L 67 19.03 47.33 29.25
N GLU L 68 19.63 46.66 28.28
CA GLU L 68 20.26 45.36 28.50
C GLU L 68 21.76 45.48 28.35
N LYS L 69 22.48 44.84 29.25
CA LYS L 69 23.90 44.67 29.03
C LYS L 69 24.14 43.97 27.71
N GLY L 70 23.19 43.14 27.27
CA GLY L 70 23.36 42.39 26.05
C GLY L 70 23.05 43.15 24.77
N ILE L 71 22.57 44.38 24.85
CA ILE L 71 22.17 45.08 23.63
C ILE L 71 23.26 46.02 23.12
N LEU L 72 23.62 47.02 23.91
CA LEU L 72 24.55 48.04 23.44
C LEU L 72 25.69 48.20 24.42
N ASN L 73 26.91 48.06 23.91
CA ASN L 73 28.14 48.30 24.67
C ASN L 73 29.36 48.16 23.75
N THR L 94 13.02 68.17 42.42
CA THR L 94 13.10 66.79 41.96
C THR L 94 12.41 66.63 40.61
N GLU L 95 11.24 67.27 40.47
CA GLU L 95 10.51 67.20 39.21
C GLU L 95 11.32 67.81 38.07
N ALA L 96 12.27 68.69 38.39
CA ALA L 96 13.12 69.24 37.34
C ALA L 96 14.05 68.19 36.77
N ALA L 97 14.74 67.44 37.63
CA ALA L 97 15.59 66.35 37.15
C ALA L 97 14.75 65.24 36.55
N ARG L 98 13.59 64.98 37.14
CA ARG L 98 12.66 64.02 36.56
C ARG L 98 12.33 64.40 35.13
N GLN L 99 11.94 65.66 34.91
CA GLN L 99 11.66 66.15 33.56
C GLN L 99 12.88 66.06 32.67
N TYR L 100 14.06 66.35 33.21
CA TYR L 100 15.29 66.20 32.44
C TYR L 100 15.40 64.80 31.88
N MET L 101 15.15 63.79 32.71
CA MET L 101 15.31 62.43 32.22
C MET L 101 14.15 62.00 31.32
N CYS L 102 12.93 62.42 31.64
CA CYS L 102 11.85 62.18 30.69
C CYS L 102 12.21 62.71 29.31
N SER L 103 12.77 63.91 29.26
CA SER L 103 13.32 64.38 28.00
C SER L 103 14.50 63.53 27.56
N ARG L 104 15.15 62.84 28.49
CA ARG L 104 16.39 62.16 28.14
C ARG L 104 16.19 60.71 27.76
N TYR L 105 15.74 59.88 28.68
CA TYR L 105 15.68 58.45 28.40
C TYR L 105 14.31 58.15 27.82
N TYR L 106 14.29 57.73 26.56
CA TYR L 106 13.03 57.52 25.86
C TYR L 106 12.10 56.62 26.65
N ASP L 107 12.65 55.62 27.31
CA ASP L 107 11.78 54.70 28.04
C ASP L 107 11.18 55.35 29.26
N ILE L 108 11.84 56.37 29.83
CA ILE L 108 11.20 57.09 30.93
C ILE L 108 9.84 57.58 30.51
N ARG L 109 9.80 58.46 29.52
CA ARG L 109 8.50 59.00 29.16
C ARG L 109 7.62 57.94 28.55
N THR L 110 8.14 57.18 27.59
CA THR L 110 7.29 56.33 26.77
C THR L 110 6.47 55.38 27.60
N PHE L 111 7.12 54.44 28.24
CA PHE L 111 6.42 53.45 29.04
C PHE L 111 6.22 53.89 30.47
N GLY L 112 6.82 54.97 30.88
CA GLY L 112 6.81 55.35 32.27
C GLY L 112 8.15 55.06 32.91
N ALA L 113 8.17 55.24 34.23
CA ALA L 113 9.38 55.04 35.01
C ALA L 113 8.99 55.18 36.47
N VAL L 114 9.90 54.78 37.36
CA VAL L 114 9.71 55.02 38.78
C VAL L 114 11.00 55.61 39.33
N MET L 115 10.91 56.80 39.88
CA MET L 115 12.13 57.45 40.34
C MET L 115 12.34 57.15 41.81
N THR L 116 13.60 56.94 42.18
CA THR L 116 13.93 56.85 43.59
C THR L 116 13.46 58.09 44.33
N THR L 117 13.43 59.23 43.64
CA THR L 117 12.94 60.48 44.20
C THR L 117 11.95 61.07 43.21
N GLY L 118 10.67 61.09 43.58
CA GLY L 118 9.66 61.59 42.68
C GLY L 118 8.40 61.88 43.44
N LYS L 119 7.54 62.67 42.81
CA LYS L 119 6.35 63.16 43.52
C LYS L 119 5.44 62.03 43.94
N ASN L 120 4.87 61.32 42.98
CA ASN L 120 3.90 60.27 43.29
C ASN L 120 4.63 59.05 43.85
N ALA L 121 5.33 59.26 44.95
CA ALA L 121 6.18 58.22 45.54
C ALA L 121 7.15 57.66 44.52
N GLY L 122 7.53 58.47 43.55
CA GLY L 122 8.44 58.04 42.52
C GLY L 122 7.79 57.68 41.21
N GLN L 123 6.46 57.66 41.14
CA GLN L 123 5.79 57.29 39.90
C GLN L 123 6.20 58.22 38.78
N VAL L 124 6.52 57.63 37.64
CA VAL L 124 6.49 58.38 36.40
C VAL L 124 5.57 57.56 35.53
N ARG L 125 4.28 57.83 35.59
CA ARG L 125 3.32 56.87 35.08
C ARG L 125 3.53 56.65 33.59
N GLY L 126 3.66 57.70 32.81
CA GLY L 126 4.04 57.53 31.43
C GLY L 126 2.93 56.97 30.57
N PRO L 127 2.90 57.39 29.33
CA PRO L 127 1.79 57.03 28.46
C PRO L 127 1.59 55.56 28.22
N VAL L 128 2.56 54.87 27.63
CA VAL L 128 2.20 53.69 26.88
C VAL L 128 2.01 52.50 27.77
N GLN L 129 0.85 52.39 28.37
CA GLN L 129 0.50 51.19 29.09
C GLN L 129 0.13 50.10 28.10
N LEU L 130 0.63 48.89 28.34
CA LEU L 130 0.30 47.76 27.47
C LEU L 130 -0.41 46.68 28.25
N THR L 131 -0.60 45.52 27.63
CA THR L 131 -1.36 44.45 28.25
C THR L 131 -0.72 43.13 27.95
N PHE L 132 -1.06 42.15 28.77
CA PHE L 132 -0.56 40.81 28.54
C PHE L 132 -1.15 40.30 27.26
N SER L 133 -0.35 40.31 26.21
CA SER L 133 -0.83 39.96 24.90
C SER L 133 -1.15 38.48 24.86
N ARG L 134 -2.43 38.15 25.00
CA ARG L 134 -2.83 36.76 24.85
C ARG L 134 -2.60 36.31 23.42
N SER L 135 -2.63 35.02 23.22
CA SER L 135 -2.78 34.49 21.88
C SER L 135 -4.23 34.54 21.48
N ILE L 136 -4.46 34.50 20.17
CA ILE L 136 -5.83 34.49 19.71
C ILE L 136 -6.46 33.12 19.91
N ASP L 137 -5.74 32.08 19.54
CA ASP L 137 -6.16 30.72 19.81
C ASP L 137 -5.00 29.95 20.41
N PRO L 138 -5.29 28.91 21.19
CA PRO L 138 -4.23 28.29 21.98
C PRO L 138 -3.05 27.89 21.14
N ILE L 139 -1.88 28.14 21.66
CA ILE L 139 -0.66 27.71 21.03
C ILE L 139 -0.33 26.31 21.51
N MET L 140 0.54 25.64 20.79
CA MET L 140 0.99 24.31 21.16
C MET L 140 2.51 24.30 21.14
N THR L 141 3.10 24.53 22.30
CA THR L 141 4.54 24.59 22.41
C THR L 141 5.17 23.34 21.81
N LEU L 142 6.22 23.53 21.03
CA LEU L 142 6.93 22.43 20.40
C LEU L 142 8.31 22.37 21.00
N GLU L 143 8.55 21.33 21.79
CA GLU L 143 9.66 21.35 22.72
C GLU L 143 10.80 20.58 22.11
N HIS L 144 11.43 21.20 21.16
CA HIS L 144 12.47 20.52 20.43
C HIS L 144 13.64 20.26 21.36
N SER L 145 13.76 19.02 21.80
CA SER L 145 14.89 18.63 22.61
C SER L 145 16.13 18.71 21.73
N ILE L 146 17.10 19.50 22.15
CA ILE L 146 18.27 19.74 21.33
C ILE L 146 19.51 19.32 22.10
N THR L 147 20.56 19.04 21.34
CA THR L 147 21.79 18.51 21.88
C THR L 147 22.88 19.56 21.70
N ARG L 148 23.97 19.40 22.43
CA ARG L 148 25.17 20.18 22.21
C ARG L 148 26.30 19.24 21.89
N MET L 149 26.92 19.41 20.73
CA MET L 149 28.05 18.58 20.40
C MET L 149 29.30 18.97 21.16
N ALA L 150 29.16 19.84 22.15
CA ALA L 150 30.15 20.02 23.18
C ALA L 150 29.44 19.92 24.50
N VAL L 151 30.19 19.98 25.59
CA VAL L 151 29.55 19.90 26.90
C VAL L 151 30.17 20.93 27.82
N THR L 152 29.37 21.37 28.80
CA THR L 152 29.70 22.54 29.59
C THR L 152 31.00 22.37 30.34
N ASN L 153 31.13 21.27 31.08
CA ASN L 153 32.23 21.07 32.00
C ASN L 153 32.74 19.66 31.88
N GLU L 154 34.02 19.48 32.20
CA GLU L 154 34.65 18.16 32.13
C GLU L 154 34.25 17.34 33.35
N LYS L 155 32.95 17.16 33.50
CA LYS L 155 32.39 16.57 34.70
C LYS L 155 31.33 15.55 34.34
N ASP L 156 30.49 15.19 35.31
CA ASP L 156 29.39 14.26 35.04
C ASP L 156 28.64 14.62 33.77
N ALA L 157 28.59 15.92 33.44
CA ALA L 157 28.08 16.31 32.13
C ALA L 157 28.99 15.78 31.02
N SER L 158 30.30 15.83 31.21
CA SER L 158 31.21 15.34 30.20
C SER L 158 31.26 13.82 30.24
N GLU L 159 30.11 13.18 30.11
CA GLU L 159 30.04 11.73 30.12
C GLU L 159 30.72 11.17 28.89
N THR L 160 31.60 10.19 29.09
CA THR L 160 32.30 9.58 27.96
C THR L 160 31.32 8.84 27.06
N GLY L 161 30.23 8.33 27.63
CA GLY L 161 29.25 7.63 26.81
C GLY L 161 28.66 8.54 25.74
N ASP L 162 28.23 9.72 26.13
CA ASP L 162 27.78 10.74 25.19
C ASP L 162 27.54 12.04 25.96
N ASN L 163 27.16 13.07 25.22
CA ASN L 163 27.01 14.41 25.77
C ASN L 163 25.53 14.69 25.99
N ARG L 164 24.99 14.08 27.05
CA ARG L 164 23.55 14.03 27.26
C ARG L 164 23.03 15.36 27.83
N THR L 165 23.34 16.42 27.11
CA THR L 165 22.83 17.75 27.40
C THR L 165 21.54 17.96 26.60
N MET L 166 20.52 17.20 26.95
CA MET L 166 19.29 17.28 26.18
C MET L 166 18.65 18.63 26.42
N GLY L 167 19.27 19.67 25.89
CA GLY L 167 18.70 20.99 26.01
C GLY L 167 17.35 21.07 25.32
N ARG L 168 16.46 21.84 25.92
CA ARG L 168 15.15 22.06 25.36
C ARG L 168 15.08 23.47 24.80
N LYS L 169 14.33 23.63 23.72
CA LYS L 169 14.18 24.90 23.05
C LYS L 169 12.70 25.16 22.80
N PHE L 170 11.91 25.07 23.87
CA PHE L 170 10.47 25.27 23.77
C PHE L 170 10.13 26.32 22.75
N THR L 171 9.24 25.98 21.81
CA THR L 171 8.86 26.93 20.79
C THR L 171 7.40 26.74 20.42
N VAL L 172 6.83 27.80 19.87
CA VAL L 172 5.46 27.81 19.39
C VAL L 172 5.50 27.58 17.89
N PRO L 173 4.70 26.67 17.35
CA PRO L 173 4.69 26.52 15.90
C PRO L 173 4.11 27.74 15.23
N TYR L 174 3.15 28.39 15.87
CA TYR L 174 2.68 29.69 15.44
C TYR L 174 1.66 30.20 16.44
N GLY L 175 1.58 31.51 16.60
CA GLY L 175 0.62 32.07 17.50
C GLY L 175 0.41 33.53 17.24
N LEU L 176 -0.82 33.96 17.14
CA LEU L 176 -1.15 35.35 16.93
C LEU L 176 -1.48 35.94 18.30
N TYR L 177 -0.81 37.02 18.64
CA TYR L 177 -0.91 37.62 19.95
C TYR L 177 -1.48 39.02 19.81
N ARG L 178 -2.39 39.36 20.72
CA ARG L 178 -3.16 40.58 20.65
C ARG L 178 -2.82 41.45 21.84
N CYS L 179 -1.84 42.32 21.65
CA CYS L 179 -1.35 43.22 22.69
C CYS L 179 -2.17 44.49 22.68
N HIS L 180 -3.08 44.64 23.63
CA HIS L 180 -3.73 45.92 23.77
C HIS L 180 -2.77 46.93 24.37
N GLY L 181 -2.98 48.21 24.08
CA GLY L 181 -2.16 49.26 24.63
C GLY L 181 -2.92 50.56 24.66
N PHE L 182 -2.51 51.47 25.54
CA PHE L 182 -3.36 52.59 25.89
C PHE L 182 -2.61 53.90 26.04
N ILE L 183 -1.83 54.29 25.04
CA ILE L 183 -1.05 55.51 25.18
C ILE L 183 -1.97 56.62 25.63
N SER L 184 -1.76 57.14 26.82
CA SER L 184 -2.65 58.14 27.41
C SER L 184 -2.00 59.50 27.34
N THR L 185 -2.59 60.40 26.57
CA THR L 185 -1.91 61.64 26.25
C THR L 185 -1.57 62.44 27.48
N HIS L 186 -2.39 62.33 28.53
CA HIS L 186 -2.12 63.11 29.72
C HIS L 186 -0.76 62.79 30.31
N PHE L 187 -0.40 61.52 30.29
CA PHE L 187 0.92 61.19 30.79
C PHE L 187 2.00 61.56 29.80
N ALA L 188 1.65 61.63 28.52
CA ALA L 188 2.63 62.18 27.60
C ALA L 188 2.99 63.60 28.01
N LYS L 189 1.99 64.41 28.31
CA LYS L 189 2.27 65.76 28.79
C LYS L 189 3.00 65.71 30.13
N GLN L 190 2.61 64.80 31.02
CA GLN L 190 3.26 64.71 32.31
C GLN L 190 4.69 64.19 32.20
N THR L 191 5.08 63.71 31.03
CA THR L 191 6.41 63.19 30.82
C THR L 191 7.06 63.71 29.56
N GLY L 192 6.44 64.67 28.88
CA GLY L 192 7.06 65.17 27.68
C GLY L 192 7.11 64.19 26.54
N PHE L 193 6.41 63.07 26.67
CA PHE L 193 6.30 62.12 25.57
C PHE L 193 5.75 62.82 24.34
N SER L 194 6.56 62.91 23.30
CA SER L 194 6.25 63.75 22.16
C SER L 194 5.41 62.99 21.16
N GLU L 195 4.78 63.76 20.27
CA GLU L 195 4.19 63.14 19.09
C GLU L 195 5.25 62.37 18.33
N ASN L 196 6.42 62.97 18.14
CA ASN L 196 7.49 62.24 17.50
C ASN L 196 7.86 61.02 18.31
N ASP L 197 7.81 61.13 19.63
CA ASP L 197 8.09 59.96 20.46
C ASP L 197 7.08 58.86 20.21
N LEU L 198 5.82 59.21 20.05
CA LEU L 198 4.80 58.20 19.82
C LEU L 198 4.88 57.63 18.41
N GLU L 199 5.25 58.44 17.44
CA GLU L 199 5.53 57.89 16.13
C GLU L 199 6.67 56.90 16.23
N LEU L 200 7.70 57.25 17.01
CA LEU L 200 8.77 56.30 17.25
C LEU L 200 8.24 55.05 17.91
N PHE L 201 7.32 55.21 18.85
CA PHE L 201 6.80 54.03 19.54
C PHE L 201 6.08 53.11 18.58
N TRP L 202 5.25 53.66 17.70
CA TRP L 202 4.59 52.79 16.73
C TRP L 202 5.62 52.12 15.86
N GLN L 203 6.52 52.90 15.29
CA GLN L 203 7.49 52.33 14.37
C GLN L 203 8.33 51.29 15.07
N ALA L 204 8.53 51.47 16.37
CA ALA L 204 9.17 50.44 17.17
C ALA L 204 8.28 49.21 17.24
N LEU L 205 7.03 49.39 17.60
CA LEU L 205 6.18 48.23 17.77
C LEU L 205 6.02 47.48 16.46
N VAL L 206 6.37 48.11 15.35
CA VAL L 206 6.34 47.42 14.07
C VAL L 206 7.68 46.74 13.81
N ASN L 207 8.73 47.51 13.63
CA ASN L 207 10.00 46.94 13.23
C ASN L 207 10.74 46.32 14.39
N MET L 208 10.08 46.17 15.52
CA MET L 208 10.76 45.78 16.74
C MET L 208 11.28 44.37 16.66
N PHE L 209 10.39 43.43 16.36
CA PHE L 209 10.80 42.05 16.27
C PHE L 209 11.87 41.90 15.20
N ASP L 210 11.71 42.60 14.08
CA ASP L 210 12.78 42.63 13.10
C ASP L 210 14.10 43.03 13.72
N HIS L 211 14.07 43.93 14.70
CA HIS L 211 15.29 44.27 15.40
C HIS L 211 15.52 43.44 16.63
N ASP L 212 14.59 42.57 16.99
CA ASP L 212 14.73 41.75 18.17
C ASP L 212 14.65 40.28 17.78
N HIS L 213 15.80 39.67 17.50
CA HIS L 213 15.77 38.26 17.19
C HIS L 213 16.76 37.51 18.05
N SER L 214 16.50 36.23 18.21
CA SER L 214 17.14 35.44 19.24
C SER L 214 16.76 33.98 19.04
N ALA L 215 17.68 33.09 19.38
CA ALA L 215 17.45 31.69 19.11
C ALA L 215 16.16 31.22 19.77
N ALA L 216 15.95 31.61 21.01
CA ALA L 216 14.72 31.22 21.68
C ALA L 216 13.52 31.77 20.92
N ARG L 217 13.55 33.06 20.60
CA ARG L 217 12.36 33.68 20.05
C ARG L 217 12.14 33.39 18.59
N GLY L 218 13.09 32.76 17.91
CA GLY L 218 12.88 32.44 16.51
C GLY L 218 12.49 33.69 15.76
N GLN L 219 11.60 33.56 14.80
CA GLN L 219 11.14 34.71 14.06
C GLN L 219 9.79 35.13 14.60
N MET L 220 9.65 36.40 14.84
CA MET L 220 8.48 36.97 15.46
C MET L 220 8.19 38.24 14.68
N ASN L 221 6.92 38.52 14.42
CA ASN L 221 6.61 39.58 13.48
C ASN L 221 5.44 40.42 13.97
N ALA L 222 5.39 41.65 13.50
CA ALA L 222 4.27 42.53 13.76
C ALA L 222 3.25 42.35 12.65
N ARG L 223 2.16 41.65 12.94
CA ARG L 223 1.13 41.40 11.95
C ARG L 223 0.11 42.49 11.89
N GLY L 224 0.40 43.66 12.42
CA GLY L 224 -0.57 44.72 12.32
C GLY L 224 -0.71 45.51 13.58
N LEU L 225 -0.62 46.82 13.44
CA LEU L 225 -0.67 47.73 14.56
C LEU L 225 -1.87 48.65 14.32
N TYR L 226 -2.99 48.29 14.92
CA TYR L 226 -4.25 48.97 14.68
C TYR L 226 -4.39 50.05 15.74
N VAL L 227 -4.02 51.28 15.38
CA VAL L 227 -3.92 52.37 16.32
C VAL L 227 -5.24 53.13 16.31
N PHE L 228 -6.00 53.02 17.39
CA PHE L 228 -7.18 53.85 17.57
C PHE L 228 -6.74 55.21 18.09
N GLU L 229 -6.32 56.04 17.17
CA GLU L 229 -6.02 57.43 17.49
C GLU L 229 -7.32 58.14 17.83
N HIS L 230 -7.55 58.41 19.09
CA HIS L 230 -8.70 59.20 19.47
C HIS L 230 -8.48 60.64 19.04
N SER L 231 -9.40 61.51 19.43
CA SER L 231 -9.30 62.94 19.20
C SER L 231 -9.21 63.72 20.49
N ASN L 232 -10.16 63.52 21.39
CA ASN L 232 -10.16 64.24 22.65
C ASN L 232 -9.15 63.60 23.60
N ASN L 233 -8.42 64.45 24.34
CA ASN L 233 -7.39 63.95 25.23
C ASN L 233 -7.95 62.96 26.23
N LEU L 234 -9.04 63.32 26.90
CA LEU L 234 -9.69 62.38 27.80
C LEU L 234 -10.17 61.16 27.05
N GLY L 235 -10.40 61.26 25.76
CA GLY L 235 -10.79 60.08 25.02
C GLY L 235 -11.93 60.30 24.07
N ASP L 236 -12.31 59.28 23.38
CA ASP L 236 -13.32 59.39 22.35
C ASP L 236 -14.41 58.34 22.46
N ALA L 237 -14.06 57.11 22.81
CA ALA L 237 -15.02 56.03 22.89
C ALA L 237 -14.47 54.97 23.84
N PRO L 238 -15.33 54.13 24.42
CA PRO L 238 -14.85 53.13 25.38
C PRO L 238 -13.85 52.19 24.72
N ALA L 239 -12.68 52.07 25.34
CA ALA L 239 -11.58 51.37 24.70
C ALA L 239 -11.93 49.93 24.36
N ASP L 240 -12.60 49.24 25.27
CA ASP L 240 -12.87 47.81 25.07
C ASP L 240 -13.61 47.58 23.75
N SER L 241 -14.65 48.37 23.50
CA SER L 241 -15.38 48.21 22.25
C SER L 241 -14.47 48.47 21.07
N LEU L 242 -13.60 49.46 21.21
CA LEU L 242 -12.64 49.72 20.15
C LEU L 242 -11.82 48.47 19.85
N PHE L 243 -11.23 47.88 20.86
CA PHE L 243 -10.42 46.70 20.60
C PHE L 243 -11.27 45.57 20.04
N LYS L 244 -12.55 45.52 20.41
CA LYS L 244 -13.45 44.61 19.72
C LYS L 244 -13.48 44.91 18.23
N ARG L 245 -13.33 46.18 17.85
CA ARG L 245 -13.36 46.51 16.44
C ARG L 245 -12.24 45.81 15.66
N ILE L 246 -11.17 45.41 16.35
CA ILE L 246 -10.14 44.60 15.72
C ILE L 246 -10.45 43.15 16.05
N GLN L 247 -11.26 42.52 15.21
CA GLN L 247 -11.63 41.13 15.41
C GLN L 247 -10.72 40.28 14.56
N VAL L 248 -9.80 39.58 15.18
CA VAL L 248 -9.00 38.60 14.48
C VAL L 248 -9.43 37.23 14.98
N VAL L 249 -9.42 36.25 14.09
CA VAL L 249 -9.86 34.92 14.44
C VAL L 249 -9.36 33.95 13.38
N LYS L 250 -9.26 32.68 13.75
CA LYS L 250 -8.93 31.67 12.76
C LYS L 250 -9.90 31.72 11.61
N LYS L 251 -9.38 31.61 10.39
CA LYS L 251 -10.25 31.27 9.29
C LYS L 251 -10.98 29.99 9.65
N ASP L 252 -12.26 29.92 9.31
CA ASP L 252 -13.06 28.77 9.70
C ASP L 252 -12.41 27.46 9.26
N GLY L 253 -11.68 27.49 8.15
CA GLY L 253 -11.11 26.27 7.62
C GLY L 253 -10.11 25.62 8.55
N VAL L 254 -9.19 26.41 9.09
CA VAL L 254 -8.06 25.83 9.81
C VAL L 254 -8.49 25.50 11.24
N GLU L 255 -8.37 24.24 11.59
CA GLU L 255 -8.41 23.82 12.98
C GLU L 255 -7.03 23.78 13.59
N VAL L 256 -5.99 24.01 12.79
CA VAL L 256 -4.63 24.10 13.26
C VAL L 256 -3.99 25.31 12.60
N VAL L 257 -3.29 26.12 13.38
CA VAL L 257 -2.73 27.36 12.87
C VAL L 257 -1.29 27.10 12.48
N ARG L 258 -0.90 27.56 11.31
CA ARG L 258 0.46 27.34 10.87
C ARG L 258 1.14 28.59 10.40
N SER L 259 0.43 29.69 10.27
CA SER L 259 0.99 30.94 9.78
C SER L 259 -0.02 32.05 10.04
N PHE L 260 0.32 33.25 9.59
CA PHE L 260 -0.61 34.35 9.74
C PHE L 260 -1.88 34.10 8.92
N ASP L 261 -1.71 33.59 7.71
CA ASP L 261 -2.84 33.44 6.80
C ASP L 261 -3.93 32.58 7.38
N ASP L 262 -3.60 31.73 8.35
CA ASP L 262 -4.65 31.00 9.03
C ASP L 262 -5.57 31.94 9.76
N TYR L 263 -5.04 33.07 10.21
CA TYR L 263 -5.84 34.04 10.90
C TYR L 263 -6.38 35.08 9.93
N LEU L 264 -7.53 35.65 10.29
CA LEU L 264 -8.20 36.67 9.53
C LEU L 264 -8.38 37.88 10.44
N VAL L 265 -8.02 39.05 9.91
CA VAL L 265 -7.98 40.27 10.68
C VAL L 265 -9.06 41.23 10.18
N SER L 266 -10.25 41.12 10.73
CA SER L 266 -11.33 42.01 10.37
C SER L 266 -11.19 43.30 11.15
N VAL L 267 -11.40 44.41 10.45
CA VAL L 267 -11.22 45.74 10.99
C VAL L 267 -12.52 46.49 10.83
N ASP L 268 -13.18 46.80 11.92
CA ASP L 268 -14.51 47.42 11.88
C ASP L 268 -14.36 48.91 12.13
N ASP L 269 -14.31 49.69 11.06
CA ASP L 269 -14.20 51.13 11.19
C ASP L 269 -15.45 51.84 10.69
N LYS L 270 -16.61 51.20 10.86
CA LYS L 270 -17.84 51.76 10.31
C LYS L 270 -18.33 52.93 11.15
N ASN L 271 -18.73 52.64 12.38
CA ASN L 271 -19.10 53.70 13.30
C ASN L 271 -17.89 54.40 13.87
N LEU L 272 -16.71 53.99 13.41
CA LEU L 272 -15.47 54.56 13.89
C LEU L 272 -15.49 56.06 13.80
N GLU L 273 -16.06 56.59 12.73
CA GLU L 273 -15.96 58.00 12.40
C GLU L 273 -16.30 58.90 13.57
N GLU L 274 -16.92 58.35 14.62
CA GLU L 274 -17.47 59.17 15.70
C GLU L 274 -16.53 60.31 16.03
N THR L 275 -15.36 60.00 16.55
CA THR L 275 -14.22 60.90 16.50
C THR L 275 -12.88 60.20 16.30
N LYS L 276 -12.87 58.89 16.12
CA LYS L 276 -11.61 58.15 16.17
C LYS L 276 -10.94 58.14 14.80
N LEU L 277 -9.76 57.54 14.76
CA LEU L 277 -9.03 57.30 13.53
C LEU L 277 -8.31 55.97 13.67
N LEU L 278 -8.72 54.98 12.88
CA LEU L 278 -8.12 53.66 13.01
C LEU L 278 -6.94 53.64 12.07
N ARG L 279 -5.82 54.16 12.51
CA ARG L 279 -4.63 54.11 11.69
C ARG L 279 -4.18 52.67 11.59
N LYS L 280 -4.00 52.18 10.36
CA LYS L 280 -3.56 50.80 10.17
C LYS L 280 -2.06 50.78 9.88
N LEU L 281 -1.27 51.12 10.90
CA LEU L 281 0.16 51.16 10.67
C LEU L 281 0.70 49.78 10.32
N GLY L 282 0.33 48.77 11.10
CA GLY L 282 0.93 47.46 10.91
C GLY L 282 0.57 46.83 9.59
N GLY L 283 -0.70 46.91 9.23
CA GLY L 283 -1.16 46.35 7.97
C GLY L 283 -2.62 45.95 7.99
N ARG M 1 -24.32 58.14 43.26
CA ARG M 1 -23.89 56.75 43.42
C ARG M 1 -23.60 56.10 42.09
N PHE M 2 -22.40 56.34 41.58
CA PHE M 2 -22.04 55.81 40.28
C PHE M 2 -21.84 54.31 40.37
N ILE M 3 -22.06 53.63 39.26
CA ILE M 3 -21.93 52.18 39.22
C ILE M 3 -21.02 51.87 38.05
N LEU M 4 -19.72 51.82 38.31
CA LEU M 4 -18.79 51.50 37.25
C LEU M 4 -18.57 50.01 37.26
N GLU M 5 -18.33 49.43 36.10
CA GLU M 5 -18.06 48.01 36.02
C GLU M 5 -16.68 47.82 35.41
N ILE M 6 -15.68 47.82 36.29
CA ILE M 6 -14.37 47.34 35.89
C ILE M 6 -14.49 45.96 35.31
N SER M 7 -13.75 45.71 34.26
CA SER M 7 -13.57 44.36 33.78
C SER M 7 -12.22 44.30 33.09
N GLY M 8 -11.55 43.20 33.27
CA GLY M 8 -10.22 43.06 32.74
C GLY M 8 -9.87 41.61 32.65
N ASP M 9 -9.17 41.25 31.58
CA ASP M 9 -8.78 39.87 31.39
C ASP M 9 -7.93 39.39 32.54
N LEU M 10 -7.29 40.30 33.26
CA LEU M 10 -6.21 39.85 34.11
C LEU M 10 -5.86 40.92 35.12
N ALA M 11 -6.03 40.65 36.40
CA ALA M 11 -5.91 41.67 37.43
C ALA M 11 -4.89 41.28 38.47
N CYS M 12 -4.30 42.28 39.12
CA CYS M 12 -3.22 42.04 40.06
C CYS M 12 -3.25 43.08 41.17
N PHE M 13 -3.93 42.78 42.27
CA PHE M 13 -3.92 43.68 43.41
C PHE M 13 -2.98 43.09 44.45
N THR M 14 -1.71 43.41 44.29
CA THR M 14 -0.64 42.81 45.07
C THR M 14 -0.95 42.89 46.55
N ARG M 15 -0.81 41.76 47.24
CA ARG M 15 -0.89 41.81 48.68
C ARG M 15 0.31 42.53 49.24
N SER M 16 0.03 43.47 50.14
CA SER M 16 1.12 44.18 50.78
C SER M 16 2.13 43.20 51.33
N GLU M 17 1.65 42.16 52.01
CA GLU M 17 2.57 41.21 52.62
C GLU M 17 3.45 40.54 51.57
N LEU M 18 2.87 39.85 50.60
CA LEU M 18 3.73 39.19 49.64
C LEU M 18 3.94 40.02 48.40
N LYS M 19 3.99 41.34 48.53
CA LYS M 19 4.21 42.18 47.35
C LYS M 19 5.36 41.68 46.50
N VAL M 20 6.39 41.12 47.14
CA VAL M 20 7.55 40.73 46.39
C VAL M 20 7.20 39.69 45.34
N GLU M 21 6.29 38.78 45.65
CA GLU M 21 5.82 37.81 44.68
C GLU M 21 4.31 37.93 44.67
N ARG M 22 3.79 38.65 43.67
CA ARG M 22 2.41 39.09 43.70
C ARG M 22 1.51 37.99 44.17
N VAL M 23 0.85 38.24 45.27
CA VAL M 23 -0.39 37.60 45.58
C VAL M 23 -1.41 38.66 45.30
N SER M 24 -2.11 38.54 44.21
CA SER M 24 -3.13 39.52 43.95
C SER M 24 -4.26 39.28 44.94
N TYR M 25 -4.56 40.28 45.76
CA TYR M 25 -5.77 40.26 46.54
C TYR M 25 -6.90 39.51 45.86
N PRO M 26 -7.64 38.73 46.62
CA PRO M 26 -8.72 37.94 46.03
C PRO M 26 -9.71 38.79 45.29
N VAL M 27 -9.87 40.05 45.67
CA VAL M 27 -10.76 40.96 44.96
C VAL M 27 -9.98 42.23 44.70
N ILE M 28 -10.65 43.20 44.09
CA ILE M 28 -10.01 44.50 43.90
C ILE M 28 -9.92 45.22 45.23
N THR M 29 -8.81 45.91 45.44
CA THR M 29 -8.67 46.73 46.64
C THR M 29 -9.53 47.96 46.48
N PRO M 30 -10.37 48.27 47.45
CA PRO M 30 -11.01 49.59 47.44
C PRO M 30 -10.03 50.68 47.14
N SER M 31 -8.76 50.50 47.48
CA SER M 31 -7.76 51.45 47.00
C SER M 31 -7.62 51.38 45.50
N ALA M 32 -7.58 50.18 44.92
CA ALA M 32 -7.48 50.14 43.47
C ALA M 32 -8.70 50.80 42.84
N ALA M 33 -9.89 50.36 43.25
CA ALA M 33 -11.10 50.97 42.72
C ALA M 33 -11.06 52.48 42.85
N ARG M 34 -10.55 52.96 43.98
CA ARG M 34 -10.36 54.39 44.12
C ARG M 34 -9.50 54.93 42.99
N ASN M 35 -8.40 54.26 42.71
CA ASN M 35 -7.53 54.77 41.67
C ASN M 35 -8.14 54.65 40.29
N ILE M 36 -8.87 53.58 39.99
CA ILE M 36 -9.57 53.51 38.71
C ILE M 36 -10.54 54.66 38.56
N LEU M 37 -11.38 54.86 39.56
CA LEU M 37 -12.32 55.96 39.44
C LEU M 37 -11.60 57.28 39.33
N MET M 38 -10.39 57.37 39.89
CA MET M 38 -9.56 58.53 39.61
C MET M 38 -9.16 58.55 38.15
N ALA M 39 -8.86 57.38 37.59
CA ALA M 39 -8.37 57.30 36.23
C ALA M 39 -9.44 57.76 35.25
N ILE M 40 -10.68 57.37 35.49
CA ILE M 40 -11.77 57.87 34.66
C ILE M 40 -11.86 59.37 34.78
N LEU M 41 -11.76 59.87 36.00
CA LEU M 41 -11.87 61.30 36.24
C LEU M 41 -11.27 61.60 37.60
N TRP M 42 -10.18 62.36 37.62
CA TRP M 42 -9.72 62.88 38.90
C TRP M 42 -9.09 64.24 38.66
N LYS M 43 -9.87 65.27 38.91
CA LYS M 43 -9.32 66.55 39.24
C LYS M 43 -9.13 66.59 40.75
N PRO M 44 -8.10 67.28 41.24
CA PRO M 44 -7.78 67.19 42.66
C PRO M 44 -8.92 67.61 43.57
N ALA M 45 -10.06 68.00 43.03
CA ALA M 45 -11.18 68.40 43.86
C ALA M 45 -11.96 67.24 44.42
N ILE M 46 -11.74 66.03 43.93
CA ILE M 46 -12.60 64.89 44.23
C ILE M 46 -11.77 63.77 44.83
N ARG M 47 -12.24 63.18 45.91
CA ARG M 47 -11.69 61.94 46.40
C ARG M 47 -12.76 60.88 46.24
N TRP M 48 -12.41 59.77 45.62
CA TRP M 48 -13.38 58.74 45.28
C TRP M 48 -13.60 57.84 46.47
N LYS M 49 -14.75 57.98 47.12
CA LYS M 49 -15.11 57.05 48.17
C LYS M 49 -15.80 55.87 47.51
N VAL M 50 -15.17 54.70 47.60
CA VAL M 50 -15.70 53.50 46.96
C VAL M 50 -16.72 52.85 47.87
N LEU M 51 -17.96 52.76 47.39
CA LEU M 51 -19.02 52.31 48.28
C LEU M 51 -19.08 50.79 48.39
N LYS M 52 -19.39 50.12 47.29
CA LYS M 52 -19.65 48.69 47.29
C LYS M 52 -18.97 48.07 46.09
N ILE M 53 -17.83 47.45 46.30
CA ILE M 53 -17.27 46.60 45.26
C ILE M 53 -18.04 45.30 45.19
N GLU M 54 -18.48 44.95 44.00
CA GLU M 54 -19.18 43.69 43.75
C GLU M 54 -18.32 42.84 42.87
N ILE M 55 -18.14 41.58 43.24
CA ILE M 55 -17.46 40.66 42.36
C ILE M 55 -18.37 40.30 41.21
N LEU M 56 -17.85 40.36 39.99
CA LEU M 56 -18.63 39.95 38.84
C LEU M 56 -18.08 38.73 38.14
N LYS M 57 -16.87 38.30 38.45
CA LYS M 57 -16.36 37.06 37.90
C LYS M 57 -15.75 36.24 39.02
N PRO M 58 -15.91 34.93 39.02
CA PRO M 58 -15.37 34.12 40.10
C PRO M 58 -13.87 34.29 40.20
N ILE M 59 -13.37 34.31 41.43
CA ILE M 59 -11.96 34.54 41.68
C ILE M 59 -11.16 33.42 41.05
N GLN M 60 -10.40 33.73 40.02
CA GLN M 60 -9.68 32.70 39.29
C GLN M 60 -8.22 33.12 39.19
N TRP M 61 -7.40 32.62 40.11
CA TRP M 61 -5.99 32.95 40.10
C TRP M 61 -5.30 32.32 38.91
N THR M 62 -4.31 33.03 38.40
CA THR M 62 -3.38 32.46 37.44
C THR M 62 -2.00 32.99 37.73
N ASN M 63 -1.02 32.12 37.66
CA ASN M 63 0.31 32.46 38.11
C ASN M 63 1.17 32.74 36.90
N ILE M 64 1.92 33.83 36.96
CA ILE M 64 2.90 34.11 35.92
C ILE M 64 4.07 34.81 36.56
N ARG M 65 5.27 34.47 36.13
CA ARG M 65 6.46 35.18 36.56
C ARG M 65 6.83 36.16 35.47
N ARG M 66 6.94 37.42 35.84
CA ARG M 66 7.51 38.42 34.97
C ARG M 66 8.94 38.59 35.38
N ASN M 67 9.86 38.45 34.43
CA ASN M 67 11.26 38.35 34.79
C ASN M 67 11.73 39.77 35.11
N GLU M 68 11.29 40.22 36.27
CA GLU M 68 11.11 41.60 36.66
C GLU M 68 12.38 42.18 37.26
N VAL M 69 12.47 43.50 37.30
CA VAL M 69 13.63 44.18 37.83
C VAL M 69 13.28 44.69 39.22
N GLY M 70 14.29 44.93 40.03
CA GLY M 70 14.06 45.20 41.44
C GLY M 70 14.81 46.35 42.06
N THR M 71 15.41 47.21 41.26
CA THR M 71 15.95 48.44 41.78
C THR M 71 15.15 49.58 41.17
N LYS M 72 14.57 50.41 42.03
CA LYS M 72 13.87 51.60 41.54
C LYS M 72 14.77 52.36 40.58
N MET M 73 14.16 53.01 39.61
CA MET M 73 14.93 53.66 38.57
C MET M 73 15.60 54.89 39.14
N SER M 74 16.90 54.82 39.37
CA SER M 74 17.62 55.82 40.14
C SER M 74 18.15 56.89 39.21
N GLU M 75 18.07 58.15 39.65
CA GLU M 75 18.52 59.27 38.84
C GLU M 75 19.99 59.09 38.47
N ARG M 76 20.86 59.09 39.46
CA ARG M 76 22.29 59.24 39.23
C ARG M 76 22.82 58.14 38.33
N SER M 77 22.37 56.91 38.54
CA SER M 77 22.81 55.80 37.71
C SER M 77 22.44 56.05 36.26
N GLY M 78 23.31 55.64 35.35
CA GLY M 78 23.09 55.92 33.94
C GLY M 78 22.01 55.06 33.32
N SER M 79 21.93 53.80 33.76
CA SER M 79 20.94 52.87 33.23
C SER M 79 20.73 51.81 34.29
N LEU M 80 19.70 51.01 34.11
CA LEU M 80 19.43 49.97 35.08
C LEU M 80 20.08 48.65 34.76
N TYR M 81 20.40 48.38 33.50
CA TYR M 81 21.10 47.17 33.10
C TYR M 81 20.48 45.95 33.77
N ILE M 82 19.23 45.70 33.39
CA ILE M 82 18.38 44.74 34.09
C ILE M 82 19.09 43.45 34.45
N GLU M 83 19.90 42.91 33.53
CA GLU M 83 20.48 41.61 33.76
C GLU M 83 21.22 41.55 35.08
N ASP M 84 21.78 42.68 35.50
CA ASP M 84 22.35 42.73 36.83
C ASP M 84 21.26 42.79 37.89
N ASN M 85 20.24 43.60 37.65
CA ASN M 85 19.28 43.93 38.70
C ASN M 85 18.01 43.11 38.60
N ARG M 86 18.12 41.87 38.15
CA ARG M 86 16.94 41.09 37.82
C ARG M 86 16.35 40.41 39.04
N GLN M 87 15.02 40.37 39.12
CA GLN M 87 14.33 39.58 40.13
C GLN M 87 13.07 38.99 39.51
N GLN M 88 13.11 37.70 39.22
CA GLN M 88 12.00 37.04 38.57
C GLN M 88 10.85 37.02 39.56
N ARG M 89 9.93 37.94 39.38
CA ARG M 89 8.81 38.03 40.29
C ARG M 89 7.64 37.21 39.81
N ALA M 90 7.26 36.25 40.62
CA ALA M 90 6.05 35.50 40.35
C ALA M 90 4.85 36.32 40.78
N SER M 91 3.70 35.90 40.30
CA SER M 91 2.50 36.68 40.51
C SER M 91 1.31 35.73 40.46
N MET M 92 0.52 35.73 41.52
CA MET M 92 -0.72 34.98 41.49
C MET M 92 -1.81 35.98 41.14
N LEU M 93 -1.85 36.30 39.86
CA LEU M 93 -2.78 37.29 39.34
C LEU M 93 -4.20 36.82 39.53
N LEU M 94 -5.13 37.76 39.44
CA LEU M 94 -6.50 37.42 39.11
C LEU M 94 -6.69 37.44 37.61
N LYS M 95 -7.49 36.50 37.12
CA LYS M 95 -7.65 36.31 35.69
C LYS M 95 -9.12 36.48 35.34
N ASP M 96 -9.39 37.35 34.37
CA ASP M 96 -10.73 37.52 33.82
C ASP M 96 -11.70 37.88 34.95
N VAL M 97 -11.54 39.09 35.44
CA VAL M 97 -12.35 39.56 36.56
C VAL M 97 -13.11 40.80 36.14
N ALA M 98 -14.30 40.95 36.70
CA ALA M 98 -15.07 42.16 36.57
C ALA M 98 -15.64 42.54 37.93
N TYR M 99 -15.68 43.84 38.20
CA TYR M 99 -16.04 44.37 39.49
C TYR M 99 -17.03 45.50 39.29
N ARG M 100 -18.21 45.35 39.87
CA ARG M 100 -19.20 46.40 39.88
C ARG M 100 -18.92 47.27 41.10
N ILE M 101 -18.16 48.34 40.90
CA ILE M 101 -17.72 49.18 42.02
C ILE M 101 -18.75 50.29 42.15
N HIS M 102 -19.82 50.00 42.89
CA HIS M 102 -20.63 51.06 43.44
C HIS M 102 -19.70 52.07 44.09
N ALA M 103 -19.74 53.30 43.62
CA ALA M 103 -18.74 54.26 44.05
C ALA M 103 -19.36 55.64 44.10
N ASP M 104 -18.57 56.57 44.62
CA ASP M 104 -18.99 57.94 44.77
C ASP M 104 -17.75 58.79 44.82
N PHE M 105 -17.92 60.09 44.65
CA PHE M 105 -16.84 61.01 44.93
C PHE M 105 -17.31 62.06 45.91
N ASP M 106 -16.40 62.52 46.74
CA ASP M 106 -16.68 63.64 47.61
C ASP M 106 -15.79 64.80 47.22
N MET M 107 -16.32 66.00 47.40
CA MET M 107 -15.55 67.19 47.09
C MET M 107 -14.46 67.37 48.11
N THR M 108 -13.23 67.50 47.64
CA THR M 108 -12.15 67.73 48.58
C THR M 108 -12.19 69.17 49.07
N SER M 109 -11.44 69.42 50.14
CA SER M 109 -11.22 70.80 50.55
C SER M 109 -10.61 71.62 49.42
N GLU M 110 -9.84 70.98 48.56
CA GLU M 110 -9.28 71.67 47.40
C GLU M 110 -10.33 71.75 46.31
N ALA M 111 -11.52 72.21 46.67
CA ALA M 111 -12.64 72.16 45.74
C ALA M 111 -12.53 73.22 44.66
N GLY M 112 -12.15 74.44 45.02
CA GLY M 112 -12.20 75.55 44.09
C GLY M 112 -13.62 76.09 43.98
N GLU M 113 -13.75 77.18 43.22
CA GLU M 113 -15.07 77.76 43.03
C GLU M 113 -15.92 76.90 42.11
N SER M 114 -15.35 76.49 40.98
CA SER M 114 -16.05 75.65 40.01
C SER M 114 -15.93 74.20 40.47
N ASP M 115 -16.82 73.81 41.36
CA ASP M 115 -16.68 72.55 42.08
C ASP M 115 -18.00 71.84 42.28
N ASN M 116 -18.92 71.97 41.35
CA ASN M 116 -20.25 71.41 41.56
C ASN M 116 -20.17 69.90 41.63
N TYR M 117 -20.72 69.33 42.69
CA TYR M 117 -20.86 67.88 42.75
C TYR M 117 -21.54 67.38 41.50
N VAL M 118 -22.56 68.09 41.04
CA VAL M 118 -23.20 67.72 39.78
C VAL M 118 -22.23 67.92 38.63
N LYS M 119 -21.37 68.93 38.70
CA LYS M 119 -20.43 69.15 37.61
C LYS M 119 -19.58 67.91 37.39
N PHE M 120 -18.84 67.50 38.41
CA PHE M 120 -17.98 66.35 38.24
C PHE M 120 -18.78 65.07 38.09
N ALA M 121 -19.97 65.01 38.68
CA ALA M 121 -20.81 63.84 38.48
C ALA M 121 -21.10 63.65 36.99
N GLU M 122 -21.62 64.68 36.35
CA GLU M 122 -21.89 64.61 34.93
C GLU M 122 -20.62 64.38 34.14
N MET M 123 -19.53 65.02 34.55
CA MET M 123 -18.29 64.87 33.81
C MET M 123 -17.83 63.44 33.83
N PHE M 124 -17.88 62.81 35.00
CA PHE M 124 -17.51 61.40 35.12
C PHE M 124 -18.47 60.52 34.35
N LYS M 125 -19.77 60.82 34.42
CA LYS M 125 -20.74 60.04 33.65
C LYS M 125 -20.37 60.04 32.18
N ARG M 126 -20.05 61.22 31.65
CA ARG M 126 -19.62 61.31 30.28
C ARG M 126 -18.33 60.54 30.06
N ARG M 127 -17.39 60.67 30.97
CA ARG M 127 -16.11 60.01 30.78
C ARG M 127 -16.28 58.50 30.75
N ALA M 128 -17.29 58.00 31.45
CA ALA M 128 -17.51 56.58 31.50
C ALA M 128 -18.25 56.08 30.27
N LYS M 129 -19.47 56.58 30.05
CA LYS M 129 -20.20 56.12 28.87
C LYS M 129 -19.41 56.36 27.61
N LYS M 130 -18.86 57.57 27.47
CA LYS M 130 -17.98 57.85 26.35
C LYS M 130 -16.69 57.06 26.47
N GLY M 131 -16.45 56.45 27.63
CA GLY M 131 -15.25 55.66 27.80
C GLY M 131 -13.98 56.47 27.75
N GLN M 132 -13.98 57.62 28.39
CA GLN M 132 -12.80 58.45 28.53
C GLN M 132 -12.01 57.93 29.71
N TYR M 133 -10.84 58.51 29.93
CA TYR M 133 -10.12 58.32 31.19
C TYR M 133 -8.87 59.17 31.19
N PHE M 134 -8.30 59.32 32.37
CA PHE M 134 -7.02 60.00 32.49
C PHE M 134 -5.94 59.03 32.03
N HIS M 135 -5.82 57.89 32.70
CA HIS M 135 -5.08 56.73 32.22
C HIS M 135 -6.01 55.54 32.16
N GLN M 136 -5.79 54.67 31.17
CA GLN M 136 -6.59 53.46 31.08
C GLN M 136 -6.57 52.77 32.43
N PRO M 137 -7.72 52.68 33.07
CA PRO M 137 -7.78 52.18 34.44
C PRO M 137 -6.88 50.97 34.63
N TYR M 138 -5.90 51.16 35.48
CA TYR M 138 -4.98 50.09 35.80
C TYR M 138 -5.74 49.15 36.71
N LEU M 139 -5.76 47.88 36.36
CA LEU M 139 -6.58 46.97 37.15
C LEU M 139 -5.68 46.29 38.16
N GLY M 140 -5.23 47.05 39.14
CA GLY M 140 -4.31 46.56 40.14
C GLY M 140 -2.86 46.66 39.75
N CYS M 141 -2.55 46.58 38.46
CA CYS M 141 -1.20 46.82 38.02
C CYS M 141 -1.31 47.34 36.60
N ARG M 142 -0.79 48.54 36.36
CA ARG M 142 -1.18 49.26 35.17
C ARG M 142 -0.89 48.46 33.93
N GLU M 143 0.09 47.57 34.02
CA GLU M 143 0.31 46.57 32.98
C GLU M 143 -0.96 45.78 32.70
N PHE M 144 -1.94 45.89 33.58
CA PHE M 144 -3.11 45.15 33.16
C PHE M 144 -4.25 46.11 32.91
N PRO M 145 -4.94 45.97 31.82
CA PRO M 145 -5.90 46.98 31.42
C PRO M 145 -7.15 46.92 32.24
N CYS M 146 -8.11 47.75 31.86
CA CYS M 146 -9.46 47.64 32.36
C CYS M 146 -10.44 47.95 31.25
N ASP M 147 -11.63 47.42 31.39
CA ASP M 147 -12.73 47.73 30.50
C ASP M 147 -13.87 48.17 31.40
N PHE M 148 -14.16 49.46 31.37
CA PHE M 148 -15.12 50.06 32.27
C PHE M 148 -16.33 50.51 31.46
N ARG M 149 -17.47 50.56 32.11
CA ARG M 149 -18.65 51.12 31.50
C ARG M 149 -19.63 51.43 32.61
N LEU M 150 -20.13 52.65 32.64
CA LEU M 150 -20.93 53.08 33.78
C LEU M 150 -22.28 52.39 33.68
N LEU M 151 -22.41 51.26 34.34
CA LEU M 151 -23.71 50.63 34.46
C LEU M 151 -24.65 51.53 35.24
N GLU M 152 -25.94 51.32 35.04
CA GLU M 152 -26.92 52.10 35.79
C GLU M 152 -27.33 51.39 37.07
N LYS M 153 -27.88 50.19 36.95
CA LYS M 153 -28.24 49.43 38.14
C LYS M 153 -27.49 48.10 38.25
N ALA M 154 -27.65 47.21 37.27
CA ALA M 154 -27.03 45.89 37.35
C ALA M 154 -27.06 45.28 35.96
N GLU M 155 -25.89 45.08 35.36
CA GLU M 155 -25.82 44.49 34.02
C GLU M 155 -24.65 43.51 33.91
N ASP M 156 -24.49 42.63 34.89
CA ASP M 156 -23.61 41.49 34.82
C ASP M 156 -23.89 40.59 36.02
N GLY M 157 -23.99 39.29 35.77
CA GLY M 157 -24.18 38.36 36.87
C GLY M 157 -22.99 38.41 37.81
N LEU M 158 -23.28 38.40 39.10
CA LEU M 158 -22.24 38.40 40.13
C LEU M 158 -22.06 37.00 40.70
N PRO M 159 -20.83 36.45 40.71
CA PRO M 159 -20.67 35.03 41.01
C PRO M 159 -20.86 34.69 42.47
N LEU M 160 -20.23 35.44 43.36
CA LEU M 160 -20.21 35.03 44.75
C LEU M 160 -21.55 35.34 45.40
N GLU M 161 -22.60 34.66 44.95
CA GLU M 161 -23.96 35.00 45.36
C GLU M 161 -24.11 34.90 46.88
N ASP M 162 -24.00 33.69 47.41
CA ASP M 162 -24.08 33.49 48.84
C ASP M 162 -22.87 34.12 49.53
N ILE M 163 -22.97 34.28 50.86
CA ILE M 163 -21.88 34.87 51.61
C ILE M 163 -20.60 34.08 51.36
N THR M 164 -19.63 34.73 50.76
CA THR M 164 -18.46 34.05 50.26
C THR M 164 -17.22 34.44 51.02
N GLN M 165 -16.09 33.98 50.50
CA GLN M 165 -14.84 33.88 51.22
C GLN M 165 -14.45 35.21 51.85
N ASP M 166 -14.48 35.27 53.17
CA ASP M 166 -13.80 36.35 53.86
C ASP M 166 -12.34 36.38 53.48
N PHE M 167 -11.91 37.45 52.82
CA PHE M 167 -10.54 37.54 52.37
C PHE M 167 -9.64 38.16 53.41
N GLY M 168 -10.14 38.39 54.61
CA GLY M 168 -9.33 38.99 55.65
C GLY M 168 -9.07 40.46 55.36
N PHE M 169 -8.26 41.04 56.23
CA PHE M 169 -7.95 42.45 56.08
C PHE M 169 -7.19 42.68 54.78
N MET M 170 -7.48 43.78 54.12
CA MET M 170 -6.68 44.20 52.96
C MET M 170 -6.55 45.71 52.90
N LEU M 171 -6.05 46.16 51.77
CA LEU M 171 -5.65 47.55 51.59
C LEU M 171 -6.85 48.41 51.25
N TYR M 172 -7.07 49.46 52.03
CA TYR M 172 -8.06 50.48 51.68
C TYR M 172 -7.31 51.59 50.95
N ASP M 173 -8.00 52.68 50.61
CA ASP M 173 -7.32 53.80 49.99
C ASP M 173 -6.12 54.18 50.84
N MET M 174 -4.94 53.91 50.32
CA MET M 174 -3.73 54.11 51.08
C MET M 174 -3.63 55.58 51.46
N ASP M 175 -3.70 55.87 52.75
CA ASP M 175 -3.92 57.22 53.22
C ASP M 175 -2.92 58.18 52.61
N PHE M 176 -3.43 59.26 52.04
CA PHE M 176 -2.57 60.33 51.59
C PHE M 176 -2.53 61.45 52.61
N SER M 177 -3.30 61.35 53.70
CA SER M 177 -3.51 62.48 54.58
C SER M 177 -2.21 63.06 55.08
N LYS M 178 -1.29 62.19 55.50
CA LYS M 178 -0.03 62.69 56.00
C LYS M 178 0.83 63.30 54.91
N SER M 179 0.43 63.18 53.66
CA SER M 179 1.24 63.70 52.58
C SER M 179 0.78 65.08 52.13
N ASP M 180 1.73 65.81 51.57
CA ASP M 180 1.57 67.07 50.87
C ASP M 180 0.95 66.77 49.52
N PRO M 181 0.75 67.75 48.64
CA PRO M 181 0.30 67.42 47.29
C PRO M 181 1.11 66.30 46.67
N ARG M 182 0.40 65.26 46.21
CA ARG M 182 0.97 64.10 45.53
C ARG M 182 1.79 63.20 46.48
N ASP M 183 1.11 62.69 47.50
CA ASP M 183 1.45 61.50 48.30
C ASP M 183 2.95 61.31 48.55
N SER M 184 3.55 62.27 49.25
CA SER M 184 4.94 62.09 49.66
C SER M 184 5.08 60.86 50.55
N ASN M 185 4.30 60.78 51.62
CA ASN M 185 4.29 59.64 52.51
C ASN M 185 2.87 59.10 52.58
N ASN M 186 2.61 58.21 53.53
CA ASN M 186 1.31 57.57 53.60
C ASN M 186 1.21 56.74 54.88
N ALA M 187 0.15 55.95 54.95
CA ALA M 187 0.07 54.83 55.89
C ALA M 187 -1.01 53.90 55.37
N GLU M 188 -0.65 52.69 55.01
CA GLU M 188 -1.62 51.78 54.44
C GLU M 188 -2.71 51.51 55.45
N PRO M 189 -3.94 51.94 55.24
CA PRO M 189 -5.06 51.77 56.18
C PRO M 189 -5.87 50.50 55.93
N MET M 190 -5.34 49.38 56.43
CA MET M 190 -5.98 48.10 56.20
C MET M 190 -7.41 48.12 56.72
N PHE M 191 -8.32 47.49 55.97
CA PHE M 191 -9.71 47.38 56.34
C PHE M 191 -10.04 45.91 56.31
N TYR M 192 -11.33 45.59 56.40
CA TYR M 192 -11.76 44.21 56.44
C TYR M 192 -12.75 43.93 55.31
N GLN M 193 -12.61 42.75 54.70
CA GLN M 193 -13.52 42.33 53.63
C GLN M 193 -14.73 41.62 54.20
N CYS M 194 -15.11 41.98 55.42
CA CYS M 194 -15.70 41.08 56.43
C CYS M 194 -16.56 40.05 55.72
N LYS M 195 -17.59 40.45 55.00
CA LYS M 195 -18.49 39.50 54.37
C LYS M 195 -18.66 39.92 52.92
N ALA M 196 -17.85 39.35 52.04
CA ALA M 196 -18.13 39.48 50.63
C ALA M 196 -19.37 38.64 50.39
N VAL M 197 -20.50 39.15 50.88
CA VAL M 197 -21.78 38.46 50.72
C VAL M 197 -22.01 38.13 49.26
N ASN M 198 -22.12 39.16 48.44
CA ASN M 198 -21.95 38.98 47.02
C ASN M 198 -21.02 40.05 46.50
N GLY M 199 -21.20 41.26 47.04
CA GLY M 199 -20.37 42.37 46.71
C GLY M 199 -19.82 42.95 47.99
N VAL M 200 -18.49 43.09 48.07
CA VAL M 200 -17.88 43.46 49.33
C VAL M 200 -18.32 44.85 49.74
N ILE M 201 -18.75 44.98 50.99
CA ILE M 201 -19.28 46.23 51.49
C ILE M 201 -18.15 47.10 52.01
N THR M 202 -17.49 47.81 51.10
CA THR M 202 -16.36 48.64 51.51
C THR M 202 -16.84 49.77 52.40
N VAL M 203 -16.20 49.91 53.54
CA VAL M 203 -16.63 50.86 54.55
C VAL M 203 -15.81 52.14 54.40
N PRO M 204 -16.42 53.31 54.38
CA PRO M 204 -15.65 54.53 54.51
C PRO M 204 -15.12 54.68 55.92
N PRO M 205 -13.98 55.35 56.11
CA PRO M 205 -13.33 55.53 57.41
C PRO M 205 -14.26 56.03 58.50
N GLY O 1 -7.73 -3.79 -54.91
CA GLY O 1 -8.15 -5.13 -54.56
C GLY O 1 -8.26 -6.03 -55.76
N LEU O 2 -8.84 -5.52 -56.84
CA LEU O 2 -8.86 -6.26 -58.08
C LEU O 2 -7.44 -6.46 -58.57
N ASP O 3 -7.20 -7.64 -59.14
CA ASP O 3 -5.89 -7.95 -59.68
C ASP O 3 -5.99 -8.05 -61.20
N ARG O 4 -5.33 -7.13 -61.90
CA ARG O 4 -5.26 -7.14 -63.35
C ARG O 4 -4.98 -8.54 -63.89
N ASN O 5 -4.00 -9.22 -63.31
CA ASN O 5 -3.45 -10.46 -63.85
C ASN O 5 -3.62 -11.62 -62.89
N ARG O 6 -4.82 -11.78 -62.35
CA ARG O 6 -5.01 -12.78 -61.31
C ARG O 6 -4.68 -14.18 -61.77
N GLN O 7 -5.18 -14.56 -62.95
CA GLN O 7 -4.88 -15.82 -63.59
C GLN O 7 -5.47 -17.00 -62.83
N ASP O 8 -6.07 -16.78 -61.67
CA ASP O 8 -6.69 -17.84 -60.89
C ASP O 8 -8.12 -18.03 -61.40
N ILE O 9 -8.38 -19.21 -61.95
CA ILE O 9 -9.42 -19.34 -62.97
C ILE O 9 -10.76 -18.89 -62.44
N GLY O 10 -11.20 -19.44 -61.31
CA GLY O 10 -12.50 -19.08 -60.79
C GLY O 10 -12.64 -17.58 -60.58
N TYR O 11 -11.58 -16.97 -60.04
CA TYR O 11 -11.57 -15.53 -59.88
C TYR O 11 -11.89 -14.83 -61.19
N VAL O 12 -11.19 -15.19 -62.25
CA VAL O 12 -11.38 -14.47 -63.49
C VAL O 12 -12.75 -14.75 -64.06
N LEU O 13 -13.29 -15.95 -63.89
CA LEU O 13 -14.65 -16.16 -64.39
C LEU O 13 -15.66 -15.31 -63.66
N GLY O 14 -15.55 -15.22 -62.34
CA GLY O 14 -16.43 -14.31 -61.64
C GLY O 14 -16.19 -12.89 -62.10
N ARG O 15 -14.97 -12.60 -62.46
CA ARG O 15 -14.57 -11.28 -62.92
C ARG O 15 -15.28 -10.97 -64.24
N LEU O 16 -15.27 -11.96 -65.13
CA LEU O 16 -16.11 -11.95 -66.33
C LEU O 16 -17.57 -11.72 -65.97
N PHE O 17 -18.10 -12.50 -65.04
CA PHE O 17 -19.53 -12.47 -64.83
C PHE O 17 -19.94 -11.08 -64.36
N ALA O 18 -19.11 -10.47 -63.54
CA ALA O 18 -19.38 -9.11 -63.12
C ALA O 18 -19.34 -8.14 -64.28
N VAL O 19 -18.35 -8.27 -65.16
CA VAL O 19 -18.31 -7.29 -66.24
C VAL O 19 -19.51 -7.47 -67.15
N LEU O 20 -19.96 -8.70 -67.36
CA LEU O 20 -21.22 -8.89 -68.10
C LEU O 20 -22.39 -8.27 -67.36
N GLU O 21 -22.39 -8.35 -66.03
CA GLU O 21 -23.46 -7.69 -65.30
C GLU O 21 -23.44 -6.20 -65.58
N LYS O 22 -22.26 -5.60 -65.59
CA LYS O 22 -22.11 -4.25 -66.14
C LYS O 22 -22.68 -4.09 -67.54
N ILE O 23 -22.28 -4.94 -68.46
CA ILE O 23 -22.68 -4.73 -69.84
C ILE O 23 -24.19 -4.70 -69.96
N GLN O 24 -24.87 -5.69 -69.39
CA GLN O 24 -26.31 -5.71 -69.56
C GLN O 24 -27.01 -4.69 -68.66
N ALA O 25 -26.46 -4.41 -67.49
CA ALA O 25 -27.08 -3.40 -66.63
C ALA O 25 -27.09 -2.05 -67.30
N GLU O 26 -25.96 -1.67 -67.89
CA GLU O 26 -25.95 -0.44 -68.68
C GLU O 26 -26.74 -0.59 -69.97
N ALA O 27 -26.87 -1.83 -70.47
CA ALA O 27 -27.66 -2.07 -71.66
C ALA O 27 -29.15 -1.99 -71.39
N ASN O 28 -29.55 -2.28 -70.16
CA ASN O 28 -30.97 -2.26 -69.77
C ASN O 28 -31.10 -1.42 -68.51
N PRO O 29 -30.80 -0.12 -68.60
CA PRO O 29 -30.82 0.71 -67.38
C PRO O 29 -32.18 0.71 -66.71
N GLY O 30 -33.26 0.72 -67.48
CA GLY O 30 -34.58 0.62 -66.88
C GLY O 30 -34.82 -0.71 -66.21
N LEU O 31 -34.43 -1.80 -66.87
CA LEU O 31 -34.66 -3.14 -66.34
C LEU O 31 -33.76 -3.35 -65.13
N ASN O 32 -34.33 -3.84 -64.04
CA ASN O 32 -33.59 -3.89 -62.79
C ASN O 32 -33.00 -5.26 -62.53
N ALA O 33 -33.62 -6.31 -63.06
CA ALA O 33 -33.08 -7.65 -62.92
C ALA O 33 -31.71 -7.73 -63.56
N THR O 34 -30.78 -8.39 -62.87
CA THR O 34 -29.42 -8.51 -63.35
C THR O 34 -29.07 -9.98 -63.50
N ILE O 35 -28.27 -10.27 -64.53
CA ILE O 35 -27.77 -11.62 -64.69
C ILE O 35 -27.06 -12.10 -63.46
N ALA O 36 -26.49 -11.20 -62.66
CA ALA O 36 -26.05 -11.61 -61.34
C ALA O 36 -27.20 -12.22 -60.58
N ASP O 37 -28.29 -11.47 -60.44
CA ASP O 37 -29.47 -11.93 -59.73
C ASP O 37 -29.97 -13.26 -60.29
N ARG O 38 -29.64 -13.53 -61.54
CA ARG O 38 -30.36 -14.56 -62.28
C ARG O 38 -29.52 -15.82 -62.50
N TYR O 39 -28.20 -15.71 -62.37
CA TYR O 39 -27.29 -16.81 -62.64
C TYR O 39 -26.28 -17.06 -61.55
N PHE O 40 -25.98 -16.07 -60.69
CA PHE O 40 -24.72 -16.07 -59.97
C PHE O 40 -24.47 -17.41 -59.30
N GLY O 41 -25.51 -18.03 -58.75
CA GLY O 41 -25.35 -19.33 -58.14
C GLY O 41 -24.78 -20.35 -59.09
N SER O 42 -25.50 -20.65 -60.17
CA SER O 42 -25.02 -21.62 -61.13
C SER O 42 -23.71 -21.18 -61.76
N ALA O 43 -23.63 -19.89 -62.11
CA ALA O 43 -22.42 -19.36 -62.72
C ALA O 43 -21.20 -19.71 -61.89
N SER O 44 -21.25 -19.40 -60.60
CA SER O 44 -20.18 -19.75 -59.70
C SER O 44 -19.99 -21.26 -59.65
N SER O 45 -21.08 -22.00 -59.55
CA SER O 45 -20.99 -23.45 -59.45
C SER O 45 -20.65 -24.07 -60.79
N THR O 46 -21.51 -23.88 -61.76
CA THR O 46 -21.32 -24.43 -63.10
C THR O 46 -21.04 -23.27 -64.03
N PRO O 47 -19.81 -23.01 -64.36
CA PRO O 47 -19.50 -21.80 -65.12
C PRO O 47 -20.01 -21.86 -66.53
N ILE O 48 -19.72 -22.97 -67.21
CA ILE O 48 -20.10 -23.09 -68.61
C ILE O 48 -21.61 -22.94 -68.76
N ALA O 49 -22.36 -23.52 -67.82
CA ALA O 49 -23.79 -23.67 -68.01
C ALA O 49 -24.47 -22.33 -68.26
N VAL O 50 -23.88 -21.24 -67.79
CA VAL O 50 -24.45 -19.93 -68.06
C VAL O 50 -23.49 -18.99 -68.77
N PHE O 51 -22.18 -19.18 -68.69
CA PHE O 51 -21.32 -18.35 -69.51
C PHE O 51 -21.52 -18.64 -70.99
N GLY O 52 -21.91 -19.86 -71.36
CA GLY O 52 -22.30 -20.08 -72.74
C GLY O 52 -23.38 -19.12 -73.18
N THR O 53 -24.53 -19.17 -72.50
CA THR O 53 -25.67 -18.37 -72.91
C THR O 53 -25.40 -16.88 -72.76
N LEU O 54 -24.89 -16.46 -71.61
CA LEU O 54 -24.50 -15.06 -71.43
C LEU O 54 -23.55 -14.60 -72.52
N MET O 55 -22.54 -15.41 -72.81
CA MET O 55 -21.45 -14.90 -73.60
C MET O 55 -21.89 -14.81 -75.04
N ARG O 56 -22.80 -15.71 -75.44
CA ARG O 56 -23.59 -15.48 -76.66
C ARG O 56 -24.30 -14.15 -76.58
N LEU O 57 -24.95 -13.89 -75.46
CA LEU O 57 -25.87 -12.77 -75.39
C LEU O 57 -25.17 -11.44 -75.30
N LEU O 58 -23.87 -11.44 -75.10
CA LEU O 58 -23.17 -10.18 -74.87
C LEU O 58 -23.36 -9.16 -75.99
N PRO O 59 -23.09 -9.46 -77.25
CA PRO O 59 -23.19 -8.41 -78.28
C PRO O 59 -24.61 -7.93 -78.50
N HIS O 60 -25.62 -8.73 -78.20
CA HIS O 60 -26.98 -8.20 -78.23
C HIS O 60 -27.12 -7.07 -77.22
N HIS O 61 -26.61 -7.28 -76.01
CA HIS O 61 -26.66 -6.21 -75.02
C HIS O 61 -25.82 -5.02 -75.47
N LEU O 62 -24.69 -5.30 -76.11
CA LEU O 62 -23.87 -4.25 -76.68
C LEU O 62 -24.66 -3.42 -77.68
N ASN O 63 -25.46 -4.09 -78.50
CA ASN O 63 -26.38 -3.37 -79.39
C ASN O 63 -27.31 -2.50 -78.59
N LYS O 64 -27.95 -3.05 -77.55
CA LYS O 64 -28.74 -2.18 -76.69
C LYS O 64 -27.89 -1.10 -76.05
N LEU O 65 -26.61 -1.36 -75.85
CA LEU O 65 -25.76 -0.43 -75.13
C LEU O 65 -25.47 0.78 -76.00
N GLU O 66 -25.89 1.95 -75.53
CA GLU O 66 -26.02 3.10 -76.42
C GLU O 66 -24.67 3.71 -76.76
N PHE O 67 -23.98 4.24 -75.75
CA PHE O 67 -22.74 4.95 -75.99
C PHE O 67 -21.73 3.94 -76.55
N GLU O 68 -21.04 4.31 -77.62
CA GLU O 68 -20.19 3.35 -78.32
C GLU O 68 -18.94 3.04 -77.53
N GLY O 69 -18.26 4.07 -77.02
CA GLY O 69 -17.06 3.84 -76.24
C GLY O 69 -17.32 2.88 -75.10
N ARG O 70 -18.46 3.05 -74.42
CA ARG O 70 -18.94 2.08 -73.45
C ARG O 70 -18.71 0.67 -73.96
N ALA O 71 -19.27 0.37 -75.12
CA ALA O 71 -19.23 -0.99 -75.65
C ALA O 71 -17.80 -1.42 -75.95
N VAL O 72 -17.00 -0.54 -76.55
CA VAL O 72 -15.69 -1.02 -76.98
C VAL O 72 -14.78 -1.26 -75.77
N GLN O 73 -14.83 -0.40 -74.77
CA GLN O 73 -14.03 -0.74 -73.59
C GLN O 73 -14.59 -1.94 -72.85
N LEU O 74 -15.90 -2.19 -72.91
CA LEU O 74 -16.39 -3.40 -72.28
C LEU O 74 -15.91 -4.64 -73.03
N GLN O 75 -15.90 -4.56 -74.36
CA GLN O 75 -15.11 -5.50 -75.14
C GLN O 75 -13.75 -5.69 -74.49
N TRP O 76 -13.00 -4.60 -74.37
CA TRP O 76 -11.64 -4.65 -73.87
C TRP O 76 -11.56 -5.43 -72.56
N GLU O 77 -12.47 -5.14 -71.64
CA GLU O 77 -12.47 -5.84 -70.38
C GLU O 77 -12.63 -7.33 -70.61
N ILE O 78 -13.65 -7.72 -71.38
CA ILE O 78 -13.83 -9.13 -71.73
C ILE O 78 -12.55 -9.70 -72.31
N ARG O 79 -11.85 -8.90 -73.10
CA ARG O 79 -10.63 -9.27 -73.80
C ARG O 79 -9.56 -9.74 -72.83
N GLN O 80 -9.11 -8.89 -71.92
CA GLN O 80 -8.14 -9.39 -70.96
C GLN O 80 -8.73 -10.41 -69.98
N ILE O 81 -10.04 -10.35 -69.72
CA ILE O 81 -10.57 -11.36 -68.81
C ILE O 81 -10.41 -12.73 -69.42
N LEU O 82 -10.72 -12.87 -70.69
CA LEU O 82 -10.57 -14.13 -71.40
C LEU O 82 -9.13 -14.40 -71.79
N GLU O 83 -8.29 -13.38 -71.79
CA GLU O 83 -6.85 -13.62 -71.71
C GLU O 83 -6.55 -14.46 -70.49
N HIS O 84 -7.08 -14.08 -69.32
CA HIS O 84 -6.79 -14.85 -68.13
C HIS O 84 -7.54 -16.18 -68.14
N CYS O 85 -8.83 -16.16 -68.45
CA CYS O 85 -9.54 -17.43 -68.59
C CYS O 85 -9.15 -18.07 -69.91
N GLN O 86 -8.19 -18.99 -69.84
CA GLN O 86 -7.79 -19.67 -71.05
C GLN O 86 -8.89 -20.60 -71.56
N ARG O 87 -9.78 -21.03 -70.67
CA ARG O 87 -10.68 -22.13 -70.97
C ARG O 87 -11.70 -22.27 -69.85
N PHE O 88 -12.99 -22.29 -70.23
CA PHE O 88 -14.06 -22.40 -69.24
C PHE O 88 -14.04 -23.74 -68.52
N PRO O 89 -13.91 -23.71 -67.20
CA PRO O 89 -13.91 -24.96 -66.45
C PRO O 89 -15.24 -25.67 -66.53
N ASN O 90 -15.17 -26.99 -66.42
CA ASN O 90 -16.39 -27.75 -66.34
C ASN O 90 -17.18 -27.37 -65.11
N HIS O 91 -16.49 -27.13 -64.00
CA HIS O 91 -17.10 -26.64 -62.78
C HIS O 91 -16.06 -25.89 -61.98
N LEU O 92 -16.43 -25.54 -60.75
CA LEU O 92 -15.59 -24.76 -59.86
C LEU O 92 -15.57 -25.40 -58.48
N ASN O 93 -14.37 -25.68 -57.98
CA ASN O 93 -14.26 -26.11 -56.59
C ASN O 93 -14.29 -24.88 -55.69
N LEU O 94 -14.39 -25.13 -54.38
CA LEU O 94 -14.89 -24.09 -53.49
C LEU O 94 -13.98 -22.88 -53.45
N GLU O 95 -12.72 -23.04 -53.05
CA GLU O 95 -11.89 -21.86 -52.90
C GLU O 95 -11.88 -21.06 -54.19
N GLN O 96 -11.81 -21.75 -55.32
CA GLN O 96 -11.94 -21.10 -56.60
C GLN O 96 -13.34 -20.53 -56.77
N GLN O 97 -14.29 -20.97 -55.97
CA GLN O 97 -15.67 -20.60 -56.21
C GLN O 97 -16.03 -19.32 -55.47
N GLY O 98 -15.63 -19.26 -54.21
CA GLY O 98 -15.55 -17.98 -53.56
C GLY O 98 -14.67 -17.02 -54.33
N LEU O 99 -13.65 -17.53 -55.02
CA LEU O 99 -12.87 -16.65 -55.87
C LEU O 99 -13.68 -16.14 -57.04
N PHE O 100 -14.52 -16.99 -57.61
CA PHE O 100 -15.50 -16.51 -58.59
C PHE O 100 -16.22 -15.29 -58.03
N ALA O 101 -16.81 -15.46 -56.86
CA ALA O 101 -17.61 -14.38 -56.31
C ALA O 101 -16.76 -13.15 -56.03
N ILE O 102 -15.54 -13.35 -55.55
CA ILE O 102 -14.76 -12.21 -55.13
C ILE O 102 -14.23 -11.48 -56.34
N GLY O 103 -13.99 -12.18 -57.44
CA GLY O 103 -13.71 -11.52 -58.69
C GLY O 103 -14.90 -10.75 -59.21
N TYR O 104 -16.09 -11.33 -59.09
CA TYR O 104 -17.30 -10.57 -59.35
C TYR O 104 -17.23 -9.23 -58.67
N TYR O 105 -16.95 -9.23 -57.39
CA TYR O 105 -17.05 -7.96 -56.69
C TYR O 105 -15.85 -7.05 -56.93
N HIS O 106 -14.67 -7.59 -57.22
CA HIS O 106 -13.61 -6.70 -57.69
C HIS O 106 -13.98 -6.01 -59.00
N GLU O 107 -14.53 -6.75 -59.97
CA GLU O 107 -14.94 -6.07 -61.19
C GLU O 107 -16.04 -5.08 -60.93
N THR O 108 -17.03 -5.45 -60.13
CA THR O 108 -18.14 -4.55 -60.01
C THR O 108 -17.74 -3.31 -59.23
N GLN O 109 -16.74 -3.43 -58.35
CA GLN O 109 -16.01 -2.26 -57.86
C GLN O 109 -15.38 -1.50 -59.02
N PHE O 110 -14.66 -2.22 -59.87
CA PHE O 110 -13.85 -1.63 -60.92
C PHE O 110 -14.70 -0.89 -61.95
N LEU O 111 -15.96 -1.26 -62.06
CA LEU O 111 -16.82 -0.75 -63.10
C LEU O 111 -17.81 0.27 -62.55
N PHE O 112 -18.35 0.02 -61.36
CA PHE O 112 -19.02 1.12 -60.69
C PHE O 112 -18.00 2.17 -60.26
N THR O 113 -16.72 1.89 -60.47
CA THR O 113 -15.73 2.93 -60.27
C THR O 113 -16.03 4.09 -61.21
N LYS O 114 -15.92 5.31 -60.69
CA LYS O 114 -16.49 6.46 -61.38
C LYS O 114 -15.91 6.59 -62.78
N ASP O 115 -14.62 6.36 -62.92
CA ASP O 115 -13.96 6.70 -64.17
C ASP O 115 -12.92 5.71 -64.66
N ALA O 116 -12.60 4.66 -63.88
CA ALA O 116 -11.33 3.98 -64.08
C ALA O 116 -11.27 3.25 -65.42
N LEU O 117 -12.37 2.61 -65.82
CA LEU O 117 -12.30 1.69 -66.95
C LEU O 117 -11.85 2.40 -68.22
N LYS O 118 -12.37 3.60 -68.48
CA LYS O 118 -12.00 4.24 -69.73
C LYS O 118 -10.54 4.62 -69.71
N ASN O 119 -10.03 5.04 -68.54
CA ASN O 119 -8.62 5.35 -68.43
C ASN O 119 -7.78 4.14 -68.77
N LEU O 120 -8.09 3.02 -68.09
CA LEU O 120 -7.32 1.81 -68.28
C LEU O 120 -7.42 1.31 -69.71
N PHE O 121 -8.54 1.59 -70.38
CA PHE O 121 -8.62 1.31 -71.80
C PHE O 121 -7.72 2.25 -72.59
N ASN O 122 -7.62 3.51 -72.16
CA ASN O 122 -6.81 4.47 -72.91
C ASN O 122 -5.34 4.09 -72.96
N GLU O 123 -4.71 3.78 -71.83
CA GLU O 123 -3.29 3.44 -72.03
C GLU O 123 -3.14 2.04 -72.61
N ALA O 124 -4.23 1.29 -72.72
CA ALA O 124 -4.20 0.04 -73.43
C ALA O 124 -4.84 0.20 -74.80
#